data_5AYZ
#
_entry.id   5AYZ
#
_cell.length_a   109.186
_cell.length_b   101.156
_cell.length_c   151.643
_cell.angle_alpha   90.00
_cell.angle_beta   92.49
_cell.angle_gamma   90.00
#
_symmetry.space_group_name_H-M   'P 1 21 1'
#
loop_
_entity.id
_entity.type
_entity.pdbx_description
1 polymer 'Nicotinate-nucleotide pyrophosphorylase [carboxylating]'
2 non-polymer 'NICOTINATE MONONUCLEOTIDE'
3 water water
#
_entity_poly.entity_id   1
_entity_poly.type   'polypeptide(L)'
_entity_poly.pdbx_seq_one_letter_code
;MDAEGLALLLPPVTLAALVDSWLREDCPGLNYAALVSGAGPSQAALWAKSPGVLAGQPFFDAIFTQLNCQVSWFLPEGSK
LVPVARVAEVRGPAHCLLLGERVALNTLARCSGIASAAAAAVEAARGAGWTGHVAGTRKTTPGFRLVEKYGLLVGGAASH
RYDLGGLVMVKDNHVVAAGGVEKAVRAARQAADFALKVEVECSSLQEAVQAAEAGADLVLLDNFKPEELHPTATVLKAQF
PSVAVEASGGITLDNLPQFCGPHIDVISMGMLTQAAPALDFSLKLFAKEVAPVPKIHLEHHHHHH
;
_entity_poly.pdbx_strand_id   A,B,C,D,E,F,G,H,I,J,K,L
#
# COMPACT_ATOMS: atom_id res chain seq x y z
N MET A 1 36.72 4.40 60.37
CA MET A 1 36.99 5.56 61.20
C MET A 1 36.69 6.88 60.48
N ASP A 2 37.45 7.14 59.42
CA ASP A 2 37.46 8.44 58.74
C ASP A 2 36.87 8.29 57.34
N ALA A 3 35.66 8.82 57.15
CA ALA A 3 35.06 8.76 55.82
C ALA A 3 35.89 9.51 54.79
N GLU A 4 36.73 10.45 55.21
CA GLU A 4 37.51 11.24 54.26
C GLU A 4 38.57 10.41 53.56
N GLY A 5 39.09 9.37 54.21
CA GLY A 5 40.13 8.58 53.57
C GLY A 5 39.65 7.53 52.60
N LEU A 6 38.33 7.27 52.57
CA LEU A 6 37.80 6.19 51.75
C LEU A 6 38.11 6.39 50.27
N ALA A 7 38.22 7.66 49.84
CA ALA A 7 38.44 7.98 48.44
C ALA A 7 39.74 7.39 47.89
N LEU A 8 40.74 7.12 48.75
CA LEU A 8 41.93 6.44 48.29
C LEU A 8 41.66 5.03 47.77
N LEU A 9 40.49 4.47 48.06
CA LEU A 9 40.13 3.13 47.58
C LEU A 9 39.88 3.07 46.07
N LEU A 10 39.60 4.21 45.42
CA LEU A 10 39.15 4.21 44.03
C LEU A 10 40.32 4.40 43.08
N PRO A 11 40.65 3.43 42.23
CA PRO A 11 41.78 3.60 41.27
C PRO A 11 41.49 4.72 40.29
N PRO A 12 42.43 5.64 40.14
CA PRO A 12 42.18 6.80 39.28
C PRO A 12 41.78 6.42 37.85
N VAL A 13 42.35 5.33 37.33
CA VAL A 13 42.13 4.95 35.95
C VAL A 13 40.71 4.43 35.73
N THR A 14 40.10 3.80 36.74
CA THR A 14 38.74 3.31 36.58
C THR A 14 37.72 4.44 36.62
N LEU A 15 37.97 5.47 37.43
CA LEU A 15 37.02 6.57 37.53
C LEU A 15 36.81 7.25 36.18
N ALA A 16 37.91 7.58 35.51
CA ALA A 16 37.80 8.34 34.28
C ALA A 16 37.01 7.57 33.22
N ALA A 17 37.18 6.25 33.15
CA ALA A 17 36.46 5.48 32.13
C ALA A 17 35.01 5.29 32.51
N LEU A 18 34.76 4.99 33.78
CA LEU A 18 33.39 4.93 34.30
C LEU A 18 32.65 6.21 33.97
N VAL A 19 33.25 7.34 34.34
CA VAL A 19 32.64 8.65 34.15
C VAL A 19 32.41 8.95 32.68
N ASP A 20 33.38 8.60 31.83
CA ASP A 20 33.26 8.85 30.40
C ASP A 20 32.06 8.11 29.81
N SER A 21 31.79 6.88 30.26
CA SER A 21 30.65 6.18 29.70
C SER A 21 29.33 6.79 30.18
N TRP A 22 29.28 7.27 31.43
CA TRP A 22 28.06 7.94 31.88
C TRP A 22 27.78 9.19 31.07
N LEU A 23 28.80 10.01 30.81
CA LEU A 23 28.58 11.23 30.05
C LEU A 23 28.12 10.91 28.63
N ARG A 24 28.72 9.90 28.01
CA ARG A 24 28.31 9.49 26.66
C ARG A 24 26.87 8.96 26.64
N GLU A 25 26.45 8.24 27.69
CA GLU A 25 25.07 7.77 27.75
C GLU A 25 24.07 8.92 27.80
N ASP A 26 24.43 10.03 28.44
CA ASP A 26 23.47 11.11 28.54
C ASP A 26 23.52 12.03 27.32
N CYS A 27 24.59 12.01 26.55
CA CYS A 27 24.71 12.86 25.36
C CYS A 27 25.55 12.15 24.31
N PRO A 28 24.95 11.24 23.54
CA PRO A 28 25.75 10.44 22.60
C PRO A 28 26.18 11.22 21.37
N GLY A 29 25.41 12.21 20.94
CA GLY A 29 25.72 12.95 19.71
C GLY A 29 25.96 14.44 19.86
N LEU A 30 25.07 15.24 19.30
CA LEU A 30 25.18 16.70 19.39
C LEU A 30 24.44 17.23 20.61
N ASN A 31 25.10 18.14 21.34
CA ASN A 31 24.54 18.71 22.55
C ASN A 31 23.87 20.05 22.19
N TYR A 32 22.64 19.94 21.67
CA TYR A 32 21.95 21.12 21.16
C TYR A 32 21.77 22.20 22.22
N ALA A 33 21.59 21.81 23.48
CA ALA A 33 21.35 22.84 24.50
C ALA A 33 22.59 23.64 24.85
N ALA A 34 23.78 23.31 24.33
CA ALA A 34 24.94 24.16 24.55
C ALA A 34 24.76 25.54 23.93
N LEU A 35 24.04 25.62 22.82
CA LEU A 35 23.82 26.89 22.14
C LEU A 35 22.91 27.83 22.94
N VAL A 36 22.06 27.26 23.80
CA VAL A 36 21.19 28.07 24.65
C VAL A 36 21.98 28.76 25.76
N SER A 37 22.92 28.04 26.38
CA SER A 37 23.63 28.57 27.54
C SER A 37 24.92 29.29 27.18
N GLY A 38 25.54 28.95 26.06
CA GLY A 38 26.82 29.55 25.73
C GLY A 38 27.92 28.99 26.59
N ALA A 39 29.12 29.54 26.42
CA ALA A 39 30.31 29.01 27.07
C ALA A 39 30.93 29.93 28.13
N GLY A 40 30.26 31.01 28.53
CA GLY A 40 30.85 31.90 29.50
C GLY A 40 31.09 31.25 30.85
N PRO A 41 32.15 31.66 31.54
CA PRO A 41 32.48 31.04 32.83
C PRO A 41 31.39 31.27 33.86
N SER A 42 31.05 30.21 34.60
CA SER A 42 29.89 30.25 35.49
C SER A 42 30.22 29.56 36.81
N GLN A 43 29.23 29.60 37.70
CA GLN A 43 29.29 29.13 39.07
C GLN A 43 27.92 28.54 39.41
N ALA A 44 27.93 27.32 39.94
CA ALA A 44 26.69 26.71 40.42
C ALA A 44 26.87 26.34 41.88
N ALA A 45 25.78 26.43 42.63
CA ALA A 45 25.75 25.95 44.00
C ALA A 45 25.07 24.60 44.02
N LEU A 46 25.68 23.66 44.75
CA LEU A 46 25.08 22.36 45.02
C LEU A 46 24.28 22.45 46.31
N TRP A 47 23.00 22.08 46.26
CA TRP A 47 22.13 22.23 47.40
C TRP A 47 21.62 20.88 47.88
N ALA A 48 21.74 20.64 49.19
CA ALA A 48 21.20 19.43 49.81
C ALA A 48 19.78 19.71 50.28
N LYS A 49 18.81 19.01 49.70
CA LYS A 49 17.42 19.20 50.08
C LYS A 49 16.84 18.03 50.88
N SER A 50 17.60 16.97 51.09
CA SER A 50 17.18 15.84 51.90
C SER A 50 18.10 15.66 53.09
N PRO A 51 17.59 15.15 54.21
CA PRO A 51 18.47 14.71 55.28
C PRO A 51 19.16 13.40 54.91
N GLY A 52 20.39 13.25 55.37
CA GLY A 52 21.10 12.01 55.13
C GLY A 52 22.58 12.16 55.40
N VAL A 53 23.38 11.40 54.64
CA VAL A 53 24.84 11.40 54.73
C VAL A 53 25.42 11.68 53.35
N LEU A 54 26.43 12.54 53.31
CA LEU A 54 27.07 12.95 52.06
C LEU A 54 28.06 11.89 51.61
N ALA A 55 27.80 11.25 50.47
CA ALA A 55 28.73 10.30 49.90
C ALA A 55 28.78 10.46 48.40
N GLY A 56 29.99 10.51 47.84
CA GLY A 56 30.10 10.55 46.40
C GLY A 56 31.00 11.61 45.81
N GLN A 57 31.56 12.50 46.65
CA GLN A 57 32.45 13.56 46.12
C GLN A 57 33.44 13.05 45.09
N PRO A 58 34.11 11.90 45.24
CA PRO A 58 35.07 11.48 44.20
C PRO A 58 34.45 11.36 42.82
N PHE A 59 33.21 10.87 42.70
CA PHE A 59 32.59 10.67 41.40
C PHE A 59 32.07 11.97 40.82
N PHE A 60 31.43 12.79 41.67
CA PHE A 60 31.09 14.18 41.32
C PHE A 60 32.31 14.93 40.80
N ASP A 61 33.44 14.85 41.50
CA ASP A 61 34.66 15.56 41.08
C ASP A 61 35.17 15.03 39.74
N ALA A 62 35.25 13.70 39.60
CA ALA A 62 35.72 13.09 38.35
C ALA A 62 34.87 13.49 37.15
N ILE A 63 33.54 13.47 37.29
CA ILE A 63 32.65 13.90 36.22
C ILE A 63 33.01 15.32 35.78
N PHE A 64 32.98 16.27 36.71
CA PHE A 64 33.26 17.64 36.31
C PHE A 64 34.70 17.84 35.85
N THR A 65 35.64 16.99 36.29
CA THR A 65 37.01 17.14 35.82
C THR A 65 37.13 16.82 34.33
N GLN A 66 36.39 15.83 33.84
CA GLN A 66 36.42 15.54 32.41
C GLN A 66 35.76 16.63 31.59
N LEU A 67 35.05 17.56 32.24
CA LEU A 67 34.41 18.69 31.58
C LEU A 67 35.08 20.02 31.91
N ASN A 68 36.30 19.98 32.44
CA ASN A 68 37.10 21.18 32.72
C ASN A 68 36.38 22.14 33.65
N CYS A 69 35.70 21.59 34.65
CA CYS A 69 35.11 22.35 35.72
C CYS A 69 35.79 21.95 37.03
N GLN A 70 35.66 22.79 38.04
CA GLN A 70 36.27 22.56 39.34
C GLN A 70 35.19 22.61 40.42
N VAL A 71 35.44 21.92 41.53
CA VAL A 71 34.48 21.79 42.63
C VAL A 71 35.15 22.21 43.93
N SER A 72 34.44 23.02 44.71
CA SER A 72 34.82 23.35 46.08
C SER A 72 33.75 22.80 47.01
N TRP A 73 34.16 21.95 47.94
CA TRP A 73 33.24 21.35 48.90
C TRP A 73 33.20 22.16 50.17
N PHE A 74 31.99 22.36 50.69
CA PHE A 74 31.79 23.05 51.96
C PHE A 74 31.47 22.08 53.08
N LEU A 75 31.34 20.80 52.78
CA LEU A 75 31.16 19.76 53.78
C LEU A 75 32.07 18.62 53.37
N PRO A 76 32.67 17.93 54.34
CA PRO A 76 33.46 16.74 54.00
C PRO A 76 32.56 15.56 53.65
N GLU A 77 33.15 14.63 52.89
CA GLU A 77 32.59 13.31 52.70
C GLU A 77 32.13 12.73 54.04
N GLY A 78 30.88 12.23 54.08
CA GLY A 78 30.32 11.62 55.28
C GLY A 78 29.50 12.54 56.16
N SER A 79 29.47 13.84 55.89
CA SER A 79 28.76 14.77 56.76
C SER A 79 27.29 14.42 56.87
N LYS A 80 26.70 14.77 58.01
CA LYS A 80 25.25 14.85 58.09
C LYS A 80 24.77 16.01 57.25
N LEU A 81 23.74 15.77 56.45
CA LEU A 81 23.12 16.81 55.65
C LEU A 81 21.89 17.30 56.40
N VAL A 82 21.81 18.60 56.63
CA VAL A 82 20.63 19.21 57.23
C VAL A 82 20.00 20.14 56.21
N PRO A 83 18.84 19.79 55.65
CA PRO A 83 18.32 20.64 54.57
C PRO A 83 17.89 22.02 55.07
N VAL A 84 17.98 23.08 54.26
CA VAL A 84 18.56 23.07 52.92
C VAL A 84 20.00 23.57 53.02
N ALA A 85 20.99 22.72 52.72
CA ALA A 85 22.38 23.05 52.95
C ALA A 85 23.06 23.36 51.62
N ARG A 86 23.95 24.36 51.62
CA ARG A 86 24.81 24.62 50.48
C ARG A 86 26.07 23.78 50.69
N VAL A 87 26.29 22.78 49.84
CA VAL A 87 27.32 21.80 50.12
C VAL A 87 28.53 21.89 49.18
N ALA A 88 28.39 22.51 48.01
CA ALA A 88 29.56 22.73 47.16
C ALA A 88 29.30 23.89 46.21
N GLU A 89 30.36 24.28 45.50
CA GLU A 89 30.26 25.20 44.38
C GLU A 89 31.04 24.62 43.19
N VAL A 90 30.46 24.71 42.00
CA VAL A 90 31.08 24.17 40.79
C VAL A 90 31.32 25.33 39.83
N ARG A 91 32.53 25.39 39.25
CA ARG A 91 32.95 26.47 38.38
C ARG A 91 33.38 25.90 37.04
N GLY A 92 33.01 26.58 35.96
CA GLY A 92 33.42 26.19 34.63
C GLY A 92 32.57 26.84 33.58
N PRO A 93 32.89 26.63 32.30
CA PRO A 93 32.06 27.17 31.22
C PRO A 93 30.63 26.65 31.36
N ALA A 94 29.68 27.54 31.08
CA ALA A 94 28.27 27.28 31.39
C ALA A 94 27.76 26.00 30.73
N HIS A 95 28.14 25.76 29.47
CA HIS A 95 27.65 24.57 28.78
C HIS A 95 28.24 23.29 29.37
N CYS A 96 29.43 23.37 29.98
CA CYS A 96 30.02 22.19 30.62
C CYS A 96 29.36 21.87 31.95
N LEU A 97 29.15 22.89 32.80
CA LEU A 97 28.39 22.70 34.02
C LEU A 97 27.05 22.03 33.74
N LEU A 98 26.28 22.61 32.81
CA LEU A 98 24.94 22.10 32.55
C LEU A 98 24.97 20.74 31.87
N LEU A 99 26.05 20.43 31.12
CA LEU A 99 26.16 19.10 30.55
C LEU A 99 26.47 18.05 31.62
N GLY A 100 27.34 18.37 32.59
CA GLY A 100 27.65 17.43 33.65
C GLY A 100 26.62 17.36 34.76
N GLU A 101 25.73 18.36 34.83
CA GLU A 101 24.83 18.50 35.96
C GLU A 101 24.05 17.21 36.28
N ARG A 102 23.29 16.71 35.30
CA ARG A 102 22.36 15.62 35.57
C ARG A 102 23.08 14.35 36.01
N VAL A 103 24.18 14.00 35.34
CA VAL A 103 24.90 12.78 35.69
C VAL A 103 25.52 12.89 37.08
N ALA A 104 26.11 14.05 37.37
CA ALA A 104 26.71 14.27 38.69
C ALA A 104 25.67 14.20 39.79
N LEU A 105 24.49 14.82 39.59
CA LEU A 105 23.46 14.74 40.62
C LEU A 105 22.92 13.31 40.77
N ASN A 106 22.70 12.61 39.66
CA ASN A 106 22.24 11.23 39.75
C ASN A 106 23.19 10.37 40.58
N THR A 107 24.50 10.56 40.38
CA THR A 107 25.49 9.76 41.10
C THR A 107 25.54 10.15 42.58
N LEU A 108 25.58 11.45 42.88
CA LEU A 108 25.64 11.89 44.27
C LEU A 108 24.38 11.47 45.02
N ALA A 109 23.21 11.63 44.39
CA ALA A 109 21.94 11.28 45.01
C ALA A 109 21.92 9.82 45.44
N ARG A 110 22.39 8.94 44.57
CA ARG A 110 22.27 7.50 44.76
C ARG A 110 23.32 6.99 45.73
N CYS A 111 24.57 7.45 45.57
CA CYS A 111 25.61 7.10 46.53
C CYS A 111 25.23 7.55 47.93
N SER A 112 24.75 8.80 48.06
CA SER A 112 24.35 9.33 49.36
C SER A 112 23.15 8.59 49.95
N GLY A 113 22.16 8.26 49.12
CA GLY A 113 21.06 7.47 49.61
C GLY A 113 21.54 6.18 50.26
N ILE A 114 22.48 5.51 49.60
CA ILE A 114 22.98 4.25 50.13
C ILE A 114 23.73 4.49 51.44
N ALA A 115 24.57 5.52 51.51
CA ALA A 115 25.28 5.82 52.74
C ALA A 115 24.31 6.24 53.85
N SER A 116 23.20 6.92 53.51
CA SER A 116 22.23 7.34 54.50
C SER A 116 21.49 6.14 55.09
N ALA A 117 21.15 5.19 54.23
CA ALA A 117 20.58 3.94 54.69
C ALA A 117 21.60 3.17 55.54
N ALA A 118 22.85 3.13 55.11
CA ALA A 118 23.85 2.38 55.86
C ALA A 118 24.11 3.03 57.21
N ALA A 119 24.17 4.36 57.27
CA ALA A 119 24.39 5.03 58.55
C ALA A 119 23.23 4.81 59.52
N ALA A 120 22.00 4.81 59.02
CA ALA A 120 20.84 4.51 59.85
C ALA A 120 20.89 3.08 60.38
N ALA A 121 21.29 2.13 59.53
CA ALA A 121 21.42 0.75 60.00
C ALA A 121 22.51 0.62 61.04
N VAL A 122 23.65 1.27 60.82
CA VAL A 122 24.73 1.23 61.80
C VAL A 122 24.24 1.82 63.12
N GLU A 123 23.41 2.86 63.03
CA GLU A 123 22.89 3.54 64.20
C GLU A 123 21.96 2.62 64.99
N ALA A 124 20.98 2.02 64.30
CA ALA A 124 20.04 1.12 64.95
C ALA A 124 20.76 -0.03 65.65
N ALA A 125 21.84 -0.53 65.04
CA ALA A 125 22.58 -1.64 65.63
C ALA A 125 23.28 -1.21 66.91
N ARG A 126 23.98 -0.08 66.87
CA ARG A 126 24.68 0.41 68.05
C ARG A 126 23.69 0.77 69.15
N GLY A 127 22.48 1.19 68.78
CA GLY A 127 21.41 1.46 69.73
C GLY A 127 20.78 0.23 70.33
N ALA A 128 21.12 -0.96 69.83
CA ALA A 128 20.84 -2.21 70.50
C ALA A 128 22.08 -2.78 71.16
N GLY A 129 23.18 -2.02 71.18
CA GLY A 129 24.41 -2.44 71.81
C GLY A 129 25.21 -3.49 71.06
N TRP A 130 25.08 -3.56 69.74
CA TRP A 130 25.72 -4.62 68.97
C TRP A 130 27.01 -4.08 68.36
N THR A 131 28.09 -4.86 68.49
CA THR A 131 29.42 -4.43 68.09
C THR A 131 29.92 -5.07 66.80
N GLY A 132 29.09 -5.88 66.13
CA GLY A 132 29.48 -6.51 64.89
C GLY A 132 29.38 -5.55 63.71
N HIS A 133 29.60 -6.10 62.52
CA HIS A 133 29.62 -5.32 61.28
C HIS A 133 28.27 -5.35 60.58
N VAL A 134 27.77 -4.16 60.19
CA VAL A 134 26.67 -4.06 59.23
C VAL A 134 27.27 -4.06 57.83
N ALA A 135 26.67 -4.83 56.92
CA ALA A 135 27.29 -5.09 55.63
C ALA A 135 26.27 -5.05 54.51
N GLY A 136 26.77 -4.82 53.30
CA GLY A 136 25.98 -4.88 52.10
C GLY A 136 26.06 -6.25 51.42
N THR A 137 25.56 -6.29 50.19
CA THR A 137 25.44 -7.52 49.44
C THR A 137 25.96 -7.27 48.02
N ARG A 138 25.79 -8.26 47.16
CA ARG A 138 25.97 -8.09 45.73
C ARG A 138 24.67 -7.70 45.03
N LYS A 139 23.62 -7.35 45.78
CA LYS A 139 22.39 -6.84 45.20
C LYS A 139 22.56 -5.36 44.84
N THR A 140 23.34 -5.13 43.79
CA THR A 140 23.68 -3.80 43.35
C THR A 140 23.20 -3.60 41.90
N THR A 141 22.98 -2.34 41.51
CA THR A 141 22.63 -2.05 40.14
C THR A 141 23.79 -2.43 39.23
N PRO A 142 23.58 -3.26 38.21
CA PRO A 142 24.70 -3.64 37.35
C PRO A 142 25.36 -2.41 36.71
N GLY A 143 26.70 -2.44 36.64
CA GLY A 143 27.49 -1.33 36.14
C GLY A 143 27.76 -0.22 37.14
N PHE A 144 27.11 -0.23 38.31
CA PHE A 144 27.20 0.85 39.27
C PHE A 144 27.79 0.39 40.61
N ARG A 145 28.34 -0.84 40.66
CA ARG A 145 28.74 -1.40 41.95
C ARG A 145 29.80 -0.56 42.65
N LEU A 146 30.76 -0.02 41.89
CA LEU A 146 31.82 0.78 42.50
C LEU A 146 31.24 1.94 43.29
N VAL A 147 30.22 2.61 42.75
CA VAL A 147 29.60 3.70 43.49
C VAL A 147 28.88 3.16 44.72
N GLU A 148 28.20 2.02 44.59
CA GLU A 148 27.32 1.58 45.67
C GLU A 148 28.09 0.99 46.84
N LYS A 149 29.19 0.27 46.57
CA LYS A 149 30.01 -0.23 47.66
C LYS A 149 30.74 0.92 48.38
N TYR A 150 31.22 1.89 47.61
CA TYR A 150 31.80 3.08 48.23
C TYR A 150 30.79 3.78 49.14
N GLY A 151 29.53 3.92 48.67
CA GLY A 151 28.49 4.53 49.48
C GLY A 151 28.24 3.78 50.77
N LEU A 152 28.26 2.44 50.72
CA LEU A 152 28.15 1.64 51.95
C LEU A 152 29.26 1.98 52.94
N LEU A 153 30.51 2.06 52.45
CA LEU A 153 31.63 2.33 53.34
C LEU A 153 31.52 3.71 53.99
N VAL A 154 31.14 4.73 53.21
CA VAL A 154 31.02 6.07 53.76
C VAL A 154 29.97 6.10 54.86
N GLY A 155 28.87 5.37 54.67
CA GLY A 155 27.82 5.33 55.67
C GLY A 155 28.17 4.55 56.91
N GLY A 156 29.31 3.86 56.92
CA GLY A 156 29.75 3.09 58.06
C GLY A 156 29.55 1.58 57.99
N ALA A 157 29.10 1.04 56.87
CA ALA A 157 28.93 -0.40 56.73
C ALA A 157 30.16 -1.01 56.07
N ALA A 158 30.29 -2.33 56.19
CA ALA A 158 31.29 -3.01 55.39
C ALA A 158 30.70 -3.31 54.01
N SER A 159 31.55 -3.34 53.00
CA SER A 159 31.02 -3.63 51.67
C SER A 159 30.75 -5.12 51.45
N HIS A 160 31.19 -6.03 52.34
CA HIS A 160 31.16 -7.47 52.09
C HIS A 160 31.96 -7.71 50.82
N ARG A 161 31.90 -8.92 50.26
CA ARG A 161 32.77 -9.17 49.12
C ARG A 161 32.37 -8.31 47.94
N TYR A 162 33.40 -7.82 47.23
CA TYR A 162 33.15 -6.91 46.11
C TYR A 162 32.50 -7.65 44.93
N ASP A 163 33.02 -8.82 44.59
CA ASP A 163 32.52 -9.57 43.44
C ASP A 163 32.81 -11.04 43.69
N LEU A 164 32.67 -11.85 42.64
CA LEU A 164 32.78 -13.30 42.83
C LEU A 164 34.20 -13.79 43.07
N GLY A 165 35.20 -12.93 43.26
CA GLY A 165 36.53 -13.49 43.46
C GLY A 165 37.59 -13.08 44.47
N GLY A 166 37.30 -12.39 45.58
CA GLY A 166 36.04 -12.31 46.27
C GLY A 166 36.28 -12.99 47.63
N LEU A 167 35.37 -13.88 47.96
CA LEU A 167 35.61 -14.97 48.89
C LEU A 167 34.70 -16.05 48.36
N VAL A 168 35.14 -17.30 48.43
CA VAL A 168 34.32 -18.36 47.86
C VAL A 168 33.08 -18.51 48.72
N MET A 169 31.92 -18.24 48.13
CA MET A 169 30.67 -18.29 48.86
C MET A 169 29.81 -19.41 48.29
N VAL A 170 29.58 -20.43 49.11
CA VAL A 170 28.76 -21.58 48.78
C VAL A 170 27.32 -21.26 49.14
N LYS A 171 26.44 -21.31 48.15
CA LYS A 171 25.04 -20.98 48.37
C LYS A 171 24.19 -22.23 48.21
N ASP A 172 22.91 -22.09 48.56
CA ASP A 172 21.91 -23.14 48.36
C ASP A 172 22.09 -23.84 47.01
N ASN A 173 22.20 -23.07 45.93
CA ASN A 173 22.31 -23.67 44.61
C ASN A 173 23.60 -24.46 44.43
N HIS A 174 24.67 -24.07 45.14
CA HIS A 174 25.90 -24.84 45.05
C HIS A 174 25.75 -26.18 45.74
N VAL A 175 25.12 -26.18 46.92
CA VAL A 175 24.88 -27.42 47.65
C VAL A 175 24.07 -28.39 46.79
N VAL A 176 22.97 -27.91 46.21
CA VAL A 176 22.17 -28.73 45.29
C VAL A 176 23.03 -29.26 44.14
N ALA A 177 23.73 -28.36 43.45
CA ALA A 177 24.55 -28.75 42.32
C ALA A 177 25.61 -29.78 42.69
N ALA A 178 26.22 -29.66 43.88
CA ALA A 178 27.29 -30.56 44.30
C ALA A 178 26.78 -31.77 45.07
N GLY A 179 25.49 -31.85 45.35
CA GLY A 179 24.90 -33.00 46.00
C GLY A 179 25.27 -33.12 47.47
N GLY A 180 25.08 -32.04 48.22
CA GLY A 180 25.41 -32.07 49.64
C GLY A 180 26.33 -30.97 50.11
N VAL A 181 25.99 -30.38 51.27
CA VAL A 181 26.84 -29.35 51.86
C VAL A 181 28.28 -29.84 52.03
N GLU A 182 28.48 -31.06 52.51
CA GLU A 182 29.85 -31.52 52.77
C GLU A 182 30.67 -31.62 51.48
N LYS A 183 30.07 -32.07 50.38
CA LYS A 183 30.82 -32.05 49.11
C LYS A 183 31.09 -30.63 48.66
N ALA A 184 30.11 -29.73 48.80
CA ALA A 184 30.30 -28.36 48.33
C ALA A 184 31.38 -27.64 49.15
N VAL A 185 31.36 -27.79 50.48
CA VAL A 185 32.34 -27.06 51.26
C VAL A 185 33.74 -27.63 51.05
N ARG A 186 33.87 -28.94 50.82
CA ARG A 186 35.17 -29.51 50.51
C ARG A 186 35.69 -28.99 49.17
N ALA A 187 34.81 -28.90 48.17
CA ALA A 187 35.22 -28.36 46.88
C ALA A 187 35.57 -26.88 46.96
N ALA A 188 34.84 -26.12 47.80
CA ALA A 188 35.13 -24.71 47.98
C ALA A 188 36.46 -24.49 48.70
N ARG A 189 36.85 -25.41 49.57
CA ARG A 189 38.11 -25.33 50.28
C ARG A 189 39.28 -25.56 49.41
N GLN A 190 39.17 -26.41 48.52
CA GLN A 190 40.28 -26.68 47.63
C GLN A 190 40.49 -25.53 46.66
N ALA A 191 39.34 -24.89 46.26
CA ALA A 191 39.35 -23.90 45.23
C ALA A 191 40.07 -22.65 45.61
N ALA A 192 40.13 -22.33 46.89
CA ALA A 192 41.30 -21.62 47.36
C ALA A 192 41.84 -21.72 48.79
N ASP A 193 42.45 -22.84 49.19
CA ASP A 193 42.62 -23.17 50.63
C ASP A 193 43.39 -22.05 51.24
N PHE A 194 44.47 -21.69 50.61
CA PHE A 194 45.20 -20.55 51.01
C PHE A 194 44.99 -19.77 49.73
N ALA A 195 44.76 -18.50 49.89
CA ALA A 195 44.01 -18.02 50.95
C ALA A 195 42.99 -16.99 50.50
N LEU A 196 41.79 -17.52 50.45
CA LEU A 196 40.56 -16.88 50.37
C LEU A 196 39.90 -17.59 51.43
N LYS A 197 38.90 -16.88 51.93
CA LYS A 197 37.98 -17.46 52.91
C LYS A 197 36.81 -18.14 52.20
N VAL A 198 36.18 -19.06 52.91
CA VAL A 198 34.99 -19.76 52.45
C VAL A 198 33.82 -19.42 53.37
N GLU A 199 32.82 -18.76 52.82
CA GLU A 199 31.55 -18.59 53.53
C GLU A 199 30.51 -19.56 52.97
N VAL A 200 29.66 -20.10 53.84
CA VAL A 200 28.65 -21.07 53.43
C VAL A 200 27.29 -20.64 53.98
N GLU A 201 26.29 -20.68 53.09
CA GLU A 201 24.93 -20.20 53.32
C GLU A 201 24.07 -21.37 53.77
N CYS A 202 23.39 -21.23 54.92
CA CYS A 202 22.82 -22.35 55.66
C CYS A 202 21.39 -22.06 56.06
N SER A 203 20.48 -22.98 55.75
CA SER A 203 19.08 -22.80 56.10
C SER A 203 18.70 -23.45 57.43
N SER A 204 19.66 -24.05 58.15
CA SER A 204 19.34 -24.72 59.41
C SER A 204 20.61 -25.02 60.20
N LEU A 205 20.42 -25.26 61.49
CA LEU A 205 21.52 -25.58 62.40
C LEU A 205 22.38 -26.72 61.87
N GLN A 206 21.76 -27.78 61.36
CA GLN A 206 22.50 -28.99 61.00
C GLN A 206 23.35 -28.75 59.74
N GLU A 207 22.84 -27.93 58.81
CA GLU A 207 23.69 -27.50 57.69
C GLU A 207 24.86 -26.66 58.20
N ALA A 208 24.59 -25.74 59.12
CA ALA A 208 25.64 -24.88 59.66
C ALA A 208 26.72 -25.69 60.34
N VAL A 209 26.35 -26.72 61.12
CA VAL A 209 27.34 -27.56 61.75
C VAL A 209 28.15 -28.33 60.72
N GLN A 210 27.48 -28.85 59.68
CA GLN A 210 28.21 -29.55 58.63
C GLN A 210 29.16 -28.61 57.90
N ALA A 211 28.73 -27.37 57.61
CA ALA A 211 29.63 -26.42 56.98
C ALA A 211 30.84 -26.15 57.86
N ALA A 212 30.61 -25.94 59.16
CA ALA A 212 31.74 -25.66 60.06
C ALA A 212 32.67 -26.86 60.16
N GLU A 213 32.13 -28.08 60.22
CA GLU A 213 32.98 -29.26 60.23
C GLU A 213 33.82 -29.33 58.96
N ALA A 214 33.24 -28.99 57.82
CA ALA A 214 33.99 -29.12 56.58
C ALA A 214 34.98 -27.98 56.37
N GLY A 215 35.04 -26.99 57.26
CA GLY A 215 36.06 -25.98 57.21
C GLY A 215 35.63 -24.56 56.81
N ALA A 216 34.34 -24.26 56.82
CA ALA A 216 33.92 -22.91 56.53
C ALA A 216 34.57 -21.91 57.50
N ASP A 217 35.04 -20.79 56.93
CA ASP A 217 35.49 -19.66 57.73
C ASP A 217 34.30 -18.86 58.25
N LEU A 218 33.26 -18.71 57.43
CA LEU A 218 32.07 -17.98 57.81
C LEU A 218 30.86 -18.86 57.57
N VAL A 219 29.90 -18.80 58.48
CA VAL A 219 28.63 -19.45 58.33
C VAL A 219 27.57 -18.35 58.28
N LEU A 220 26.79 -18.33 57.19
CA LEU A 220 25.68 -17.39 57.02
C LEU A 220 24.38 -18.10 57.30
N LEU A 221 23.67 -17.69 58.35
CA LEU A 221 22.36 -18.24 58.66
C LEU A 221 21.31 -17.45 57.86
N ASP A 222 20.73 -18.12 56.84
CA ASP A 222 19.93 -17.45 55.83
C ASP A 222 18.45 -17.53 56.21
N ASN A 223 17.81 -16.35 56.34
CA ASN A 223 16.36 -16.23 56.47
C ASN A 223 15.82 -16.96 57.70
N PHE A 224 16.58 -16.92 58.79
CA PHE A 224 16.07 -17.38 60.06
C PHE A 224 15.11 -16.36 60.64
N LYS A 225 14.08 -16.84 61.32
CA LYS A 225 13.37 -15.96 62.24
C LYS A 225 14.29 -15.66 63.42
N PRO A 226 14.24 -14.45 63.96
CA PRO A 226 15.14 -14.09 65.07
C PRO A 226 15.14 -15.09 66.22
N GLU A 227 13.99 -15.72 66.50
CA GLU A 227 13.87 -16.61 67.66
C GLU A 227 14.65 -17.90 67.48
N GLU A 228 14.86 -18.34 66.24
CA GLU A 228 15.75 -19.47 65.97
C GLU A 228 17.15 -19.02 65.57
N LEU A 229 17.32 -17.74 65.26
CA LEU A 229 18.61 -17.23 64.79
C LEU A 229 19.66 -17.32 65.89
N HIS A 230 19.31 -16.83 67.09
CA HIS A 230 20.24 -16.66 68.18
C HIS A 230 20.56 -17.98 68.89
N PRO A 231 19.58 -18.84 69.16
CA PRO A 231 19.94 -20.17 69.67
C PRO A 231 20.90 -20.90 68.74
N THR A 232 20.64 -20.85 67.43
CA THR A 232 21.50 -21.54 66.48
C THR A 232 22.92 -20.99 66.50
N ALA A 233 23.06 -19.67 66.61
CA ALA A 233 24.40 -19.08 66.63
C ALA A 233 25.13 -19.39 67.93
N THR A 234 24.39 -19.50 69.04
CA THR A 234 25.00 -19.84 70.31
C THR A 234 25.61 -21.25 70.26
N VAL A 235 24.82 -22.24 69.83
CA VAL A 235 25.37 -23.58 69.62
C VAL A 235 26.61 -23.53 68.73
N LEU A 236 26.57 -22.73 67.66
CA LEU A 236 27.69 -22.69 66.72
C LEU A 236 28.95 -22.12 67.37
N LYS A 237 28.81 -20.97 68.04
CA LYS A 237 29.96 -20.35 68.68
C LYS A 237 30.55 -21.23 69.77
N ALA A 238 29.71 -22.01 70.46
CA ALA A 238 30.24 -22.90 71.49
C ALA A 238 31.01 -24.06 70.85
N GLN A 239 30.52 -24.58 69.72
CA GLN A 239 31.15 -25.73 69.08
C GLN A 239 32.27 -25.36 68.12
N PHE A 240 32.18 -24.21 67.47
CA PHE A 240 33.18 -23.78 66.49
C PHE A 240 33.53 -22.33 66.77
N PRO A 241 34.25 -22.06 67.87
CA PRO A 241 34.42 -20.68 68.33
C PRO A 241 35.14 -19.77 67.35
N SER A 242 35.92 -20.30 66.42
CA SER A 242 36.63 -19.46 65.47
C SER A 242 35.88 -19.31 64.14
N VAL A 243 34.66 -19.80 64.04
CA VAL A 243 33.84 -19.60 62.85
C VAL A 243 32.94 -18.39 63.07
N ALA A 244 32.90 -17.49 62.08
CA ALA A 244 32.10 -16.27 62.17
C ALA A 244 30.68 -16.53 61.69
N VAL A 245 29.73 -15.85 62.32
CA VAL A 245 28.31 -16.07 62.03
C VAL A 245 27.73 -14.81 61.39
N GLU A 246 27.12 -14.99 60.22
CA GLU A 246 26.47 -13.90 59.52
C GLU A 246 24.98 -14.18 59.47
N ALA A 247 24.18 -13.16 59.77
CA ALA A 247 22.74 -13.25 59.64
C ALA A 247 22.31 -12.46 58.42
N SER A 248 21.35 -12.99 57.68
CA SER A 248 20.99 -12.36 56.42
C SER A 248 19.66 -12.91 55.95
N GLY A 249 18.84 -12.05 55.37
CA GLY A 249 17.55 -12.45 54.83
C GLY A 249 16.40 -11.68 55.44
N GLY A 250 15.91 -10.67 54.74
CA GLY A 250 14.77 -9.93 55.21
C GLY A 250 15.04 -9.03 56.40
N ILE A 251 16.27 -8.58 56.56
CA ILE A 251 16.60 -7.69 57.66
C ILE A 251 16.49 -6.25 57.17
N THR A 252 15.81 -5.41 57.93
CA THR A 252 15.47 -4.06 57.53
C THR A 252 15.87 -3.10 58.63
N LEU A 253 15.77 -1.80 58.36
CA LEU A 253 15.94 -0.80 59.41
C LEU A 253 15.10 -1.14 60.63
N ASP A 254 13.82 -1.50 60.41
CA ASP A 254 12.91 -1.64 61.54
C ASP A 254 13.22 -2.89 62.37
N ASN A 255 13.34 -4.05 61.73
CA ASN A 255 13.54 -5.27 62.52
C ASN A 255 15.01 -5.56 62.85
N LEU A 256 15.94 -4.76 62.36
CA LEU A 256 17.36 -4.99 62.64
C LEU A 256 17.72 -5.23 64.11
N PRO A 257 17.15 -4.51 65.09
CA PRO A 257 17.58 -4.75 66.47
C PRO A 257 17.25 -6.15 66.97
N GLN A 258 16.21 -6.77 66.44
CA GLN A 258 15.91 -8.15 66.79
C GLN A 258 16.94 -9.13 66.25
N PHE A 259 17.71 -8.77 65.21
CA PHE A 259 18.74 -9.68 64.70
C PHE A 259 20.10 -9.42 65.32
N CYS A 260 20.26 -8.36 66.09
CA CYS A 260 21.53 -8.15 66.79
C CYS A 260 21.58 -9.04 68.04
N GLY A 261 22.71 -9.68 68.23
CA GLY A 261 22.89 -10.60 69.33
C GLY A 261 24.35 -10.89 69.49
N PRO A 262 24.75 -11.38 70.67
CA PRO A 262 26.18 -11.45 70.99
C PRO A 262 26.94 -12.46 70.14
N HIS A 263 26.26 -13.42 69.52
CA HIS A 263 26.93 -14.45 68.72
C HIS A 263 26.75 -14.27 67.21
N ILE A 264 26.33 -13.08 66.78
CA ILE A 264 26.27 -12.69 65.38
C ILE A 264 27.34 -11.65 65.14
N ASP A 265 28.25 -11.96 64.23
CA ASP A 265 29.37 -11.08 63.94
C ASP A 265 29.06 -10.11 62.81
N VAL A 266 28.17 -10.50 61.90
CA VAL A 266 27.93 -9.81 60.64
C VAL A 266 26.44 -9.90 60.35
N ILE A 267 25.84 -8.77 59.97
CA ILE A 267 24.46 -8.71 59.50
C ILE A 267 24.49 -8.00 58.15
N SER A 268 24.03 -8.67 57.10
CA SER A 268 23.99 -8.09 55.77
C SER A 268 22.55 -7.85 55.35
N MET A 269 22.33 -6.70 54.71
CA MET A 269 20.99 -6.27 54.34
C MET A 269 20.98 -5.91 52.87
N GLY A 270 20.11 -6.56 52.09
CA GLY A 270 19.90 -6.16 50.71
C GLY A 270 19.24 -4.80 50.61
N MET A 271 18.50 -4.42 51.59
CA MET A 271 17.82 -3.16 51.54
C MET A 271 18.81 -1.99 51.37
N LEU A 272 20.03 -2.05 51.88
CA LEU A 272 20.93 -0.90 51.78
C LEU A 272 21.16 -0.48 50.32
N THR A 273 21.02 -1.39 49.36
CA THR A 273 21.19 -1.05 47.95
C THR A 273 19.94 -1.27 47.10
N GLN A 274 18.99 -2.09 47.53
CA GLN A 274 17.79 -2.27 46.72
C GLN A 274 16.62 -1.39 47.14
N ALA A 275 16.65 -0.79 48.33
CA ALA A 275 15.50 -0.03 48.79
C ALA A 275 15.92 1.24 49.53
N ALA A 276 17.08 1.80 49.18
CA ALA A 276 17.56 3.05 49.74
C ALA A 276 17.21 4.19 48.79
N PRO A 277 16.13 4.94 49.01
CA PRO A 277 15.79 6.01 48.07
C PRO A 277 16.91 7.05 48.02
N ALA A 278 17.01 7.70 46.85
CA ALA A 278 18.06 8.66 46.60
C ALA A 278 17.77 9.98 47.32
N LEU A 279 18.84 10.70 47.68
CA LEU A 279 18.64 12.01 48.28
C LEU A 279 18.31 13.04 47.20
N ASP A 280 17.81 14.19 47.64
CA ASP A 280 17.37 15.26 46.75
C ASP A 280 18.43 16.36 46.73
N PHE A 281 19.07 16.55 45.57
CA PHE A 281 20.08 17.56 45.34
C PHE A 281 19.75 18.37 44.09
N SER A 282 20.09 19.65 44.12
CA SER A 282 19.96 20.47 42.93
C SER A 282 21.26 21.22 42.70
N LEU A 283 21.47 21.61 41.45
CA LEU A 283 22.64 22.42 41.10
C LEU A 283 22.12 23.68 40.40
N LYS A 284 22.35 24.85 40.97
CA LYS A 284 21.74 26.08 40.51
C LYS A 284 22.81 27.11 40.15
N LEU A 285 22.82 27.52 38.88
CA LEU A 285 23.65 28.64 38.44
C LEU A 285 23.21 29.93 39.11
N PHE A 286 24.18 30.69 39.61
CA PHE A 286 23.92 31.97 40.22
C PHE A 286 24.90 32.99 39.67
N ALA A 287 24.50 34.26 39.72
CA ALA A 287 25.35 35.35 39.25
C ALA A 287 26.47 35.62 40.25
N LYS A 288 27.64 35.97 39.72
CA LYS A 288 28.84 36.08 40.56
C LYS A 288 28.78 37.33 41.44
N GLU A 289 29.14 37.17 42.71
CA GLU A 289 29.24 38.29 43.64
C GLU A 289 30.30 39.29 43.20
N MET B 1 2.80 0.33 23.09
CA MET B 1 1.67 -0.39 22.52
C MET B 1 1.17 -1.48 23.48
N ASP B 2 1.76 -2.66 23.33
CA ASP B 2 1.51 -3.82 24.17
C ASP B 2 2.86 -4.24 24.74
N ALA B 3 2.87 -4.66 26.02
CA ALA B 3 4.14 -4.84 26.73
C ALA B 3 5.05 -5.85 26.04
N GLU B 4 4.47 -6.84 25.34
CA GLU B 4 5.32 -7.81 24.64
C GLU B 4 6.01 -7.17 23.44
N GLY B 5 5.38 -6.18 22.80
CA GLY B 5 6.00 -5.53 21.67
C GLY B 5 7.20 -4.69 22.02
N LEU B 6 7.26 -4.22 23.27
CA LEU B 6 8.30 -3.28 23.68
C LEU B 6 9.71 -3.81 23.45
N ALA B 7 9.91 -5.13 23.51
CA ALA B 7 11.27 -5.67 23.41
C ALA B 7 11.96 -5.25 22.12
N LEU B 8 11.18 -5.03 21.03
CA LEU B 8 11.75 -4.64 19.75
C LEU B 8 12.49 -3.30 19.80
N LEU B 9 12.19 -2.45 20.79
CA LEU B 9 12.89 -1.18 20.92
C LEU B 9 14.36 -1.31 21.25
N LEU B 10 14.85 -2.51 21.59
CA LEU B 10 16.20 -2.65 22.13
C LEU B 10 17.15 -3.11 21.05
N PRO B 11 18.06 -2.26 20.55
CA PRO B 11 19.05 -2.71 19.56
C PRO B 11 19.88 -3.86 20.09
N PRO B 12 19.92 -4.98 19.38
CA PRO B 12 20.59 -6.18 19.91
C PRO B 12 22.09 -6.04 20.12
N VAL B 13 22.75 -5.09 19.44
CA VAL B 13 24.18 -4.87 19.65
C VAL B 13 24.44 -4.16 20.97
N THR B 14 23.63 -3.15 21.29
CA THR B 14 23.78 -2.47 22.59
C THR B 14 23.52 -3.42 23.74
N LEU B 15 22.51 -4.29 23.60
CA LEU B 15 22.20 -5.28 24.61
C LEU B 15 23.43 -6.11 24.97
N ALA B 16 24.14 -6.58 23.95
CA ALA B 16 25.23 -7.51 24.18
C ALA B 16 26.39 -6.82 24.88
N ALA B 17 26.69 -5.56 24.51
CA ALA B 17 27.78 -4.86 25.17
C ALA B 17 27.42 -4.48 26.61
N LEU B 18 26.15 -4.13 26.85
CA LEU B 18 25.72 -3.89 28.22
C LEU B 18 25.87 -5.16 29.08
N VAL B 19 25.30 -6.25 28.59
CA VAL B 19 25.30 -7.51 29.33
C VAL B 19 26.73 -7.98 29.60
N ASP B 20 27.62 -7.89 28.61
CA ASP B 20 28.97 -8.36 28.85
C ASP B 20 29.66 -7.53 29.92
N SER B 21 29.49 -6.21 29.90
CA SER B 21 30.14 -5.36 30.89
C SER B 21 29.59 -5.62 32.30
N TRP B 22 28.31 -5.97 32.42
CA TRP B 22 27.78 -6.31 33.74
C TRP B 22 28.38 -7.60 34.25
N LEU B 23 28.55 -8.58 33.36
CA LEU B 23 29.13 -9.84 33.80
C LEU B 23 30.59 -9.68 34.17
N ARG B 24 31.36 -8.95 33.35
CA ARG B 24 32.75 -8.73 33.72
C ARG B 24 32.85 -7.97 35.03
N GLU B 25 31.84 -7.15 35.35
CA GLU B 25 31.86 -6.44 36.63
C GLU B 25 31.77 -7.41 37.79
N ASP B 26 30.93 -8.44 37.67
CA ASP B 26 30.69 -9.35 38.78
C ASP B 26 31.73 -10.46 38.88
N CYS B 27 32.51 -10.70 37.82
CA CYS B 27 33.55 -11.73 37.85
C CYS B 27 34.70 -11.33 36.93
N PRO B 28 35.57 -10.43 37.39
CA PRO B 28 36.64 -9.95 36.51
C PRO B 28 37.80 -10.91 36.35
N GLY B 29 37.95 -11.89 37.23
CA GLY B 29 39.08 -12.81 37.15
C GLY B 29 38.70 -14.28 37.07
N LEU B 30 39.11 -15.08 38.04
CA LEU B 30 38.71 -16.48 38.08
C LEU B 30 37.39 -16.65 38.82
N ASN B 31 36.58 -17.60 38.37
CA ASN B 31 35.31 -17.93 39.01
C ASN B 31 35.51 -19.18 39.86
N TYR B 32 36.12 -18.99 41.03
CA TYR B 32 36.43 -20.12 41.89
C TYR B 32 35.21 -20.96 42.22
N ALA B 33 34.03 -20.35 42.35
CA ALA B 33 32.88 -21.17 42.71
C ALA B 33 32.44 -22.13 41.61
N ALA B 34 32.91 -21.96 40.37
CA ALA B 34 32.55 -22.91 39.32
C ALA B 34 33.06 -24.32 39.63
N LEU B 35 34.16 -24.45 40.39
CA LEU B 35 34.64 -25.75 40.80
C LEU B 35 33.70 -26.39 41.80
N VAL B 36 33.04 -25.60 42.64
CA VAL B 36 32.15 -26.15 43.64
C VAL B 36 30.96 -26.83 42.97
N SER B 37 30.43 -26.22 41.92
CA SER B 37 29.19 -26.72 41.34
C SER B 37 29.43 -27.65 40.15
N GLY B 38 30.53 -27.49 39.43
CA GLY B 38 30.75 -28.23 38.23
C GLY B 38 29.88 -27.75 37.08
N ALA B 39 29.97 -28.45 35.96
CA ALA B 39 29.37 -28.02 34.70
C ALA B 39 28.18 -28.87 34.27
N GLY B 40 27.79 -29.88 35.04
CA GLY B 40 26.68 -30.73 34.68
C GLY B 40 25.40 -29.98 34.39
N PRO B 41 24.58 -30.51 33.47
CA PRO B 41 23.35 -29.80 33.06
C PRO B 41 22.34 -29.68 34.20
N SER B 42 21.81 -28.45 34.39
CA SER B 42 20.86 -28.18 35.46
C SER B 42 19.75 -27.27 35.00
N GLN B 43 18.71 -27.20 35.82
CA GLN B 43 17.51 -26.42 35.62
C GLN B 43 17.33 -25.56 36.86
N ALA B 44 16.78 -24.36 36.69
CA ALA B 44 16.54 -23.51 37.84
C ALA B 44 15.20 -22.81 37.65
N ALA B 45 14.48 -22.62 38.75
CA ALA B 45 13.18 -21.99 38.71
C ALA B 45 13.32 -20.56 39.21
N LEU B 46 12.78 -19.62 38.43
CA LEU B 46 12.73 -18.22 38.82
C LEU B 46 11.44 -17.99 39.59
N TRP B 47 11.56 -17.49 40.81
CA TRP B 47 10.41 -17.23 41.67
C TRP B 47 10.21 -15.73 41.87
N ALA B 48 8.97 -15.28 41.70
CA ALA B 48 8.56 -13.93 42.05
C ALA B 48 8.00 -13.93 43.46
N LYS B 49 8.63 -13.20 44.38
CA LYS B 49 8.22 -13.15 45.77
C LYS B 49 7.70 -11.79 46.20
N SER B 50 7.56 -10.82 45.28
CA SER B 50 6.97 -9.52 45.58
C SER B 50 5.81 -9.28 44.62
N PRO B 51 4.76 -8.60 45.06
CA PRO B 51 3.73 -8.16 44.12
C PRO B 51 4.30 -7.12 43.16
N GLY B 52 3.60 -6.94 42.03
CA GLY B 52 3.98 -5.91 41.08
C GLY B 52 3.88 -6.31 39.62
N VAL B 53 4.69 -5.66 38.77
CA VAL B 53 4.70 -5.88 37.32
C VAL B 53 6.02 -6.52 36.93
N LEU B 54 5.96 -7.56 36.12
CA LEU B 54 7.18 -8.18 35.59
C LEU B 54 7.71 -7.41 34.39
N ALA B 55 8.96 -6.97 34.45
CA ALA B 55 9.60 -6.25 33.35
C ALA B 55 11.09 -6.56 33.31
N GLY B 56 11.63 -6.77 32.11
CA GLY B 56 13.05 -6.98 31.98
C GLY B 56 13.46 -8.29 31.36
N GLN B 57 12.49 -9.07 30.89
CA GLN B 57 12.80 -10.33 30.22
C GLN B 57 13.86 -10.18 29.13
N PRO B 58 13.84 -9.14 28.28
CA PRO B 58 14.90 -9.07 27.25
C PRO B 58 16.31 -9.07 27.83
N PHE B 59 16.53 -8.42 28.99
CA PHE B 59 17.87 -8.36 29.56
C PHE B 59 18.25 -9.67 30.26
N PHE B 60 17.33 -10.21 31.06
CA PHE B 60 17.47 -11.53 31.66
C PHE B 60 17.83 -12.57 30.60
N ASP B 61 17.13 -12.54 29.46
CA ASP B 61 17.44 -13.46 28.36
C ASP B 61 18.85 -13.24 27.83
N ALA B 62 19.22 -11.98 27.60
CA ALA B 62 20.50 -11.72 26.96
C ALA B 62 21.66 -12.08 27.89
N ILE B 63 21.51 -11.85 29.20
CA ILE B 63 22.52 -12.30 30.16
C ILE B 63 22.77 -13.81 30.01
N PHE B 64 21.71 -14.60 30.04
CA PHE B 64 21.87 -16.03 30.04
C PHE B 64 22.24 -16.58 28.67
N THR B 65 21.77 -15.95 27.60
CA THR B 65 22.24 -16.35 26.29
C THR B 65 23.76 -16.24 26.18
N GLN B 66 24.35 -15.18 26.76
CA GLN B 66 25.80 -15.01 26.71
C GLN B 66 26.53 -16.11 27.48
N LEU B 67 25.85 -16.81 28.38
CA LEU B 67 26.48 -17.92 29.07
C LEU B 67 25.99 -19.27 28.53
N ASN B 68 25.33 -19.26 27.37
CA ASN B 68 24.78 -20.44 26.73
C ASN B 68 23.83 -21.18 27.67
N CYS B 69 22.89 -20.41 28.21
CA CYS B 69 21.72 -20.93 28.89
C CYS B 69 20.47 -20.48 28.15
N GLN B 70 19.36 -21.14 28.40
CA GLN B 70 18.08 -20.78 27.80
C GLN B 70 17.04 -20.54 28.88
N VAL B 71 16.06 -19.70 28.55
CA VAL B 71 15.00 -19.32 29.46
C VAL B 71 13.67 -19.68 28.79
N SER B 72 12.78 -20.28 29.56
CA SER B 72 11.37 -20.39 29.18
C SER B 72 10.58 -19.56 30.19
N TRP B 73 9.80 -18.61 29.69
CA TRP B 73 8.94 -17.82 30.55
C TRP B 73 7.58 -18.48 30.68
N PHE B 74 6.96 -18.31 31.84
CA PHE B 74 5.59 -18.73 32.07
C PHE B 74 4.65 -17.55 32.23
N LEU B 75 5.16 -16.34 32.19
CA LEU B 75 4.31 -15.15 32.17
C LEU B 75 4.86 -14.18 31.15
N PRO B 76 3.99 -13.45 30.46
CA PRO B 76 4.46 -12.46 29.49
C PRO B 76 5.02 -11.22 30.19
N GLU B 77 5.85 -10.50 29.46
CA GLU B 77 6.33 -9.20 29.92
C GLU B 77 5.13 -8.31 30.25
N GLY B 78 5.22 -7.60 31.38
CA GLY B 78 4.13 -6.76 31.85
C GLY B 78 3.08 -7.45 32.71
N SER B 79 3.19 -8.77 32.94
CA SER B 79 2.23 -9.47 33.80
C SER B 79 2.24 -8.98 35.24
N LYS B 80 1.06 -9.03 35.87
CA LYS B 80 1.01 -8.88 37.32
C LYS B 80 1.68 -10.07 37.99
N LEU B 81 2.53 -9.77 38.97
CA LEU B 81 3.16 -10.80 39.79
C LEU B 81 2.33 -10.99 41.06
N VAL B 82 1.77 -12.17 41.22
CA VAL B 82 1.12 -12.52 42.49
C VAL B 82 2.00 -13.55 43.18
N PRO B 83 2.72 -13.16 44.25
CA PRO B 83 3.65 -14.06 44.95
C PRO B 83 2.89 -15.15 45.71
N VAL B 84 3.45 -16.36 45.83
CA VAL B 84 4.76 -16.69 45.26
C VAL B 84 4.58 -17.36 43.89
N ALA B 85 4.98 -16.67 42.83
CA ALA B 85 4.76 -17.14 41.47
C ALA B 85 6.01 -17.77 40.88
N ARG B 86 5.83 -18.87 40.16
CA ARG B 86 6.90 -19.50 39.38
C ARG B 86 6.91 -18.85 38.01
N VAL B 87 7.91 -18.00 37.76
CA VAL B 87 7.87 -17.10 36.61
C VAL B 87 8.56 -17.69 35.39
N ALA B 88 9.64 -18.42 35.58
CA ALA B 88 10.38 -18.94 34.44
C ALA B 88 11.19 -20.15 34.90
N GLU B 89 11.86 -20.78 33.93
CA GLU B 89 12.82 -21.85 34.14
C GLU B 89 14.03 -21.57 33.27
N VAL B 90 15.22 -21.71 33.86
CA VAL B 90 16.49 -21.43 33.19
C VAL B 90 17.26 -22.75 33.08
N ARG B 91 17.87 -22.98 31.92
CA ARG B 91 18.52 -24.27 31.66
C ARG B 91 19.92 -24.07 31.12
N GLY B 92 20.85 -24.90 31.58
CA GLY B 92 22.22 -24.83 31.13
C GLY B 92 23.20 -25.46 32.10
N PRO B 93 24.49 -25.34 31.78
CA PRO B 93 25.52 -25.86 32.68
C PRO B 93 25.42 -25.21 34.05
N ALA B 94 25.72 -25.98 35.09
CA ALA B 94 25.45 -25.51 36.45
C ALA B 94 26.22 -24.23 36.75
N HIS B 95 27.49 -24.19 36.35
CA HIS B 95 28.31 -23.03 36.67
C HIS B 95 27.85 -21.80 35.89
N CYS B 96 27.41 -22.00 34.64
CA CYS B 96 26.90 -20.86 33.88
C CYS B 96 25.63 -20.30 34.49
N LEU B 97 24.71 -21.17 34.94
CA LEU B 97 23.53 -20.71 35.65
C LEU B 97 23.88 -19.89 36.88
N LEU B 98 24.81 -20.39 37.69
CA LEU B 98 25.07 -19.72 38.96
C LEU B 98 25.90 -18.45 38.77
N LEU B 99 26.70 -18.38 37.69
CA LEU B 99 27.48 -17.19 37.36
C LEU B 99 26.60 -16.03 36.86
N GLY B 100 25.49 -16.33 36.18
CA GLY B 100 24.62 -15.28 35.69
C GLY B 100 23.50 -14.92 36.65
N GLU B 101 23.24 -15.80 37.61
CA GLU B 101 22.12 -15.64 38.53
C GLU B 101 22.00 -14.23 39.08
N ARG B 102 23.07 -13.74 39.72
CA ARG B 102 22.97 -12.50 40.48
C ARG B 102 22.77 -11.30 39.57
N VAL B 103 23.56 -11.22 38.50
CA VAL B 103 23.43 -10.11 37.56
C VAL B 103 22.02 -10.11 36.96
N ALA B 104 21.57 -11.26 36.46
CA ALA B 104 20.21 -11.37 35.91
C ALA B 104 19.15 -10.98 36.93
N LEU B 105 19.27 -11.48 38.17
CA LEU B 105 18.28 -11.15 39.18
C LEU B 105 18.29 -9.66 39.51
N ASN B 106 19.49 -9.06 39.64
CA ASN B 106 19.56 -7.64 39.97
C ASN B 106 18.91 -6.79 38.89
N THR B 107 19.11 -7.17 37.63
CA THR B 107 18.51 -6.45 36.53
C THR B 107 16.99 -6.53 36.58
N LEU B 108 16.46 -7.75 36.67
CA LEU B 108 15.02 -7.94 36.64
C LEU B 108 14.35 -7.29 37.85
N ALA B 109 15.02 -7.27 39.00
CA ALA B 109 14.45 -6.70 40.22
C ALA B 109 14.23 -5.19 40.07
N ARG B 110 15.25 -4.47 39.59
CA ARG B 110 15.14 -3.03 39.41
C ARG B 110 14.24 -2.69 38.22
N CYS B 111 14.28 -3.48 37.16
CA CYS B 111 13.43 -3.18 36.02
C CYS B 111 11.97 -3.39 36.39
N SER B 112 11.67 -4.52 37.02
CA SER B 112 10.32 -4.74 37.51
C SER B 112 9.94 -3.71 38.57
N GLY B 113 10.87 -3.34 39.45
CA GLY B 113 10.57 -2.33 40.43
C GLY B 113 10.12 -1.02 39.81
N ILE B 114 10.75 -0.62 38.72
CA ILE B 114 10.38 0.63 38.06
C ILE B 114 9.05 0.48 37.35
N ALA B 115 8.86 -0.64 36.64
CA ALA B 115 7.57 -0.91 36.01
C ALA B 115 6.43 -0.96 37.03
N SER B 116 6.73 -1.41 38.26
CA SER B 116 5.70 -1.50 39.29
C SER B 116 5.30 -0.12 39.80
N ALA B 117 6.26 0.78 39.97
CA ALA B 117 5.92 2.14 40.36
C ALA B 117 5.17 2.86 39.24
N ALA B 118 5.55 2.63 37.98
CA ALA B 118 4.85 3.26 36.87
C ALA B 118 3.41 2.76 36.77
N ALA B 119 3.23 1.43 36.86
CA ALA B 119 1.88 0.89 36.88
C ALA B 119 1.07 1.52 38.01
N ALA B 120 1.67 1.62 39.20
CA ALA B 120 0.95 2.19 40.32
C ALA B 120 0.58 3.64 40.07
N ALA B 121 1.45 4.40 39.39
CA ALA B 121 1.12 5.79 39.10
C ALA B 121 0.06 5.90 38.03
N VAL B 122 0.17 5.12 36.95
CA VAL B 122 -0.82 5.17 35.88
C VAL B 122 -2.19 4.78 36.43
N GLU B 123 -2.22 3.84 37.36
CA GLU B 123 -3.46 3.49 38.03
C GLU B 123 -4.02 4.67 38.81
N ALA B 124 -3.19 5.29 39.66
CA ALA B 124 -3.65 6.43 40.43
C ALA B 124 -4.15 7.57 39.54
N ALA B 125 -3.54 7.77 38.37
CA ALA B 125 -4.01 8.83 37.48
C ALA B 125 -5.36 8.47 36.89
N ARG B 126 -5.50 7.22 36.44
CA ARG B 126 -6.73 6.79 35.79
C ARG B 126 -7.91 6.83 36.76
N GLY B 127 -7.68 6.43 38.01
CA GLY B 127 -8.69 6.50 39.05
C GLY B 127 -9.08 7.91 39.47
N ALA B 128 -8.29 8.91 39.09
CA ALA B 128 -8.67 10.31 39.25
C ALA B 128 -9.32 10.88 38.00
N GLY B 129 -9.53 10.06 36.97
CA GLY B 129 -10.16 10.49 35.73
C GLY B 129 -9.24 11.13 34.71
N TRP B 130 -7.92 11.05 34.89
CA TRP B 130 -6.95 11.75 34.05
C TRP B 130 -6.51 10.91 32.87
N THR B 131 -6.52 11.50 31.68
CA THR B 131 -6.17 10.79 30.46
C THR B 131 -4.80 11.17 29.92
N GLY B 132 -4.05 12.01 30.62
CA GLY B 132 -2.74 12.43 30.18
C GLY B 132 -1.74 11.29 30.23
N HIS B 133 -0.48 11.67 30.04
CA HIS B 133 0.65 10.76 30.08
C HIS B 133 1.37 10.91 31.41
N VAL B 134 1.57 9.79 32.10
CA VAL B 134 2.47 9.75 33.25
C VAL B 134 3.86 9.42 32.73
N ALA B 135 4.87 10.19 33.15
CA ALA B 135 6.15 10.14 32.46
C ALA B 135 7.31 10.05 33.44
N GLY B 136 8.41 9.51 32.94
CA GLY B 136 9.66 9.45 33.67
C GLY B 136 10.51 10.67 33.38
N THR B 137 11.72 10.64 33.93
CA THR B 137 12.61 11.79 33.87
C THR B 137 13.99 11.31 33.46
N ARG B 138 15.00 12.17 33.61
CA ARG B 138 16.38 11.75 33.39
C ARG B 138 17.08 11.35 34.69
N LYS B 139 16.33 11.16 35.78
CA LYS B 139 16.90 10.77 37.06
C LYS B 139 17.04 9.25 37.13
N THR B 140 17.97 8.73 36.35
CA THR B 140 18.22 7.30 36.22
C THR B 140 19.60 6.94 36.76
N THR B 141 19.80 5.68 37.08
CA THR B 141 21.12 5.23 37.51
C THR B 141 22.10 5.40 36.36
N PRO B 142 23.25 6.05 36.58
CA PRO B 142 24.26 6.13 35.52
C PRO B 142 24.67 4.75 35.01
N GLY B 143 24.76 4.62 33.69
CA GLY B 143 25.05 3.36 33.03
C GLY B 143 23.83 2.49 32.75
N PHE B 144 22.71 2.70 33.45
CA PHE B 144 21.59 1.76 33.49
C PHE B 144 20.32 2.31 32.84
N ARG B 145 20.41 3.43 32.12
CA ARG B 145 19.23 4.11 31.59
C ARG B 145 18.39 3.19 30.71
N LEU B 146 19.04 2.41 29.84
CA LEU B 146 18.29 1.57 28.91
C LEU B 146 17.32 0.65 29.66
N VAL B 147 17.72 0.13 30.83
CA VAL B 147 16.84 -0.76 31.56
C VAL B 147 15.72 0.03 32.23
N GLU B 148 16.04 1.20 32.81
CA GLU B 148 15.04 1.94 33.57
C GLU B 148 13.99 2.57 32.67
N LYS B 149 14.39 3.15 31.53
CA LYS B 149 13.41 3.69 30.59
C LYS B 149 12.56 2.59 29.99
N TYR B 150 13.18 1.44 29.70
CA TYR B 150 12.40 0.26 29.30
C TYR B 150 11.44 -0.15 30.40
N GLY B 151 11.89 -0.15 31.65
CA GLY B 151 10.99 -0.43 32.75
C GLY B 151 9.79 0.50 32.78
N LEU B 152 10.01 1.82 32.59
CA LEU B 152 8.89 2.77 32.59
C LEU B 152 7.85 2.40 31.55
N LEU B 153 8.30 2.05 30.34
CA LEU B 153 7.37 1.74 29.25
C LEU B 153 6.55 0.49 29.57
N VAL B 154 7.17 -0.51 30.20
CA VAL B 154 6.42 -1.74 30.49
C VAL B 154 5.35 -1.43 31.51
N GLY B 155 5.61 -0.51 32.43
CA GLY B 155 4.62 -0.15 33.43
C GLY B 155 3.51 0.77 32.93
N GLY B 156 3.55 1.16 31.66
CA GLY B 156 2.53 2.02 31.09
C GLY B 156 2.84 3.50 31.06
N ALA B 157 3.97 3.91 31.63
CA ALA B 157 4.35 5.31 31.61
C ALA B 157 5.09 5.65 30.32
N ALA B 158 5.14 6.93 30.00
CA ALA B 158 6.00 7.38 28.92
C ALA B 158 7.40 7.58 29.48
N SER B 159 8.40 7.28 28.66
CA SER B 159 9.77 7.39 29.12
C SER B 159 10.27 8.84 29.16
N HIS B 160 9.61 9.77 28.44
CA HIS B 160 10.09 11.14 28.23
C HIS B 160 11.36 11.06 27.41
N ARG B 161 11.98 12.19 27.07
CA ARG B 161 13.19 12.15 26.25
C ARG B 161 14.21 11.17 26.83
N TYR B 162 14.89 10.45 25.93
CA TYR B 162 15.82 9.44 26.38
C TYR B 162 17.13 10.06 26.85
N ASP B 163 17.61 11.09 26.17
CA ASP B 163 18.82 11.78 26.57
C ASP B 163 18.75 13.25 26.15
N LEU B 164 19.86 13.96 26.30
CA LEU B 164 19.98 15.35 25.90
C LEU B 164 19.84 15.58 24.41
N GLY B 165 19.83 14.52 23.59
CA GLY B 165 19.72 14.72 22.15
C GLY B 165 18.33 14.69 21.57
N GLY B 166 17.32 14.32 22.35
CA GLY B 166 16.00 13.99 21.86
C GLY B 166 14.90 15.03 22.01
N LEU B 167 15.19 16.16 22.67
CA LEU B 167 14.27 17.27 22.75
C LEU B 167 14.98 18.33 23.55
N VAL B 168 14.99 19.57 23.05
CA VAL B 168 15.78 20.63 23.65
C VAL B 168 15.01 21.17 24.84
N MET B 169 15.51 20.90 26.03
CA MET B 169 14.78 21.25 27.25
C MET B 169 15.50 22.43 27.90
N VAL B 170 14.88 23.59 27.84
CA VAL B 170 15.40 24.79 28.48
C VAL B 170 15.03 24.76 29.97
N LYS B 171 16.04 24.69 30.83
CA LYS B 171 15.85 24.64 32.26
C LYS B 171 16.19 25.99 32.90
N ASP B 172 15.81 26.13 34.16
CA ASP B 172 16.15 27.29 34.97
C ASP B 172 17.61 27.69 34.76
N ASN B 173 18.52 26.73 34.66
CA ASN B 173 19.93 27.09 34.54
C ASN B 173 20.23 27.69 33.17
N HIS B 174 19.60 27.20 32.11
CA HIS B 174 19.77 27.82 30.80
C HIS B 174 19.23 29.24 30.78
N VAL B 175 18.11 29.48 31.46
CA VAL B 175 17.52 30.82 31.50
C VAL B 175 18.48 31.81 32.14
N VAL B 176 19.05 31.43 33.28
CA VAL B 176 20.02 32.30 33.95
C VAL B 176 21.25 32.53 33.07
N ALA B 177 21.80 31.46 32.51
CA ALA B 177 22.97 31.58 31.64
C ALA B 177 22.68 32.46 30.42
N ALA B 178 21.50 32.32 29.82
CA ALA B 178 21.20 32.99 28.57
C ALA B 178 20.79 34.44 28.76
N GLY B 179 20.45 34.83 29.98
CA GLY B 179 20.01 36.18 30.26
C GLY B 179 18.52 36.32 30.39
N GLY B 180 17.75 35.29 30.08
CA GLY B 180 16.32 35.38 30.27
C GLY B 180 15.57 34.38 29.42
N VAL B 181 14.28 34.26 29.71
CA VAL B 181 13.47 33.20 29.13
C VAL B 181 13.43 33.33 27.61
N GLU B 182 13.05 34.51 27.12
CA GLU B 182 12.82 34.65 25.69
C GLU B 182 14.12 34.59 24.90
N LYS B 183 15.23 35.11 25.43
CA LYS B 183 16.53 34.85 24.83
C LYS B 183 16.82 33.35 24.78
N ALA B 184 16.55 32.64 25.88
CA ALA B 184 16.85 31.23 25.95
C ALA B 184 15.95 30.43 25.01
N VAL B 185 14.67 30.76 24.95
CA VAL B 185 13.77 30.02 24.07
C VAL B 185 14.11 30.29 22.60
N ARG B 186 14.54 31.50 22.28
CA ARG B 186 14.93 31.79 20.89
C ARG B 186 16.12 30.95 20.47
N ALA B 187 17.15 30.92 21.31
CA ALA B 187 18.30 30.07 21.00
C ALA B 187 17.91 28.60 20.94
N ALA B 188 16.97 28.17 21.79
CA ALA B 188 16.54 26.78 21.77
C ALA B 188 15.85 26.43 20.44
N ARG B 189 15.00 27.31 19.93
CA ARG B 189 14.29 27.16 18.65
C ARG B 189 15.24 27.14 17.47
N GLN B 190 16.25 28.00 17.54
CA GLN B 190 17.26 27.93 16.49
C GLN B 190 17.89 26.55 16.45
N ALA B 191 18.27 26.12 17.60
CA ALA B 191 19.14 25.00 17.75
C ALA B 191 18.58 23.73 17.22
N ALA B 192 17.26 23.60 17.19
CA ALA B 192 16.68 22.79 16.14
C ALA B 192 15.27 23.02 15.58
N ASP B 193 15.03 24.09 14.81
CA ASP B 193 13.66 24.59 14.58
C ASP B 193 12.87 23.48 13.98
N PHE B 194 13.43 22.87 12.97
CA PHE B 194 12.84 21.71 12.41
C PHE B 194 14.02 20.79 12.76
N ALA B 195 13.67 19.60 13.17
CA ALA B 195 12.56 19.39 13.97
C ALA B 195 12.87 18.48 15.14
N LEU B 196 13.01 19.17 16.24
CA LEU B 196 13.00 18.72 17.57
C LEU B 196 12.11 19.73 18.14
N LYS B 197 11.40 19.14 19.20
CA LYS B 197 10.54 20.04 19.97
C LYS B 197 11.36 20.79 21.02
N VAL B 198 10.77 21.87 21.53
CA VAL B 198 11.39 22.65 22.58
C VAL B 198 10.46 22.65 23.78
N GLU B 199 10.96 22.17 24.91
CA GLU B 199 10.25 22.25 26.17
C GLU B 199 10.95 23.26 27.07
N VAL B 200 10.17 24.03 27.82
CA VAL B 200 10.70 25.08 28.67
C VAL B 200 10.18 24.86 30.09
N GLU B 201 11.10 24.72 31.03
CA GLU B 201 10.73 24.53 32.43
C GLU B 201 10.48 25.88 33.09
N CYS B 202 9.28 26.08 33.63
CA CYS B 202 8.86 27.40 34.09
C CYS B 202 8.45 27.35 35.57
N SER B 203 8.80 28.39 36.31
CA SER B 203 8.49 28.41 37.74
C SER B 203 7.36 29.38 38.07
N SER B 204 6.83 30.10 37.08
CA SER B 204 5.82 31.10 37.33
C SER B 204 4.90 31.18 36.12
N LEU B 205 3.73 31.78 36.30
CA LEU B 205 2.80 31.89 35.17
C LEU B 205 3.37 32.82 34.10
N GLN B 206 3.97 33.95 34.51
CA GLN B 206 4.54 34.87 33.53
C GLN B 206 5.64 34.19 32.72
N GLU B 207 6.48 33.38 33.40
CA GLU B 207 7.53 32.63 32.71
C GLU B 207 6.92 31.66 31.70
N ALA B 208 5.77 31.07 32.04
CA ALA B 208 5.11 30.14 31.13
C ALA B 208 4.54 30.87 29.92
N VAL B 209 3.98 32.07 30.15
CA VAL B 209 3.44 32.86 29.05
C VAL B 209 4.55 33.34 28.13
N GLN B 210 5.62 33.90 28.71
CA GLN B 210 6.78 34.31 27.93
C GLN B 210 7.29 33.16 27.06
N ALA B 211 7.41 31.95 27.63
CA ALA B 211 7.93 30.81 26.89
C ALA B 211 6.98 30.38 25.77
N ALA B 212 5.67 30.38 26.03
CA ALA B 212 4.72 30.01 24.99
C ALA B 212 4.70 31.05 23.88
N GLU B 213 4.69 32.34 24.23
CA GLU B 213 4.81 33.37 23.21
C GLU B 213 6.10 33.21 22.42
N ALA B 214 7.18 32.80 23.08
CA ALA B 214 8.44 32.64 22.36
C ALA B 214 8.46 31.40 21.47
N GLY B 215 7.42 30.57 21.50
CA GLY B 215 7.32 29.42 20.61
C GLY B 215 7.64 28.06 21.20
N ALA B 216 7.57 27.89 22.52
CA ALA B 216 7.82 26.57 23.08
C ALA B 216 6.70 25.61 22.68
N ASP B 217 7.08 24.38 22.34
CA ASP B 217 6.09 23.34 22.07
C ASP B 217 5.46 22.86 23.37
N LEU B 218 6.24 22.81 24.44
CA LEU B 218 5.86 22.26 25.73
C LEU B 218 6.30 23.22 26.82
N VAL B 219 5.42 23.44 27.79
CA VAL B 219 5.72 24.26 28.95
C VAL B 219 5.58 23.38 30.17
N LEU B 220 6.66 23.23 30.92
CA LEU B 220 6.68 22.38 32.09
C LEU B 220 6.57 23.30 33.30
N LEU B 221 5.46 23.16 34.04
CA LEU B 221 5.25 23.91 35.27
C LEU B 221 5.93 23.16 36.40
N ASP B 222 6.93 23.78 37.01
CA ASP B 222 7.89 23.12 37.88
C ASP B 222 7.60 23.49 39.33
N ASN B 223 7.35 22.49 40.17
CA ASN B 223 7.20 22.68 41.61
C ASN B 223 6.14 23.72 41.95
N PHE B 224 5.02 23.69 41.23
CA PHE B 224 3.81 24.39 41.62
C PHE B 224 3.04 23.59 42.63
N LYS B 225 2.45 24.27 43.62
CA LYS B 225 1.40 23.65 44.41
C LYS B 225 0.18 23.43 43.52
N PRO B 226 -0.61 22.37 43.78
CA PRO B 226 -1.79 22.14 42.92
C PRO B 226 -2.72 23.33 42.80
N GLU B 227 -2.98 24.03 43.91
CA GLU B 227 -3.83 25.22 43.88
C GLU B 227 -3.27 26.31 42.98
N GLU B 228 -1.94 26.42 42.85
CA GLU B 228 -1.41 27.35 41.85
C GLU B 228 -1.29 26.71 40.47
N LEU B 229 -1.08 25.38 40.42
CA LEU B 229 -0.87 24.68 39.16
C LEU B 229 -2.06 24.80 38.21
N HIS B 230 -3.24 24.34 38.63
CA HIS B 230 -4.34 24.22 37.67
C HIS B 230 -4.84 25.56 37.12
N PRO B 231 -4.94 26.63 37.93
CA PRO B 231 -5.32 27.91 37.33
C PRO B 231 -4.30 28.39 36.32
N THR B 232 -3.02 28.12 36.55
CA THR B 232 -2.00 28.47 35.57
C THR B 232 -2.22 27.72 34.26
N ALA B 233 -2.36 26.40 34.34
CA ALA B 233 -2.53 25.58 33.14
C ALA B 233 -3.81 25.95 32.40
N THR B 234 -4.87 26.31 33.13
CA THR B 234 -6.10 26.77 32.50
C THR B 234 -5.87 28.03 31.70
N VAL B 235 -5.14 29.00 32.28
CA VAL B 235 -4.81 30.22 31.56
C VAL B 235 -4.00 29.90 30.31
N LEU B 236 -2.93 29.11 30.48
CA LEU B 236 -2.07 28.76 29.34
C LEU B 236 -2.89 28.15 28.21
N LYS B 237 -3.62 27.08 28.51
CA LYS B 237 -4.45 26.43 27.49
C LYS B 237 -5.46 27.38 26.88
N ALA B 238 -5.93 28.36 27.65
CA ALA B 238 -6.86 29.34 27.10
C ALA B 238 -6.18 30.18 26.02
N GLN B 239 -5.00 30.75 26.33
CA GLN B 239 -4.30 31.63 25.40
C GLN B 239 -3.48 30.88 24.34
N PHE B 240 -3.03 29.66 24.60
CA PHE B 240 -2.08 28.97 23.73
C PHE B 240 -2.50 27.51 23.59
N PRO B 241 -3.63 27.27 22.92
CA PRO B 241 -4.28 25.94 23.01
C PRO B 241 -3.45 24.80 22.42
N SER B 242 -2.51 25.08 21.53
CA SER B 242 -1.67 24.04 20.93
C SER B 242 -0.34 23.86 21.67
N VAL B 243 -0.16 24.49 22.83
CA VAL B 243 1.01 24.25 23.67
C VAL B 243 0.64 23.22 24.73
N ALA B 244 1.38 22.10 24.75
CA ALA B 244 1.20 21.08 25.78
C ALA B 244 1.76 21.55 27.11
N VAL B 245 1.09 21.18 28.20
CA VAL B 245 1.50 21.55 29.54
C VAL B 245 1.87 20.29 30.31
N GLU B 246 3.05 20.34 30.94
CA GLU B 246 3.55 19.29 31.81
C GLU B 246 3.66 19.82 33.23
N ALA B 247 3.42 18.95 34.20
CA ALA B 247 3.61 19.26 35.60
C ALA B 247 4.66 18.34 36.19
N SER B 248 5.56 18.89 37.01
CA SER B 248 6.64 18.10 37.57
C SER B 248 7.17 18.80 38.81
N GLY B 249 7.80 18.03 39.69
CA GLY B 249 8.34 18.51 40.94
C GLY B 249 7.57 18.01 42.15
N GLY B 250 8.17 17.08 42.90
CA GLY B 250 7.59 16.58 44.13
C GLY B 250 6.30 15.80 43.97
N ILE B 251 6.05 15.22 42.81
CA ILE B 251 4.83 14.45 42.58
C ILE B 251 5.11 12.98 42.87
N THR B 252 4.32 12.39 43.74
CA THR B 252 4.46 11.03 44.26
C THR B 252 3.17 10.26 43.99
N LEU B 253 3.19 8.95 44.21
CA LEU B 253 1.96 8.16 44.07
C LEU B 253 0.85 8.72 44.96
N ASP B 254 1.21 9.24 46.13
CA ASP B 254 0.18 9.64 47.09
C ASP B 254 -0.44 10.99 46.72
N ASN B 255 0.38 11.96 46.30
CA ASN B 255 -0.20 13.25 45.95
C ASN B 255 -0.56 13.35 44.48
N LEU B 256 -0.27 12.25 43.66
CA LEU B 256 -0.51 12.30 42.22
C LEU B 256 -1.93 12.69 41.83
N PRO B 257 -3.00 12.26 42.53
CA PRO B 257 -4.34 12.71 42.12
C PRO B 257 -4.56 14.21 42.26
N GLN B 258 -3.85 14.90 43.16
CA GLN B 258 -4.03 16.35 43.26
C GLN B 258 -3.45 17.11 42.06
N PHE B 259 -2.50 16.51 41.34
CA PHE B 259 -1.91 17.20 40.19
C PHE B 259 -2.60 16.84 38.87
N CYS B 260 -3.49 15.85 38.87
CA CYS B 260 -4.26 15.59 37.66
C CYS B 260 -5.28 16.70 37.45
N GLY B 261 -5.47 17.08 36.20
CA GLY B 261 -6.27 18.23 35.90
C GLY B 261 -6.51 18.26 34.42
N PRO B 262 -7.65 18.81 33.99
CA PRO B 262 -8.01 18.75 32.57
C PRO B 262 -7.07 19.55 31.69
N HIS B 263 -6.23 20.41 32.26
CA HIS B 263 -5.32 21.22 31.46
C HIS B 263 -3.86 20.82 31.64
N ILE B 264 -3.61 19.62 32.18
CA ILE B 264 -2.29 19.01 32.25
C ILE B 264 -2.25 17.86 31.24
N ASP B 265 -1.26 17.88 30.35
CA ASP B 265 -1.10 16.79 29.39
C ASP B 265 -0.11 15.72 29.86
N VAL B 266 1.00 16.12 30.48
CA VAL B 266 2.05 15.22 30.93
C VAL B 266 2.30 15.47 32.42
N ILE B 267 2.57 14.40 33.16
CA ILE B 267 2.99 14.48 34.56
C ILE B 267 4.24 13.63 34.70
N SER B 268 5.37 14.27 35.00
CA SER B 268 6.63 13.55 35.11
C SER B 268 7.06 13.42 36.58
N MET B 269 7.52 12.22 36.95
CA MET B 269 7.81 11.85 38.34
C MET B 269 9.22 11.29 38.45
N GLY B 270 10.12 12.02 39.12
CA GLY B 270 11.46 11.51 39.35
C GLY B 270 11.45 10.26 40.21
N MET B 271 10.46 10.16 41.10
CA MET B 271 10.33 9.06 42.05
C MET B 271 10.17 7.69 41.37
N LEU B 272 9.67 7.65 40.12
CA LEU B 272 9.49 6.37 39.45
C LEU B 272 10.80 5.65 39.21
N THR B 273 11.92 6.37 39.23
CA THR B 273 13.22 5.75 39.07
C THR B 273 14.13 5.94 40.26
N GLN B 274 13.91 6.95 41.10
CA GLN B 274 14.77 7.22 42.24
C GLN B 274 14.28 6.60 43.55
N ALA B 275 12.97 6.40 43.72
CA ALA B 275 12.43 5.84 44.96
C ALA B 275 11.52 4.65 44.67
N ALA B 276 11.86 3.85 43.68
CA ALA B 276 11.07 2.66 43.35
C ALA B 276 11.84 1.47 43.85
N PRO B 277 11.49 0.87 44.97
CA PRO B 277 12.27 -0.27 45.47
C PRO B 277 12.16 -1.45 44.51
N ALA B 278 13.23 -2.25 44.49
CA ALA B 278 13.32 -3.41 43.61
C ALA B 278 12.43 -4.55 44.11
N LEU B 279 11.92 -5.36 43.18
CA LEU B 279 11.16 -6.55 43.58
C LEU B 279 12.11 -7.64 44.07
N ASP B 280 11.54 -8.63 44.79
CA ASP B 280 12.29 -9.77 45.30
C ASP B 280 12.09 -10.97 44.36
N PHE B 281 13.18 -11.46 43.78
CA PHE B 281 13.18 -12.62 42.90
C PHE B 281 14.26 -13.57 43.40
N SER B 282 14.02 -14.87 43.31
CA SER B 282 15.11 -15.82 43.51
C SER B 282 15.20 -16.78 42.33
N LEU B 283 16.31 -17.51 42.25
CA LEU B 283 16.54 -18.51 41.23
C LEU B 283 17.07 -19.75 41.95
N LYS B 284 16.26 -20.81 42.00
CA LYS B 284 16.61 -22.00 42.77
C LYS B 284 16.80 -23.20 41.84
N LEU B 285 18.02 -23.73 41.79
CA LEU B 285 18.25 -25.02 41.16
C LEU B 285 17.31 -26.06 41.76
N PHE B 286 16.67 -26.84 40.90
CA PHE B 286 15.89 -27.97 41.38
C PHE B 286 16.38 -29.25 40.73
N ALA B 287 16.34 -30.33 41.51
CA ALA B 287 17.02 -31.57 41.16
C ALA B 287 16.34 -32.28 39.99
N LYS B 288 17.10 -33.20 39.41
CA LYS B 288 16.80 -33.85 38.12
C LYS B 288 15.89 -35.05 38.38
N GLU B 289 14.58 -34.79 38.37
CA GLU B 289 13.57 -35.76 38.78
C GLU B 289 13.94 -36.48 40.08
N MET C 1 23.26 31.42 13.82
CA MET C 1 23.77 32.26 12.75
C MET C 1 25.30 32.45 12.83
N ASP C 2 25.92 31.86 13.85
CA ASP C 2 27.34 32.06 14.12
C ASP C 2 28.05 30.72 14.02
N ALA C 3 28.95 30.60 13.04
CA ALA C 3 29.72 29.37 12.85
C ALA C 3 30.66 29.10 14.00
N GLU C 4 31.22 30.16 14.61
CA GLU C 4 32.15 29.99 15.72
C GLU C 4 31.48 29.39 16.96
N GLY C 5 30.17 29.53 17.10
CA GLY C 5 29.46 28.97 18.24
C GLY C 5 29.19 27.48 18.11
N LEU C 6 29.17 26.95 16.89
CA LEU C 6 28.80 25.56 16.68
C LEU C 6 29.70 24.59 17.42
N ALA C 7 30.95 24.96 17.69
CA ALA C 7 31.87 24.04 18.38
C ALA C 7 31.30 23.56 19.72
N LEU C 8 30.50 24.40 20.38
CA LEU C 8 29.92 24.05 21.67
C LEU C 8 29.01 22.82 21.60
N LEU C 9 28.55 22.44 20.41
CA LEU C 9 27.73 21.26 20.22
C LEU C 9 28.50 19.96 20.40
N LEU C 10 29.82 20.01 20.42
CA LEU C 10 30.64 18.81 20.42
C LEU C 10 31.05 18.47 21.84
N PRO C 11 30.50 17.42 22.46
CA PRO C 11 30.91 17.08 23.84
C PRO C 11 32.34 16.60 23.86
N PRO C 12 33.15 17.13 24.80
CA PRO C 12 34.61 16.91 24.71
C PRO C 12 35.05 15.47 24.94
N VAL C 13 34.29 14.68 25.70
CA VAL C 13 34.65 13.27 25.89
C VAL C 13 34.63 12.54 24.56
N THR C 14 33.51 12.60 23.84
CA THR C 14 33.42 11.98 22.52
C THR C 14 34.54 12.41 21.59
N LEU C 15 34.89 13.70 21.59
CA LEU C 15 35.96 14.17 20.73
C LEU C 15 37.25 13.39 20.97
N ALA C 16 37.62 13.24 22.25
CA ALA C 16 38.86 12.55 22.57
C ALA C 16 38.85 11.11 22.09
N ALA C 17 37.75 10.39 22.32
CA ALA C 17 37.72 8.96 21.99
C ALA C 17 37.76 8.76 20.48
N LEU C 18 36.93 9.51 19.77
CA LEU C 18 36.92 9.51 18.31
C LEU C 18 38.30 9.86 17.73
N VAL C 19 38.90 10.94 18.25
CA VAL C 19 40.22 11.36 17.76
C VAL C 19 41.28 10.29 18.01
N ASP C 20 41.26 9.65 19.19
CA ASP C 20 42.24 8.60 19.45
C ASP C 20 42.01 7.40 18.56
N SER C 21 40.76 7.08 18.22
CA SER C 21 40.56 5.95 17.33
C SER C 21 41.09 6.24 15.93
N TRP C 22 41.07 7.50 15.50
CA TRP C 22 41.62 7.82 14.20
C TRP C 22 43.14 7.78 14.21
N LEU C 23 43.78 8.24 15.29
CA LEU C 23 45.24 8.16 15.35
C LEU C 23 45.70 6.71 15.35
N ARG C 24 45.00 5.85 16.10
CA ARG C 24 45.37 4.45 16.16
C ARG C 24 45.18 3.73 14.83
N GLU C 25 44.20 4.14 14.00
CA GLU C 25 44.03 3.52 12.69
C GLU C 25 45.23 3.80 11.78
N ASP C 26 45.76 5.03 11.81
CA ASP C 26 46.86 5.38 10.93
C ASP C 26 48.22 4.93 11.45
N CYS C 27 48.32 4.57 12.73
CA CYS C 27 49.57 4.07 13.30
C CYS C 27 49.28 3.09 14.43
N PRO C 28 49.06 1.81 14.09
CA PRO C 28 48.74 0.85 15.15
C PRO C 28 49.97 0.45 15.96
N GLY C 29 51.15 0.37 15.32
CA GLY C 29 52.34 -0.11 16.01
C GLY C 29 53.42 0.94 16.24
N LEU C 30 54.62 0.68 15.74
CA LEU C 30 55.71 1.64 15.87
C LEU C 30 55.66 2.68 14.75
N ASN C 31 55.99 3.93 15.09
CA ASN C 31 56.05 5.02 14.12
C ASN C 31 57.51 5.18 13.67
N TYR C 32 57.91 4.32 12.72
CA TYR C 32 59.32 4.28 12.29
C TYR C 32 59.79 5.64 11.79
N ALA C 33 58.93 6.37 11.06
CA ALA C 33 59.31 7.67 10.52
C ALA C 33 59.67 8.68 11.60
N ALA C 34 59.24 8.45 12.84
CA ALA C 34 59.59 9.39 13.91
C ALA C 34 61.10 9.55 14.03
N LEU C 35 61.86 8.49 13.74
CA LEU C 35 63.31 8.56 13.80
C LEU C 35 63.87 9.47 12.71
N VAL C 36 63.16 9.60 11.58
CA VAL C 36 63.65 10.41 10.48
C VAL C 36 63.57 11.89 10.81
N SER C 37 62.56 12.31 11.56
CA SER C 37 62.39 13.73 11.84
C SER C 37 62.95 14.14 13.20
N GLY C 38 62.91 13.26 14.18
CA GLY C 38 63.29 13.63 15.52
C GLY C 38 62.16 14.35 16.25
N ALA C 39 62.45 14.78 17.48
CA ALA C 39 61.45 15.36 18.36
C ALA C 39 61.66 16.86 18.63
N GLY C 40 62.53 17.53 17.89
CA GLY C 40 62.77 18.94 18.11
C GLY C 40 61.56 19.81 17.81
N PRO C 41 61.45 20.94 18.52
CA PRO C 41 60.31 21.84 18.31
C PRO C 41 60.23 22.27 16.85
N SER C 42 59.00 22.40 16.33
CA SER C 42 58.84 22.75 14.93
C SER C 42 57.58 23.60 14.77
N GLN C 43 57.37 24.07 13.54
CA GLN C 43 56.22 24.86 13.16
C GLN C 43 55.81 24.47 11.75
N ALA C 44 54.51 24.40 11.51
CA ALA C 44 54.01 24.07 10.19
C ALA C 44 52.83 24.98 9.88
N ALA C 45 52.72 25.36 8.62
CA ALA C 45 51.66 26.25 8.20
C ALA C 45 50.60 25.46 7.46
N LEU C 46 49.35 25.72 7.79
CA LEU C 46 48.23 25.08 7.10
C LEU C 46 47.85 25.93 5.90
N TRP C 47 47.77 25.30 4.73
CA TRP C 47 47.54 26.01 3.47
C TRP C 47 46.23 25.53 2.87
N ALA C 48 45.35 26.48 2.56
CA ALA C 48 44.13 26.20 1.85
C ALA C 48 44.37 26.44 0.37
N LYS C 49 44.15 25.41 -0.46
CA LYS C 49 44.37 25.49 -1.89
C LYS C 49 43.10 25.26 -2.70
N SER C 50 41.96 25.13 -2.04
CA SER C 50 40.65 25.00 -2.67
C SER C 50 39.80 26.19 -2.30
N PRO C 51 38.88 26.59 -3.17
CA PRO C 51 37.84 27.52 -2.73
C PRO C 51 36.77 26.78 -1.95
N GLY C 52 36.23 27.43 -0.93
CA GLY C 52 35.10 26.87 -0.24
C GLY C 52 34.90 27.52 1.12
N VAL C 53 34.43 26.70 2.06
CA VAL C 53 34.16 27.11 3.43
C VAL C 53 35.09 26.33 4.35
N LEU C 54 35.74 27.01 5.27
CA LEU C 54 36.54 26.34 6.28
C LEU C 54 35.65 25.72 7.36
N ALA C 55 35.77 24.41 7.58
CA ALA C 55 35.02 23.77 8.65
C ALA C 55 35.83 22.61 9.22
N GLY C 56 35.87 22.50 10.56
CA GLY C 56 36.51 21.38 11.23
C GLY C 56 37.59 21.72 12.25
N GLN C 57 37.73 23.00 12.57
CA GLN C 57 38.72 23.39 13.56
C GLN C 57 38.64 22.60 14.86
N PRO C 58 37.47 22.33 15.46
CA PRO C 58 37.48 21.55 16.73
C PRO C 58 38.06 20.15 16.57
N PHE C 59 37.89 19.52 15.42
CA PHE C 59 38.46 18.19 15.24
C PHE C 59 39.95 18.28 14.97
N PHE C 60 40.36 19.23 14.13
CA PHE C 60 41.76 19.50 13.87
C PHE C 60 42.50 19.83 15.17
N ASP C 61 41.92 20.71 15.98
CA ASP C 61 42.52 21.05 17.27
C ASP C 61 42.66 19.84 18.17
N ALA C 62 41.62 18.99 18.22
CA ALA C 62 41.62 17.91 19.21
C ALA C 62 42.64 16.84 18.85
N ILE C 63 42.80 16.57 17.55
CA ILE C 63 43.84 15.63 17.10
C ILE C 63 45.20 16.08 17.62
N PHE C 64 45.54 17.37 17.42
CA PHE C 64 46.84 17.87 17.81
C PHE C 64 46.98 18.09 19.30
N THR C 65 45.88 18.29 20.03
CA THR C 65 45.98 18.29 21.48
C THR C 65 46.36 16.91 22.01
N GLN C 66 45.77 15.85 21.45
CA GLN C 66 46.21 14.50 21.83
C GLN C 66 47.71 14.30 21.59
N LEU C 67 48.29 15.01 20.62
CA LEU C 67 49.70 14.84 20.26
C LEU C 67 50.58 15.97 20.81
N ASN C 68 50.12 16.69 21.85
CA ASN C 68 50.90 17.73 22.51
C ASN C 68 51.36 18.81 21.53
N CYS C 69 50.53 19.11 20.53
CA CYS C 69 50.78 20.21 19.60
C CYS C 69 49.71 21.28 19.76
N GLN C 70 50.03 22.50 19.31
CA GLN C 70 49.18 23.68 19.46
C GLN C 70 48.84 24.26 18.09
N VAL C 71 47.63 24.82 17.97
CA VAL C 71 47.15 25.37 16.70
C VAL C 71 46.78 26.83 16.89
N SER C 72 47.13 27.66 15.92
CA SER C 72 46.73 29.06 15.89
C SER C 72 46.06 29.35 14.56
N TRP C 73 44.80 29.73 14.61
CA TRP C 73 44.03 29.97 13.40
C TRP C 73 44.12 31.43 12.99
N PHE C 74 44.15 31.66 11.67
CA PHE C 74 44.16 32.99 11.10
C PHE C 74 42.84 33.30 10.40
N LEU C 75 41.92 32.35 10.37
CA LEU C 75 40.57 32.48 9.87
C LEU C 75 39.65 31.83 10.88
N PRO C 76 38.49 32.42 11.15
CA PRO C 76 37.54 31.78 12.05
C PRO C 76 36.82 30.65 11.32
N GLU C 77 36.05 29.89 12.09
CA GLU C 77 35.31 28.80 11.46
C GLU C 77 34.21 29.37 10.57
N GLY C 78 34.02 28.74 9.41
CA GLY C 78 33.02 29.16 8.45
C GLY C 78 33.51 30.24 7.50
N SER C 79 34.74 30.68 7.66
CA SER C 79 35.36 31.63 6.73
C SER C 79 35.29 31.13 5.28
N LYS C 80 35.18 32.08 4.34
CA LYS C 80 35.30 31.71 2.93
C LYS C 80 36.78 31.59 2.59
N LEU C 81 37.13 30.50 1.92
CA LEU C 81 38.51 30.23 1.57
C LEU C 81 38.78 30.72 0.16
N VAL C 82 39.70 31.66 0.03
CA VAL C 82 40.20 32.10 -1.27
C VAL C 82 41.64 31.62 -1.40
N PRO C 83 41.90 30.53 -2.14
CA PRO C 83 43.22 29.90 -2.26
C PRO C 83 44.20 30.77 -3.03
N VAL C 84 45.48 30.77 -2.71
CA VAL C 84 46.09 29.96 -1.69
C VAL C 84 46.22 30.73 -0.38
N ALA C 85 45.41 30.39 0.62
CA ALA C 85 45.40 31.11 1.89
C ALA C 85 46.17 30.35 2.96
N ARG C 86 46.78 31.09 3.89
CA ARG C 86 47.50 30.50 5.02
C ARG C 86 46.58 30.59 6.24
N VAL C 87 45.90 29.48 6.54
CA VAL C 87 44.79 29.52 7.47
C VAL C 87 45.18 29.25 8.91
N ALA C 88 46.29 28.55 9.16
CA ALA C 88 46.66 28.25 10.53
C ALA C 88 48.15 27.99 10.64
N GLU C 89 48.60 27.85 11.88
CA GLU C 89 49.97 27.43 12.17
C GLU C 89 49.92 26.42 13.32
N VAL C 90 50.66 25.33 13.19
CA VAL C 90 50.70 24.29 14.21
C VAL C 90 52.13 24.21 14.75
N ARG C 91 52.25 24.12 16.08
CA ARG C 91 53.53 24.09 16.76
C ARG C 91 53.58 22.85 17.65
N GLY C 92 54.74 22.20 17.68
CA GLY C 92 54.91 21.04 18.51
C GLY C 92 56.15 20.28 18.10
N PRO C 93 56.47 19.21 18.82
CA PRO C 93 57.58 18.35 18.41
C PRO C 93 57.43 17.89 16.97
N ALA C 94 58.55 17.84 16.26
CA ALA C 94 58.51 17.49 14.83
C ALA C 94 57.75 16.19 14.57
N HIS C 95 58.00 15.15 15.36
CA HIS C 95 57.41 13.88 15.01
C HIS C 95 55.92 13.87 15.28
N CYS C 96 55.47 14.63 16.28
CA CYS C 96 54.05 14.68 16.61
C CYS C 96 53.25 15.44 15.55
N LEU C 97 53.82 16.52 14.99
CA LEU C 97 53.18 17.19 13.86
C LEU C 97 52.96 16.23 12.70
N LEU C 98 54.00 15.49 12.33
CA LEU C 98 53.93 14.62 11.18
C LEU C 98 53.13 13.35 11.45
N LEU C 99 53.00 12.97 12.73
CA LEU C 99 52.12 11.88 13.11
C LEU C 99 50.65 12.26 12.93
N GLY C 100 50.30 13.52 13.11
CA GLY C 100 48.91 13.92 13.09
C GLY C 100 48.52 14.58 11.79
N GLU C 101 49.52 14.96 11.01
CA GLU C 101 49.31 15.68 9.76
C GLU C 101 48.18 15.04 8.93
N ARG C 102 48.32 13.76 8.58
CA ARG C 102 47.40 13.15 7.63
C ARG C 102 45.99 13.01 8.21
N VAL C 103 45.87 12.55 9.45
CA VAL C 103 44.55 12.41 10.06
C VAL C 103 43.85 13.76 10.12
N ALA C 104 44.57 14.80 10.55
CA ALA C 104 43.96 16.12 10.66
C ALA C 104 43.57 16.68 9.29
N LEU C 105 44.43 16.52 8.27
CA LEU C 105 44.10 17.04 6.95
C LEU C 105 42.93 16.27 6.34
N ASN C 106 42.91 14.94 6.51
CA ASN C 106 41.78 14.15 6.05
C ASN C 106 40.49 14.61 6.69
N THR C 107 40.52 14.91 8.00
CA THR C 107 39.34 15.41 8.69
C THR C 107 38.93 16.79 8.22
N LEU C 108 39.88 17.74 8.18
CA LEU C 108 39.54 19.09 7.74
C LEU C 108 39.05 19.11 6.30
N ALA C 109 39.65 18.28 5.44
CA ALA C 109 39.28 18.29 4.02
C ALA C 109 37.85 17.80 3.80
N ARG C 110 37.42 16.77 4.51
CA ARG C 110 36.06 16.29 4.31
C ARG C 110 35.05 17.25 4.95
N CYS C 111 35.35 17.69 6.17
CA CYS C 111 34.43 18.60 6.85
C CYS C 111 34.22 19.88 6.05
N SER C 112 35.31 20.49 5.56
CA SER C 112 35.20 21.69 4.74
C SER C 112 34.56 21.40 3.39
N GLY C 113 34.77 20.20 2.85
CA GLY C 113 34.08 19.83 1.61
C GLY C 113 32.57 19.78 1.79
N ILE C 114 32.11 19.20 2.90
CA ILE C 114 30.68 19.15 3.16
C ILE C 114 30.12 20.55 3.41
N ALA C 115 30.86 21.37 4.16
CA ALA C 115 30.41 22.74 4.43
C ALA C 115 30.35 23.56 3.15
N SER C 116 31.35 23.41 2.27
CA SER C 116 31.34 24.09 0.99
C SER C 116 30.12 23.71 0.18
N ALA C 117 29.83 22.40 0.08
CA ALA C 117 28.66 21.95 -0.67
C ALA C 117 27.38 22.49 -0.05
N ALA C 118 27.30 22.52 1.29
CA ALA C 118 26.11 23.05 1.93
C ALA C 118 25.94 24.53 1.62
N ALA C 119 27.03 25.31 1.72
CA ALA C 119 26.94 26.74 1.45
C ALA C 119 26.60 27.01 0.00
N ALA C 120 27.08 26.18 -0.93
CA ALA C 120 26.70 26.35 -2.32
C ALA C 120 25.20 26.15 -2.48
N ALA C 121 24.64 25.14 -1.80
CA ALA C 121 23.22 24.86 -1.95
C ALA C 121 22.38 25.98 -1.37
N VAL C 122 22.81 26.53 -0.23
CA VAL C 122 22.11 27.64 0.42
C VAL C 122 22.13 28.86 -0.49
N GLU C 123 23.27 29.12 -1.15
CA GLU C 123 23.35 30.27 -2.04
C GLU C 123 22.44 30.09 -3.25
N ALA C 124 22.39 28.87 -3.80
CA ALA C 124 21.47 28.60 -4.90
C ALA C 124 20.01 28.75 -4.47
N ALA C 125 19.67 28.21 -3.28
CA ALA C 125 18.30 28.36 -2.81
C ALA C 125 17.95 29.83 -2.61
N ARG C 126 18.90 30.60 -2.07
CA ARG C 126 18.64 32.01 -1.80
C ARG C 126 18.52 32.80 -3.11
N GLY C 127 19.23 32.36 -4.15
CA GLY C 127 19.10 32.96 -5.47
C GLY C 127 17.80 32.60 -6.17
N ALA C 128 17.06 31.59 -5.69
CA ALA C 128 15.72 31.30 -6.12
C ALA C 128 14.67 31.93 -5.21
N GLY C 129 15.08 32.79 -4.29
CA GLY C 129 14.16 33.43 -3.38
C GLY C 129 13.60 32.52 -2.30
N TRP C 130 14.31 31.44 -1.99
CA TRP C 130 13.87 30.47 -1.00
C TRP C 130 14.69 30.61 0.26
N THR C 131 14.01 30.68 1.41
CA THR C 131 14.69 30.81 2.70
C THR C 131 14.40 29.68 3.67
N GLY C 132 13.72 28.61 3.24
CA GLY C 132 13.58 27.42 4.04
C GLY C 132 14.92 26.82 4.42
N HIS C 133 14.89 25.64 5.02
CA HIS C 133 16.10 24.96 5.47
C HIS C 133 16.61 24.00 4.40
N VAL C 134 17.84 24.22 3.92
CA VAL C 134 18.56 23.16 3.23
C VAL C 134 19.09 22.20 4.29
N ALA C 135 18.95 20.90 4.06
CA ALA C 135 19.15 19.93 5.11
C ALA C 135 19.94 18.72 4.61
N GLY C 136 20.70 18.14 5.52
CA GLY C 136 21.39 16.91 5.27
C GLY C 136 20.48 15.71 5.48
N THR C 137 21.11 14.53 5.45
CA THR C 137 20.40 13.28 5.61
C THR C 137 21.23 12.39 6.53
N ARG C 138 20.81 11.13 6.67
CA ARG C 138 21.61 10.11 7.30
C ARG C 138 22.48 9.34 6.29
N LYS C 139 22.70 9.90 5.09
CA LYS C 139 23.64 9.29 4.15
C LYS C 139 25.04 9.82 4.43
N THR C 140 25.56 9.44 5.60
CA THR C 140 26.88 9.81 6.07
C THR C 140 27.83 8.61 6.05
N THR C 141 29.13 8.90 6.07
CA THR C 141 30.13 7.84 6.14
C THR C 141 30.08 7.19 7.53
N PRO C 142 29.94 5.87 7.61
CA PRO C 142 29.81 5.23 8.93
C PRO C 142 30.99 5.53 9.82
N GLY C 143 30.69 5.87 11.08
CA GLY C 143 31.69 6.25 12.04
C GLY C 143 32.15 7.68 11.96
N PHE C 144 31.75 8.43 10.93
CA PHE C 144 32.19 9.81 10.70
C PHE C 144 31.06 10.82 10.83
N ARG C 145 29.91 10.41 11.36
CA ARG C 145 28.72 11.26 11.33
C ARG C 145 28.89 12.55 12.11
N LEU C 146 29.62 12.51 13.24
CA LEU C 146 29.76 13.73 14.01
C LEU C 146 30.45 14.83 13.21
N VAL C 147 31.47 14.45 12.42
CA VAL C 147 32.18 15.44 11.61
C VAL C 147 31.30 15.93 10.47
N GLU C 148 30.54 15.02 9.86
CA GLU C 148 29.77 15.36 8.68
C GLU C 148 28.54 16.19 9.02
N LYS C 149 27.84 15.84 10.11
CA LYS C 149 26.71 16.67 10.54
C LYS C 149 27.18 18.05 11.00
N TYR C 150 28.30 18.09 11.70
CA TYR C 150 28.88 19.37 12.09
C TYR C 150 29.19 20.23 10.85
N GLY C 151 29.72 19.61 9.78
CA GLY C 151 30.09 20.38 8.61
C GLY C 151 28.89 20.96 7.90
N LEU C 152 27.77 20.23 7.89
CA LEU C 152 26.52 20.76 7.37
C LEU C 152 26.12 22.02 8.09
N LEU C 153 26.29 22.05 9.41
CA LEU C 153 25.89 23.23 10.15
C LEU C 153 26.79 24.42 9.83
N VAL C 154 28.11 24.22 9.86
CA VAL C 154 29.02 25.31 9.54
C VAL C 154 28.68 25.92 8.18
N GLY C 155 28.28 25.10 7.21
CA GLY C 155 27.96 25.60 5.89
C GLY C 155 26.62 26.28 5.73
N GLY C 156 25.79 26.26 6.77
CA GLY C 156 24.48 26.88 6.72
C GLY C 156 23.32 25.93 6.47
N ALA C 157 23.56 24.63 6.34
CA ALA C 157 22.48 23.67 6.23
C ALA C 157 21.98 23.23 7.61
N ALA C 158 20.75 22.75 7.65
CA ALA C 158 20.31 22.02 8.81
C ALA C 158 20.87 20.61 8.74
N SER C 159 21.15 20.04 9.91
CA SER C 159 21.66 18.69 9.96
C SER C 159 20.59 17.63 9.77
N HIS C 160 19.30 17.98 9.90
CA HIS C 160 18.22 17.00 10.02
C HIS C 160 18.46 16.14 11.27
N ARG C 161 17.64 15.11 11.50
CA ARG C 161 17.86 14.29 12.68
C ARG C 161 19.25 13.66 12.63
N TYR C 162 19.84 13.46 13.81
CA TYR C 162 21.18 12.93 13.92
C TYR C 162 21.23 11.40 13.76
N ASP C 163 20.22 10.70 14.27
CA ASP C 163 20.20 9.24 14.18
C ASP C 163 18.75 8.77 14.31
N LEU C 164 18.56 7.46 14.46
CA LEU C 164 17.23 6.90 14.63
C LEU C 164 16.59 7.25 15.98
N GLY C 165 17.18 8.13 16.81
CA GLY C 165 16.58 8.48 18.08
C GLY C 165 15.96 9.87 18.13
N GLY C 166 16.21 10.69 17.11
CA GLY C 166 15.83 12.09 17.18
C GLY C 166 14.40 12.41 16.77
N LEU C 167 13.82 11.58 15.92
CA LEU C 167 12.49 11.88 15.37
C LEU C 167 12.05 10.64 14.61
N VAL C 168 10.82 10.20 14.82
CA VAL C 168 10.34 8.95 14.27
C VAL C 168 9.99 9.18 12.81
N MET C 169 10.69 8.50 11.91
CA MET C 169 10.54 8.73 10.49
C MET C 169 9.94 7.50 9.82
N VAL C 170 8.72 7.63 9.35
CA VAL C 170 8.02 6.54 8.67
C VAL C 170 8.41 6.57 7.21
N LYS C 171 9.06 5.52 6.75
CA LYS C 171 9.52 5.45 5.37
C LYS C 171 8.66 4.47 4.57
N ASP C 172 8.94 4.46 3.25
CA ASP C 172 8.27 3.54 2.34
C ASP C 172 8.24 2.12 2.89
N ASN C 173 9.38 1.64 3.37
CA ASN C 173 9.45 0.28 3.90
C ASN C 173 8.59 0.11 5.15
N HIS C 174 8.59 1.09 6.04
CA HIS C 174 7.70 1.03 7.20
C HIS C 174 6.25 0.90 6.77
N VAL C 175 5.83 1.72 5.80
CA VAL C 175 4.45 1.66 5.31
C VAL C 175 4.12 0.27 4.82
N VAL C 176 4.98 -0.30 3.96
CA VAL C 176 4.77 -1.66 3.45
C VAL C 176 4.65 -2.65 4.61
N ALA C 177 5.62 -2.63 5.52
CA ALA C 177 5.61 -3.55 6.65
C ALA C 177 4.39 -3.35 7.54
N ALA C 178 3.98 -2.11 7.77
CA ALA C 178 2.83 -1.88 8.63
C ALA C 178 1.52 -2.23 7.94
N GLY C 179 1.55 -2.54 6.63
CA GLY C 179 0.33 -2.78 5.90
C GLY C 179 -0.47 -1.55 5.52
N GLY C 180 0.12 -0.36 5.56
CA GLY C 180 -0.54 0.82 5.05
C GLY C 180 -0.18 2.06 5.85
N VAL C 181 -0.35 3.22 5.23
CA VAL C 181 0.15 4.46 5.80
C VAL C 181 -0.59 4.83 7.08
N GLU C 182 -1.90 4.59 7.15
CA GLU C 182 -2.66 4.98 8.35
C GLU C 182 -2.21 4.17 9.56
N LYS C 183 -1.96 2.87 9.36
CA LYS C 183 -1.47 2.02 10.44
C LYS C 183 -0.07 2.42 10.87
N ALA C 184 0.77 2.77 9.89
CA ALA C 184 2.16 3.15 10.18
C ALA C 184 2.22 4.43 11.00
N VAL C 185 1.53 5.50 10.59
CA VAL C 185 1.75 6.72 11.35
C VAL C 185 1.00 6.66 12.68
N ARG C 186 -0.10 5.92 12.74
CA ARG C 186 -0.73 5.66 14.04
C ARG C 186 0.24 4.97 14.99
N ALA C 187 0.92 3.92 14.52
CA ALA C 187 1.93 3.28 15.34
C ALA C 187 3.07 4.26 15.68
N ALA C 188 3.52 5.02 14.68
CA ALA C 188 4.58 5.99 14.89
C ALA C 188 4.20 7.01 15.95
N ARG C 189 2.97 7.42 15.93
CA ARG C 189 2.39 8.39 16.84
C ARG C 189 2.37 7.88 18.28
N GLN C 190 2.24 6.66 18.40
CA GLN C 190 2.21 6.03 19.70
C GLN C 190 3.61 5.92 20.29
N ALA C 191 4.60 5.60 19.45
CA ALA C 191 6.01 5.39 19.83
C ALA C 191 6.48 6.63 20.55
N ALA C 192 6.25 7.82 20.07
CA ALA C 192 6.42 8.90 21.02
C ALA C 192 5.55 10.16 21.04
N ASP C 193 4.28 10.08 21.46
CA ASP C 193 3.28 11.13 21.13
C ASP C 193 3.80 12.41 21.66
N PHE C 194 4.21 12.39 22.90
CA PHE C 194 4.86 13.52 23.46
C PHE C 194 6.19 12.81 23.70
N ALA C 195 7.25 13.54 23.46
CA ALA C 195 7.29 14.43 22.40
C ALA C 195 8.57 14.29 21.60
N LEU C 196 8.36 13.64 20.48
CA LEU C 196 9.18 13.56 19.35
C LEU C 196 8.19 13.87 18.24
N LYS C 197 8.77 14.26 17.23
CA LYS C 197 7.99 14.51 16.02
C LYS C 197 7.94 13.24 15.16
N VAL C 198 6.99 13.23 14.28
CA VAL C 198 6.75 12.14 13.35
C VAL C 198 6.79 12.73 11.95
N GLU C 199 7.74 12.28 11.14
CA GLU C 199 7.79 12.61 9.73
C GLU C 199 7.43 11.37 8.91
N VAL C 200 6.62 11.57 7.86
CA VAL C 200 6.20 10.49 6.98
C VAL C 200 6.70 10.78 5.55
N GLU C 201 7.28 9.76 4.93
CA GLU C 201 7.81 9.84 3.59
C GLU C 201 6.70 9.39 2.63
N CYS C 202 6.32 10.25 1.68
CA CYS C 202 5.15 10.00 0.84
C CYS C 202 5.49 10.20 -0.63
N SER C 203 4.97 9.31 -1.47
CA SER C 203 5.24 9.35 -2.90
C SER C 203 4.07 9.88 -3.71
N SER C 204 2.97 10.25 -3.06
CA SER C 204 1.80 10.75 -3.75
C SER C 204 1.06 11.74 -2.85
N LEU C 205 0.25 12.60 -3.49
CA LEU C 205 -0.59 13.52 -2.76
C LEU C 205 -1.55 12.79 -1.82
N GLN C 206 -2.14 11.68 -2.27
CA GLN C 206 -3.11 10.97 -1.44
C GLN C 206 -2.44 10.39 -0.19
N GLU C 207 -1.24 9.82 -0.35
CA GLU C 207 -0.50 9.32 0.80
C GLU C 207 -0.16 10.45 1.76
N ALA C 208 0.12 11.64 1.22
CA ALA C 208 0.56 12.76 2.05
C ALA C 208 -0.60 13.30 2.87
N VAL C 209 -1.78 13.41 2.24
CA VAL C 209 -2.98 13.85 2.94
C VAL C 209 -3.32 12.88 4.06
N GLN C 210 -3.26 11.59 3.78
CA GLN C 210 -3.50 10.60 4.82
C GLN C 210 -2.48 10.72 5.95
N ALA C 211 -1.19 10.81 5.60
CA ALA C 211 -0.17 10.98 6.64
C ALA C 211 -0.48 12.21 7.50
N ALA C 212 -0.85 13.32 6.84
CA ALA C 212 -1.23 14.53 7.57
C ALA C 212 -2.50 14.30 8.39
N GLU C 213 -3.54 13.70 7.79
CA GLU C 213 -4.79 13.51 8.51
C GLU C 213 -4.60 12.62 9.72
N ALA C 214 -3.63 11.71 9.67
CA ALA C 214 -3.38 10.76 10.73
C ALA C 214 -2.39 11.26 11.76
N GLY C 215 -1.90 12.51 11.64
CA GLY C 215 -1.11 13.13 12.70
C GLY C 215 0.35 13.51 12.44
N ALA C 216 0.84 13.39 11.22
CA ALA C 216 2.25 13.65 10.97
C ALA C 216 2.58 15.11 11.24
N ASP C 217 3.74 15.35 11.84
CA ASP C 217 4.23 16.71 12.04
C ASP C 217 4.91 17.27 10.79
N LEU C 218 5.54 16.38 10.01
CA LEU C 218 6.23 16.72 8.78
C LEU C 218 5.84 15.72 7.71
N VAL C 219 5.62 16.19 6.50
CA VAL C 219 5.40 15.32 5.36
C VAL C 219 6.56 15.53 4.40
N LEU C 220 7.22 14.44 4.05
CA LEU C 220 8.32 14.44 3.10
C LEU C 220 7.81 13.91 1.76
N LEU C 221 7.75 14.78 0.77
CA LEU C 221 7.39 14.39 -0.60
C LEU C 221 8.66 13.87 -1.28
N ASP C 222 8.70 12.57 -1.56
CA ASP C 222 9.92 11.91 -2.01
C ASP C 222 9.85 11.64 -3.51
N ASN C 223 10.80 12.24 -4.27
CA ASN C 223 11.02 11.96 -5.69
C ASN C 223 9.86 12.41 -6.57
N PHE C 224 9.28 13.56 -6.23
CA PHE C 224 8.26 14.17 -7.08
C PHE C 224 8.94 14.89 -8.24
N LYS C 225 8.24 14.95 -9.37
CA LYS C 225 8.60 15.97 -10.36
C LYS C 225 8.28 17.34 -9.77
N PRO C 226 9.15 18.33 -9.95
CA PRO C 226 8.80 19.71 -9.55
C PRO C 226 7.40 20.14 -9.98
N GLU C 227 6.92 19.68 -11.14
CA GLU C 227 5.60 20.09 -11.62
C GLU C 227 4.48 19.55 -10.73
N GLU C 228 4.63 18.33 -10.20
CA GLU C 228 3.64 17.80 -9.28
C GLU C 228 3.97 18.11 -7.82
N LEU C 229 5.22 18.45 -7.53
CA LEU C 229 5.63 18.69 -6.15
C LEU C 229 4.94 19.94 -5.60
N HIS C 230 4.97 21.03 -6.35
CA HIS C 230 4.54 22.31 -5.81
C HIS C 230 3.02 22.40 -5.66
N PRO C 231 2.20 21.93 -6.62
CA PRO C 231 0.77 21.82 -6.35
C PRO C 231 0.46 20.95 -5.15
N THR C 232 1.25 19.89 -4.92
CA THR C 232 1.01 19.01 -3.78
C THR C 232 1.23 19.74 -2.46
N ALA C 233 2.37 20.42 -2.33
CA ALA C 233 2.64 21.19 -1.13
C ALA C 233 1.57 22.24 -0.89
N THR C 234 1.11 22.89 -1.97
CA THR C 234 0.13 23.96 -1.85
C THR C 234 -1.16 23.43 -1.27
N VAL C 235 -1.55 22.24 -1.67
CA VAL C 235 -2.72 21.57 -1.11
C VAL C 235 -2.51 21.25 0.36
N LEU C 236 -1.33 20.71 0.71
CA LEU C 236 -1.08 20.34 2.10
C LEU C 236 -1.04 21.56 3.00
N LYS C 237 -0.37 22.63 2.58
CA LYS C 237 -0.34 23.84 3.39
C LYS C 237 -1.73 24.42 3.60
N ALA C 238 -2.57 24.39 2.57
CA ALA C 238 -3.92 24.93 2.69
C ALA C 238 -4.78 24.08 3.63
N GLN C 239 -4.78 22.76 3.45
CA GLN C 239 -5.62 21.95 4.35
C GLN C 239 -4.96 21.59 5.67
N PHE C 240 -3.64 21.67 5.80
CA PHE C 240 -2.95 21.38 7.06
C PHE C 240 -1.86 22.40 7.30
N PRO C 241 -2.24 23.63 7.70
CA PRO C 241 -1.24 24.70 7.82
C PRO C 241 -0.15 24.46 8.86
N SER C 242 -0.36 23.61 9.85
CA SER C 242 0.68 23.41 10.84
C SER C 242 1.67 22.30 10.49
N VAL C 243 1.46 21.58 9.39
CA VAL C 243 2.35 20.49 9.03
C VAL C 243 3.46 21.03 8.13
N ALA C 244 4.70 20.70 8.47
CA ALA C 244 5.84 21.10 7.66
C ALA C 244 5.99 20.19 6.46
N VAL C 245 6.48 20.74 5.35
CA VAL C 245 6.58 20.01 4.10
C VAL C 245 8.04 19.98 3.69
N GLU C 246 8.55 18.77 3.46
CA GLU C 246 9.91 18.55 3.03
C GLU C 246 9.92 17.95 1.63
N ALA C 247 10.86 18.40 0.81
CA ALA C 247 11.11 17.84 -0.50
C ALA C 247 12.46 17.14 -0.49
N SER C 248 12.51 15.93 -1.08
CA SER C 248 13.72 15.12 -1.04
C SER C 248 13.69 14.14 -2.19
N GLY C 249 14.87 13.77 -2.68
CA GLY C 249 14.95 12.78 -3.72
C GLY C 249 15.56 13.32 -4.99
N GLY C 250 16.84 13.06 -5.20
CA GLY C 250 17.49 13.47 -6.42
C GLY C 250 17.79 14.94 -6.51
N ILE C 251 17.72 15.68 -5.41
CA ILE C 251 17.90 17.12 -5.47
C ILE C 251 19.40 17.44 -5.45
N THR C 252 19.86 18.15 -6.46
CA THR C 252 21.26 18.51 -6.63
C THR C 252 21.41 20.03 -6.67
N LEU C 253 22.64 20.52 -6.52
CA LEU C 253 22.86 21.96 -6.66
C LEU C 253 22.32 22.46 -7.98
N ASP C 254 22.53 21.71 -9.06
CA ASP C 254 22.10 22.21 -10.36
C ASP C 254 20.58 22.19 -10.54
N ASN C 255 19.85 21.25 -9.94
CA ASN C 255 18.41 21.28 -10.07
C ASN C 255 17.69 21.90 -8.86
N LEU C 256 18.43 22.23 -7.81
CA LEU C 256 17.84 22.73 -6.57
C LEU C 256 16.81 23.84 -6.77
N PRO C 257 17.02 24.86 -7.62
CA PRO C 257 16.02 25.94 -7.72
C PRO C 257 14.64 25.49 -8.16
N GLN C 258 14.54 24.43 -8.95
CA GLN C 258 13.22 23.95 -9.34
C GLN C 258 12.45 23.38 -8.17
N PHE C 259 13.14 23.04 -7.08
CA PHE C 259 12.45 22.43 -5.95
C PHE C 259 12.09 23.45 -4.89
N CYS C 260 12.60 24.66 -5.01
CA CYS C 260 12.23 25.76 -4.13
C CYS C 260 10.87 26.31 -4.50
N GLY C 261 10.05 26.54 -3.48
CA GLY C 261 8.70 26.96 -3.64
C GLY C 261 8.14 27.45 -2.32
N PRO C 262 7.15 28.33 -2.40
CA PRO C 262 6.65 28.97 -1.18
C PRO C 262 6.04 27.99 -0.18
N HIS C 263 5.69 26.78 -0.59
CA HIS C 263 5.08 25.85 0.35
C HIS C 263 5.99 24.66 0.68
N ILE C 264 7.28 24.75 0.34
CA ILE C 264 8.32 23.83 0.79
C ILE C 264 9.05 24.49 1.95
N ASP C 265 9.12 23.81 3.09
CA ASP C 265 9.83 24.32 4.26
C ASP C 265 11.26 23.81 4.33
N VAL C 266 11.49 22.55 3.98
CA VAL C 266 12.76 21.87 4.11
C VAL C 266 13.10 21.21 2.78
N ILE C 267 14.32 21.40 2.31
CA ILE C 267 14.83 20.67 1.15
C ILE C 267 16.08 19.92 1.60
N SER C 268 16.03 18.59 1.56
CA SER C 268 17.18 17.81 2.01
C SER C 268 17.85 17.09 0.85
N MET C 269 19.18 16.95 0.96
CA MET C 269 20.00 16.50 -0.16
C MET C 269 21.02 15.48 0.32
N GLY C 270 20.86 14.24 -0.15
CA GLY C 270 21.90 13.23 0.02
C GLY C 270 23.26 13.67 -0.50
N MET C 271 23.28 14.37 -1.63
CA MET C 271 24.55 14.70 -2.26
C MET C 271 25.44 15.57 -1.37
N LEU C 272 24.87 16.27 -0.39
CA LEU C 272 25.69 17.15 0.46
C LEU C 272 26.72 16.36 1.26
N THR C 273 26.45 15.09 1.58
CA THR C 273 27.44 14.27 2.24
C THR C 273 27.92 13.06 1.42
N GLN C 274 27.32 12.77 0.27
CA GLN C 274 27.75 11.66 -0.56
C GLN C 274 28.47 12.06 -1.85
N ALA C 275 28.27 13.26 -2.37
CA ALA C 275 28.96 13.67 -3.58
C ALA C 275 29.70 14.98 -3.37
N ALA C 276 30.17 15.23 -2.14
CA ALA C 276 30.85 16.48 -1.87
C ALA C 276 32.35 16.23 -1.85
N PRO C 277 33.08 16.63 -2.89
CA PRO C 277 34.53 16.36 -2.90
C PRO C 277 35.23 17.14 -1.79
N ALA C 278 36.27 16.54 -1.21
CA ALA C 278 37.03 17.22 -0.18
C ALA C 278 37.84 18.38 -0.76
N LEU C 279 38.24 19.29 0.12
CA LEU C 279 39.07 20.42 -0.26
C LEU C 279 40.54 20.03 -0.15
N ASP C 280 41.40 20.83 -0.77
CA ASP C 280 42.83 20.56 -0.77
C ASP C 280 43.49 21.42 0.30
N PHE C 281 44.02 20.76 1.34
CA PHE C 281 44.83 21.38 2.36
C PHE C 281 46.17 20.66 2.41
N SER C 282 47.22 21.43 2.70
CA SER C 282 48.55 20.88 2.93
C SER C 282 49.13 21.47 4.20
N LEU C 283 50.09 20.75 4.78
CA LEU C 283 50.73 21.17 6.03
C LEU C 283 52.24 21.08 5.83
N LYS C 284 52.91 22.23 5.78
CA LYS C 284 54.34 22.27 5.44
C LYS C 284 55.14 22.81 6.62
N LEU C 285 56.04 21.97 7.13
CA LEU C 285 57.06 22.41 8.08
C LEU C 285 57.87 23.56 7.51
N PHE C 286 58.17 24.54 8.36
CA PHE C 286 59.06 25.63 7.95
C PHE C 286 60.05 25.94 9.07
N ALA C 287 61.09 26.70 8.71
CA ALA C 287 62.27 26.92 9.53
C ALA C 287 62.26 28.33 10.16
N LYS C 288 63.44 28.82 10.56
CA LYS C 288 63.53 29.88 11.55
C LYS C 288 62.93 31.21 11.07
N GLU C 289 63.49 31.80 10.03
CA GLU C 289 63.20 33.19 9.67
C GLU C 289 62.80 33.37 8.21
N MET D 1 43.87 -10.81 -8.17
CA MET D 1 43.25 -10.92 -9.49
C MET D 1 41.72 -11.00 -9.39
N ASP D 2 41.20 -12.12 -8.89
CA ASP D 2 39.75 -12.29 -8.81
C ASP D 2 39.20 -11.53 -7.61
N ALA D 3 38.31 -10.57 -7.89
CA ALA D 3 37.77 -9.70 -6.83
C ALA D 3 36.96 -10.50 -5.81
N GLU D 4 36.41 -11.66 -6.19
CA GLU D 4 35.68 -12.49 -5.25
C GLU D 4 36.59 -13.07 -4.17
N GLY D 5 37.89 -13.22 -4.45
CA GLY D 5 38.80 -13.72 -3.43
C GLY D 5 39.14 -12.69 -2.36
N LEU D 6 39.06 -11.40 -2.68
CA LEU D 6 39.56 -10.35 -1.78
C LEU D 6 38.92 -10.36 -0.40
N ALA D 7 37.75 -10.99 -0.24
CA ALA D 7 37.12 -10.97 1.08
C ALA D 7 37.94 -11.74 2.11
N LEU D 8 38.74 -12.71 1.66
CA LEU D 8 39.67 -13.39 2.54
C LEU D 8 40.59 -12.44 3.29
N LEU D 9 40.88 -11.26 2.72
CA LEU D 9 41.74 -10.27 3.38
C LEU D 9 41.19 -9.74 4.69
N LEU D 10 39.88 -9.81 4.90
CA LEU D 10 39.25 -9.12 6.01
C LEU D 10 39.19 -10.03 7.22
N PRO D 11 39.94 -9.76 8.29
CA PRO D 11 39.82 -10.59 9.52
C PRO D 11 38.44 -10.41 10.13
N PRO D 12 37.74 -11.50 10.45
CA PRO D 12 36.35 -11.37 10.93
C PRO D 12 36.22 -10.76 12.33
N VAL D 13 37.28 -10.79 13.15
CA VAL D 13 37.27 -10.11 14.45
C VAL D 13 37.10 -8.61 14.26
N THR D 14 37.81 -8.04 13.27
CA THR D 14 37.73 -6.61 13.00
C THR D 14 36.38 -6.22 12.40
N LEU D 15 35.83 -7.05 11.50
CA LEU D 15 34.55 -6.69 10.90
C LEU D 15 33.48 -6.53 11.94
N ALA D 16 33.42 -7.44 12.90
CA ALA D 16 32.34 -7.38 13.88
C ALA D 16 32.42 -6.11 14.71
N ALA D 17 33.64 -5.69 15.08
CA ALA D 17 33.81 -4.54 15.97
C ALA D 17 33.53 -3.22 15.25
N LEU D 18 34.05 -3.09 14.02
CA LEU D 18 33.70 -1.98 13.13
C LEU D 18 32.19 -1.86 12.97
N VAL D 19 31.56 -2.96 12.58
CA VAL D 19 30.13 -2.98 12.31
C VAL D 19 29.34 -2.61 13.56
N ASP D 20 29.74 -3.14 14.71
CA ASP D 20 29.05 -2.80 15.95
C ASP D 20 29.12 -1.30 16.23
N SER D 21 30.27 -0.67 16.01
CA SER D 21 30.37 0.77 16.27
C SER D 21 29.48 1.58 15.33
N TRP D 22 29.38 1.18 14.05
CA TRP D 22 28.50 1.87 13.10
C TRP D 22 27.04 1.72 13.49
N LEU D 23 26.60 0.50 13.84
CA LEU D 23 25.21 0.34 14.26
C LEU D 23 24.91 1.20 15.47
N ARG D 24 25.80 1.22 16.44
CA ARG D 24 25.59 1.99 17.67
C ARG D 24 25.57 3.48 17.38
N GLU D 25 26.34 3.93 16.38
CA GLU D 25 26.27 5.33 15.96
C GLU D 25 24.90 5.69 15.43
N ASP D 26 24.25 4.77 14.73
CA ASP D 26 22.99 5.10 14.07
C ASP D 26 21.79 4.94 14.99
N CYS D 27 21.95 4.23 16.10
CA CYS D 27 20.87 4.05 17.07
C CYS D 27 21.44 3.79 18.45
N PRO D 28 21.80 4.86 19.19
CA PRO D 28 22.46 4.65 20.49
C PRO D 28 21.50 4.31 21.62
N GLY D 29 20.21 4.62 21.50
CA GLY D 29 19.26 4.23 22.53
C GLY D 29 18.11 3.35 22.05
N LEU D 30 16.88 3.78 22.31
CA LEU D 30 15.70 3.04 21.87
C LEU D 30 15.42 3.27 20.38
N ASN D 31 15.08 2.19 19.68
CA ASN D 31 14.77 2.25 18.25
C ASN D 31 13.25 2.34 18.10
N TYR D 32 12.74 3.57 18.14
CA TYR D 32 11.28 3.76 18.18
C TYR D 32 10.61 3.21 16.93
N ALA D 33 11.26 3.28 15.77
CA ALA D 33 10.61 2.86 14.54
C ALA D 33 10.36 1.36 14.51
N ALA D 34 10.95 0.59 15.42
CA ALA D 34 10.73 -0.85 15.40
C ALA D 34 9.26 -1.16 15.68
N LEU D 35 8.57 -0.30 16.43
CA LEU D 35 7.17 -0.53 16.73
C LEU D 35 6.27 -0.25 15.53
N VAL D 36 6.78 0.46 14.53
CA VAL D 36 5.97 0.77 13.37
C VAL D 36 5.95 -0.42 12.44
N SER D 37 7.07 -1.14 12.32
CA SER D 37 7.17 -2.27 11.39
C SER D 37 6.89 -3.61 12.05
N GLY D 38 7.08 -3.74 13.36
CA GLY D 38 6.97 -5.03 14.01
C GLY D 38 8.12 -5.93 13.60
N ALA D 39 8.10 -7.15 14.13
CA ALA D 39 9.23 -8.08 14.01
C ALA D 39 8.96 -9.26 13.08
N GLY D 40 7.85 -9.26 12.33
CA GLY D 40 7.51 -10.38 11.49
C GLY D 40 8.56 -10.61 10.43
N PRO D 41 8.60 -11.84 9.87
CA PRO D 41 9.62 -12.15 8.86
C PRO D 41 9.38 -11.40 7.57
N SER D 42 10.45 -10.89 6.97
CA SER D 42 10.25 -10.04 5.81
C SER D 42 11.43 -10.20 4.84
N GLN D 43 11.36 -9.45 3.74
CA GLN D 43 12.31 -9.57 2.64
C GLN D 43 12.46 -8.21 2.00
N ALA D 44 13.67 -7.93 1.52
CA ALA D 44 13.90 -6.67 0.83
C ALA D 44 14.83 -6.89 -0.36
N ALA D 45 14.59 -6.13 -1.42
CA ALA D 45 15.42 -6.21 -2.61
C ALA D 45 16.43 -5.09 -2.60
N LEU D 46 17.67 -5.43 -3.00
CA LEU D 46 18.74 -4.46 -3.12
C LEU D 46 18.90 -4.11 -4.59
N TRP D 47 18.74 -2.83 -4.93
CA TRP D 47 18.80 -2.35 -6.30
C TRP D 47 19.99 -1.45 -6.51
N ALA D 48 20.71 -1.68 -7.60
CA ALA D 48 21.77 -0.78 -8.05
C ALA D 48 21.18 0.14 -9.11
N LYS D 49 21.22 1.44 -8.85
CA LYS D 49 20.69 2.42 -9.78
C LYS D 49 21.77 3.36 -10.31
N SER D 50 23.03 3.03 -10.11
CA SER D 50 24.17 3.74 -10.64
C SER D 50 25.06 2.77 -11.40
N PRO D 51 25.76 3.22 -12.42
CA PRO D 51 26.77 2.37 -13.06
C PRO D 51 28.06 2.36 -12.24
N GLY D 52 28.84 1.32 -12.44
CA GLY D 52 30.13 1.22 -11.78
C GLY D 52 30.45 -0.25 -11.43
N VAL D 53 31.14 -0.41 -10.30
CA VAL D 53 31.57 -1.72 -9.82
C VAL D 53 30.98 -1.99 -8.43
N LEU D 54 30.46 -3.19 -8.23
CA LEU D 54 29.96 -3.60 -6.93
C LEU D 54 31.13 -3.95 -6.00
N ALA D 55 31.16 -3.33 -4.82
CA ALA D 55 32.20 -3.60 -3.84
C ALA D 55 31.66 -3.35 -2.44
N GLY D 56 32.05 -4.21 -1.50
CA GLY D 56 31.65 -4.09 -0.12
C GLY D 56 30.70 -5.17 0.39
N GLN D 57 30.49 -6.24 -0.37
CA GLN D 57 29.63 -7.34 0.09
C GLN D 57 29.98 -7.86 1.48
N PRO D 58 31.26 -8.09 1.82
CA PRO D 58 31.57 -8.55 3.19
C PRO D 58 31.15 -7.59 4.31
N PHE D 59 31.22 -6.28 4.09
CA PHE D 59 30.75 -5.37 5.13
C PHE D 59 29.23 -5.37 5.22
N PHE D 60 28.57 -5.45 4.07
CA PHE D 60 27.11 -5.51 4.00
C PHE D 60 26.57 -6.76 4.71
N ASP D 61 27.12 -7.93 4.37
CA ASP D 61 26.78 -9.17 5.08
C ASP D 61 26.97 -9.03 6.59
N ALA D 62 28.10 -8.45 7.00
CA ALA D 62 28.45 -8.42 8.41
C ALA D 62 27.46 -7.57 9.20
N ILE D 63 27.08 -6.40 8.66
CA ILE D 63 26.06 -5.59 9.28
C ILE D 63 24.79 -6.41 9.52
N PHE D 64 24.26 -7.03 8.48
CA PHE D 64 22.98 -7.71 8.67
C PHE D 64 23.13 -8.96 9.53
N THR D 65 24.25 -9.68 9.39
CA THR D 65 24.52 -10.85 10.22
C THR D 65 24.47 -10.51 11.70
N GLN D 66 24.97 -9.33 12.07
CA GLN D 66 24.86 -8.84 13.44
C GLN D 66 23.41 -8.59 13.86
N LEU D 67 22.48 -8.49 12.90
CA LEU D 67 21.08 -8.24 13.21
C LEU D 67 20.21 -9.45 12.89
N ASN D 68 20.80 -10.63 12.75
CA ASN D 68 20.08 -11.88 12.45
C ASN D 68 19.29 -11.77 11.15
N CYS D 69 19.93 -11.21 10.13
CA CYS D 69 19.41 -11.22 8.77
C CYS D 69 20.42 -11.88 7.87
N GLN D 70 19.91 -12.46 6.79
CA GLN D 70 20.69 -13.16 5.77
C GLN D 70 20.64 -12.39 4.47
N VAL D 71 21.71 -12.46 3.69
CA VAL D 71 21.83 -11.78 2.41
C VAL D 71 22.12 -12.81 1.34
N SER D 72 21.37 -12.76 0.24
CA SER D 72 21.61 -13.60 -0.94
C SER D 72 22.05 -12.70 -2.08
N TRP D 73 23.29 -12.88 -2.54
CA TRP D 73 23.82 -12.04 -3.60
C TRP D 73 23.50 -12.66 -4.97
N PHE D 74 23.05 -11.82 -5.90
CA PHE D 74 22.75 -12.26 -7.26
C PHE D 74 23.84 -11.85 -8.25
N LEU D 75 24.81 -11.07 -7.81
CA LEU D 75 26.02 -10.68 -8.53
C LEU D 75 27.23 -10.91 -7.64
N PRO D 76 28.36 -11.27 -8.22
CA PRO D 76 29.57 -11.46 -7.41
C PRO D 76 30.23 -10.12 -7.07
N GLU D 77 31.04 -10.15 -6.01
CA GLU D 77 31.85 -8.99 -5.69
C GLU D 77 32.71 -8.62 -6.90
N GLY D 78 32.73 -7.33 -7.24
CA GLY D 78 33.49 -6.83 -8.36
C GLY D 78 32.73 -6.69 -9.68
N SER D 79 31.44 -7.05 -9.73
CA SER D 79 30.71 -7.04 -10.99
C SER D 79 30.54 -5.62 -11.52
N LYS D 80 30.48 -5.49 -12.85
CA LYS D 80 29.97 -4.26 -13.45
C LYS D 80 28.49 -4.12 -13.16
N LEU D 81 28.09 -2.92 -12.73
CA LEU D 81 26.72 -2.62 -12.40
C LEU D 81 26.11 -1.89 -13.59
N VAL D 82 25.16 -2.54 -14.25
CA VAL D 82 24.41 -1.88 -15.30
C VAL D 82 23.01 -1.61 -14.73
N PRO D 83 22.72 -0.38 -14.31
CA PRO D 83 21.41 -0.03 -13.74
C PRO D 83 20.26 -0.18 -14.74
N VAL D 84 19.07 -0.52 -14.28
CA VAL D 84 18.84 -0.87 -12.90
C VAL D 84 19.01 -2.37 -12.72
N ALA D 85 19.61 -2.81 -11.61
CA ALA D 85 19.95 -4.21 -11.43
C ALA D 85 19.56 -4.68 -10.03
N ARG D 86 18.98 -5.88 -9.96
CA ARG D 86 18.62 -6.54 -8.71
C ARG D 86 19.87 -7.25 -8.20
N VAL D 87 20.53 -6.64 -7.23
CA VAL D 87 21.83 -7.08 -6.76
C VAL D 87 21.72 -8.14 -5.66
N ALA D 88 20.73 -8.03 -4.76
CA ALA D 88 20.64 -9.01 -3.68
C ALA D 88 19.23 -9.00 -3.10
N GLU D 89 18.98 -9.99 -2.24
CA GLU D 89 17.84 -10.01 -1.34
C GLU D 89 18.32 -10.18 0.09
N VAL D 90 17.63 -9.50 1.02
CA VAL D 90 17.91 -9.58 2.44
C VAL D 90 16.64 -10.00 3.16
N ARG D 91 16.77 -11.00 4.03
CA ARG D 91 15.64 -11.59 4.75
C ARG D 91 15.91 -11.51 6.24
N GLY D 92 14.89 -11.26 7.02
CA GLY D 92 15.00 -11.30 8.46
C GLY D 92 13.78 -10.66 9.07
N PRO D 93 13.80 -10.42 10.38
CA PRO D 93 12.67 -9.71 11.01
C PRO D 93 12.58 -8.28 10.50
N ALA D 94 11.34 -7.80 10.32
CA ALA D 94 11.11 -6.51 9.66
C ALA D 94 11.90 -5.38 10.30
N HIS D 95 11.97 -5.35 11.64
CA HIS D 95 12.62 -4.22 12.28
C HIS D 95 14.14 -4.32 12.21
N CYS D 96 14.69 -5.54 12.16
CA CYS D 96 16.13 -5.69 11.94
C CYS D 96 16.53 -5.27 10.53
N LEU D 97 15.74 -5.65 9.51
CA LEU D 97 16.04 -5.21 8.16
C LEU D 97 16.09 -3.68 8.09
N LEU D 98 15.11 -3.01 8.68
CA LEU D 98 15.04 -1.56 8.57
C LEU D 98 16.04 -0.88 9.48
N LEU D 99 16.53 -1.56 10.50
CA LEU D 99 17.55 -1.00 11.38
C LEU D 99 18.93 -1.01 10.73
N GLY D 100 19.23 -2.07 9.97
CA GLY D 100 20.50 -2.12 9.25
C GLY D 100 20.51 -1.38 7.92
N GLU D 101 19.34 -1.09 7.36
CA GLU D 101 19.24 -0.61 5.99
C GLU D 101 20.20 0.54 5.71
N ARG D 102 20.16 1.61 6.51
CA ARG D 102 20.90 2.83 6.17
C ARG D 102 22.41 2.61 6.28
N VAL D 103 22.88 2.02 7.39
CA VAL D 103 24.30 1.75 7.57
C VAL D 103 24.82 0.82 6.47
N ALA D 104 24.05 -0.22 6.13
CA ALA D 104 24.50 -1.16 5.12
C ALA D 104 24.58 -0.49 3.76
N LEU D 105 23.60 0.37 3.43
CA LEU D 105 23.61 1.06 2.14
C LEU D 105 24.70 2.11 2.08
N ASN D 106 24.99 2.78 3.20
CA ASN D 106 26.05 3.77 3.22
C ASN D 106 27.41 3.11 2.97
N THR D 107 27.67 1.97 3.60
CA THR D 107 28.94 1.28 3.41
C THR D 107 29.09 0.79 1.97
N LEU D 108 28.05 0.15 1.43
CA LEU D 108 28.10 -0.34 0.06
C LEU D 108 28.23 0.80 -0.94
N ALA D 109 27.53 1.91 -0.70
CA ALA D 109 27.58 3.03 -1.63
C ALA D 109 28.99 3.64 -1.73
N ARG D 110 29.67 3.80 -0.60
CA ARG D 110 31.00 4.41 -0.64
C ARG D 110 32.05 3.44 -1.14
N CYS D 111 31.98 2.18 -0.68
CA CYS D 111 32.89 1.15 -1.16
C CYS D 111 32.80 1.00 -2.67
N SER D 112 31.58 0.81 -3.19
CA SER D 112 31.37 0.69 -4.63
C SER D 112 31.77 1.97 -5.38
N GLY D 113 31.47 3.14 -4.80
CA GLY D 113 31.89 4.38 -5.45
C GLY D 113 33.38 4.45 -5.63
N ILE D 114 34.12 3.97 -4.63
CA ILE D 114 35.58 3.98 -4.70
C ILE D 114 36.07 2.95 -5.71
N ALA D 115 35.53 1.73 -5.65
CA ALA D 115 35.92 0.73 -6.63
C ALA D 115 35.64 1.21 -8.05
N SER D 116 34.50 1.87 -8.27
CA SER D 116 34.15 2.39 -9.59
C SER D 116 35.18 3.39 -10.09
N ALA D 117 35.59 4.32 -9.21
CA ALA D 117 36.65 5.25 -9.62
C ALA D 117 37.94 4.51 -9.89
N ALA D 118 38.25 3.48 -9.10
CA ALA D 118 39.46 2.69 -9.30
C ALA D 118 39.43 1.99 -10.66
N ALA D 119 38.31 1.32 -10.97
CA ALA D 119 38.22 0.56 -12.21
C ALA D 119 38.34 1.46 -13.44
N ALA D 120 37.79 2.68 -13.36
CA ALA D 120 37.87 3.60 -14.49
C ALA D 120 39.29 4.11 -14.67
N ALA D 121 39.99 4.40 -13.57
CA ALA D 121 41.38 4.81 -13.66
C ALA D 121 42.24 3.68 -14.22
N VAL D 122 41.98 2.45 -13.77
CA VAL D 122 42.72 1.31 -14.30
C VAL D 122 42.45 1.16 -15.79
N GLU D 123 41.19 1.32 -16.23
CA GLU D 123 40.91 1.21 -17.66
C GLU D 123 41.51 2.36 -18.45
N ALA D 124 41.46 3.59 -17.92
CA ALA D 124 42.13 4.69 -18.61
C ALA D 124 43.59 4.39 -18.85
N ALA D 125 44.29 3.84 -17.85
CA ALA D 125 45.71 3.58 -18.01
C ALA D 125 45.96 2.40 -18.95
N ARG D 126 45.06 1.41 -18.96
CA ARG D 126 45.21 0.29 -19.87
C ARG D 126 45.08 0.74 -21.32
N GLY D 127 44.11 1.61 -21.59
CA GLY D 127 43.92 2.14 -22.93
C GLY D 127 45.09 2.96 -23.42
N ALA D 128 45.89 3.50 -22.50
CA ALA D 128 47.09 4.26 -22.84
C ALA D 128 48.31 3.37 -23.00
N GLY D 129 48.14 2.05 -22.93
CA GLY D 129 49.25 1.11 -23.05
C GLY D 129 50.04 0.86 -21.78
N TRP D 130 49.72 1.51 -20.68
CA TRP D 130 50.53 1.48 -19.48
C TRP D 130 50.23 0.24 -18.62
N THR D 131 51.29 -0.42 -18.15
CA THR D 131 51.18 -1.64 -17.36
C THR D 131 51.53 -1.48 -15.89
N GLY D 132 51.88 -0.27 -15.44
CA GLY D 132 52.11 -0.07 -14.03
C GLY D 132 50.84 -0.27 -13.19
N HIS D 133 50.95 0.14 -11.94
CA HIS D 133 49.86 0.07 -10.98
C HIS D 133 49.23 1.45 -10.80
N VAL D 134 47.90 1.51 -10.85
CA VAL D 134 47.15 2.63 -10.30
C VAL D 134 47.01 2.39 -8.81
N ALA D 135 47.22 3.42 -8.00
CA ALA D 135 47.26 3.19 -6.55
C ALA D 135 46.47 4.25 -5.79
N GLY D 136 46.01 3.86 -4.61
CA GLY D 136 45.39 4.78 -3.67
C GLY D 136 46.42 5.46 -2.78
N THR D 137 45.90 6.16 -1.78
CA THR D 137 46.72 6.96 -0.89
C THR D 137 46.22 6.74 0.53
N ARG D 138 46.72 7.53 1.46
CA ARG D 138 46.18 7.54 2.82
C ARG D 138 45.17 8.66 3.02
N LYS D 139 44.75 9.32 1.94
CA LYS D 139 43.68 10.32 2.00
C LYS D 139 42.33 9.60 2.11
N THR D 140 42.15 8.97 3.27
CA THR D 140 40.99 8.13 3.52
C THR D 140 40.18 8.76 4.64
N THR D 141 38.86 8.53 4.60
CA THR D 141 38.01 9.00 5.67
C THR D 141 38.45 8.37 7.00
N PRO D 142 38.69 9.17 8.04
CA PRO D 142 39.12 8.60 9.32
C PRO D 142 38.10 7.62 9.88
N GLY D 143 38.60 6.49 10.38
CA GLY D 143 37.76 5.40 10.84
C GLY D 143 37.24 4.47 9.77
N PHE D 144 37.32 4.84 8.51
CA PHE D 144 36.73 4.08 7.43
C PHE D 144 37.77 3.46 6.52
N ARG D 145 39.04 3.46 6.92
CA ARG D 145 40.10 3.12 5.99
C ARG D 145 39.99 1.69 5.48
N LEU D 146 39.49 0.77 6.30
CA LEU D 146 39.40 -0.62 5.86
C LEU D 146 38.45 -0.76 4.68
N VAL D 147 37.32 -0.06 4.72
CA VAL D 147 36.39 -0.15 3.60
C VAL D 147 37.02 0.45 2.35
N GLU D 148 37.70 1.59 2.50
CA GLU D 148 38.16 2.35 1.33
C GLU D 148 39.34 1.68 0.64
N LYS D 149 40.34 1.23 1.43
CA LYS D 149 41.43 0.42 0.89
C LYS D 149 40.88 -0.85 0.25
N TYR D 150 39.93 -1.51 0.91
CA TYR D 150 39.28 -2.67 0.30
C TYR D 150 38.60 -2.31 -1.02
N GLY D 151 37.88 -1.18 -1.06
CA GLY D 151 37.21 -0.78 -2.29
C GLY D 151 38.17 -0.60 -3.45
N LEU D 152 39.35 0.01 -3.18
CA LEU D 152 40.38 0.17 -4.20
C LEU D 152 40.80 -1.17 -4.80
N LEU D 153 40.98 -2.19 -3.95
CA LEU D 153 41.39 -3.51 -4.43
C LEU D 153 40.35 -4.11 -5.34
N VAL D 154 39.07 -3.96 -5.00
CA VAL D 154 38.03 -4.57 -5.83
C VAL D 154 37.99 -3.87 -7.19
N GLY D 155 38.33 -2.59 -7.24
CA GLY D 155 38.41 -1.89 -8.51
C GLY D 155 39.63 -2.18 -9.35
N GLY D 156 40.51 -3.09 -8.92
CA GLY D 156 41.71 -3.35 -9.68
C GLY D 156 42.88 -2.43 -9.39
N ALA D 157 42.79 -1.55 -8.40
CA ALA D 157 43.91 -0.67 -8.08
C ALA D 157 44.70 -1.22 -6.88
N ALA D 158 45.94 -0.75 -6.72
CA ALA D 158 46.72 -1.08 -5.55
C ALA D 158 46.27 -0.24 -4.37
N SER D 159 46.29 -0.82 -3.19
CA SER D 159 45.93 -0.06 -2.00
C SER D 159 47.03 0.93 -1.60
N HIS D 160 48.28 0.67 -2.01
CA HIS D 160 49.45 1.36 -1.48
C HIS D 160 49.56 1.00 0.00
N ARG D 161 50.47 1.61 0.75
CA ARG D 161 50.64 1.21 2.14
C ARG D 161 49.36 1.52 2.93
N TYR D 162 48.95 0.55 3.75
CA TYR D 162 47.75 0.68 4.54
C TYR D 162 47.85 1.83 5.55
N ASP D 163 49.00 1.97 6.20
CA ASP D 163 49.17 2.94 7.29
C ASP D 163 50.66 3.24 7.44
N LEU D 164 51.01 3.95 8.53
CA LEU D 164 52.39 4.35 8.79
C LEU D 164 53.33 3.17 9.08
N GLY D 165 52.81 2.02 9.53
CA GLY D 165 53.66 0.87 9.76
C GLY D 165 53.97 0.04 8.54
N GLY D 166 53.53 0.48 7.35
CA GLY D 166 53.88 -0.17 6.10
C GLY D 166 55.25 0.30 5.70
N LEU D 167 55.46 0.56 4.41
CA LEU D 167 56.75 1.12 4.02
C LEU D 167 56.97 2.45 4.73
N VAL D 168 58.23 2.74 5.03
CA VAL D 168 58.67 4.04 5.54
C VAL D 168 58.69 5.03 4.40
N MET D 169 58.00 6.15 4.58
CA MET D 169 57.80 7.15 3.53
C MET D 169 58.40 8.48 3.97
N VAL D 170 59.43 8.94 3.25
CA VAL D 170 60.08 10.21 3.54
C VAL D 170 59.42 11.31 2.71
N LYS D 171 58.72 12.23 3.37
CA LYS D 171 58.03 13.30 2.66
C LYS D 171 58.79 14.62 2.79
N ASP D 172 58.30 15.63 2.05
CA ASP D 172 58.82 16.99 2.14
C ASP D 172 59.12 17.37 3.58
N ASN D 173 58.15 17.19 4.48
CA ASN D 173 58.31 17.65 5.86
C ASN D 173 59.41 16.86 6.58
N HIS D 174 59.60 15.59 6.24
CA HIS D 174 60.70 14.84 6.85
C HIS D 174 62.04 15.39 6.40
N VAL D 175 62.15 15.78 5.14
CA VAL D 175 63.39 16.35 4.62
C VAL D 175 63.71 17.63 5.37
N VAL D 176 62.72 18.52 5.47
CA VAL D 176 62.90 19.77 6.20
C VAL D 176 63.34 19.52 7.63
N ALA D 177 62.70 18.55 8.30
CA ALA D 177 63.03 18.31 9.71
C ALA D 177 64.39 17.63 9.88
N ALA D 178 64.81 16.82 8.93
CA ALA D 178 66.12 16.18 9.06
C ALA D 178 67.23 17.15 8.68
N GLY D 179 66.93 18.12 7.83
CA GLY D 179 67.92 19.07 7.37
C GLY D 179 68.57 18.73 6.06
N GLY D 180 68.11 17.69 5.39
CA GLY D 180 68.65 17.29 4.10
C GLY D 180 67.95 16.04 3.62
N VAL D 181 67.72 15.95 2.30
CA VAL D 181 67.16 14.73 1.69
C VAL D 181 67.92 13.51 2.16
N GLU D 182 69.21 13.68 2.26
CA GLU D 182 70.11 12.58 2.14
C GLU D 182 70.42 12.04 3.52
N LYS D 183 70.39 12.91 4.55
CA LYS D 183 70.33 12.43 5.94
C LYS D 183 68.95 11.89 6.31
N ALA D 184 67.87 12.42 5.70
CA ALA D 184 66.54 11.89 5.96
C ALA D 184 66.44 10.42 5.54
N VAL D 185 66.89 10.10 4.32
CA VAL D 185 66.68 8.75 3.82
C VAL D 185 67.62 7.76 4.48
N ARG D 186 68.76 8.24 5.00
CA ARG D 186 69.65 7.35 5.75
C ARG D 186 69.04 7.02 7.11
N ALA D 187 68.43 8.02 7.77
CA ALA D 187 67.63 7.72 8.95
C ALA D 187 66.50 6.74 8.61
N ALA D 188 65.87 6.93 7.45
CA ALA D 188 64.79 6.03 7.07
C ALA D 188 65.31 4.65 6.72
N ARG D 189 66.44 4.57 6.00
CA ARG D 189 67.04 3.28 5.69
C ARG D 189 67.41 2.51 6.95
N GLN D 190 67.77 3.19 8.13
CA GLN D 190 68.14 2.53 9.39
C GLN D 190 66.94 2.00 10.11
N ALA D 191 65.89 2.81 10.06
CA ALA D 191 64.69 2.61 10.82
C ALA D 191 63.96 1.36 10.45
N ALA D 192 64.11 0.90 9.22
CA ALA D 192 64.03 -0.54 9.01
C ALA D 192 64.76 -1.27 7.88
N ASP D 193 66.09 -1.41 7.94
CA ASP D 193 66.89 -1.74 6.73
C ASP D 193 66.37 -3.01 6.19
N PHE D 194 66.24 -3.98 7.05
CA PHE D 194 65.61 -5.20 6.67
C PHE D 194 64.44 -5.06 7.65
N ALA D 195 63.29 -5.45 7.15
CA ALA D 195 62.94 -5.22 5.84
C ALA D 195 61.53 -4.66 5.72
N LEU D 196 61.57 -3.37 5.48
CA LEU D 196 60.55 -2.54 5.02
C LEU D 196 61.23 -1.78 3.90
N LYS D 197 60.40 -1.41 3.03
CA LYS D 197 60.85 -0.56 1.94
C LYS D 197 60.88 0.90 2.38
N VAL D 198 61.66 1.68 1.64
CA VAL D 198 61.75 3.13 1.83
C VAL D 198 61.30 3.80 0.54
N GLU D 199 60.33 4.70 0.64
CA GLU D 199 59.92 5.55 -0.47
C GLU D 199 60.23 6.99 -0.11
N VAL D 200 60.76 7.76 -1.06
CA VAL D 200 61.08 9.16 -0.81
C VAL D 200 60.31 10.03 -1.78
N GLU D 201 59.64 11.04 -1.25
CA GLU D 201 58.86 11.96 -2.06
C GLU D 201 59.76 13.14 -2.45
N CYS D 202 59.89 13.35 -3.76
CA CYS D 202 60.83 14.32 -4.33
C CYS D 202 60.11 15.34 -5.19
N SER D 203 60.58 16.58 -5.14
CA SER D 203 59.98 17.66 -5.91
C SER D 203 60.79 18.04 -7.15
N SER D 204 62.05 17.58 -7.23
CA SER D 204 62.98 17.88 -8.32
C SER D 204 63.79 16.63 -8.67
N LEU D 205 64.41 16.65 -9.86
CA LEU D 205 65.22 15.50 -10.29
C LEU D 205 66.47 15.34 -9.43
N GLN D 206 67.09 16.45 -9.02
CA GLN D 206 68.27 16.32 -8.15
C GLN D 206 67.91 15.61 -6.85
N GLU D 207 66.71 15.90 -6.31
CA GLU D 207 66.28 15.27 -5.07
C GLU D 207 66.12 13.77 -5.23
N ALA D 208 65.52 13.36 -6.36
CA ALA D 208 65.37 11.94 -6.66
C ALA D 208 66.71 11.25 -6.75
N VAL D 209 67.70 11.89 -7.39
CA VAL D 209 69.03 11.30 -7.52
C VAL D 209 69.66 11.09 -6.15
N GLN D 210 69.45 12.03 -5.23
CA GLN D 210 70.01 11.90 -3.89
C GLN D 210 69.32 10.78 -3.11
N ALA D 211 68.00 10.71 -3.20
CA ALA D 211 67.28 9.60 -2.58
C ALA D 211 67.72 8.27 -3.17
N ALA D 212 67.80 8.19 -4.50
CA ALA D 212 68.25 6.95 -5.11
C ALA D 212 69.66 6.59 -4.65
N GLU D 213 70.57 7.58 -4.66
CA GLU D 213 71.96 7.33 -4.27
C GLU D 213 72.10 6.96 -2.80
N ALA D 214 71.19 7.42 -1.95
CA ALA D 214 71.27 7.03 -0.56
C ALA D 214 70.43 5.79 -0.23
N GLY D 215 69.82 5.18 -1.24
CA GLY D 215 69.28 3.84 -1.11
C GLY D 215 67.76 3.69 -1.08
N ALA D 216 67.00 4.61 -1.66
CA ALA D 216 65.56 4.46 -1.66
C ALA D 216 65.15 3.28 -2.53
N ASP D 217 64.13 2.53 -2.07
CA ASP D 217 63.48 1.54 -2.94
C ASP D 217 62.59 2.22 -3.97
N LEU D 218 61.89 3.27 -3.58
CA LEU D 218 60.95 3.93 -4.46
C LEU D 218 61.16 5.42 -4.38
N VAL D 219 60.94 6.07 -5.51
CA VAL D 219 61.06 7.51 -5.66
C VAL D 219 59.74 8.01 -6.20
N LEU D 220 59.10 8.91 -5.46
CA LEU D 220 57.83 9.50 -5.84
C LEU D 220 58.12 10.90 -6.37
N LEU D 221 57.85 11.09 -7.66
CA LEU D 221 57.99 12.41 -8.28
C LEU D 221 56.67 13.12 -8.08
N ASP D 222 56.66 14.08 -7.17
CA ASP D 222 55.44 14.65 -6.65
C ASP D 222 55.15 15.95 -7.38
N ASN D 223 53.98 16.05 -7.99
CA ASN D 223 53.46 17.30 -8.56
C ASN D 223 54.32 17.81 -9.72
N PHE D 224 54.85 16.89 -10.52
CA PHE D 224 55.48 17.22 -11.78
C PHE D 224 54.43 17.44 -12.87
N LYS D 225 54.71 18.39 -13.77
CA LYS D 225 53.99 18.43 -15.02
C LYS D 225 54.43 17.24 -15.88
N PRO D 226 53.52 16.65 -16.66
CA PRO D 226 53.93 15.51 -17.48
C PRO D 226 55.13 15.79 -18.35
N GLU D 227 55.33 17.04 -18.80
CA GLU D 227 56.44 17.37 -19.70
C GLU D 227 57.79 17.14 -19.04
N GLU D 228 57.91 17.48 -17.75
CA GLU D 228 59.17 17.26 -17.05
C GLU D 228 59.20 15.94 -16.29
N LEU D 229 58.03 15.35 -16.03
CA LEU D 229 58.01 14.09 -15.28
C LEU D 229 58.73 12.98 -16.04
N HIS D 230 58.44 12.82 -17.32
CA HIS D 230 58.96 11.68 -18.06
C HIS D 230 60.46 11.79 -18.37
N PRO D 231 61.00 12.95 -18.77
CA PRO D 231 62.47 13.06 -18.85
C PRO D 231 63.14 12.66 -17.56
N THR D 232 62.58 13.11 -16.44
CA THR D 232 63.10 12.81 -15.12
C THR D 232 63.01 11.32 -14.79
N ALA D 233 61.89 10.68 -15.09
CA ALA D 233 61.78 9.25 -14.87
C ALA D 233 62.81 8.49 -15.71
N THR D 234 63.13 9.01 -16.90
CA THR D 234 64.05 8.31 -17.79
C THR D 234 65.47 8.36 -17.26
N VAL D 235 65.92 9.53 -16.80
CA VAL D 235 67.26 9.66 -16.19
C VAL D 235 67.40 8.69 -15.03
N LEU D 236 66.41 8.69 -14.14
CA LEU D 236 66.47 7.87 -12.93
C LEU D 236 66.55 6.38 -13.27
N LYS D 237 65.66 5.92 -14.15
CA LYS D 237 65.71 4.52 -14.56
C LYS D 237 67.06 4.16 -15.17
N ALA D 238 67.65 5.08 -15.96
CA ALA D 238 68.93 4.78 -16.60
C ALA D 238 70.05 4.68 -15.57
N GLN D 239 70.07 5.58 -14.58
CA GLN D 239 71.12 5.55 -13.56
C GLN D 239 70.85 4.54 -12.46
N PHE D 240 69.59 4.29 -12.12
CA PHE D 240 69.22 3.44 -10.98
C PHE D 240 68.16 2.43 -11.40
N PRO D 241 68.56 1.40 -12.15
CA PRO D 241 67.57 0.51 -12.79
C PRO D 241 66.66 -0.22 -11.81
N SER D 242 67.11 -0.44 -10.58
CA SER D 242 66.34 -1.22 -9.63
C SER D 242 65.43 -0.35 -8.75
N VAL D 243 65.47 0.96 -8.94
CA VAL D 243 64.63 1.87 -8.17
C VAL D 243 63.30 2.06 -8.90
N ALA D 244 62.20 1.90 -8.17
CA ALA D 244 60.88 2.06 -8.75
C ALA D 244 60.50 3.53 -8.71
N VAL D 245 59.66 3.94 -9.65
CA VAL D 245 59.28 5.34 -9.78
C VAL D 245 57.77 5.43 -9.68
N GLU D 246 57.32 6.27 -8.74
CA GLU D 246 55.91 6.59 -8.60
C GLU D 246 55.68 8.03 -9.06
N ALA D 247 54.49 8.25 -9.62
CA ALA D 247 54.02 9.57 -10.00
C ALA D 247 52.79 9.89 -9.18
N SER D 248 52.73 11.09 -8.60
CA SER D 248 51.60 11.43 -7.77
C SER D 248 51.44 12.95 -7.74
N GLY D 249 50.19 13.38 -7.58
CA GLY D 249 49.91 14.78 -7.35
C GLY D 249 49.11 15.46 -8.45
N GLY D 250 47.81 15.63 -8.22
CA GLY D 250 46.95 16.21 -9.22
C GLY D 250 46.54 15.29 -10.34
N ILE D 251 46.84 14.01 -10.26
CA ILE D 251 46.49 13.09 -11.34
C ILE D 251 45.03 12.68 -11.20
N THR D 252 44.26 12.83 -12.30
CA THR D 252 42.82 12.66 -12.33
C THR D 252 42.47 11.64 -13.41
N LEU D 253 41.17 11.33 -13.55
CA LEU D 253 40.77 10.35 -14.56
C LEU D 253 41.09 10.86 -15.95
N ASP D 254 40.95 12.16 -16.18
CA ASP D 254 40.95 12.63 -17.56
C ASP D 254 42.36 13.01 -18.03
N ASN D 255 43.30 13.28 -17.11
CA ASN D 255 44.69 13.51 -17.48
C ASN D 255 45.60 12.31 -17.17
N LEU D 256 45.04 11.22 -16.65
CA LEU D 256 45.84 10.03 -16.35
C LEU D 256 46.64 9.53 -17.54
N PRO D 257 46.12 9.49 -18.78
CA PRO D 257 46.99 9.11 -19.90
C PRO D 257 48.25 9.97 -20.04
N GLN D 258 48.22 11.24 -19.60
CA GLN D 258 49.39 12.09 -19.75
C GLN D 258 50.51 11.75 -18.77
N PHE D 259 50.21 11.02 -17.70
CA PHE D 259 51.22 10.62 -16.72
C PHE D 259 51.70 9.19 -16.93
N CYS D 260 51.00 8.40 -17.73
CA CYS D 260 51.51 7.10 -18.12
C CYS D 260 52.74 7.29 -18.98
N GLY D 261 53.74 6.47 -18.73
CA GLY D 261 55.00 6.51 -19.45
C GLY D 261 55.78 5.26 -19.17
N PRO D 262 56.79 4.97 -19.99
CA PRO D 262 57.48 3.67 -19.88
C PRO D 262 58.36 3.54 -18.66
N HIS D 263 58.61 4.62 -17.92
CA HIS D 263 59.50 4.59 -16.76
C HIS D 263 58.80 5.01 -15.48
N ILE D 264 57.47 5.01 -15.50
CA ILE D 264 56.65 5.18 -14.30
C ILE D 264 56.12 3.81 -13.91
N ASP D 265 56.34 3.42 -12.66
CA ASP D 265 55.90 2.10 -12.22
C ASP D 265 54.58 2.14 -11.47
N VAL D 266 54.30 3.24 -10.78
CA VAL D 266 53.12 3.41 -9.94
C VAL D 266 52.55 4.81 -10.19
N ILE D 267 51.23 4.90 -10.34
CA ILE D 267 50.50 6.17 -10.31
C ILE D 267 49.47 6.11 -9.18
N SER D 268 49.49 7.11 -8.30
CA SER D 268 48.58 7.13 -7.17
C SER D 268 47.75 8.41 -7.20
N MET D 269 46.46 8.26 -6.90
CA MET D 269 45.47 9.31 -7.08
C MET D 269 44.68 9.51 -5.79
N GLY D 270 44.87 10.65 -5.12
CA GLY D 270 44.02 10.99 -4.00
C GLY D 270 42.56 10.99 -4.37
N MET D 271 42.23 11.34 -5.61
CA MET D 271 40.84 11.45 -5.99
C MET D 271 40.10 10.13 -5.92
N LEU D 272 40.80 8.99 -5.99
CA LEU D 272 40.08 7.72 -5.91
C LEU D 272 39.36 7.55 -4.58
N THR D 273 39.78 8.29 -3.54
CA THR D 273 39.08 8.21 -2.27
C THR D 273 38.55 9.56 -1.77
N GLN D 274 38.96 10.69 -2.38
CA GLN D 274 38.53 12.00 -1.91
C GLN D 274 37.54 12.69 -2.82
N ALA D 275 37.32 12.15 -4.01
CA ALA D 275 36.42 12.77 -4.98
C ALA D 275 35.60 11.73 -5.70
N ALA D 276 35.46 10.54 -5.11
CA ALA D 276 34.73 9.46 -5.76
C ALA D 276 33.30 9.40 -5.20
N PRO D 277 32.29 9.90 -5.91
CA PRO D 277 30.93 9.89 -5.35
C PRO D 277 30.42 8.48 -5.11
N ALA D 278 29.60 8.33 -4.08
CA ALA D 278 29.00 7.06 -3.77
C ALA D 278 28.00 6.66 -4.85
N LEU D 279 27.90 5.36 -5.11
CA LEU D 279 26.87 4.89 -6.02
C LEU D 279 25.51 4.92 -5.31
N ASP D 280 24.45 4.88 -6.13
CA ASP D 280 23.08 4.93 -5.63
C ASP D 280 22.55 3.50 -5.51
N PHE D 281 22.18 3.11 -4.30
CA PHE D 281 21.56 1.83 -4.02
C PHE D 281 20.27 2.08 -3.25
N SER D 282 19.30 1.20 -3.40
CA SER D 282 18.14 1.25 -2.52
C SER D 282 17.79 -0.15 -2.05
N LEU D 283 17.11 -0.21 -0.90
CA LEU D 283 16.68 -1.47 -0.30
C LEU D 283 15.18 -1.37 -0.08
N LYS D 284 14.42 -2.25 -0.72
CA LYS D 284 12.97 -2.11 -0.73
C LYS D 284 12.28 -3.37 -0.20
N LEU D 285 11.65 -3.23 0.97
CA LEU D 285 10.82 -4.27 1.56
C LEU D 285 9.65 -4.62 0.64
N PHE D 286 9.38 -5.90 0.47
CA PHE D 286 8.21 -6.31 -0.30
C PHE D 286 7.45 -7.39 0.45
N ALA D 287 6.13 -7.37 0.30
CA ALA D 287 5.26 -8.26 1.05
C ALA D 287 5.26 -9.67 0.48
N LYS D 288 5.05 -10.65 1.35
CA LYS D 288 4.93 -12.03 0.94
C LYS D 288 3.45 -12.41 0.84
N GLU D 289 3.15 -13.71 0.93
CA GLU D 289 1.81 -14.27 0.80
C GLU D 289 0.64 -13.32 1.10
N MET E 1 70.77 3.47 16.25
CA MET E 1 72.11 3.62 16.80
C MET E 1 72.10 4.47 18.08
N ASP E 2 70.92 4.84 18.56
CA ASP E 2 70.77 5.63 19.78
C ASP E 2 69.49 5.19 20.50
N ALA E 3 69.66 4.50 21.62
CA ALA E 3 68.51 3.89 22.30
C ALA E 3 67.64 4.90 23.02
N GLU E 4 68.17 6.09 23.32
CA GLU E 4 67.34 7.12 23.92
C GLU E 4 66.28 7.62 22.94
N GLY E 5 66.67 7.75 21.67
CA GLY E 5 65.78 8.28 20.65
C GLY E 5 64.75 7.30 20.13
N LEU E 6 64.85 6.02 20.50
CA LEU E 6 63.84 5.04 20.14
C LEU E 6 62.47 5.30 20.75
N ALA E 7 62.38 6.06 21.84
CA ALA E 7 61.10 6.24 22.52
C ALA E 7 60.09 6.96 21.62
N LEU E 8 60.58 7.72 20.64
CA LEU E 8 59.71 8.38 19.68
C LEU E 8 58.97 7.41 18.78
N LEU E 9 59.40 6.15 18.71
CA LEU E 9 58.67 5.14 17.93
C LEU E 9 57.30 4.85 18.51
N LEU E 10 57.12 5.07 19.81
CA LEU E 10 55.90 4.73 20.52
C LEU E 10 54.89 5.86 20.41
N PRO E 11 53.78 5.68 19.69
CA PRO E 11 52.73 6.71 19.65
C PRO E 11 52.03 6.84 21.00
N PRO E 12 51.91 8.06 21.53
CA PRO E 12 51.45 8.23 22.93
C PRO E 12 49.98 7.90 23.19
N VAL E 13 49.10 7.91 22.20
CA VAL E 13 47.72 7.48 22.44
C VAL E 13 47.70 6.01 22.82
N THR E 14 48.46 5.18 22.11
CA THR E 14 48.55 3.76 22.41
C THR E 14 49.11 3.47 23.81
N LEU E 15 50.08 4.27 24.25
CA LEU E 15 50.73 4.01 25.53
C LEU E 15 49.75 4.15 26.68
N ALA E 16 48.97 5.24 26.69
CA ALA E 16 48.02 5.44 27.76
C ALA E 16 46.95 4.35 27.77
N ALA E 17 46.52 3.90 26.60
CA ALA E 17 45.45 2.90 26.57
C ALA E 17 45.95 1.56 27.07
N LEU E 18 47.13 1.16 26.63
CA LEU E 18 47.74 -0.08 27.08
C LEU E 18 48.01 -0.04 28.58
N VAL E 19 48.52 1.10 29.06
CA VAL E 19 48.87 1.26 30.46
C VAL E 19 47.61 1.20 31.33
N ASP E 20 46.52 1.79 30.85
CA ASP E 20 45.28 1.76 31.60
C ASP E 20 44.73 0.33 31.73
N SER E 21 44.86 -0.48 30.68
CA SER E 21 44.38 -1.86 30.78
C SER E 21 45.21 -2.67 31.76
N TRP E 22 46.54 -2.46 31.78
CA TRP E 22 47.39 -3.15 32.74
C TRP E 22 47.03 -2.80 34.17
N LEU E 23 46.87 -1.50 34.45
CA LEU E 23 46.45 -1.09 35.78
C LEU E 23 45.10 -1.67 36.13
N ARG E 24 44.16 -1.63 35.19
CA ARG E 24 42.84 -2.20 35.43
C ARG E 24 42.93 -3.70 35.75
N GLU E 25 43.83 -4.41 35.08
CA GLU E 25 44.01 -5.83 35.35
C GLU E 25 44.45 -6.09 36.79
N ASP E 26 45.43 -5.33 37.29
CA ASP E 26 45.99 -5.60 38.61
C ASP E 26 45.10 -5.11 39.76
N CYS E 27 44.14 -4.22 39.51
CA CYS E 27 43.26 -3.73 40.56
C CYS E 27 41.90 -3.36 39.96
N PRO E 28 41.03 -4.36 39.77
CA PRO E 28 39.75 -4.07 39.11
C PRO E 28 38.70 -3.40 39.99
N GLY E 29 38.85 -3.40 41.32
CA GLY E 29 37.81 -2.83 42.15
C GLY E 29 38.32 -1.86 43.20
N LEU E 30 37.93 -2.07 44.45
CA LEU E 30 38.48 -1.28 45.55
C LEU E 30 39.94 -1.69 45.82
N ASN E 31 40.78 -0.70 46.10
CA ASN E 31 42.21 -0.90 46.37
C ASN E 31 42.42 -0.78 47.87
N TYR E 32 42.23 -1.89 48.60
CA TYR E 32 42.19 -1.83 50.06
C TYR E 32 43.54 -1.41 50.67
N ALA E 33 44.67 -1.81 50.07
CA ALA E 33 45.98 -1.44 50.60
C ALA E 33 46.20 0.07 50.61
N ALA E 34 45.46 0.84 49.82
CA ALA E 34 45.59 2.30 49.89
C ALA E 34 45.29 2.82 51.29
N LEU E 35 44.40 2.17 52.03
CA LEU E 35 44.14 2.64 53.38
C LEU E 35 45.32 2.36 54.32
N VAL E 36 46.22 1.46 53.92
CA VAL E 36 47.37 1.12 54.77
C VAL E 36 48.48 2.15 54.61
N SER E 37 48.73 2.63 53.40
CA SER E 37 49.81 3.58 53.17
C SER E 37 49.39 5.04 53.32
N GLY E 38 48.11 5.33 53.13
CA GLY E 38 47.68 6.70 53.01
C GLY E 38 48.11 7.30 51.68
N ALA E 39 48.00 8.63 51.61
CA ALA E 39 48.31 9.36 50.39
C ALA E 39 49.43 10.38 50.57
N GLY E 40 50.17 10.32 51.67
CA GLY E 40 51.20 11.28 51.95
C GLY E 40 52.33 11.22 50.95
N PRO E 41 52.91 12.39 50.61
CA PRO E 41 53.97 12.42 49.60
C PRO E 41 55.11 11.47 49.96
N SER E 42 55.65 10.82 48.94
CA SER E 42 56.64 9.76 49.13
C SER E 42 57.60 9.75 47.97
N GLN E 43 58.71 9.05 48.17
CA GLN E 43 59.73 8.84 47.15
C GLN E 43 60.19 7.40 47.23
N ALA E 44 60.36 6.78 46.07
CA ALA E 44 60.88 5.43 45.99
C ALA E 44 62.09 5.44 45.07
N ALA E 45 63.03 4.55 45.35
CA ALA E 45 64.21 4.37 44.51
C ALA E 45 64.04 3.10 43.70
N LEU E 46 64.50 3.15 42.45
CA LEU E 46 64.49 2.00 41.56
C LEU E 46 65.86 1.34 41.61
N TRP E 47 65.90 0.08 42.01
CA TRP E 47 67.16 -0.65 42.16
C TRP E 47 67.26 -1.73 41.10
N ALA E 48 68.33 -1.66 40.30
CA ALA E 48 68.70 -2.74 39.39
C ALA E 48 69.56 -3.74 40.15
N LYS E 49 69.06 -4.96 40.32
CA LYS E 49 69.82 -6.00 41.02
C LYS E 49 70.28 -7.10 40.07
N SER E 50 70.43 -6.80 38.78
CA SER E 50 70.76 -7.78 37.76
C SER E 50 71.62 -7.15 36.69
N PRO E 51 72.50 -7.93 36.07
CA PRO E 51 73.23 -7.43 34.90
C PRO E 51 72.36 -7.45 33.66
N GLY E 52 72.61 -6.50 32.77
CA GLY E 52 71.90 -6.54 31.53
C GLY E 52 71.88 -5.16 30.89
N VAL E 53 70.79 -4.90 30.16
CA VAL E 53 70.56 -3.63 29.49
C VAL E 53 69.23 -3.07 29.95
N LEU E 54 69.19 -1.76 30.15
CA LEU E 54 68.01 -1.09 30.67
C LEU E 54 67.08 -0.73 29.52
N ALA E 55 65.84 -1.23 29.57
CA ALA E 55 64.88 -1.02 28.48
C ALA E 55 63.48 -0.90 29.05
N GLY E 56 62.72 0.09 28.54
CA GLY E 56 61.33 0.25 28.91
C GLY E 56 60.98 1.50 29.69
N GLN E 57 61.87 2.50 29.75
CA GLN E 57 61.56 3.76 30.41
C GLN E 57 60.24 4.40 29.95
N PRO E 58 59.89 4.44 28.66
CA PRO E 58 58.61 5.07 28.28
C PRO E 58 57.37 4.40 28.89
N PHE E 59 57.37 3.07 29.00
CA PHE E 59 56.22 2.38 29.59
C PHE E 59 56.18 2.60 31.09
N PHE E 60 57.34 2.56 31.73
CA PHE E 60 57.45 2.85 33.15
C PHE E 60 56.89 4.23 33.46
N ASP E 61 57.46 5.26 32.81
CA ASP E 61 56.96 6.63 32.91
C ASP E 61 55.45 6.69 32.70
N ALA E 62 54.97 6.15 31.58
CA ALA E 62 53.56 6.26 31.24
C ALA E 62 52.67 5.66 32.34
N ILE E 63 53.12 4.58 32.97
CA ILE E 63 52.34 3.99 34.07
C ILE E 63 52.22 4.98 35.22
N PHE E 64 53.34 5.56 35.65
CA PHE E 64 53.30 6.48 36.78
C PHE E 64 52.73 7.85 36.41
N THR E 65 52.76 8.22 35.13
CA THR E 65 52.09 9.43 34.70
C THR E 65 50.59 9.33 34.90
N GLN E 66 49.98 8.22 34.48
CA GLN E 66 48.55 8.01 34.73
C GLN E 66 48.20 8.04 36.22
N LEU E 67 49.17 7.83 37.10
CA LEU E 67 48.92 7.81 38.54
C LEU E 67 49.37 9.08 39.24
N ASN E 68 49.65 10.14 38.46
CA ASN E 68 50.12 11.42 38.99
C ASN E 68 51.37 11.24 39.84
N CYS E 69 52.36 10.57 39.26
CA CYS E 69 53.67 10.44 39.87
C CYS E 69 54.70 10.93 38.86
N GLN E 70 55.88 11.31 39.36
CA GLN E 70 56.98 11.72 38.50
C GLN E 70 58.13 10.73 38.61
N VAL E 71 58.93 10.62 37.55
CA VAL E 71 60.10 9.74 37.53
C VAL E 71 61.34 10.55 37.14
N SER E 72 62.42 10.38 37.90
CA SER E 72 63.73 10.89 37.53
C SER E 72 64.66 9.72 37.24
N TRP E 73 65.18 9.65 36.01
CA TRP E 73 66.09 8.59 35.62
C TRP E 73 67.55 9.03 35.83
N PHE E 74 68.35 8.12 36.36
CA PHE E 74 69.78 8.36 36.54
C PHE E 74 70.64 7.64 35.50
N LEU E 75 70.03 6.81 34.66
CA LEU E 75 70.68 6.14 33.55
C LEU E 75 69.84 6.35 32.30
N PRO E 76 70.45 6.63 31.15
CA PRO E 76 69.69 6.72 29.92
C PRO E 76 69.19 5.35 29.48
N GLU E 77 68.16 5.36 28.64
CA GLU E 77 67.67 4.13 28.06
C GLU E 77 68.77 3.44 27.27
N GLY E 78 68.94 2.15 27.52
CA GLY E 78 69.95 1.36 26.87
C GLY E 78 71.23 1.14 27.65
N SER E 79 71.37 1.75 28.82
CA SER E 79 72.63 1.66 29.55
C SER E 79 72.89 0.23 30.02
N LYS E 80 74.17 -0.09 30.19
CA LYS E 80 74.50 -1.32 30.89
C LYS E 80 74.08 -1.18 32.34
N LEU E 81 73.67 -2.29 32.93
CA LEU E 81 73.24 -2.31 34.32
C LEU E 81 74.24 -3.16 35.10
N VAL E 82 74.98 -2.53 36.00
CA VAL E 82 75.89 -3.23 36.90
C VAL E 82 75.23 -3.24 38.28
N PRO E 83 74.83 -4.42 38.82
CA PRO E 83 74.14 -4.44 40.11
C PRO E 83 75.07 -4.20 41.31
N VAL E 84 74.55 -3.63 42.41
CA VAL E 84 73.17 -3.17 42.50
C VAL E 84 73.11 -1.66 42.26
N ALA E 85 72.51 -1.23 41.15
CA ALA E 85 72.53 0.17 40.73
C ALA E 85 71.23 0.90 41.03
N ARG E 86 71.35 2.16 41.46
CA ARG E 86 70.19 3.01 41.70
C ARG E 86 69.82 3.68 40.38
N VAL E 87 68.72 3.23 39.78
CA VAL E 87 68.40 3.55 38.40
C VAL E 87 67.55 4.81 38.30
N ALA E 88 66.65 5.01 39.26
CA ALA E 88 65.71 6.12 39.16
C ALA E 88 65.09 6.39 40.53
N GLU E 89 64.28 7.44 40.57
CA GLU E 89 63.54 7.83 41.75
C GLU E 89 62.12 8.20 41.31
N VAL E 90 61.12 7.73 42.06
CA VAL E 90 59.73 7.94 41.71
C VAL E 90 59.07 8.70 42.87
N ARG E 91 58.35 9.77 42.53
CA ARG E 91 57.76 10.66 43.53
C ARG E 91 56.25 10.69 43.37
N GLY E 92 55.54 10.72 44.50
CA GLY E 92 54.12 10.96 44.45
C GLY E 92 53.41 10.47 45.69
N PRO E 93 52.08 10.53 45.69
CA PRO E 93 51.32 10.01 46.83
C PRO E 93 51.59 8.53 47.02
N ALA E 94 51.78 8.13 48.29
CA ALA E 94 52.30 6.79 48.57
C ALA E 94 51.43 5.70 47.97
N HIS E 95 50.10 5.80 48.12
CA HIS E 95 49.24 4.78 47.53
C HIS E 95 49.42 4.73 46.02
N CYS E 96 49.54 5.89 45.38
CA CYS E 96 49.79 5.91 43.93
C CYS E 96 51.08 5.21 43.58
N LEU E 97 52.15 5.45 44.33
CA LEU E 97 53.40 4.74 44.05
C LEU E 97 53.23 3.23 44.23
N LEU E 98 52.51 2.82 45.28
CA LEU E 98 52.39 1.40 45.57
C LEU E 98 51.42 0.69 44.62
N LEU E 99 50.48 1.43 44.02
CA LEU E 99 49.55 0.84 43.06
C LEU E 99 50.20 0.60 41.69
N GLY E 100 51.14 1.46 41.27
CA GLY E 100 51.80 1.24 40.00
C GLY E 100 53.05 0.39 40.07
N GLU E 101 53.50 0.07 41.28
CA GLU E 101 54.82 -0.53 41.46
C GLU E 101 54.94 -1.87 40.73
N ARG E 102 53.99 -2.79 40.97
CA ARG E 102 54.09 -4.13 40.39
C ARG E 102 54.09 -4.07 38.87
N VAL E 103 53.09 -3.40 38.29
CA VAL E 103 52.96 -3.33 36.83
C VAL E 103 54.17 -2.63 36.22
N ALA E 104 54.69 -1.59 36.88
CA ALA E 104 55.86 -0.91 36.32
C ALA E 104 57.08 -1.83 36.34
N LEU E 105 57.32 -2.52 37.47
CA LEU E 105 58.44 -3.43 37.55
C LEU E 105 58.27 -4.63 36.61
N ASN E 106 57.06 -5.19 36.54
CA ASN E 106 56.79 -6.29 35.62
C ASN E 106 57.15 -5.90 34.19
N THR E 107 56.74 -4.71 33.76
CA THR E 107 57.02 -4.28 32.40
C THR E 107 58.51 -4.05 32.19
N LEU E 108 59.17 -3.42 33.15
CA LEU E 108 60.59 -3.11 32.98
C LEU E 108 61.45 -4.37 33.05
N ALA E 109 61.06 -5.34 33.86
CA ALA E 109 61.82 -6.57 33.94
C ALA E 109 61.82 -7.32 32.61
N ARG E 110 60.63 -7.45 32.00
CA ARG E 110 60.49 -8.17 30.74
C ARG E 110 61.12 -7.42 29.59
N CYS E 111 60.86 -6.12 29.50
CA CYS E 111 61.48 -5.30 28.46
C CYS E 111 62.99 -5.40 28.54
N SER E 112 63.53 -5.27 29.75
CA SER E 112 64.97 -5.30 29.93
C SER E 112 65.54 -6.69 29.71
N GLY E 113 64.88 -7.72 30.25
CA GLY E 113 65.31 -9.08 29.98
C GLY E 113 65.48 -9.35 28.50
N ILE E 114 64.56 -8.82 27.68
CA ILE E 114 64.63 -9.00 26.23
C ILE E 114 65.80 -8.19 25.65
N ALA E 115 65.90 -6.92 26.01
CA ALA E 115 66.99 -6.12 25.47
C ALA E 115 68.35 -6.64 25.93
N SER E 116 68.40 -7.33 27.08
CA SER E 116 69.66 -7.90 27.52
C SER E 116 70.00 -9.13 26.71
N ALA E 117 69.00 -9.95 26.37
CA ALA E 117 69.24 -11.09 25.49
C ALA E 117 69.64 -10.63 24.10
N ALA E 118 69.00 -9.56 23.60
CA ALA E 118 69.36 -9.03 22.29
C ALA E 118 70.80 -8.55 22.28
N ALA E 119 71.21 -7.81 23.31
CA ALA E 119 72.57 -7.27 23.33
C ALA E 119 73.60 -8.39 23.42
N ALA E 120 73.32 -9.44 24.20
CA ALA E 120 74.18 -10.62 24.21
C ALA E 120 74.33 -11.20 22.81
N ALA E 121 73.22 -11.32 22.07
CA ALA E 121 73.29 -11.88 20.73
C ALA E 121 74.13 -10.99 19.82
N VAL E 122 73.90 -9.68 19.87
CA VAL E 122 74.69 -8.74 19.07
C VAL E 122 76.15 -8.76 19.51
N GLU E 123 76.42 -9.03 20.79
CA GLU E 123 77.82 -9.20 21.22
C GLU E 123 78.44 -10.44 20.60
N ALA E 124 77.80 -11.60 20.76
CA ALA E 124 78.31 -12.83 20.16
C ALA E 124 78.46 -12.70 18.65
N ALA E 125 77.48 -12.10 17.97
CA ALA E 125 77.58 -11.99 16.52
C ALA E 125 78.72 -11.07 16.13
N ARG E 126 78.94 -9.99 16.89
CA ARG E 126 80.09 -9.11 16.63
C ARG E 126 81.40 -9.83 16.90
N GLY E 127 81.44 -10.67 17.94
CA GLY E 127 82.63 -11.44 18.27
C GLY E 127 83.00 -12.47 17.24
N ALA E 128 82.14 -12.71 16.25
CA ALA E 128 82.40 -13.64 15.17
C ALA E 128 82.58 -12.91 13.86
N GLY E 129 82.71 -11.59 13.89
CA GLY E 129 82.93 -10.81 12.68
C GLY E 129 81.72 -10.61 11.81
N TRP E 130 80.55 -11.07 12.23
CA TRP E 130 79.35 -10.98 11.40
C TRP E 130 78.72 -9.59 11.50
N THR E 131 78.39 -9.01 10.35
CA THR E 131 77.83 -7.67 10.28
C THR E 131 76.32 -7.65 10.00
N GLY E 132 75.67 -8.80 9.84
CA GLY E 132 74.26 -8.83 9.55
C GLY E 132 73.39 -8.38 10.72
N HIS E 133 72.07 -8.46 10.51
CA HIS E 133 71.08 -8.09 11.50
C HIS E 133 70.66 -9.29 12.34
N VAL E 134 70.82 -9.20 13.65
CA VAL E 134 70.12 -10.11 14.56
C VAL E 134 68.71 -9.59 14.73
N ALA E 135 67.72 -10.48 14.64
CA ALA E 135 66.33 -10.06 14.58
C ALA E 135 65.46 -10.97 15.45
N GLY E 136 64.30 -10.41 15.81
CA GLY E 136 63.31 -11.15 16.57
C GLY E 136 62.33 -11.86 15.68
N THR E 137 61.25 -12.34 16.30
CA THR E 137 60.22 -13.09 15.60
C THR E 137 58.87 -12.60 16.08
N ARG E 138 57.80 -13.23 15.57
CA ARG E 138 56.45 -13.02 16.06
C ARG E 138 56.10 -13.93 17.24
N LYS E 139 57.11 -14.53 17.89
CA LYS E 139 56.90 -15.36 19.09
C LYS E 139 56.93 -14.49 20.34
N THR E 140 56.01 -13.54 20.39
CA THR E 140 55.88 -12.60 21.50
C THR E 140 54.68 -13.01 22.37
N THR E 141 54.61 -12.45 23.58
CA THR E 141 53.43 -12.71 24.43
C THR E 141 52.22 -11.98 23.84
N PRO E 142 51.09 -12.67 23.67
CA PRO E 142 49.91 -12.00 23.10
C PRO E 142 49.47 -10.84 23.99
N GLY E 143 49.26 -9.67 23.38
CA GLY E 143 48.95 -8.46 24.09
C GLY E 143 50.14 -7.60 24.45
N PHE E 144 51.35 -8.12 24.36
CA PHE E 144 52.54 -7.45 24.88
C PHE E 144 53.53 -7.11 23.78
N ARG E 145 53.15 -7.25 22.52
CA ARG E 145 54.14 -7.20 21.44
C ARG E 145 54.87 -5.87 21.42
N LEU E 146 54.17 -4.78 21.70
CA LEU E 146 54.79 -3.46 21.66
C LEU E 146 56.00 -3.40 22.59
N VAL E 147 55.84 -3.90 23.82
CA VAL E 147 56.93 -3.82 24.77
C VAL E 147 58.10 -4.67 24.29
N GLU E 148 57.81 -5.88 23.79
CA GLU E 148 58.84 -6.85 23.45
C GLU E 148 59.58 -6.49 22.17
N LYS E 149 58.88 -5.96 21.16
CA LYS E 149 59.55 -5.45 19.96
C LYS E 149 60.45 -4.27 20.29
N TYR E 150 59.94 -3.34 21.11
CA TYR E 150 60.75 -2.20 21.56
C TYR E 150 61.99 -2.68 22.32
N GLY E 151 61.84 -3.72 23.14
CA GLY E 151 62.99 -4.25 23.86
C GLY E 151 64.04 -4.84 22.94
N LEU E 152 63.60 -5.53 21.88
CA LEU E 152 64.54 -5.99 20.86
C LEU E 152 65.33 -4.82 20.28
N LEU E 153 64.68 -3.70 19.94
CA LEU E 153 65.41 -2.60 19.33
C LEU E 153 66.42 -1.98 20.30
N VAL E 154 66.01 -1.74 21.55
CA VAL E 154 66.90 -1.14 22.55
C VAL E 154 68.18 -1.96 22.70
N GLY E 155 68.08 -3.28 22.62
CA GLY E 155 69.26 -4.09 22.77
C GLY E 155 70.07 -4.28 21.53
N GLY E 156 69.80 -3.51 20.48
CA GLY E 156 70.55 -3.57 19.24
C GLY E 156 70.07 -4.57 18.21
N ALA E 157 68.96 -5.27 18.43
CA ALA E 157 68.46 -6.23 17.46
C ALA E 157 67.42 -5.57 16.57
N ALA E 158 67.22 -6.17 15.40
CA ALA E 158 66.11 -5.79 14.52
C ALA E 158 64.82 -6.43 15.01
N SER E 159 63.72 -5.69 14.89
CA SER E 159 62.44 -6.18 15.37
C SER E 159 61.81 -7.21 14.44
N HIS E 160 62.21 -7.23 13.16
CA HIS E 160 61.50 -7.97 12.12
C HIS E 160 60.12 -7.35 11.96
N ARG E 161 59.28 -7.95 11.11
CA ARG E 161 57.97 -7.39 10.87
C ARG E 161 57.17 -7.35 12.16
N TYR E 162 56.45 -6.31 12.28
CA TYR E 162 55.70 -6.16 13.52
C TYR E 162 54.53 -7.14 13.58
N ASP E 163 53.90 -7.44 12.44
CA ASP E 163 52.53 -7.97 12.43
C ASP E 163 52.30 -8.76 11.13
N LEU E 164 51.05 -9.09 10.84
CA LEU E 164 50.83 -9.97 9.69
C LEU E 164 50.82 -9.17 8.40
N GLY E 165 50.32 -7.94 8.48
CA GLY E 165 50.71 -6.86 7.59
C GLY E 165 52.18 -6.58 7.83
N GLY E 166 52.68 -5.58 7.12
CA GLY E 166 54.12 -5.56 6.95
C GLY E 166 54.44 -6.63 5.94
N LEU E 167 55.66 -7.14 5.97
CA LEU E 167 56.07 -8.00 4.86
C LEU E 167 55.25 -9.29 4.80
N VAL E 168 54.94 -9.71 3.56
CA VAL E 168 54.20 -10.93 3.29
C VAL E 168 55.17 -12.11 3.39
N MET E 169 54.85 -13.08 4.24
CA MET E 169 55.79 -14.12 4.62
C MET E 169 55.19 -15.49 4.30
N VAL E 170 55.69 -16.18 3.21
CA VAL E 170 55.24 -17.50 2.82
C VAL E 170 55.92 -18.54 3.71
N LYS E 171 55.11 -19.33 4.39
CA LYS E 171 55.60 -20.32 5.33
C LYS E 171 55.31 -21.72 4.83
N ASP E 172 55.86 -22.70 5.54
CA ASP E 172 55.62 -24.11 5.21
C ASP E 172 54.13 -24.36 4.95
N ASN E 173 53.29 -23.90 5.87
CA ASN E 173 51.86 -24.19 5.79
C ASN E 173 51.20 -23.55 4.58
N HIS E 174 51.65 -22.35 4.18
CA HIS E 174 51.14 -21.76 2.94
C HIS E 174 51.50 -22.61 1.72
N VAL E 175 52.73 -23.12 1.69
CA VAL E 175 53.13 -23.91 0.52
C VAL E 175 52.25 -25.14 0.39
N VAL E 176 51.94 -25.81 1.51
CA VAL E 176 51.02 -26.93 1.45
C VAL E 176 49.67 -26.48 0.91
N ALA E 177 49.10 -25.42 1.50
CA ALA E 177 47.75 -24.99 1.14
C ALA E 177 47.66 -24.58 -0.33
N ALA E 178 48.69 -23.93 -0.85
CA ALA E 178 48.71 -23.48 -2.23
C ALA E 178 49.22 -24.54 -3.20
N GLY E 179 49.58 -25.73 -2.74
CA GLY E 179 50.02 -26.77 -3.63
C GLY E 179 51.37 -26.54 -4.31
N GLY E 180 52.29 -25.81 -3.70
CA GLY E 180 53.63 -25.69 -4.23
C GLY E 180 54.23 -24.33 -3.99
N VAL E 181 55.57 -24.28 -4.01
CA VAL E 181 56.28 -23.03 -3.77
C VAL E 181 56.00 -22.03 -4.90
N GLU E 182 56.07 -22.47 -6.15
CA GLU E 182 55.88 -21.55 -7.26
C GLU E 182 54.54 -20.83 -7.15
N LYS E 183 53.48 -21.59 -6.89
CA LYS E 183 52.17 -20.97 -6.76
C LYS E 183 52.10 -20.04 -5.56
N ALA E 184 52.69 -20.45 -4.43
CA ALA E 184 52.54 -19.69 -3.19
C ALA E 184 53.22 -18.33 -3.28
N VAL E 185 54.43 -18.25 -3.82
CA VAL E 185 55.07 -16.93 -3.86
C VAL E 185 54.60 -16.11 -5.07
N ARG E 186 54.02 -16.73 -6.09
CA ARG E 186 53.38 -15.92 -7.11
C ARG E 186 52.13 -15.24 -6.56
N ALA E 187 51.35 -15.96 -5.75
CA ALA E 187 50.21 -15.36 -5.09
C ALA E 187 50.64 -14.32 -4.09
N ALA E 188 51.79 -14.57 -3.43
CA ALA E 188 52.30 -13.63 -2.44
C ALA E 188 52.71 -12.31 -3.09
N ARG E 189 53.43 -12.41 -4.20
CA ARG E 189 53.95 -11.32 -5.00
C ARG E 189 52.86 -10.42 -5.46
N GLN E 190 51.74 -11.00 -5.80
CA GLN E 190 50.52 -10.29 -6.20
C GLN E 190 49.92 -9.50 -5.04
N ALA E 191 49.69 -10.17 -3.91
CA ALA E 191 49.19 -9.48 -2.73
C ALA E 191 50.17 -8.41 -2.26
N ALA E 192 51.48 -8.67 -2.31
CA ALA E 192 52.43 -7.68 -1.81
C ALA E 192 52.54 -6.46 -2.73
N ASP E 193 52.38 -6.64 -4.04
CA ASP E 193 52.48 -5.55 -5.00
C ASP E 193 53.81 -4.83 -4.82
N PHE E 194 53.83 -3.49 -4.88
CA PHE E 194 55.08 -2.75 -4.83
C PHE E 194 55.46 -2.27 -3.42
N ALA E 195 54.56 -2.31 -2.45
CA ALA E 195 54.87 -1.70 -1.16
C ALA E 195 55.46 -2.67 -0.14
N LEU E 196 55.06 -3.94 -0.20
CA LEU E 196 55.49 -4.94 0.75
C LEU E 196 56.54 -5.86 0.12
N LYS E 197 57.43 -6.38 0.94
CA LYS E 197 58.37 -7.37 0.44
C LYS E 197 57.81 -8.78 0.64
N VAL E 198 58.35 -9.74 -0.11
CA VAL E 198 57.98 -11.14 0.05
C VAL E 198 59.17 -11.91 0.61
N GLU E 199 58.94 -12.62 1.70
CA GLU E 199 59.92 -13.52 2.32
C GLU E 199 59.33 -14.93 2.39
N VAL E 200 60.15 -15.94 2.08
CA VAL E 200 59.70 -17.32 1.94
C VAL E 200 60.54 -18.23 2.84
N GLU E 201 59.87 -18.98 3.72
CA GLU E 201 60.56 -19.94 4.59
C GLU E 201 60.87 -21.23 3.82
N CYS E 202 62.15 -21.59 3.75
CA CYS E 202 62.61 -22.69 2.89
C CYS E 202 63.39 -23.70 3.71
N SER E 203 63.01 -24.96 3.63
CA SER E 203 63.68 -26.00 4.41
C SER E 203 64.62 -26.86 3.57
N SER E 204 64.89 -26.47 2.33
CA SER E 204 65.78 -27.21 1.45
C SER E 204 66.35 -26.26 0.40
N LEU E 205 67.38 -26.73 -0.30
CA LEU E 205 67.97 -25.93 -1.37
C LEU E 205 67.04 -25.80 -2.57
N GLN E 206 66.21 -26.80 -2.81
CA GLN E 206 65.27 -26.74 -3.92
C GLN E 206 64.23 -25.64 -3.69
N GLU E 207 63.57 -25.66 -2.53
CA GLU E 207 62.61 -24.62 -2.19
C GLU E 207 63.22 -23.23 -2.32
N ALA E 208 64.42 -23.05 -1.78
CA ALA E 208 65.07 -21.74 -1.80
C ALA E 208 65.30 -21.26 -3.22
N VAL E 209 65.69 -22.16 -4.13
CA VAL E 209 65.88 -21.76 -5.53
C VAL E 209 64.53 -21.44 -6.18
N GLN E 210 63.50 -22.27 -5.93
CA GLN E 210 62.19 -21.97 -6.50
C GLN E 210 61.67 -20.64 -5.99
N ALA E 211 61.87 -20.35 -4.71
CA ALA E 211 61.38 -19.09 -4.15
C ALA E 211 62.10 -17.90 -4.79
N ALA E 212 63.42 -18.01 -4.94
CA ALA E 212 64.19 -16.91 -5.52
C ALA E 212 63.86 -16.73 -6.99
N GLU E 213 63.60 -17.82 -7.72
CA GLU E 213 63.24 -17.71 -9.12
C GLU E 213 61.93 -16.99 -9.28
N ALA E 214 60.99 -17.24 -8.38
CA ALA E 214 59.65 -16.69 -8.47
C ALA E 214 59.53 -15.33 -7.82
N GLY E 215 60.64 -14.66 -7.52
CA GLY E 215 60.64 -13.26 -7.16
C GLY E 215 60.67 -12.89 -5.69
N ALA E 216 61.11 -13.79 -4.81
CA ALA E 216 61.18 -13.47 -3.39
C ALA E 216 62.26 -12.42 -3.10
N ASP E 217 61.98 -11.51 -2.17
CA ASP E 217 63.03 -10.59 -1.75
C ASP E 217 63.97 -11.23 -0.74
N LEU E 218 63.41 -11.94 0.24
CA LEU E 218 64.19 -12.66 1.23
C LEU E 218 63.87 -14.14 1.13
N VAL E 219 64.90 -14.95 1.38
CA VAL E 219 64.73 -16.39 1.57
C VAL E 219 65.17 -16.73 2.99
N LEU E 220 64.27 -17.34 3.75
CA LEU E 220 64.57 -17.78 5.10
C LEU E 220 64.92 -19.26 5.07
N LEU E 221 66.16 -19.57 5.40
CA LEU E 221 66.62 -20.95 5.40
C LEU E 221 66.36 -21.50 6.79
N ASP E 222 65.39 -22.39 6.89
CA ASP E 222 64.79 -22.77 8.15
C ASP E 222 65.30 -24.12 8.61
N ASN E 223 65.80 -24.18 9.85
CA ASN E 223 66.24 -25.40 10.52
C ASN E 223 67.33 -26.15 9.75
N PHE E 224 68.23 -25.39 9.12
CA PHE E 224 69.44 -26.00 8.60
C PHE E 224 70.43 -26.25 9.72
N LYS E 225 71.17 -27.35 9.59
CA LYS E 225 72.42 -27.50 10.33
C LYS E 225 73.41 -26.44 9.85
N PRO E 226 74.24 -25.90 10.74
CA PRO E 226 75.21 -24.87 10.30
C PRO E 226 76.08 -25.31 9.14
N GLU E 227 76.51 -26.58 9.10
CA GLU E 227 77.36 -27.02 8.00
C GLU E 227 76.60 -27.04 6.66
N GLU E 228 75.28 -27.30 6.69
CA GLU E 228 74.50 -27.25 5.45
C GLU E 228 74.06 -25.82 5.12
N LEU E 229 73.91 -24.98 6.15
CA LEU E 229 73.37 -23.64 5.94
C LEU E 229 74.29 -22.79 5.08
N HIS E 230 75.59 -22.81 5.36
CA HIS E 230 76.49 -21.86 4.72
C HIS E 230 76.76 -22.14 3.24
N PRO E 231 76.96 -23.40 2.82
CA PRO E 231 77.04 -23.65 1.38
C PRO E 231 75.76 -23.26 0.66
N THR E 232 74.60 -23.59 1.23
CA THR E 232 73.33 -23.21 0.63
C THR E 232 73.24 -21.70 0.43
N ALA E 233 73.53 -20.94 1.48
CA ALA E 233 73.47 -19.48 1.36
C ALA E 233 74.44 -18.98 0.32
N THR E 234 75.61 -19.62 0.24
CA THR E 234 76.62 -19.21 -0.74
C THR E 234 76.12 -19.43 -2.18
N VAL E 235 75.66 -20.65 -2.49
CA VAL E 235 75.19 -20.92 -3.85
C VAL E 235 74.01 -20.04 -4.22
N LEU E 236 73.14 -19.71 -3.25
CA LEU E 236 72.01 -18.82 -3.53
C LEU E 236 72.49 -17.44 -3.92
N LYS E 237 73.41 -16.87 -3.13
CA LYS E 237 73.93 -15.55 -3.45
C LYS E 237 74.65 -15.53 -4.79
N ALA E 238 75.30 -16.63 -5.16
CA ALA E 238 75.94 -16.68 -6.48
C ALA E 238 74.90 -16.60 -7.59
N GLN E 239 73.81 -17.37 -7.47
CA GLN E 239 72.81 -17.43 -8.53
C GLN E 239 71.82 -16.27 -8.45
N PHE E 240 71.50 -15.78 -7.24
CA PHE E 240 70.52 -14.70 -7.05
C PHE E 240 71.13 -13.65 -6.14
N PRO E 241 71.98 -12.77 -6.67
CA PRO E 241 72.74 -11.87 -5.77
C PRO E 241 71.88 -10.81 -5.10
N SER E 242 70.74 -10.46 -5.68
CA SER E 242 69.89 -9.41 -5.14
C SER E 242 69.03 -9.89 -3.96
N VAL E 243 69.07 -11.19 -3.65
CA VAL E 243 68.18 -11.80 -2.67
C VAL E 243 68.89 -11.83 -1.32
N ALA E 244 68.25 -11.26 -0.29
CA ALA E 244 68.75 -11.39 1.08
C ALA E 244 68.41 -12.77 1.64
N VAL E 245 69.34 -13.32 2.42
CA VAL E 245 69.20 -14.64 3.02
C VAL E 245 69.08 -14.48 4.52
N GLU E 246 68.07 -15.10 5.11
CA GLU E 246 67.90 -15.14 6.55
C GLU E 246 67.98 -16.58 7.02
N ALA E 247 68.67 -16.80 8.13
CA ALA E 247 68.72 -18.10 8.78
C ALA E 247 67.91 -18.05 10.07
N SER E 248 67.30 -19.18 10.43
CA SER E 248 66.43 -19.21 11.59
C SER E 248 66.09 -20.65 11.91
N GLY E 249 65.86 -20.91 13.20
CA GLY E 249 65.50 -22.23 13.65
C GLY E 249 66.51 -22.78 14.65
N GLY E 250 66.13 -22.84 15.92
CA GLY E 250 66.99 -23.39 16.94
C GLY E 250 68.26 -22.61 17.21
N ILE E 251 68.35 -21.37 16.75
CA ILE E 251 69.55 -20.57 16.95
C ILE E 251 69.48 -19.93 18.33
N THR E 252 70.49 -20.21 19.16
CA THR E 252 70.55 -19.80 20.56
C THR E 252 71.79 -18.95 20.77
N LEU E 253 71.93 -18.39 21.97
CA LEU E 253 73.10 -17.55 22.21
C LEU E 253 74.39 -18.36 22.16
N ASP E 254 74.34 -19.63 22.58
CA ASP E 254 75.56 -20.43 22.54
C ASP E 254 75.95 -20.84 21.12
N ASN E 255 74.97 -21.23 20.28
CA ASN E 255 75.32 -21.70 18.95
C ASN E 255 75.32 -20.60 17.89
N LEU E 256 75.01 -19.37 18.27
CA LEU E 256 74.88 -18.30 17.29
C LEU E 256 76.13 -18.09 16.44
N PRO E 257 77.36 -18.12 16.97
CA PRO E 257 78.52 -17.92 16.08
C PRO E 257 78.62 -18.94 14.95
N GLN E 258 78.14 -20.17 15.16
CA GLN E 258 78.17 -21.16 14.09
C GLN E 258 77.28 -20.77 12.92
N PHE E 259 76.18 -20.06 13.17
CA PHE E 259 75.27 -19.67 12.09
C PHE E 259 75.71 -18.39 11.41
N CYS E 260 76.66 -17.66 11.99
CA CYS E 260 77.14 -16.45 11.34
C CYS E 260 77.97 -16.79 10.12
N GLY E 261 77.82 -16.00 9.07
CA GLY E 261 78.47 -16.29 7.83
C GLY E 261 78.32 -15.13 6.87
N PRO E 262 79.29 -14.97 5.97
CA PRO E 262 79.31 -13.79 5.09
C PRO E 262 78.16 -13.75 4.11
N HIS E 263 77.38 -14.83 3.97
CA HIS E 263 76.26 -14.83 3.03
C HIS E 263 74.92 -14.91 3.74
N ILE E 264 74.90 -14.73 5.06
CA ILE E 264 73.68 -14.59 5.84
C ILE E 264 73.50 -13.11 6.15
N ASP E 265 72.37 -12.53 5.75
CA ASP E 265 72.12 -11.13 6.05
C ASP E 265 71.34 -10.91 7.35
N VAL E 266 70.56 -11.90 7.77
CA VAL E 266 69.69 -11.78 8.93
C VAL E 266 69.70 -13.10 9.67
N ILE E 267 69.73 -13.03 10.99
CA ILE E 267 69.63 -14.21 11.83
C ILE E 267 68.54 -13.92 12.85
N SER E 268 67.54 -14.80 12.94
CA SER E 268 66.41 -14.55 13.81
C SER E 268 66.27 -15.67 14.83
N MET E 269 65.93 -15.29 16.06
CA MET E 269 65.91 -16.19 17.20
C MET E 269 64.61 -15.96 17.99
N GLY E 270 63.73 -16.96 18.00
CA GLY E 270 62.60 -16.90 18.91
C GLY E 270 63.02 -16.80 20.36
N MET E 271 64.23 -17.30 20.66
CA MET E 271 64.84 -17.29 22.00
C MET E 271 64.76 -15.92 22.67
N LEU E 272 64.93 -14.83 21.90
CA LEU E 272 65.06 -13.50 22.50
C LEU E 272 63.77 -13.02 23.16
N THR E 273 62.62 -13.60 22.80
CA THR E 273 61.33 -13.25 23.36
C THR E 273 60.67 -14.40 24.10
N GLN E 274 61.04 -15.65 23.80
CA GLN E 274 60.45 -16.80 24.45
C GLN E 274 61.32 -17.41 25.53
N ALA E 275 62.60 -17.06 25.58
CA ALA E 275 63.45 -17.65 26.62
C ALA E 275 64.38 -16.63 27.25
N ALA E 276 64.08 -15.34 27.19
CA ALA E 276 64.88 -14.31 27.85
C ALA E 276 64.34 -14.08 29.26
N PRO E 277 65.04 -14.50 30.30
CA PRO E 277 64.53 -14.29 31.66
C PRO E 277 64.48 -12.81 32.03
N ALA E 278 63.49 -12.46 32.85
CA ALA E 278 63.30 -11.07 33.23
C ALA E 278 64.36 -10.62 34.22
N LEU E 279 64.88 -9.40 34.02
CA LEU E 279 65.81 -8.79 34.98
C LEU E 279 65.14 -8.58 36.33
N ASP E 280 65.96 -8.50 37.38
CA ASP E 280 65.47 -8.28 38.75
C ASP E 280 65.58 -6.79 39.08
N PHE E 281 64.43 -6.16 39.31
CA PHE E 281 64.33 -4.80 39.80
C PHE E 281 63.49 -4.78 41.05
N SER E 282 63.65 -3.73 41.87
CA SER E 282 62.74 -3.49 42.98
C SER E 282 62.50 -1.99 43.13
N LEU E 283 61.44 -1.65 43.86
CA LEU E 283 61.11 -0.25 44.12
C LEU E 283 60.87 -0.09 45.63
N LYS E 284 61.70 0.72 46.28
CA LYS E 284 61.69 0.84 47.74
C LYS E 284 61.45 2.28 48.16
N LEU E 285 60.40 2.51 48.94
CA LEU E 285 60.17 3.80 49.57
C LEU E 285 61.32 4.14 50.52
N PHE E 286 61.69 5.41 50.57
CA PHE E 286 62.72 5.87 51.49
C PHE E 286 62.33 7.22 52.08
N ALA E 287 62.95 7.53 53.23
CA ALA E 287 62.71 8.80 53.91
C ALA E 287 63.58 9.91 53.31
N LYS E 288 62.99 11.09 53.17
CA LYS E 288 63.63 12.18 52.42
C LYS E 288 64.97 12.59 53.04
N GLU E 289 65.12 12.52 54.35
CA GLU E 289 66.36 12.98 54.99
C GLU E 289 66.49 12.44 56.41
N MET F 1 42.58 -31.25 42.37
CA MET F 1 43.34 -32.45 42.02
C MET F 1 42.86 -33.04 40.69
N ASP F 2 42.50 -32.16 39.75
CA ASP F 2 42.01 -32.59 38.44
C ASP F 2 42.09 -31.41 37.47
N ALA F 3 43.02 -31.49 36.51
CA ALA F 3 43.32 -30.32 35.68
C ALA F 3 42.32 -30.13 34.54
N GLU F 4 41.50 -31.13 34.22
CA GLU F 4 40.52 -30.96 33.16
C GLU F 4 39.41 -30.00 33.57
N GLY F 5 39.03 -30.01 34.84
CA GLY F 5 37.97 -29.13 35.31
C GLY F 5 38.39 -27.71 35.65
N LEU F 6 39.68 -27.39 35.59
CA LEU F 6 40.10 -26.01 35.81
C LEU F 6 39.50 -25.06 34.79
N ALA F 7 39.15 -25.54 33.59
CA ALA F 7 38.63 -24.64 32.57
C ALA F 7 37.36 -23.92 33.03
N LEU F 8 36.57 -24.57 33.90
CA LEU F 8 35.37 -23.92 34.41
C LEU F 8 35.66 -22.58 35.08
N LEU F 9 36.91 -22.35 35.52
CA LEU F 9 37.28 -21.11 36.20
C LEU F 9 37.29 -19.90 35.29
N LEU F 10 37.37 -20.10 33.98
CA LEU F 10 37.52 -19.00 33.04
C LEU F 10 36.16 -18.46 32.66
N PRO F 11 35.82 -17.22 33.01
CA PRO F 11 34.51 -16.65 32.60
C PRO F 11 34.45 -16.47 31.09
N PRO F 12 33.42 -17.02 30.42
CA PRO F 12 33.43 -17.04 28.95
C PRO F 12 33.50 -15.67 28.29
N VAL F 13 32.98 -14.62 28.95
CA VAL F 13 32.97 -13.29 28.34
C VAL F 13 34.36 -12.68 28.36
N THR F 14 35.14 -12.94 29.41
CA THR F 14 36.52 -12.45 29.46
C THR F 14 37.41 -13.15 28.41
N LEU F 15 37.17 -14.44 28.17
CA LEU F 15 37.92 -15.20 27.18
C LEU F 15 37.78 -14.60 25.78
N ALA F 16 36.54 -14.35 25.36
CA ALA F 16 36.32 -13.93 23.98
C ALA F 16 36.91 -12.56 23.73
N ALA F 17 36.84 -11.66 24.70
CA ALA F 17 37.40 -10.33 24.52
C ALA F 17 38.91 -10.39 24.39
N LEU F 18 39.54 -11.09 25.33
CA LEU F 18 40.99 -11.28 25.34
C LEU F 18 41.49 -11.87 24.02
N VAL F 19 40.84 -12.93 23.55
CA VAL F 19 41.25 -13.57 22.31
C VAL F 19 41.10 -12.60 21.14
N ASP F 20 39.98 -11.86 21.09
CA ASP F 20 39.79 -10.87 20.02
C ASP F 20 40.93 -9.88 19.99
N SER F 21 41.33 -9.36 21.15
CA SER F 21 42.43 -8.40 21.18
C SER F 21 43.77 -9.03 20.77
N TRP F 22 43.99 -10.32 21.07
CA TRP F 22 45.23 -10.94 20.60
C TRP F 22 45.22 -11.06 19.08
N LEU F 23 44.09 -11.44 18.49
CA LEU F 23 44.02 -11.56 17.05
C LEU F 23 44.12 -10.18 16.38
N ARG F 24 43.54 -9.14 16.99
CA ARG F 24 43.69 -7.81 16.43
C ARG F 24 45.13 -7.35 16.44
N GLU F 25 45.87 -7.66 17.52
CA GLU F 25 47.26 -7.22 17.62
C GLU F 25 48.13 -7.85 16.53
N ASP F 26 47.94 -9.13 16.27
CA ASP F 26 48.75 -9.80 15.26
C ASP F 26 48.30 -9.46 13.84
N CYS F 27 47.04 -9.07 13.62
CA CYS F 27 46.59 -8.65 12.30
C CYS F 27 45.68 -7.43 12.37
N PRO F 28 46.26 -6.23 12.41
CA PRO F 28 45.43 -5.02 12.59
C PRO F 28 44.70 -4.56 11.34
N GLY F 29 45.04 -5.04 10.15
CA GLY F 29 44.43 -4.51 8.94
C GLY F 29 44.00 -5.55 7.94
N LEU F 30 44.52 -5.45 6.73
CA LEU F 30 44.40 -6.51 5.72
C LEU F 30 45.34 -7.68 6.01
N ASN F 31 44.83 -8.90 5.84
CA ASN F 31 45.61 -10.14 5.99
C ASN F 31 46.01 -10.67 4.61
N TYR F 32 47.10 -10.11 4.05
CA TYR F 32 47.49 -10.42 2.67
C TYR F 32 47.82 -11.91 2.50
N ALA F 33 48.28 -12.57 3.55
CA ALA F 33 48.66 -13.96 3.41
C ALA F 33 47.46 -14.86 3.12
N ALA F 34 46.24 -14.41 3.44
CA ALA F 34 45.06 -15.24 3.15
C ALA F 34 44.96 -15.54 1.66
N LEU F 35 45.44 -14.64 0.80
CA LEU F 35 45.35 -14.87 -0.63
C LEU F 35 46.32 -15.95 -1.08
N VAL F 36 47.47 -16.09 -0.41
CA VAL F 36 48.43 -17.14 -0.75
C VAL F 36 47.86 -18.52 -0.47
N SER F 37 47.08 -18.66 0.60
CA SER F 37 46.62 -19.98 1.01
C SER F 37 45.24 -20.33 0.47
N GLY F 38 44.39 -19.33 0.23
CA GLY F 38 43.00 -19.60 -0.05
C GLY F 38 42.21 -20.02 1.19
N ALA F 39 41.00 -20.54 0.95
CA ALA F 39 40.04 -20.81 2.02
C ALA F 39 39.51 -22.24 2.02
N GLY F 40 40.12 -23.14 1.26
CA GLY F 40 39.68 -24.51 1.22
C GLY F 40 39.76 -25.21 2.57
N PRO F 41 38.79 -26.08 2.84
CA PRO F 41 38.84 -26.90 4.06
C PRO F 41 40.18 -27.60 4.21
N SER F 42 40.66 -27.72 5.44
CA SER F 42 41.95 -28.35 5.67
C SER F 42 42.05 -28.75 7.12
N GLN F 43 43.21 -29.29 7.47
CA GLN F 43 43.47 -29.84 8.80
C GLN F 43 44.95 -29.64 9.10
N ALA F 44 45.23 -29.32 10.36
CA ALA F 44 46.60 -29.19 10.84
C ALA F 44 46.79 -30.16 11.98
N ALA F 45 48.04 -30.52 12.25
CA ALA F 45 48.37 -31.29 13.44
C ALA F 45 49.10 -30.36 14.39
N LEU F 46 48.83 -30.51 15.69
CA LEU F 46 49.63 -29.85 16.71
C LEU F 46 50.72 -30.81 17.17
N TRP F 47 51.96 -30.35 17.22
CA TRP F 47 53.09 -31.17 17.62
C TRP F 47 53.74 -30.57 18.85
N ALA F 48 53.81 -31.36 19.92
CA ALA F 48 54.64 -31.01 21.07
C ALA F 48 56.05 -31.51 20.83
N LYS F 49 57.03 -30.59 20.85
CA LYS F 49 58.44 -30.90 20.67
C LYS F 49 59.28 -30.64 21.93
N SER F 50 58.62 -30.44 23.06
CA SER F 50 59.27 -30.14 24.32
C SER F 50 58.64 -31.03 25.39
N PRO F 51 59.43 -31.53 26.32
CA PRO F 51 58.83 -32.18 27.50
C PRO F 51 58.20 -31.12 28.39
N GLY F 52 57.18 -31.54 29.12
CA GLY F 52 56.54 -30.67 30.07
C GLY F 52 55.10 -31.06 30.25
N VAL F 53 54.31 -30.11 30.71
CA VAL F 53 52.88 -30.29 30.98
C VAL F 53 52.08 -29.46 29.99
N LEU F 54 51.01 -30.04 29.47
CA LEU F 54 50.16 -29.37 28.49
C LEU F 54 49.12 -28.54 29.22
N ALA F 55 49.12 -27.22 28.97
CA ALA F 55 48.16 -26.31 29.59
C ALA F 55 47.78 -25.20 28.62
N GLY F 56 46.50 -24.89 28.55
CA GLY F 56 46.07 -23.79 27.71
C GLY F 56 45.04 -24.18 26.67
N GLN F 57 44.50 -25.40 26.76
CA GLN F 57 43.48 -25.83 25.81
C GLN F 57 42.31 -24.85 25.70
N PRO F 58 41.72 -24.34 26.79
CA PRO F 58 40.61 -23.39 26.61
C PRO F 58 41.00 -22.14 25.83
N PHE F 59 42.20 -21.62 26.03
CA PHE F 59 42.59 -20.44 25.27
C PHE F 59 42.78 -20.79 23.80
N PHE F 60 43.53 -21.86 23.54
CA PHE F 60 43.74 -22.39 22.20
C PHE F 60 42.40 -22.64 21.49
N ASP F 61 41.48 -23.34 22.15
CA ASP F 61 40.15 -23.60 21.58
C ASP F 61 39.42 -22.30 21.26
N ALA F 62 39.44 -21.35 22.21
CA ALA F 62 38.72 -20.09 22.01
C ALA F 62 39.24 -19.35 20.79
N ILE F 63 40.56 -19.32 20.60
CA ILE F 63 41.12 -18.61 19.46
C ILE F 63 40.57 -19.19 18.16
N PHE F 64 40.51 -20.51 18.06
CA PHE F 64 40.09 -21.09 16.81
C PHE F 64 38.56 -21.10 16.65
N THR F 65 37.82 -21.05 17.76
CA THR F 65 36.37 -20.86 17.67
C THR F 65 36.02 -19.51 17.04
N GLN F 66 36.71 -18.43 17.45
CA GLN F 66 36.52 -17.14 16.78
C GLN F 66 36.82 -17.19 15.29
N LEU F 67 37.60 -18.18 14.84
CA LEU F 67 37.95 -18.28 13.43
C LEU F 67 37.26 -19.46 12.76
N ASN F 68 36.15 -19.92 13.32
CA ASN F 68 35.34 -20.98 12.72
C ASN F 68 36.17 -22.22 12.38
N CYS F 69 37.10 -22.55 13.25
CA CYS F 69 37.87 -23.78 13.17
C CYS F 69 37.49 -24.64 14.36
N GLN F 70 37.69 -25.95 14.22
CA GLN F 70 37.41 -26.90 15.30
C GLN F 70 38.70 -27.60 15.71
N VAL F 71 38.75 -28.04 16.97
CA VAL F 71 39.93 -28.67 17.56
C VAL F 71 39.53 -29.99 18.19
N SER F 72 40.29 -31.05 17.90
CA SER F 72 40.17 -32.32 18.59
C SER F 72 41.47 -32.58 19.33
N TRP F 73 41.39 -32.81 20.64
CA TRP F 73 42.56 -33.07 21.45
C TRP F 73 42.78 -34.57 21.63
N PHE F 74 44.05 -34.97 21.64
CA PHE F 74 44.44 -36.36 21.85
C PHE F 74 45.01 -36.61 23.23
N LEU F 75 45.14 -35.55 24.05
CA LEU F 75 45.69 -35.63 25.38
C LEU F 75 44.85 -34.66 26.18
N PRO F 76 44.37 -35.05 27.36
CA PRO F 76 43.66 -34.10 28.22
C PRO F 76 44.56 -32.97 28.69
N GLU F 77 43.91 -31.90 29.15
CA GLU F 77 44.60 -30.79 29.77
C GLU F 77 45.41 -31.27 30.97
N GLY F 78 46.68 -30.92 31.01
CA GLY F 78 47.54 -31.30 32.10
C GLY F 78 48.42 -32.50 31.84
N SER F 79 48.21 -33.18 30.70
CA SER F 79 49.00 -34.35 30.35
C SER F 79 50.49 -34.05 30.32
N LYS F 80 51.28 -35.08 30.61
CA LYS F 80 52.72 -34.99 30.38
C LYS F 80 52.99 -35.07 28.88
N LEU F 81 53.84 -34.17 28.39
CA LEU F 81 54.21 -34.16 27.00
C LEU F 81 55.50 -34.95 26.87
N VAL F 82 55.46 -36.01 26.07
CA VAL F 82 56.66 -36.78 25.75
C VAL F 82 56.91 -36.54 24.26
N PRO F 83 57.84 -35.65 23.89
CA PRO F 83 58.08 -35.27 22.48
C PRO F 83 58.63 -36.45 21.71
N VAL F 84 58.40 -36.55 20.40
CA VAL F 84 57.57 -35.62 19.65
C VAL F 84 56.14 -36.17 19.53
N ALA F 85 55.20 -35.60 20.27
CA ALA F 85 53.85 -36.14 20.36
C ALA F 85 52.86 -35.35 19.50
N ARG F 86 51.91 -36.09 18.89
CA ARG F 86 50.79 -35.52 18.15
C ARG F 86 49.67 -35.20 19.14
N VAL F 87 49.50 -33.92 19.44
CA VAL F 87 48.68 -33.47 20.57
C VAL F 87 47.23 -33.16 20.17
N ALA F 88 47.00 -32.71 18.94
CA ALA F 88 45.66 -32.32 18.56
C ALA F 88 45.59 -32.23 17.04
N GLU F 89 44.36 -32.08 16.54
CA GLU F 89 44.07 -31.77 15.15
C GLU F 89 43.18 -30.54 15.11
N VAL F 90 43.49 -29.59 14.22
CA VAL F 90 42.69 -28.39 14.00
C VAL F 90 42.16 -28.41 12.58
N ARG F 91 40.85 -28.14 12.42
CA ARG F 91 40.17 -28.24 11.12
C ARG F 91 39.45 -26.92 10.84
N GLY F 92 39.51 -26.48 9.58
CA GLY F 92 38.85 -25.27 9.17
C GLY F 92 39.41 -24.72 7.86
N PRO F 93 38.87 -23.58 7.40
CA PRO F 93 39.41 -22.97 6.17
C PRO F 93 40.89 -22.66 6.33
N ALA F 94 41.64 -22.82 5.23
CA ALA F 94 43.09 -22.72 5.32
C ALA F 94 43.52 -21.37 5.88
N HIS F 95 42.97 -20.29 5.36
CA HIS F 95 43.46 -18.98 5.79
C HIS F 95 43.13 -18.73 7.26
N CYS F 96 42.04 -19.32 7.75
CA CYS F 96 41.66 -19.16 9.16
C CYS F 96 42.55 -19.99 10.09
N LEU F 97 42.95 -21.18 9.65
CA LEU F 97 43.95 -21.93 10.40
C LEU F 97 45.25 -21.15 10.51
N LEU F 98 45.68 -20.53 9.41
CA LEU F 98 46.98 -19.87 9.42
C LEU F 98 46.94 -18.50 10.07
N LEU F 99 45.75 -17.90 10.21
CA LEU F 99 45.59 -16.64 10.92
C LEU F 99 45.68 -16.85 12.43
N GLY F 100 45.21 -17.99 12.92
CA GLY F 100 45.18 -18.28 14.34
C GLY F 100 46.46 -18.93 14.83
N GLU F 101 47.25 -19.47 13.89
CA GLU F 101 48.32 -20.38 14.25
C GLU F 101 49.33 -19.72 15.21
N ARG F 102 49.86 -18.56 14.87
CA ARG F 102 50.87 -17.94 15.71
C ARG F 102 50.32 -17.55 17.07
N VAL F 103 49.10 -16.99 17.12
CA VAL F 103 48.57 -16.55 18.41
C VAL F 103 48.24 -17.75 19.27
N ALA F 104 47.76 -18.84 18.66
CA ALA F 104 47.43 -20.04 19.42
C ALA F 104 48.68 -20.73 19.94
N LEU F 105 49.74 -20.82 19.12
CA LEU F 105 50.98 -21.42 19.59
C LEU F 105 51.63 -20.56 20.64
N ASN F 106 51.59 -19.24 20.46
CA ASN F 106 52.21 -18.34 21.45
C ASN F 106 51.58 -18.52 22.83
N THR F 107 50.25 -18.61 22.88
CA THR F 107 49.55 -18.76 24.15
C THR F 107 49.80 -20.13 24.76
N LEU F 108 49.74 -21.18 23.94
CA LEU F 108 49.94 -22.53 24.44
C LEU F 108 51.37 -22.72 24.92
N ALA F 109 52.33 -22.16 24.17
CA ALA F 109 53.73 -22.31 24.54
C ALA F 109 53.99 -21.73 25.91
N ARG F 110 53.43 -20.55 26.20
CA ARG F 110 53.69 -19.87 27.46
C ARG F 110 52.87 -20.47 28.59
N CYS F 111 51.62 -20.84 28.31
CA CYS F 111 50.80 -21.47 29.34
C CYS F 111 51.36 -22.83 29.72
N SER F 112 51.87 -23.59 28.76
CA SER F 112 52.48 -24.89 29.06
C SER F 112 53.86 -24.72 29.71
N GLY F 113 54.63 -23.75 29.26
CA GLY F 113 55.92 -23.50 29.90
C GLY F 113 55.78 -23.18 31.38
N ILE F 114 54.74 -22.42 31.73
CA ILE F 114 54.50 -22.08 33.13
C ILE F 114 53.98 -23.30 33.89
N ALA F 115 53.02 -24.02 33.32
CA ALA F 115 52.57 -25.23 33.97
C ALA F 115 53.70 -26.22 34.16
N SER F 116 54.68 -26.23 33.24
CA SER F 116 55.78 -27.19 33.34
C SER F 116 56.73 -26.80 34.46
N ALA F 117 57.03 -25.50 34.59
CA ALA F 117 57.77 -25.01 35.74
C ALA F 117 57.02 -25.29 37.03
N ALA F 118 55.71 -25.05 37.05
CA ALA F 118 54.93 -25.28 38.27
C ALA F 118 54.94 -26.75 38.66
N ALA F 119 54.83 -27.66 37.68
CA ALA F 119 54.80 -29.08 38.00
C ALA F 119 56.16 -29.55 38.50
N ALA F 120 57.24 -29.06 37.90
CA ALA F 120 58.56 -29.42 38.36
C ALA F 120 58.78 -28.96 39.79
N ALA F 121 58.37 -27.72 40.10
CA ALA F 121 58.52 -27.22 41.45
C ALA F 121 57.71 -28.07 42.42
N VAL F 122 56.47 -28.38 42.06
CA VAL F 122 55.65 -29.20 42.95
C VAL F 122 56.26 -30.58 43.12
N GLU F 123 56.90 -31.11 42.07
CA GLU F 123 57.53 -32.43 42.17
C GLU F 123 58.73 -32.38 43.10
N ALA F 124 59.59 -31.36 42.94
CA ALA F 124 60.69 -31.16 43.87
C ALA F 124 60.22 -31.14 45.32
N ALA F 125 59.07 -30.54 45.58
CA ALA F 125 58.70 -30.28 46.95
C ALA F 125 58.16 -31.53 47.64
N ARG F 126 57.37 -32.34 46.92
CA ARG F 126 56.91 -33.57 47.54
C ARG F 126 58.03 -34.59 47.63
N GLY F 127 58.99 -34.53 46.71
CA GLY F 127 60.18 -35.35 46.83
C GLY F 127 61.01 -35.04 48.07
N ALA F 128 60.81 -33.88 48.68
CA ALA F 128 61.42 -33.58 49.97
C ALA F 128 60.43 -33.77 51.12
N GLY F 129 59.31 -34.43 50.86
CA GLY F 129 58.33 -34.74 51.88
C GLY F 129 57.34 -33.64 52.20
N TRP F 130 57.36 -32.53 51.45
CA TRP F 130 56.56 -31.36 51.80
C TRP F 130 55.10 -31.51 51.40
N THR F 131 54.20 -31.04 52.28
CA THR F 131 52.77 -31.09 52.04
C THR F 131 52.13 -29.74 51.75
N GLY F 132 52.87 -28.63 51.90
CA GLY F 132 52.31 -27.32 51.71
C GLY F 132 52.05 -27.00 50.25
N HIS F 133 51.70 -25.74 50.01
CA HIS F 133 51.37 -25.25 48.67
C HIS F 133 52.55 -24.50 48.04
N VAL F 134 52.98 -24.96 46.88
CA VAL F 134 53.80 -24.15 45.97
C VAL F 134 52.89 -23.17 45.25
N ALA F 135 53.28 -21.88 45.25
CA ALA F 135 52.39 -20.83 44.77
C ALA F 135 53.12 -19.88 43.83
N GLY F 136 52.31 -19.16 43.05
CA GLY F 136 52.80 -18.10 42.20
C GLY F 136 52.63 -16.73 42.84
N THR F 137 52.87 -15.69 42.04
CA THR F 137 52.94 -14.32 42.52
C THR F 137 52.19 -13.42 41.55
N ARG F 138 52.32 -12.11 41.75
CA ARG F 138 51.84 -11.10 40.82
C ARG F 138 52.92 -10.62 39.87
N LYS F 139 54.00 -11.38 39.73
CA LYS F 139 55.04 -11.09 38.74
C LYS F 139 54.65 -11.75 37.42
N THR F 140 53.57 -11.23 36.86
CA THR F 140 53.00 -11.76 35.62
C THR F 140 53.20 -10.75 34.50
N THR F 141 53.18 -11.24 33.25
CA THR F 141 53.23 -10.34 32.12
C THR F 141 51.97 -9.49 32.10
N PRO F 142 52.07 -8.17 32.12
CA PRO F 142 50.87 -7.31 32.09
C PRO F 142 49.94 -7.65 30.94
N GLY F 143 48.65 -7.78 31.25
CA GLY F 143 47.65 -8.15 30.28
C GLY F 143 47.53 -9.63 29.99
N PHE F 144 48.43 -10.46 30.53
CA PHE F 144 48.42 -11.89 30.27
C PHE F 144 48.15 -12.70 31.54
N ARG F 145 47.70 -12.03 32.61
CA ARG F 145 47.66 -12.67 33.91
C ARG F 145 46.76 -13.90 33.90
N LEU F 146 45.62 -13.83 33.21
CA LEU F 146 44.66 -14.93 33.24
C LEU F 146 45.26 -16.19 32.64
N VAL F 147 46.08 -16.06 31.60
CA VAL F 147 46.73 -17.24 31.06
C VAL F 147 47.75 -17.80 32.05
N GLU F 148 48.54 -16.92 32.66
CA GLU F 148 49.68 -17.35 33.46
C GLU F 148 49.26 -17.88 34.82
N LYS F 149 48.18 -17.33 35.41
CA LYS F 149 47.68 -17.87 36.66
C LYS F 149 46.97 -19.19 36.43
N TYR F 150 46.27 -19.31 35.31
CA TYR F 150 45.66 -20.59 34.95
C TYR F 150 46.73 -21.66 34.74
N GLY F 151 47.83 -21.30 34.06
CA GLY F 151 48.94 -22.24 33.89
C GLY F 151 49.51 -22.73 35.21
N LEU F 152 49.69 -21.83 36.18
CA LEU F 152 50.09 -22.27 37.52
C LEU F 152 49.17 -23.37 38.03
N LEU F 153 47.85 -23.19 37.89
CA LEU F 153 46.93 -24.18 38.41
C LEU F 153 47.07 -25.51 37.68
N VAL F 154 47.18 -25.47 36.35
CA VAL F 154 47.27 -26.72 35.58
C VAL F 154 48.46 -27.54 36.04
N GLY F 155 49.58 -26.89 36.34
CA GLY F 155 50.74 -27.58 36.84
C GLY F 155 50.75 -27.90 38.33
N GLY F 156 49.63 -27.74 39.02
CA GLY F 156 49.53 -28.17 40.40
C GLY F 156 49.91 -27.15 41.45
N ALA F 157 50.35 -25.96 41.06
CA ALA F 157 50.67 -24.90 42.01
C ALA F 157 49.42 -24.09 42.36
N ALA F 158 49.46 -23.41 43.49
CA ALA F 158 48.39 -22.48 43.85
C ALA F 158 48.65 -21.14 43.15
N SER F 159 47.57 -20.47 42.74
CA SER F 159 47.77 -19.23 42.00
C SER F 159 48.19 -18.07 42.91
N HIS F 160 47.96 -18.17 44.23
CA HIS F 160 48.03 -17.05 45.16
C HIS F 160 46.93 -16.05 44.78
N ARG F 161 46.95 -14.85 45.39
CA ARG F 161 45.90 -13.88 45.09
C ARG F 161 45.97 -13.40 43.66
N TYR F 162 44.80 -13.25 43.05
CA TYR F 162 44.78 -12.98 41.61
C TYR F 162 45.19 -11.56 41.28
N ASP F 163 44.87 -10.60 42.15
CA ASP F 163 45.20 -9.19 41.94
C ASP F 163 45.10 -8.48 43.30
N LEU F 164 45.06 -7.15 43.28
CA LEU F 164 45.09 -6.38 44.53
C LEU F 164 43.78 -6.45 45.30
N GLY F 165 42.79 -7.15 44.80
CA GLY F 165 41.48 -7.15 45.44
C GLY F 165 41.21 -8.41 46.22
N GLY F 166 42.10 -9.40 46.09
CA GLY F 166 42.09 -10.58 46.95
C GLY F 166 42.57 -10.21 48.34
N LEU F 167 43.48 -10.97 48.90
CA LEU F 167 43.88 -10.68 50.26
C LEU F 167 44.73 -9.42 50.30
N VAL F 168 44.51 -8.63 51.35
CA VAL F 168 45.29 -7.44 51.64
C VAL F 168 46.69 -7.86 52.08
N MET F 169 47.68 -7.50 51.30
CA MET F 169 49.06 -7.84 51.61
C MET F 169 49.80 -6.55 51.93
N VAL F 170 50.40 -6.46 53.12
CA VAL F 170 51.23 -5.33 53.47
C VAL F 170 52.68 -5.72 53.22
N LYS F 171 53.40 -4.86 52.52
CA LYS F 171 54.76 -5.13 52.10
C LYS F 171 55.70 -4.18 52.82
N ASP F 172 57.01 -4.34 52.59
CA ASP F 172 57.97 -3.41 53.16
C ASP F 172 57.51 -1.97 52.94
N ASN F 173 57.07 -1.64 51.73
CA ASN F 173 56.75 -0.26 51.37
C ASN F 173 55.55 0.28 52.14
N HIS F 174 54.56 -0.56 52.42
CA HIS F 174 53.43 -0.13 53.25
C HIS F 174 53.88 0.17 54.66
N VAL F 175 54.75 -0.69 55.21
CA VAL F 175 55.25 -0.50 56.56
C VAL F 175 56.04 0.80 56.67
N VAL F 176 56.87 1.07 55.66
CA VAL F 176 57.64 2.32 55.63
C VAL F 176 56.70 3.52 55.60
N ALA F 177 55.58 3.40 54.87
CA ALA F 177 54.67 4.52 54.65
C ALA F 177 53.71 4.71 55.81
N ALA F 178 53.27 3.60 56.42
CA ALA F 178 52.50 3.68 57.64
C ALA F 178 53.35 4.14 58.82
N GLY F 179 54.66 3.90 58.76
CA GLY F 179 55.54 4.23 59.86
C GLY F 179 55.57 3.17 60.92
N GLY F 180 55.72 1.91 60.52
CA GLY F 180 55.75 0.84 61.50
C GLY F 180 54.83 -0.32 61.17
N VAL F 181 55.29 -1.54 61.48
CA VAL F 181 54.54 -2.74 61.18
C VAL F 181 53.14 -2.69 61.79
N GLU F 182 53.07 -2.51 63.12
CA GLU F 182 51.78 -2.71 63.80
C GLU F 182 50.75 -1.64 63.40
N LYS F 183 51.20 -0.42 63.08
CA LYS F 183 50.31 0.54 62.41
C LYS F 183 49.81 -0.03 61.09
N ALA F 184 50.74 -0.45 60.23
CA ALA F 184 50.37 -1.00 58.93
C ALA F 184 49.35 -2.12 59.08
N VAL F 185 49.67 -3.10 59.91
CA VAL F 185 48.81 -4.29 60.03
C VAL F 185 47.45 -3.91 60.60
N ARG F 186 47.42 -2.98 61.55
CA ARG F 186 46.13 -2.60 62.13
C ARG F 186 45.25 -1.89 61.11
N ALA F 187 45.83 -1.06 60.26
CA ALA F 187 45.07 -0.52 59.14
C ALA F 187 44.63 -1.62 58.19
N ALA F 188 45.56 -2.52 57.86
CA ALA F 188 45.20 -3.60 56.95
C ALA F 188 43.97 -4.36 57.46
N ARG F 189 43.94 -4.67 58.76
CA ARG F 189 42.84 -5.45 59.29
C ARG F 189 41.53 -4.68 59.25
N GLN F 190 41.58 -3.37 59.48
CA GLN F 190 40.35 -2.66 59.25
C GLN F 190 39.80 -2.64 57.86
N ALA F 191 40.70 -2.53 56.89
CA ALA F 191 40.37 -2.36 55.51
C ALA F 191 39.62 -3.51 54.93
N ALA F 192 39.81 -4.71 55.46
CA ALA F 192 38.69 -5.64 55.45
C ALA F 192 38.50 -6.74 56.49
N ASP F 193 38.10 -6.41 57.73
CA ASP F 193 38.28 -7.34 58.87
C ASP F 193 37.56 -8.59 58.54
N PHE F 194 36.33 -8.44 58.12
CA PHE F 194 35.60 -9.54 57.64
C PHE F 194 35.45 -9.01 56.22
N ALA F 195 35.58 -9.92 55.28
CA ALA F 195 36.48 -10.96 55.39
C ALA F 195 37.27 -11.14 54.11
N LEU F 196 38.48 -10.65 54.24
CA LEU F 196 39.60 -10.87 53.43
C LEU F 196 40.52 -11.10 54.48
N LYS F 197 41.57 -11.79 54.04
CA LYS F 197 42.71 -12.07 54.89
C LYS F 197 43.72 -10.95 54.79
N VAL F 198 44.63 -10.95 55.73
CA VAL F 198 45.75 -10.03 55.77
C VAL F 198 47.04 -10.85 55.83
N GLU F 199 47.97 -10.52 54.94
CA GLU F 199 49.30 -11.15 54.89
C GLU F 199 50.36 -10.08 54.96
N VAL F 200 51.42 -10.33 55.73
CA VAL F 200 52.44 -9.33 56.03
C VAL F 200 53.80 -9.87 55.60
N GLU F 201 54.52 -9.08 54.79
CA GLU F 201 55.87 -9.42 54.36
C GLU F 201 56.88 -8.97 55.41
N CYS F 202 57.64 -9.92 55.94
CA CYS F 202 58.58 -9.66 57.03
C CYS F 202 60.01 -9.97 56.62
N SER F 203 60.92 -9.10 57.00
CA SER F 203 62.33 -9.30 56.70
C SER F 203 63.10 -9.96 57.85
N SER F 204 62.54 -10.00 59.06
CA SER F 204 63.32 -10.39 60.24
C SER F 204 62.37 -10.91 61.31
N LEU F 205 62.84 -11.88 62.11
CA LEU F 205 62.00 -12.55 63.11
C LEU F 205 61.15 -11.57 63.91
N GLN F 206 61.74 -10.44 64.32
CA GLN F 206 61.01 -9.47 65.12
C GLN F 206 59.75 -9.00 64.39
N GLU F 207 59.92 -8.59 63.12
CA GLU F 207 58.79 -8.13 62.31
C GLU F 207 57.66 -9.15 62.27
N ALA F 208 58.01 -10.42 62.07
CA ALA F 208 56.99 -11.48 61.96
C ALA F 208 56.19 -11.64 63.24
N VAL F 209 56.85 -11.48 64.40
CA VAL F 209 56.12 -11.56 65.66
C VAL F 209 55.21 -10.35 65.82
N GLN F 210 55.72 -9.17 65.48
CA GLN F 210 54.86 -7.98 65.47
C GLN F 210 53.65 -8.20 64.56
N ALA F 211 53.90 -8.67 63.33
CA ALA F 211 52.80 -8.92 62.40
C ALA F 211 51.78 -9.87 62.98
N ALA F 212 52.24 -10.98 63.55
CA ALA F 212 51.32 -11.98 64.05
C ALA F 212 50.52 -11.44 65.24
N GLU F 213 51.18 -10.75 66.16
CA GLU F 213 50.48 -10.14 67.30
C GLU F 213 49.33 -9.27 66.81
N ALA F 214 49.57 -8.43 65.80
CA ALA F 214 48.62 -7.47 65.27
C ALA F 214 47.42 -8.10 64.55
N GLY F 215 47.44 -9.40 64.27
CA GLY F 215 46.29 -10.06 63.65
C GLY F 215 46.46 -10.62 62.24
N ALA F 216 47.70 -10.72 61.74
CA ALA F 216 47.93 -11.24 60.40
C ALA F 216 47.50 -12.71 60.28
N ASP F 217 46.74 -13.01 59.22
CA ASP F 217 46.41 -14.40 58.91
C ASP F 217 47.62 -15.15 58.36
N LEU F 218 48.53 -14.43 57.73
CA LEU F 218 49.70 -14.99 57.08
C LEU F 218 50.87 -14.05 57.26
N VAL F 219 52.03 -14.63 57.51
CA VAL F 219 53.28 -13.91 57.56
C VAL F 219 54.15 -14.46 56.45
N LEU F 220 54.72 -13.57 55.66
CA LEU F 220 55.60 -13.97 54.57
C LEU F 220 57.02 -13.61 54.98
N LEU F 221 57.85 -14.65 55.15
CA LEU F 221 59.25 -14.46 55.50
C LEU F 221 60.03 -14.24 54.22
N ASP F 222 60.43 -13.00 53.97
CA ASP F 222 60.93 -12.60 52.67
C ASP F 222 62.45 -12.57 52.67
N ASN F 223 63.07 -13.24 51.70
CA ASN F 223 64.51 -13.13 51.46
C ASN F 223 65.32 -13.74 52.61
N PHE F 224 64.81 -14.80 53.25
CA PHE F 224 65.58 -15.50 54.26
C PHE F 224 66.45 -16.54 53.56
N LYS F 225 67.69 -16.65 54.02
CA LYS F 225 68.44 -17.86 53.76
C LYS F 225 67.76 -19.01 54.51
N PRO F 226 67.80 -20.23 53.96
CA PRO F 226 67.13 -21.35 54.65
C PRO F 226 67.65 -21.58 56.04
N GLU F 227 68.89 -21.17 56.32
CA GLU F 227 69.45 -21.29 57.67
C GLU F 227 68.59 -20.55 58.70
N GLU F 228 68.31 -19.26 58.48
CA GLU F 228 67.44 -18.55 59.41
C GLU F 228 65.98 -18.96 59.28
N LEU F 229 65.57 -19.44 58.09
CA LEU F 229 64.15 -19.53 57.77
C LEU F 229 63.44 -20.52 58.68
N HIS F 230 63.91 -21.78 58.72
CA HIS F 230 63.18 -22.82 59.43
C HIS F 230 63.20 -22.67 60.95
N PRO F 231 64.27 -22.11 61.57
CA PRO F 231 64.16 -21.67 62.98
C PRO F 231 63.01 -20.69 63.16
N THR F 232 63.19 -19.54 62.49
CA THR F 232 62.20 -18.46 62.43
C THR F 232 60.77 -18.96 62.34
N ALA F 233 60.52 -19.91 61.44
CA ALA F 233 59.17 -20.42 61.23
C ALA F 233 58.71 -21.28 62.40
N THR F 234 59.60 -22.16 62.89
CA THR F 234 59.21 -23.06 63.98
C THR F 234 59.00 -22.29 65.28
N VAL F 235 59.74 -21.19 65.47
CA VAL F 235 59.43 -20.24 66.53
C VAL F 235 57.99 -19.74 66.38
N LEU F 236 57.69 -19.20 65.19
CA LEU F 236 56.42 -18.51 64.97
C LEU F 236 55.24 -19.43 65.17
N LYS F 237 55.34 -20.67 64.65
CA LYS F 237 54.25 -21.62 64.81
C LYS F 237 54.11 -22.07 66.26
N ALA F 238 55.23 -22.07 67.00
CA ALA F 238 55.18 -22.30 68.43
C ALA F 238 54.34 -21.22 69.12
N GLN F 239 54.76 -19.96 68.96
CA GLN F 239 54.06 -18.82 69.54
C GLN F 239 52.65 -18.66 68.98
N PHE F 240 52.49 -18.83 67.66
CA PHE F 240 51.23 -18.53 66.96
C PHE F 240 50.85 -19.78 66.18
N PRO F 241 50.22 -20.75 66.83
CA PRO F 241 49.83 -21.97 66.11
C PRO F 241 48.87 -21.70 64.97
N SER F 242 48.14 -20.60 65.05
CA SER F 242 46.99 -20.35 64.20
C SER F 242 47.33 -19.56 62.93
N VAL F 243 48.57 -19.13 62.76
CA VAL F 243 48.97 -18.22 61.70
C VAL F 243 49.79 -18.97 60.66
N ALA F 244 49.44 -18.79 59.39
CA ALA F 244 50.13 -19.49 58.31
C ALA F 244 51.43 -18.79 57.95
N VAL F 245 52.42 -19.57 57.52
CA VAL F 245 53.76 -19.05 57.26
C VAL F 245 54.12 -19.32 55.80
N GLU F 246 54.57 -18.28 55.10
CA GLU F 246 54.95 -18.38 53.70
C GLU F 246 56.38 -17.94 53.53
N ALA F 247 57.12 -18.65 52.66
CA ALA F 247 58.50 -18.34 52.36
C ALA F 247 58.61 -17.82 50.93
N SER F 248 59.30 -16.69 50.76
CA SER F 248 59.47 -16.14 49.42
C SER F 248 60.73 -15.28 49.37
N GLY F 249 61.29 -15.19 48.17
CA GLY F 249 62.59 -14.59 47.97
C GLY F 249 63.58 -15.56 47.34
N GLY F 250 63.78 -15.44 46.04
CA GLY F 250 64.83 -16.16 45.35
C GLY F 250 64.72 -17.66 45.32
N ILE F 251 63.57 -18.23 45.64
CA ILE F 251 63.43 -19.67 45.62
C ILE F 251 63.26 -20.15 44.18
N THR F 252 64.09 -21.11 43.77
CA THR F 252 64.17 -21.61 42.40
C THR F 252 63.96 -23.11 42.41
N LEU F 253 64.04 -23.72 41.21
CA LEU F 253 63.90 -25.17 41.10
C LEU F 253 65.05 -25.87 41.82
N ASP F 254 66.27 -25.31 41.73
CA ASP F 254 67.45 -25.97 42.29
C ASP F 254 67.46 -25.91 43.81
N ASN F 255 67.21 -24.74 44.40
CA ASN F 255 67.29 -24.59 45.84
C ASN F 255 65.97 -24.86 46.57
N LEU F 256 64.92 -25.27 45.85
CA LEU F 256 63.61 -25.41 46.48
C LEU F 256 63.56 -26.44 47.60
N PRO F 257 64.24 -27.59 47.52
CA PRO F 257 64.22 -28.50 48.69
C PRO F 257 64.70 -27.83 49.97
N GLN F 258 65.69 -26.95 49.90
CA GLN F 258 66.24 -26.33 51.10
C GLN F 258 65.27 -25.36 51.78
N PHE F 259 64.20 -24.94 51.10
CA PHE F 259 63.19 -24.11 51.78
C PHE F 259 62.01 -24.93 52.23
N CYS F 260 61.86 -26.16 51.75
CA CYS F 260 60.78 -27.02 52.22
C CYS F 260 61.05 -27.43 53.67
N GLY F 261 60.06 -27.19 54.53
CA GLY F 261 60.20 -27.42 55.94
C GLY F 261 58.81 -27.60 56.54
N PRO F 262 58.73 -28.19 57.73
CA PRO F 262 57.42 -28.63 58.24
C PRO F 262 56.59 -27.53 58.87
N HIS F 263 57.14 -26.37 59.15
CA HIS F 263 56.36 -25.26 59.65
C HIS F 263 56.18 -24.16 58.60
N ILE F 264 56.43 -24.49 57.34
CA ILE F 264 56.20 -23.63 56.20
C ILE F 264 55.00 -24.18 55.42
N ASP F 265 53.98 -23.34 55.24
CA ASP F 265 52.74 -23.73 54.58
C ASP F 265 52.71 -23.40 53.09
N VAL F 266 53.35 -22.31 52.66
CA VAL F 266 53.28 -21.83 51.28
C VAL F 266 54.67 -21.39 50.86
N ILE F 267 55.06 -21.74 49.64
CA ILE F 267 56.32 -21.27 49.06
C ILE F 267 55.99 -20.67 47.70
N SER F 268 56.24 -19.39 47.52
CA SER F 268 55.96 -18.76 46.25
C SER F 268 57.25 -18.37 45.56
N MET F 269 57.24 -18.51 44.24
CA MET F 269 58.42 -18.38 43.40
C MET F 269 58.05 -17.49 42.22
N GLY F 270 58.70 -16.32 42.13
CA GLY F 270 58.49 -15.48 40.96
C GLY F 270 59.02 -16.09 39.69
N MET F 271 59.97 -17.03 39.82
CA MET F 271 60.54 -17.68 38.65
C MET F 271 59.48 -18.49 37.87
N LEU F 272 58.45 -19.00 38.55
CA LEU F 272 57.43 -19.79 37.85
C LEU F 272 56.79 -19.02 36.71
N THR F 273 56.76 -17.68 36.78
CA THR F 273 56.21 -16.87 35.70
C THR F 273 57.22 -15.92 35.06
N GLN F 274 58.37 -15.66 35.68
CA GLN F 274 59.34 -14.71 35.14
C GLN F 274 60.52 -15.37 34.45
N ALA F 275 60.73 -16.66 34.66
CA ALA F 275 61.85 -17.39 34.08
C ALA F 275 61.43 -18.82 33.77
N ALA F 276 60.28 -18.95 33.13
CA ALA F 276 59.71 -20.25 32.75
C ALA F 276 59.66 -20.31 31.24
N PRO F 277 60.71 -20.85 30.58
CA PRO F 277 60.78 -20.78 29.12
C PRO F 277 59.60 -21.48 28.48
N ALA F 278 59.12 -20.91 27.37
CA ALA F 278 57.94 -21.44 26.70
C ALA F 278 58.25 -22.81 26.13
N LEU F 279 57.27 -23.70 26.13
CA LEU F 279 57.45 -24.97 25.43
C LEU F 279 57.45 -24.75 23.93
N ASP F 280 57.88 -25.78 23.19
CA ASP F 280 58.00 -25.71 21.74
C ASP F 280 56.92 -26.58 21.10
N PHE F 281 55.97 -25.92 20.44
CA PHE F 281 54.86 -26.53 19.72
C PHE F 281 54.95 -26.11 18.26
N SER F 282 54.35 -26.90 17.38
CA SER F 282 54.18 -26.43 16.00
C SER F 282 52.86 -26.94 15.44
N LEU F 283 52.39 -26.27 14.39
CA LEU F 283 51.11 -26.56 13.75
C LEU F 283 51.37 -26.74 12.26
N LYS F 284 51.15 -27.96 11.76
CA LYS F 284 51.49 -28.28 10.38
C LYS F 284 50.26 -28.76 9.64
N LEU F 285 49.98 -28.13 8.49
CA LEU F 285 48.92 -28.58 7.60
C LEU F 285 49.33 -29.86 6.91
N PHE F 286 48.38 -30.78 6.74
CA PHE F 286 48.67 -32.02 6.05
C PHE F 286 47.49 -32.36 5.13
N ALA F 287 47.80 -33.01 4.01
CA ALA F 287 46.81 -33.23 2.97
C ALA F 287 45.84 -34.34 3.34
N LYS F 288 44.61 -34.21 2.84
CA LYS F 288 43.52 -35.17 3.02
C LYS F 288 43.94 -36.48 2.32
N GLU F 289 44.21 -37.51 3.11
CA GLU F 289 44.25 -38.95 2.74
C GLU F 289 45.05 -39.71 3.79
N MET G 1 -54.24 -29.44 -35.29
CA MET G 1 -54.10 -30.30 -36.46
C MET G 1 -52.76 -30.16 -37.18
N ASP G 2 -52.43 -28.94 -37.63
CA ASP G 2 -51.32 -28.71 -38.57
C ASP G 2 -50.29 -27.78 -37.97
N ALA G 3 -49.08 -28.30 -37.71
CA ALA G 3 -48.04 -27.53 -37.05
C ALA G 3 -47.50 -26.41 -37.93
N GLU G 4 -47.68 -26.49 -39.25
CA GLU G 4 -47.14 -25.45 -40.13
C GLU G 4 -47.85 -24.12 -39.92
N GLY G 5 -49.10 -24.14 -39.45
CA GLY G 5 -49.83 -22.89 -39.29
C GLY G 5 -49.63 -22.18 -37.97
N LEU G 6 -48.95 -22.81 -37.03
CA LEU G 6 -48.78 -22.23 -35.69
C LEU G 6 -48.03 -20.92 -35.75
N ALA G 7 -47.17 -20.74 -36.76
CA ALA G 7 -46.34 -19.54 -36.86
C ALA G 7 -47.16 -18.27 -36.98
N LEU G 8 -48.41 -18.37 -37.47
CA LEU G 8 -49.27 -17.18 -37.51
C LEU G 8 -49.60 -16.66 -36.13
N LEU G 9 -49.36 -17.44 -35.07
CA LEU G 9 -49.61 -17.00 -33.70
C LEU G 9 -48.66 -15.90 -33.23
N LEU G 10 -47.49 -15.74 -33.87
CA LEU G 10 -46.43 -14.87 -33.35
C LEU G 10 -46.53 -13.48 -33.97
N PRO G 11 -46.80 -12.43 -33.20
CA PRO G 11 -46.88 -11.06 -33.80
C PRO G 11 -45.52 -10.63 -34.32
N PRO G 12 -45.46 -10.18 -35.58
CA PRO G 12 -44.15 -9.94 -36.18
C PRO G 12 -43.37 -8.84 -35.46
N VAL G 13 -44.07 -7.89 -34.83
CA VAL G 13 -43.39 -6.80 -34.14
C VAL G 13 -42.67 -7.30 -32.87
N THR G 14 -43.21 -8.32 -32.20
CA THR G 14 -42.54 -8.85 -31.01
C THR G 14 -41.30 -9.68 -31.37
N LEU G 15 -41.32 -10.38 -32.51
CA LEU G 15 -40.18 -11.21 -32.88
C LEU G 15 -38.94 -10.37 -33.06
N ALA G 16 -39.05 -9.29 -33.83
CA ALA G 16 -37.88 -8.47 -34.15
C ALA G 16 -37.24 -7.92 -32.88
N ALA G 17 -38.06 -7.53 -31.89
CA ALA G 17 -37.48 -6.96 -30.67
C ALA G 17 -36.89 -8.05 -29.78
N LEU G 18 -37.58 -9.18 -29.65
CA LEU G 18 -37.01 -10.31 -28.93
C LEU G 18 -35.65 -10.68 -29.50
N VAL G 19 -35.61 -10.87 -30.82
CA VAL G 19 -34.41 -11.31 -31.51
C VAL G 19 -33.30 -10.30 -31.35
N ASP G 20 -33.63 -9.01 -31.44
CA ASP G 20 -32.62 -7.96 -31.31
C ASP G 20 -31.97 -8.00 -29.94
N SER G 21 -32.73 -8.28 -28.88
CA SER G 21 -32.10 -8.32 -27.56
C SER G 21 -31.22 -9.55 -27.40
N TRP G 22 -31.60 -10.67 -28.01
CA TRP G 22 -30.74 -11.85 -27.97
C TRP G 22 -29.41 -11.58 -28.68
N LEU G 23 -29.45 -10.95 -29.85
CA LEU G 23 -28.20 -10.68 -30.57
C LEU G 23 -27.31 -9.73 -29.79
N ARG G 24 -27.90 -8.70 -29.17
CA ARG G 24 -27.12 -7.77 -28.32
C ARG G 24 -26.50 -8.48 -27.12
N GLU G 25 -27.23 -9.44 -26.53
CA GLU G 25 -26.68 -10.13 -25.37
C GLU G 25 -25.45 -10.97 -25.77
N ASP G 26 -25.42 -11.50 -26.99
CA ASP G 26 -24.26 -12.30 -27.37
C ASP G 26 -23.11 -11.46 -27.89
N CYS G 27 -23.37 -10.23 -28.33
CA CYS G 27 -22.31 -9.36 -28.86
C CYS G 27 -22.65 -7.91 -28.55
N PRO G 28 -22.34 -7.44 -27.34
CA PRO G 28 -22.78 -6.09 -26.96
C PRO G 28 -21.92 -4.99 -27.58
N GLY G 29 -20.65 -5.26 -27.90
CA GLY G 29 -19.76 -4.23 -28.43
C GLY G 29 -19.17 -4.50 -29.80
N LEU G 30 -17.86 -4.70 -29.87
CA LEU G 30 -17.18 -4.98 -31.13
C LEU G 30 -17.10 -6.48 -31.38
N ASN G 31 -17.41 -6.88 -32.61
CA ASN G 31 -17.42 -8.28 -33.01
C ASN G 31 -16.07 -8.61 -33.63
N TYR G 32 -15.08 -8.87 -32.77
CA TYR G 32 -13.70 -9.06 -33.24
C TYR G 32 -13.58 -10.21 -34.23
N ALA G 33 -14.36 -11.26 -34.06
CA ALA G 33 -14.22 -12.41 -34.95
C ALA G 33 -14.73 -12.15 -36.37
N ALA G 34 -15.38 -11.01 -36.64
CA ALA G 34 -15.75 -10.72 -38.02
C ALA G 34 -14.53 -10.58 -38.92
N LEU G 35 -13.41 -10.11 -38.37
CA LEU G 35 -12.21 -9.91 -39.16
C LEU G 35 -11.57 -11.25 -39.56
N VAL G 36 -11.83 -12.31 -38.80
CA VAL G 36 -11.32 -13.64 -39.12
C VAL G 36 -12.04 -14.22 -40.33
N SER G 37 -13.37 -14.06 -40.38
CA SER G 37 -14.15 -14.71 -41.42
C SER G 37 -14.36 -13.85 -42.65
N GLY G 38 -14.33 -12.53 -42.51
CA GLY G 38 -14.60 -11.66 -43.64
C GLY G 38 -16.08 -11.65 -43.96
N ALA G 39 -16.42 -10.96 -45.04
CA ALA G 39 -17.80 -10.71 -45.39
C ALA G 39 -18.27 -11.41 -46.68
N GLY G 40 -17.48 -12.29 -47.27
CA GLY G 40 -17.89 -12.94 -48.50
C GLY G 40 -19.15 -13.78 -48.36
N PRO G 41 -19.97 -13.83 -49.40
CA PRO G 41 -21.24 -14.57 -49.31
C PRO G 41 -20.99 -16.06 -49.09
N SER G 42 -21.78 -16.65 -48.18
CA SER G 42 -21.53 -18.03 -47.75
C SER G 42 -22.85 -18.77 -47.62
N GLN G 43 -22.70 -20.05 -47.27
CA GLN G 43 -23.75 -21.05 -47.18
C GLN G 43 -23.43 -21.96 -46.02
N ALA G 44 -24.39 -22.16 -45.13
CA ALA G 44 -24.23 -23.11 -44.04
C ALA G 44 -25.36 -24.14 -44.10
N ALA G 45 -25.04 -25.36 -43.70
CA ALA G 45 -26.05 -26.40 -43.56
C ALA G 45 -26.38 -26.53 -42.09
N LEU G 46 -27.68 -26.58 -41.80
CA LEU G 46 -28.18 -26.89 -40.47
C LEU G 46 -28.37 -28.39 -40.34
N TRP G 47 -27.73 -28.98 -39.33
CA TRP G 47 -27.74 -30.43 -39.19
C TRP G 47 -28.44 -30.84 -37.91
N ALA G 48 -29.36 -31.80 -38.01
CA ALA G 48 -30.05 -32.37 -36.86
C ALA G 48 -29.27 -33.59 -36.37
N LYS G 49 -28.73 -33.52 -35.17
CA LYS G 49 -27.97 -34.63 -34.61
C LYS G 49 -28.70 -35.37 -33.49
N SER G 50 -29.88 -34.93 -33.10
CA SER G 50 -30.69 -35.61 -32.10
C SER G 50 -32.03 -36.04 -32.69
N PRO G 51 -32.60 -37.13 -32.20
CA PRO G 51 -33.99 -37.43 -32.54
C PRO G 51 -34.93 -36.50 -31.79
N GLY G 52 -36.04 -36.16 -32.43
CA GLY G 52 -37.04 -35.34 -31.77
C GLY G 52 -38.02 -34.75 -32.77
N VAL G 53 -38.50 -33.55 -32.45
CA VAL G 53 -39.47 -32.82 -33.28
C VAL G 53 -38.90 -31.44 -33.56
N LEU G 54 -39.05 -31.00 -34.81
CA LEU G 54 -38.51 -29.72 -35.25
C LEU G 54 -39.47 -28.59 -34.87
N ALA G 55 -39.02 -27.70 -33.99
CA ALA G 55 -39.82 -26.55 -33.62
C ALA G 55 -38.92 -25.33 -33.52
N GLY G 56 -39.35 -24.22 -34.11
CA GLY G 56 -38.59 -23.01 -33.94
C GLY G 56 -38.25 -22.22 -35.18
N GLN G 57 -38.60 -22.74 -36.38
CA GLN G 57 -38.26 -22.05 -37.62
C GLN G 57 -38.56 -20.55 -37.57
N PRO G 58 -39.71 -20.11 -37.03
CA PRO G 58 -39.96 -18.65 -37.02
C PRO G 58 -38.87 -17.84 -36.33
N PHE G 59 -38.30 -18.34 -35.22
CA PHE G 59 -37.31 -17.57 -34.48
C PHE G 59 -35.93 -17.65 -35.14
N PHE G 60 -35.57 -18.85 -35.62
CA PHE G 60 -34.41 -19.03 -36.48
C PHE G 60 -34.44 -18.06 -37.67
N ASP G 61 -35.59 -18.00 -38.38
CA ASP G 61 -35.72 -17.12 -39.53
C ASP G 61 -35.59 -15.65 -39.13
N ALA G 62 -36.28 -15.25 -38.06
CA ALA G 62 -36.23 -13.86 -37.60
C ALA G 62 -34.81 -13.42 -37.23
N ILE G 63 -34.08 -14.27 -36.50
CA ILE G 63 -32.69 -13.96 -36.15
C ILE G 63 -31.89 -13.68 -37.42
N PHE G 64 -31.85 -14.63 -38.35
CA PHE G 64 -31.05 -14.41 -39.53
C PHE G 64 -31.60 -13.28 -40.41
N THR G 65 -32.88 -12.96 -40.31
CA THR G 65 -33.39 -11.85 -41.13
C THR G 65 -32.83 -10.52 -40.65
N GLN G 66 -32.65 -10.34 -39.35
CA GLN G 66 -32.03 -9.11 -38.86
C GLN G 66 -30.56 -9.01 -39.23
N LEU G 67 -29.97 -10.11 -39.72
CA LEU G 67 -28.57 -10.14 -40.15
C LEU G 67 -28.43 -10.30 -41.67
N ASN G 68 -29.50 -10.04 -42.41
CA ASN G 68 -29.49 -10.06 -43.88
C ASN G 68 -29.02 -11.40 -44.44
N CYS G 69 -29.46 -12.48 -43.79
CA CYS G 69 -29.27 -13.82 -44.29
C CYS G 69 -30.64 -14.42 -44.57
N GLN G 70 -30.66 -15.48 -45.38
CA GLN G 70 -31.89 -16.15 -45.77
C GLN G 70 -31.79 -17.62 -45.42
N VAL G 71 -32.95 -18.26 -45.21
CA VAL G 71 -33.03 -19.64 -44.78
C VAL G 71 -33.93 -20.42 -45.73
N SER G 72 -33.47 -21.59 -46.15
CA SER G 72 -34.28 -22.57 -46.88
C SER G 72 -34.44 -23.81 -46.01
N TRP G 73 -35.68 -24.16 -45.70
CA TRP G 73 -35.97 -25.33 -44.90
C TRP G 73 -36.19 -26.55 -45.77
N PHE G 74 -35.63 -27.67 -45.36
CA PHE G 74 -35.83 -28.95 -46.04
C PHE G 74 -36.77 -29.85 -45.30
N LEU G 75 -37.26 -29.42 -44.13
CA LEU G 75 -38.26 -30.15 -43.40
C LEU G 75 -39.24 -29.10 -42.89
N PRO G 76 -40.53 -29.41 -42.85
CA PRO G 76 -41.48 -28.47 -42.27
C PRO G 76 -41.39 -28.47 -40.75
N GLU G 77 -41.86 -27.35 -40.17
CA GLU G 77 -42.14 -27.26 -38.74
C GLU G 77 -42.92 -28.49 -38.27
N GLY G 78 -42.44 -29.13 -37.20
CA GLY G 78 -43.10 -30.28 -36.61
C GLY G 78 -42.56 -31.63 -37.03
N SER G 79 -41.67 -31.68 -38.02
CA SER G 79 -41.18 -32.95 -38.54
C SER G 79 -40.52 -33.78 -37.47
N LYS G 80 -40.58 -35.10 -37.65
CA LYS G 80 -39.69 -35.98 -36.92
C LYS G 80 -38.28 -35.76 -37.43
N LEU G 81 -37.33 -35.65 -36.52
CA LEU G 81 -35.92 -35.55 -36.85
C LEU G 81 -35.31 -36.93 -36.70
N VAL G 82 -34.69 -37.43 -37.76
CA VAL G 82 -33.95 -38.69 -37.73
C VAL G 82 -32.47 -38.35 -37.94
N PRO G 83 -31.62 -38.48 -36.92
CA PRO G 83 -30.22 -38.04 -37.12
C PRO G 83 -29.48 -38.95 -38.10
N VAL G 84 -28.50 -38.46 -38.85
CA VAL G 84 -28.12 -37.05 -38.92
C VAL G 84 -28.79 -36.43 -40.14
N ALA G 85 -29.72 -35.49 -39.93
CA ALA G 85 -30.52 -34.95 -41.02
C ALA G 85 -30.03 -33.56 -41.39
N ARG G 86 -30.02 -33.26 -42.69
CA ARG G 86 -29.78 -31.90 -43.18
C ARG G 86 -31.15 -31.23 -43.23
N VAL G 87 -31.37 -30.23 -42.38
CA VAL G 87 -32.71 -29.70 -42.21
C VAL G 87 -32.88 -28.29 -42.78
N ALA G 88 -31.81 -27.53 -43.00
CA ALA G 88 -31.95 -26.23 -43.66
C ALA G 88 -30.63 -25.82 -44.28
N GLU G 89 -30.67 -24.74 -45.04
CA GLU G 89 -29.48 -24.06 -45.53
C GLU G 89 -29.64 -22.56 -45.25
N VAL G 90 -28.56 -21.92 -44.79
CA VAL G 90 -28.57 -20.50 -44.48
C VAL G 90 -27.54 -19.81 -45.38
N ARG G 91 -27.95 -18.69 -45.98
CA ARG G 91 -27.11 -17.95 -46.93
C ARG G 91 -26.96 -16.51 -46.46
N GLY G 92 -25.75 -15.98 -46.61
CA GLY G 92 -25.50 -14.60 -46.27
C GLY G 92 -24.02 -14.34 -46.12
N PRO G 93 -23.64 -13.08 -45.89
CA PRO G 93 -22.22 -12.77 -45.65
C PRO G 93 -21.69 -13.58 -44.47
N ALA G 94 -20.45 -14.05 -44.61
CA ALA G 94 -19.89 -15.02 -43.68
C ALA G 94 -19.91 -14.51 -42.23
N HIS G 95 -19.60 -13.24 -42.01
CA HIS G 95 -19.56 -12.74 -40.65
C HIS G 95 -20.96 -12.64 -40.04
N CYS G 96 -21.99 -12.50 -40.88
CA CYS G 96 -23.38 -12.46 -40.38
C CYS G 96 -23.87 -13.85 -40.00
N LEU G 97 -23.65 -14.84 -40.88
CA LEU G 97 -23.97 -16.22 -40.54
C LEU G 97 -23.34 -16.62 -39.20
N LEU G 98 -22.03 -16.39 -39.05
CA LEU G 98 -21.34 -16.82 -37.84
C LEU G 98 -21.73 -15.98 -36.62
N LEU G 99 -22.14 -14.73 -36.83
CA LEU G 99 -22.64 -13.95 -35.71
C LEU G 99 -24.01 -14.45 -35.23
N GLY G 100 -24.90 -14.80 -36.16
CA GLY G 100 -26.20 -15.32 -35.76
C GLY G 100 -26.21 -16.77 -35.35
N GLU G 101 -25.14 -17.51 -35.67
CA GLU G 101 -25.12 -18.96 -35.49
C GLU G 101 -25.52 -19.39 -34.08
N ARG G 102 -24.78 -18.94 -33.06
CA ARG G 102 -24.98 -19.47 -31.72
C ARG G 102 -26.38 -19.18 -31.18
N VAL G 103 -26.88 -17.96 -31.40
CA VAL G 103 -28.19 -17.63 -30.85
C VAL G 103 -29.28 -18.43 -31.55
N ALA G 104 -29.18 -18.55 -32.88
CA ALA G 104 -30.15 -19.32 -33.63
C ALA G 104 -30.16 -20.78 -33.20
N LEU G 105 -28.97 -21.38 -33.02
CA LEU G 105 -28.94 -22.77 -32.56
C LEU G 105 -29.49 -22.91 -31.15
N ASN G 106 -29.12 -22.00 -30.24
CA ASN G 106 -29.64 -22.07 -28.88
C ASN G 106 -31.17 -22.06 -28.87
N THR G 107 -31.78 -21.22 -29.70
CA THR G 107 -33.22 -21.10 -29.74
C THR G 107 -33.86 -22.33 -30.36
N LEU G 108 -33.33 -22.81 -31.49
CA LEU G 108 -33.91 -23.98 -32.14
C LEU G 108 -33.78 -25.22 -31.25
N ALA G 109 -32.63 -25.36 -30.57
CA ALA G 109 -32.38 -26.48 -29.69
C ALA G 109 -33.41 -26.58 -28.58
N ARG G 110 -33.64 -25.49 -27.87
CA ARG G 110 -34.58 -25.44 -26.81
C ARG G 110 -36.04 -25.56 -27.24
N CYS G 111 -36.48 -24.80 -28.21
CA CYS G 111 -37.84 -24.92 -28.70
C CYS G 111 -38.12 -26.36 -29.12
N SER G 112 -37.18 -26.97 -29.86
CA SER G 112 -37.34 -28.36 -30.31
C SER G 112 -37.33 -29.34 -29.16
N GLY G 113 -36.43 -29.16 -28.19
CA GLY G 113 -36.45 -30.04 -27.04
C GLY G 113 -37.81 -30.04 -26.36
N ILE G 114 -38.40 -28.85 -26.21
CA ILE G 114 -39.71 -28.77 -25.57
C ILE G 114 -40.77 -29.47 -26.41
N ALA G 115 -40.77 -29.23 -27.72
CA ALA G 115 -41.73 -29.90 -28.59
C ALA G 115 -41.51 -31.42 -28.62
N SER G 116 -40.27 -31.87 -28.49
CA SER G 116 -39.98 -33.31 -28.48
C SER G 116 -40.50 -33.95 -27.20
N ALA G 117 -40.34 -33.25 -26.08
CA ALA G 117 -40.94 -33.72 -24.84
C ALA G 117 -42.46 -33.70 -24.93
N ALA G 118 -43.02 -32.65 -25.54
CA ALA G 118 -44.46 -32.56 -25.62
C ALA G 118 -45.03 -33.65 -26.53
N ALA G 119 -44.37 -33.92 -27.65
CA ALA G 119 -44.84 -34.97 -28.57
C ALA G 119 -44.78 -36.35 -27.92
N ALA G 120 -43.72 -36.63 -27.15
CA ALA G 120 -43.63 -37.88 -26.42
C ALA G 120 -44.75 -38.01 -25.39
N ALA G 121 -45.08 -36.91 -24.71
CA ALA G 121 -46.17 -36.96 -23.73
C ALA G 121 -47.50 -37.17 -24.42
N VAL G 122 -47.74 -36.46 -25.52
CA VAL G 122 -48.97 -36.67 -26.29
C VAL G 122 -49.04 -38.11 -26.76
N GLU G 123 -47.89 -38.69 -27.11
CA GLU G 123 -47.85 -40.08 -27.58
C GLU G 123 -48.22 -41.04 -26.45
N ALA G 124 -47.57 -40.91 -25.30
CA ALA G 124 -47.85 -41.80 -24.17
C ALA G 124 -49.31 -41.75 -23.77
N ALA G 125 -49.92 -40.56 -23.85
CA ALA G 125 -51.31 -40.42 -23.47
C ALA G 125 -52.23 -41.14 -24.46
N ARG G 126 -52.00 -40.94 -25.76
CA ARG G 126 -52.82 -41.62 -26.74
C ARG G 126 -52.62 -43.14 -26.65
N GLY G 127 -51.41 -43.58 -26.29
CA GLY G 127 -51.17 -45.00 -26.13
C GLY G 127 -51.78 -45.60 -24.88
N ALA G 128 -52.37 -44.77 -24.02
CA ALA G 128 -53.26 -45.23 -22.96
C ALA G 128 -54.72 -44.96 -23.30
N GLY G 129 -55.00 -44.55 -24.54
CA GLY G 129 -56.35 -44.28 -24.99
C GLY G 129 -57.00 -43.02 -24.45
N TRP G 130 -56.23 -42.02 -24.06
CA TRP G 130 -56.78 -40.83 -23.42
C TRP G 130 -56.94 -39.72 -24.46
N THR G 131 -58.12 -39.09 -24.46
CA THR G 131 -58.47 -38.11 -25.48
C THR G 131 -58.43 -36.66 -24.99
N GLY G 132 -58.04 -36.42 -23.74
CA GLY G 132 -57.92 -35.06 -23.23
C GLY G 132 -56.67 -34.37 -23.73
N HIS G 133 -56.43 -33.17 -23.19
CA HIS G 133 -55.32 -32.31 -23.58
C HIS G 133 -54.11 -32.48 -22.68
N VAL G 134 -52.93 -32.67 -23.29
CA VAL G 134 -51.66 -32.52 -22.58
C VAL G 134 -51.27 -31.05 -22.64
N ALA G 135 -50.81 -30.50 -21.51
CA ALA G 135 -50.63 -29.05 -21.42
C ALA G 135 -49.35 -28.72 -20.67
N GLY G 136 -48.86 -27.50 -20.92
CA GLY G 136 -47.74 -26.94 -20.21
C GLY G 136 -48.16 -26.08 -19.03
N THR G 137 -47.19 -25.35 -18.50
CA THR G 137 -47.39 -24.59 -17.28
C THR G 137 -46.78 -23.21 -17.47
N ARG G 138 -46.74 -22.43 -16.41
CA ARG G 138 -45.98 -21.20 -16.37
C ARG G 138 -44.55 -21.40 -15.85
N LYS G 139 -44.12 -22.67 -15.69
CA LYS G 139 -42.74 -22.97 -15.32
C LYS G 139 -41.85 -22.87 -16.55
N THR G 140 -41.63 -21.63 -16.99
CA THR G 140 -40.85 -21.33 -18.18
C THR G 140 -39.66 -20.45 -17.81
N THR G 141 -38.61 -20.50 -18.62
CA THR G 141 -37.45 -19.63 -18.40
C THR G 141 -37.87 -18.18 -18.56
N PRO G 142 -37.63 -17.32 -17.59
CA PRO G 142 -38.06 -15.93 -17.72
C PRO G 142 -37.45 -15.28 -18.96
N GLY G 143 -38.26 -14.48 -19.66
CA GLY G 143 -37.88 -13.84 -20.92
C GLY G 143 -37.98 -14.72 -22.16
N PHE G 144 -38.23 -16.02 -22.00
CA PHE G 144 -38.22 -16.97 -23.11
C PHE G 144 -39.57 -17.65 -23.31
N ARG G 145 -40.63 -17.14 -22.66
CA ARG G 145 -41.90 -17.87 -22.66
C ARG G 145 -42.48 -18.01 -24.06
N LEU G 146 -42.37 -16.97 -24.89
CA LEU G 146 -42.91 -17.02 -26.24
C LEU G 146 -42.36 -18.21 -27.01
N VAL G 147 -41.05 -18.46 -26.86
CA VAL G 147 -40.47 -19.61 -27.55
C VAL G 147 -41.00 -20.91 -26.96
N GLU G 148 -41.13 -20.97 -25.63
CA GLU G 148 -41.42 -22.24 -24.99
C GLU G 148 -42.88 -22.64 -25.14
N LYS G 149 -43.81 -21.68 -25.12
CA LYS G 149 -45.20 -22.00 -25.38
C LYS G 149 -45.41 -22.40 -26.83
N TYR G 150 -44.75 -21.71 -27.76
CA TYR G 150 -44.80 -22.11 -29.15
C TYR G 150 -44.29 -23.54 -29.33
N GLY G 151 -43.17 -23.88 -28.66
CA GLY G 151 -42.64 -25.23 -28.73
C GLY G 151 -43.60 -26.28 -28.22
N LEU G 152 -44.32 -25.96 -27.13
CA LEU G 152 -45.38 -26.87 -26.65
C LEU G 152 -46.43 -27.12 -27.73
N LEU G 153 -46.87 -26.05 -28.41
CA LEU G 153 -47.93 -26.22 -29.41
C LEU G 153 -47.45 -27.06 -30.60
N VAL G 154 -46.23 -26.84 -31.06
CA VAL G 154 -45.72 -27.61 -32.19
C VAL G 154 -45.66 -29.09 -31.84
N GLY G 155 -45.28 -29.41 -30.61
CA GLY G 155 -45.21 -30.79 -30.19
C GLY G 155 -46.55 -31.45 -29.95
N GLY G 156 -47.63 -30.68 -30.05
CA GLY G 156 -48.97 -31.20 -29.89
C GLY G 156 -49.64 -30.99 -28.54
N ALA G 157 -49.04 -30.24 -27.62
CA ALA G 157 -49.67 -29.96 -26.34
C ALA G 157 -50.40 -28.62 -26.40
N ALA G 158 -51.26 -28.39 -25.41
CA ALA G 158 -51.81 -27.04 -25.27
C ALA G 158 -50.86 -26.20 -24.45
N SER G 159 -50.83 -24.91 -24.71
CA SER G 159 -49.94 -24.07 -23.94
C SER G 159 -50.46 -23.76 -22.53
N HIS G 160 -51.74 -24.06 -22.21
CA HIS G 160 -52.37 -23.60 -20.98
C HIS G 160 -52.30 -22.08 -20.97
N ARG G 161 -52.62 -21.42 -19.86
CA ARG G 161 -52.70 -19.97 -19.93
C ARG G 161 -51.31 -19.39 -20.18
N TYR G 162 -51.29 -18.33 -21.01
CA TYR G 162 -50.01 -17.74 -21.39
C TYR G 162 -49.37 -17.00 -20.22
N ASP G 163 -50.15 -16.21 -19.49
CA ASP G 163 -49.62 -15.41 -18.38
C ASP G 163 -50.76 -15.15 -17.39
N LEU G 164 -50.51 -14.25 -16.43
CA LEU G 164 -51.48 -14.04 -15.36
C LEU G 164 -52.76 -13.35 -15.82
N GLY G 165 -52.80 -12.80 -17.03
CA GLY G 165 -54.02 -12.17 -17.53
C GLY G 165 -54.94 -13.06 -18.33
N GLY G 166 -54.60 -14.34 -18.48
CA GLY G 166 -55.28 -15.25 -19.38
C GLY G 166 -56.42 -16.08 -18.80
N LEU G 167 -56.31 -16.53 -17.56
CA LEU G 167 -57.47 -17.05 -16.84
C LEU G 167 -57.17 -16.93 -15.36
N VAL G 168 -58.20 -16.59 -14.58
CA VAL G 168 -58.00 -16.36 -13.16
C VAL G 168 -57.79 -17.70 -12.48
N MET G 169 -56.59 -17.91 -11.93
CA MET G 169 -56.25 -19.18 -11.32
C MET G 169 -56.03 -18.97 -9.83
N VAL G 170 -56.92 -19.56 -9.03
CA VAL G 170 -56.86 -19.53 -7.58
C VAL G 170 -55.99 -20.69 -7.12
N LYS G 171 -54.91 -20.36 -6.41
CA LYS G 171 -53.98 -21.37 -5.94
C LYS G 171 -54.06 -21.49 -4.42
N ASP G 172 -53.37 -22.50 -3.90
CA ASP G 172 -53.22 -22.69 -2.46
C ASP G 172 -52.97 -21.37 -1.73
N ASN G 173 -52.01 -20.57 -2.21
CA ASN G 173 -51.68 -19.32 -1.52
C ASN G 173 -52.82 -18.32 -1.57
N HIS G 174 -53.67 -18.39 -2.60
CA HIS G 174 -54.80 -17.48 -2.64
C HIS G 174 -55.84 -17.86 -1.60
N VAL G 175 -56.11 -19.17 -1.48
CA VAL G 175 -57.04 -19.65 -0.46
C VAL G 175 -56.60 -19.21 0.92
N VAL G 176 -55.32 -19.44 1.26
CA VAL G 176 -54.78 -18.98 2.54
C VAL G 176 -54.97 -17.47 2.70
N ALA G 177 -54.51 -16.70 1.71
CA ALA G 177 -54.63 -15.25 1.79
C ALA G 177 -56.07 -14.79 1.96
N ALA G 178 -57.02 -15.43 1.28
CA ALA G 178 -58.41 -15.02 1.33
C ALA G 178 -59.20 -15.69 2.47
N GLY G 179 -58.60 -16.64 3.18
CA GLY G 179 -59.24 -17.25 4.32
C GLY G 179 -60.36 -18.21 3.95
N GLY G 180 -60.07 -19.13 3.05
CA GLY G 180 -61.07 -20.11 2.63
C GLY G 180 -61.29 -20.18 1.14
N VAL G 181 -61.40 -21.42 0.63
CA VAL G 181 -61.68 -21.63 -0.79
C VAL G 181 -62.94 -20.88 -1.24
N GLU G 182 -64.00 -20.91 -0.43
CA GLU G 182 -65.25 -20.26 -0.86
C GLU G 182 -65.10 -18.76 -0.99
N LYS G 183 -64.35 -18.11 -0.10
CA LYS G 183 -64.10 -16.68 -0.29
C LYS G 183 -63.23 -16.43 -1.52
N ALA G 184 -62.21 -17.26 -1.72
CA ALA G 184 -61.31 -17.04 -2.85
C ALA G 184 -62.02 -17.23 -4.18
N VAL G 185 -62.81 -18.31 -4.32
CA VAL G 185 -63.47 -18.54 -5.61
C VAL G 185 -64.52 -17.49 -5.88
N ARG G 186 -65.19 -17.00 -4.82
CA ARG G 186 -66.17 -15.93 -4.98
C ARG G 186 -65.50 -14.64 -5.45
N ALA G 187 -64.34 -14.32 -4.88
CA ALA G 187 -63.60 -13.14 -5.30
C ALA G 187 -63.04 -13.30 -6.71
N ALA G 188 -62.67 -14.52 -7.09
CA ALA G 188 -62.16 -14.78 -8.43
C ALA G 188 -63.27 -14.67 -9.49
N ARG G 189 -64.50 -14.99 -9.13
CA ARG G 189 -65.61 -14.87 -10.05
C ARG G 189 -65.97 -13.45 -10.36
N GLN G 190 -65.84 -12.63 -9.40
CA GLN G 190 -66.18 -11.25 -9.65
C GLN G 190 -65.14 -10.67 -10.50
N ALA G 191 -63.88 -11.01 -10.29
CA ALA G 191 -62.76 -10.36 -10.90
C ALA G 191 -62.74 -10.50 -12.38
N ALA G 192 -63.30 -11.58 -12.92
CA ALA G 192 -63.90 -11.44 -14.24
C ALA G 192 -65.07 -12.29 -14.71
N ASP G 193 -66.30 -12.06 -14.22
CA ASP G 193 -67.38 -13.07 -14.33
C ASP G 193 -67.58 -13.36 -15.76
N PHE G 194 -67.71 -12.30 -16.54
CA PHE G 194 -67.75 -12.46 -17.94
C PHE G 194 -66.48 -11.68 -18.21
N ALA G 195 -65.72 -12.17 -19.16
CA ALA G 195 -65.57 -13.54 -19.33
C ALA G 195 -64.12 -13.93 -19.51
N LEU G 196 -63.64 -14.49 -18.41
CA LEU G 196 -62.40 -15.12 -18.22
C LEU G 196 -62.98 -16.27 -17.43
N LYS G 197 -62.35 -17.39 -17.54
CA LYS G 197 -62.63 -18.58 -16.75
C LYS G 197 -61.88 -18.52 -15.44
N VAL G 198 -62.38 -19.24 -14.50
CA VAL G 198 -61.77 -19.40 -13.18
C VAL G 198 -61.36 -20.86 -13.00
N GLU G 199 -60.07 -21.10 -12.84
CA GLU G 199 -59.58 -22.40 -12.43
C GLU G 199 -59.14 -22.34 -10.97
N VAL G 200 -59.38 -23.42 -10.23
CA VAL G 200 -59.06 -23.47 -8.80
C VAL G 200 -58.28 -24.74 -8.51
N GLU G 201 -57.19 -24.56 -7.75
CA GLU G 201 -56.21 -25.60 -7.41
C GLU G 201 -56.60 -26.22 -6.07
N CYS G 202 -56.74 -27.55 -6.04
CA CYS G 202 -57.42 -28.26 -4.95
C CYS G 202 -56.55 -29.42 -4.47
N SER G 203 -56.34 -29.50 -3.17
CA SER G 203 -55.57 -30.60 -2.61
C SER G 203 -56.44 -31.76 -2.11
N SER G 204 -57.75 -31.71 -2.31
CA SER G 204 -58.62 -32.77 -1.82
C SER G 204 -60.01 -32.66 -2.42
N LEU G 205 -60.76 -33.76 -2.34
CA LEU G 205 -62.13 -33.83 -2.87
C LEU G 205 -63.01 -32.72 -2.33
N GLN G 206 -62.91 -32.43 -1.02
CA GLN G 206 -63.84 -31.50 -0.39
C GLN G 206 -63.54 -30.06 -0.81
N GLU G 207 -62.26 -29.74 -1.03
CA GLU G 207 -61.93 -28.45 -1.63
C GLU G 207 -62.47 -28.36 -3.06
N ALA G 208 -62.31 -29.44 -3.84
CA ALA G 208 -62.78 -29.44 -5.21
C ALA G 208 -64.29 -29.25 -5.28
N VAL G 209 -65.04 -29.92 -4.39
CA VAL G 209 -66.49 -29.72 -4.38
C VAL G 209 -66.83 -28.28 -4.01
N GLN G 210 -66.13 -27.72 -3.02
CA GLN G 210 -66.37 -26.32 -2.65
C GLN G 210 -66.05 -25.38 -3.81
N ALA G 211 -64.94 -25.63 -4.51
CA ALA G 211 -64.63 -24.78 -5.66
C ALA G 211 -65.71 -24.88 -6.72
N ALA G 212 -66.18 -26.11 -7.01
CA ALA G 212 -67.21 -26.27 -8.02
C ALA G 212 -68.51 -25.60 -7.59
N GLU G 213 -68.89 -25.72 -6.32
CA GLU G 213 -70.08 -25.02 -5.84
C GLU G 213 -69.94 -23.51 -6.01
N ALA G 214 -68.76 -22.97 -5.73
CA ALA G 214 -68.60 -21.54 -5.82
C ALA G 214 -68.49 -21.04 -7.26
N GLY G 215 -68.48 -21.92 -8.25
CA GLY G 215 -68.52 -21.52 -9.63
C GLY G 215 -67.22 -21.67 -10.46
N ALA G 216 -66.26 -22.46 -10.01
CA ALA G 216 -65.08 -22.71 -10.83
C ALA G 216 -65.47 -23.32 -12.18
N ASP G 217 -64.84 -22.84 -13.25
CA ASP G 217 -64.97 -23.52 -14.54
C ASP G 217 -64.07 -24.74 -14.59
N LEU G 218 -62.90 -24.64 -13.99
CA LEU G 218 -61.94 -25.74 -14.01
C LEU G 218 -61.52 -26.03 -12.59
N VAL G 219 -61.41 -27.31 -12.29
CA VAL G 219 -60.88 -27.77 -11.02
C VAL G 219 -59.59 -28.52 -11.33
N LEU G 220 -58.50 -28.07 -10.70
CA LEU G 220 -57.20 -28.71 -10.82
C LEU G 220 -56.92 -29.52 -9.56
N LEU G 221 -56.85 -30.85 -9.71
CA LEU G 221 -56.51 -31.73 -8.59
C LEU G 221 -54.98 -31.81 -8.51
N ASP G 222 -54.42 -31.20 -7.45
CA ASP G 222 -52.99 -30.94 -7.36
C ASP G 222 -52.32 -32.06 -6.56
N ASN G 223 -51.35 -32.73 -7.17
CA ASN G 223 -50.45 -33.66 -6.49
C ASN G 223 -51.20 -34.81 -5.83
N PHE G 224 -52.26 -35.28 -6.48
CA PHE G 224 -52.90 -36.50 -6.07
C PHE G 224 -52.05 -37.71 -6.48
N LYS G 225 -52.06 -38.74 -5.65
CA LYS G 225 -51.64 -40.03 -6.14
C LYS G 225 -52.70 -40.56 -7.11
N PRO G 226 -52.30 -41.24 -8.18
CA PRO G 226 -53.30 -41.74 -9.14
C PRO G 226 -54.47 -42.49 -8.50
N GLU G 227 -54.19 -43.23 -7.42
CA GLU G 227 -55.20 -44.05 -6.76
C GLU G 227 -56.38 -43.24 -6.25
N GLU G 228 -56.13 -42.03 -5.74
CA GLU G 228 -57.20 -41.14 -5.31
C GLU G 228 -57.53 -40.06 -6.33
N LEU G 229 -56.75 -39.97 -7.42
CA LEU G 229 -57.02 -38.97 -8.44
C LEU G 229 -58.32 -39.27 -9.17
N HIS G 230 -58.49 -40.53 -9.61
CA HIS G 230 -59.58 -40.93 -10.47
C HIS G 230 -60.90 -41.07 -9.71
N PRO G 231 -60.93 -41.68 -8.52
CA PRO G 231 -62.16 -41.62 -7.74
C PRO G 231 -62.65 -40.20 -7.51
N THR G 232 -61.73 -39.29 -7.17
CA THR G 232 -62.12 -37.91 -6.91
C THR G 232 -62.72 -37.26 -8.14
N ALA G 233 -62.14 -37.51 -9.31
CA ALA G 233 -62.65 -36.91 -10.54
C ALA G 233 -63.99 -37.50 -10.93
N THR G 234 -64.20 -38.79 -10.64
CA THR G 234 -65.48 -39.42 -10.93
C THR G 234 -66.61 -38.77 -10.12
N VAL G 235 -66.43 -38.67 -8.80
CA VAL G 235 -67.40 -37.94 -7.98
C VAL G 235 -67.64 -36.54 -8.54
N LEU G 236 -66.59 -35.85 -8.98
CA LEU G 236 -66.74 -34.48 -9.45
C LEU G 236 -67.57 -34.41 -10.73
N LYS G 237 -67.22 -35.25 -11.71
CA LYS G 237 -67.95 -35.25 -12.98
C LYS G 237 -69.41 -35.64 -12.78
N ALA G 238 -69.69 -36.52 -11.81
CA ALA G 238 -71.09 -36.89 -11.58
C ALA G 238 -71.85 -35.73 -10.95
N GLN G 239 -71.21 -34.98 -10.04
CA GLN G 239 -71.88 -33.90 -9.33
C GLN G 239 -71.84 -32.57 -10.08
N PHE G 240 -70.79 -32.32 -10.85
CA PHE G 240 -70.65 -31.05 -11.56
C PHE G 240 -70.22 -31.37 -12.99
N PRO G 241 -71.13 -31.90 -13.80
CA PRO G 241 -70.72 -32.44 -15.11
C PRO G 241 -70.12 -31.41 -16.06
N SER G 242 -70.39 -30.13 -15.88
CA SER G 242 -69.84 -29.14 -16.78
C SER G 242 -68.56 -28.50 -16.25
N VAL G 243 -68.00 -29.00 -15.15
CA VAL G 243 -66.72 -28.53 -14.64
C VAL G 243 -65.62 -29.44 -15.18
N ALA G 244 -64.54 -28.83 -15.69
CA ALA G 244 -63.42 -29.58 -16.25
C ALA G 244 -62.42 -29.93 -15.16
N VAL G 245 -61.79 -31.09 -15.29
CA VAL G 245 -60.88 -31.59 -14.28
C VAL G 245 -59.47 -31.63 -14.85
N GLU G 246 -58.53 -31.00 -14.15
CA GLU G 246 -57.14 -30.99 -14.55
C GLU G 246 -56.35 -31.72 -13.48
N ALA G 247 -55.44 -32.59 -13.92
CA ALA G 247 -54.52 -33.27 -13.03
C ALA G 247 -53.12 -32.65 -13.20
N SER G 248 -52.42 -32.48 -12.09
CA SER G 248 -51.16 -31.78 -12.18
C SER G 248 -50.37 -32.02 -10.92
N GLY G 249 -49.06 -32.20 -11.06
CA GLY G 249 -48.17 -32.38 -9.93
C GLY G 249 -47.38 -33.67 -10.04
N GLY G 250 -46.12 -33.58 -10.43
CA GLY G 250 -45.26 -34.74 -10.48
C GLY G 250 -45.61 -35.72 -11.58
N ILE G 251 -46.21 -35.24 -12.66
CA ILE G 251 -46.54 -36.11 -13.77
C ILE G 251 -45.40 -36.06 -14.77
N THR G 252 -44.94 -37.23 -15.20
CA THR G 252 -43.77 -37.35 -16.04
C THR G 252 -44.11 -38.20 -17.25
N LEU G 253 -43.16 -38.26 -18.18
CA LEU G 253 -43.28 -39.18 -19.30
C LEU G 253 -43.60 -40.59 -18.82
N ASP G 254 -42.89 -41.06 -17.78
CA ASP G 254 -43.02 -42.45 -17.36
C ASP G 254 -44.37 -42.71 -16.68
N ASN G 255 -44.74 -41.92 -15.68
CA ASN G 255 -45.97 -42.21 -14.95
C ASN G 255 -47.23 -41.63 -15.58
N LEU G 256 -47.10 -40.86 -16.66
CA LEU G 256 -48.26 -40.24 -17.31
C LEU G 256 -49.42 -41.19 -17.60
N PRO G 257 -49.22 -42.44 -18.04
CA PRO G 257 -50.39 -43.28 -18.34
C PRO G 257 -51.24 -43.59 -17.13
N GLN G 258 -50.64 -43.60 -15.93
CA GLN G 258 -51.40 -43.80 -14.71
C GLN G 258 -52.33 -42.62 -14.40
N PHE G 259 -52.03 -41.42 -14.92
CA PHE G 259 -52.88 -40.26 -14.66
C PHE G 259 -53.93 -40.04 -15.73
N CYS G 260 -53.86 -40.75 -16.86
CA CYS G 260 -54.92 -40.70 -17.85
C CYS G 260 -56.13 -41.50 -17.37
N GLY G 261 -57.31 -40.92 -17.52
CA GLY G 261 -58.52 -41.54 -17.07
C GLY G 261 -59.70 -40.82 -17.67
N PRO G 262 -60.87 -41.47 -17.71
CA PRO G 262 -61.98 -40.93 -18.50
C PRO G 262 -62.52 -39.62 -17.98
N HIS G 263 -62.30 -39.31 -16.69
CA HIS G 263 -62.84 -38.10 -16.07
C HIS G 263 -61.78 -37.02 -15.83
N ILE G 264 -60.63 -37.12 -16.49
CA ILE G 264 -59.59 -36.10 -16.49
C ILE G 264 -59.54 -35.50 -17.88
N ASP G 265 -59.78 -34.19 -17.97
CA ASP G 265 -59.81 -33.51 -19.25
C ASP G 265 -58.46 -32.95 -19.66
N VAL G 266 -57.63 -32.61 -18.68
CA VAL G 266 -56.39 -31.86 -18.89
C VAL G 266 -55.35 -32.43 -17.94
N ILE G 267 -54.16 -32.67 -18.45
CA ILE G 267 -53.00 -33.06 -17.65
C ILE G 267 -51.87 -32.10 -18.00
N SER G 268 -51.39 -31.37 -17.00
CA SER G 268 -50.31 -30.40 -17.20
C SER G 268 -49.04 -30.91 -16.51
N MET G 269 -47.92 -30.75 -17.20
CA MET G 269 -46.65 -31.28 -16.73
C MET G 269 -45.62 -30.16 -16.71
N GLY G 270 -45.02 -29.93 -15.53
CA GLY G 270 -43.91 -28.99 -15.46
C GLY G 270 -42.68 -29.47 -16.21
N MET G 271 -42.57 -30.79 -16.40
CA MET G 271 -41.36 -31.35 -17.01
C MET G 271 -41.22 -30.93 -18.47
N LEU G 272 -42.32 -30.60 -19.14
CA LEU G 272 -42.21 -30.25 -20.56
C LEU G 272 -41.32 -29.03 -20.77
N THR G 273 -41.19 -28.15 -19.77
CA THR G 273 -40.34 -26.99 -19.89
C THR G 273 -39.21 -26.93 -18.86
N GLN G 274 -39.28 -27.65 -17.75
CA GLN G 274 -38.20 -27.62 -16.78
C GLN G 274 -37.23 -28.76 -16.92
N ALA G 275 -37.57 -29.83 -17.65
CA ALA G 275 -36.67 -30.97 -17.72
C ALA G 275 -36.64 -31.60 -19.11
N ALA G 276 -36.89 -30.79 -20.15
CA ALA G 276 -36.80 -31.23 -21.53
C ALA G 276 -35.42 -30.87 -22.08
N PRO G 277 -34.46 -31.79 -22.16
CA PRO G 277 -33.13 -31.39 -22.65
C PRO G 277 -33.21 -30.92 -24.09
N ALA G 278 -32.27 -30.05 -24.44
CA ALA G 278 -32.25 -29.45 -25.76
C ALA G 278 -31.73 -30.45 -26.80
N LEU G 279 -32.21 -30.30 -28.03
CA LEU G 279 -31.71 -31.14 -29.11
C LEU G 279 -30.33 -30.64 -29.56
N ASP G 280 -29.62 -31.50 -30.29
CA ASP G 280 -28.27 -31.23 -30.76
C ASP G 280 -28.32 -30.83 -32.23
N PHE G 281 -27.97 -29.57 -32.51
CA PHE G 281 -27.91 -29.01 -33.86
C PHE G 281 -26.56 -28.35 -34.10
N SER G 282 -26.08 -28.42 -35.33
CA SER G 282 -24.90 -27.69 -35.70
C SER G 282 -25.17 -26.92 -36.99
N LEU G 283 -24.37 -25.89 -37.22
CA LEU G 283 -24.45 -25.10 -38.45
C LEU G 283 -23.05 -25.05 -39.04
N LYS G 284 -22.87 -25.62 -40.22
CA LYS G 284 -21.54 -25.80 -40.80
C LYS G 284 -21.45 -25.11 -42.16
N LEU G 285 -20.54 -24.14 -42.26
CA LEU G 285 -20.19 -23.54 -43.53
C LEU G 285 -19.58 -24.57 -44.46
N PHE G 286 -20.04 -24.59 -45.71
CA PHE G 286 -19.49 -25.48 -46.71
C PHE G 286 -19.20 -24.69 -47.98
N ALA G 287 -18.21 -25.15 -48.74
CA ALA G 287 -17.88 -24.53 -50.01
C ALA G 287 -18.99 -24.81 -51.04
N LYS G 288 -19.27 -23.83 -51.89
CA LYS G 288 -20.43 -23.91 -52.78
C LYS G 288 -20.16 -24.84 -53.96
N GLU G 289 -21.18 -25.64 -54.31
CA GLU G 289 -21.13 -26.50 -55.47
C GLU G 289 -20.95 -25.69 -56.75
N MET H 1 -13.78 -17.79 -5.90
CA MET H 1 -13.81 -17.46 -4.49
C MET H 1 -15.08 -18.00 -3.82
N ASP H 2 -15.29 -17.57 -2.58
CA ASP H 2 -16.50 -17.94 -1.84
C ASP H 2 -17.76 -17.65 -2.65
N ALA H 3 -18.74 -18.57 -2.57
CA ALA H 3 -19.96 -18.43 -3.34
C ALA H 3 -20.76 -17.21 -2.91
N GLU H 4 -20.60 -16.77 -1.66
CA GLU H 4 -21.28 -15.55 -1.24
C GLU H 4 -20.69 -14.32 -1.92
N GLY H 5 -19.39 -14.36 -2.25
CA GLY H 5 -18.78 -13.21 -2.91
C GLY H 5 -19.27 -12.99 -4.32
N LEU H 6 -19.76 -14.05 -4.97
CA LEU H 6 -20.11 -13.99 -6.38
C LEU H 6 -21.15 -12.93 -6.70
N ALA H 7 -22.04 -12.61 -5.74
CA ALA H 7 -23.12 -11.67 -6.03
C ALA H 7 -22.59 -10.31 -6.50
N LEU H 8 -21.39 -9.92 -6.05
CA LEU H 8 -20.80 -8.63 -6.44
C LEU H 8 -20.55 -8.52 -7.95
N LEU H 9 -20.45 -9.64 -8.66
CA LEU H 9 -20.25 -9.62 -10.10
C LEU H 9 -21.42 -9.04 -10.88
N LEU H 10 -22.58 -8.82 -10.24
CA LEU H 10 -23.80 -8.47 -10.98
C LEU H 10 -24.03 -6.98 -10.93
N PRO H 11 -23.89 -6.26 -12.04
CA PRO H 11 -24.23 -4.81 -12.07
C PRO H 11 -25.67 -4.59 -11.64
N PRO H 12 -25.89 -3.74 -10.62
CA PRO H 12 -27.26 -3.54 -10.11
C PRO H 12 -28.24 -2.95 -11.11
N VAL H 13 -27.77 -2.21 -12.12
CA VAL H 13 -28.66 -1.63 -13.13
C VAL H 13 -29.14 -2.70 -14.10
N THR H 14 -28.25 -3.60 -14.53
CA THR H 14 -28.67 -4.69 -15.40
C THR H 14 -29.68 -5.60 -14.71
N LEU H 15 -29.45 -5.88 -13.42
CA LEU H 15 -30.38 -6.69 -12.63
C LEU H 15 -31.79 -6.13 -12.71
N ALA H 16 -31.92 -4.81 -12.52
CA ALA H 16 -33.25 -4.21 -12.43
C ALA H 16 -33.97 -4.29 -13.77
N ALA H 17 -33.26 -4.07 -14.88
CA ALA H 17 -33.91 -4.13 -16.18
C ALA H 17 -34.28 -5.57 -16.55
N LEU H 18 -33.43 -6.54 -16.20
CA LEU H 18 -33.79 -7.95 -16.39
C LEU H 18 -35.05 -8.30 -15.60
N VAL H 19 -35.04 -7.98 -14.30
CA VAL H 19 -36.14 -8.35 -13.43
C VAL H 19 -37.45 -7.69 -13.88
N ASP H 20 -37.40 -6.41 -14.25
CA ASP H 20 -38.64 -5.77 -14.68
C ASP H 20 -39.20 -6.43 -15.94
N SER H 21 -38.33 -6.76 -16.90
CA SER H 21 -38.82 -7.36 -18.14
C SER H 21 -39.42 -8.75 -17.89
N TRP H 22 -38.87 -9.50 -16.92
CA TRP H 22 -39.47 -10.79 -16.60
C TRP H 22 -40.84 -10.62 -15.99
N LEU H 23 -41.00 -9.60 -15.14
CA LEU H 23 -42.31 -9.40 -14.53
C LEU H 23 -43.33 -8.93 -15.55
N ARG H 24 -42.95 -8.00 -16.43
CA ARG H 24 -43.86 -7.60 -17.51
C ARG H 24 -44.26 -8.78 -18.34
N GLU H 25 -43.37 -9.75 -18.50
CA GLU H 25 -43.69 -10.92 -19.30
C GLU H 25 -44.82 -11.71 -18.65
N ASP H 26 -44.78 -11.87 -17.34
CA ASP H 26 -45.77 -12.73 -16.67
C ASP H 26 -47.08 -12.00 -16.38
N CYS H 27 -47.10 -10.67 -16.42
CA CYS H 27 -48.34 -9.91 -16.17
C CYS H 27 -48.30 -8.62 -16.96
N PRO H 28 -48.62 -8.68 -18.26
CA PRO H 28 -48.52 -7.47 -19.09
C PRO H 28 -49.69 -6.51 -18.92
N GLY H 29 -50.83 -6.96 -18.40
CA GLY H 29 -51.99 -6.10 -18.25
C GLY H 29 -52.50 -5.94 -16.84
N LEU H 30 -53.74 -6.35 -16.57
CA LEU H 30 -54.30 -6.33 -15.22
C LEU H 30 -53.98 -7.64 -14.49
N ASN H 31 -53.75 -7.54 -13.18
CA ASN H 31 -53.50 -8.69 -12.33
C ASN H 31 -54.78 -9.03 -11.58
N TYR H 32 -55.70 -9.70 -12.29
CA TYR H 32 -57.00 -9.99 -11.72
C TYR H 32 -56.90 -10.80 -10.42
N ALA H 33 -55.88 -11.65 -10.30
CA ALA H 33 -55.82 -12.44 -9.07
C ALA H 33 -55.47 -11.61 -7.84
N ALA H 34 -55.00 -10.37 -7.99
CA ALA H 34 -54.72 -9.53 -6.83
C ALA H 34 -55.98 -9.23 -6.03
N LEU H 35 -57.15 -9.22 -6.69
CA LEU H 35 -58.39 -9.02 -5.96
C LEU H 35 -58.73 -10.23 -5.10
N VAL H 36 -58.33 -11.42 -5.54
CA VAL H 36 -58.64 -12.62 -4.79
C VAL H 36 -57.91 -12.62 -3.46
N SER H 37 -56.66 -12.18 -3.44
CA SER H 37 -55.85 -12.30 -2.23
C SER H 37 -55.84 -11.03 -1.39
N GLY H 38 -56.05 -9.88 -2.00
CA GLY H 38 -55.93 -8.63 -1.29
C GLY H 38 -54.47 -8.27 -1.00
N ALA H 39 -54.31 -7.15 -0.28
CA ALA H 39 -53.00 -6.56 -0.05
C ALA H 39 -52.49 -6.72 1.38
N GLY H 40 -53.23 -7.38 2.26
CA GLY H 40 -52.82 -7.54 3.64
C GLY H 40 -51.43 -8.12 3.79
N PRO H 41 -50.71 -7.74 4.85
CA PRO H 41 -49.34 -8.22 5.03
C PRO H 41 -49.29 -9.71 5.26
N SER H 42 -48.39 -10.40 4.54
CA SER H 42 -48.26 -11.84 4.66
C SER H 42 -46.79 -12.24 4.60
N GLN H 43 -46.55 -13.49 4.93
CA GLN H 43 -45.26 -14.08 4.95
C GLN H 43 -45.33 -15.37 4.21
N ALA H 44 -44.24 -15.83 3.59
CA ALA H 44 -44.27 -17.07 2.85
C ALA H 44 -42.94 -17.78 3.03
N ALA H 45 -42.99 -19.10 3.05
CA ALA H 45 -41.81 -19.91 3.27
C ALA H 45 -41.37 -20.53 1.94
N LEU H 46 -40.10 -20.35 1.61
CA LEU H 46 -39.51 -20.96 0.44
C LEU H 46 -39.01 -22.35 0.83
N TRP H 47 -39.48 -23.37 0.13
CA TRP H 47 -39.10 -24.76 0.40
C TRP H 47 -38.26 -25.31 -0.75
N ALA H 48 -37.15 -25.95 -0.40
CA ALA H 48 -36.34 -26.71 -1.33
C ALA H 48 -36.76 -28.17 -1.28
N LYS H 49 -37.26 -28.69 -2.40
CA LYS H 49 -37.74 -30.07 -2.47
C LYS H 49 -36.90 -30.97 -3.37
N SER H 50 -35.77 -30.48 -3.89
CA SER H 50 -34.85 -31.30 -4.67
C SER H 50 -33.46 -31.21 -4.06
N PRO H 51 -32.68 -32.29 -4.11
CA PRO H 51 -31.27 -32.18 -3.71
C PRO H 51 -30.52 -31.27 -4.68
N GLY H 52 -29.36 -30.78 -4.24
CA GLY H 52 -28.52 -29.98 -5.12
C GLY H 52 -27.87 -28.78 -4.46
N VAL H 53 -27.54 -27.77 -5.28
CA VAL H 53 -26.86 -26.54 -4.82
C VAL H 53 -27.82 -25.37 -4.98
N LEU H 54 -27.92 -24.56 -3.95
CA LEU H 54 -28.71 -23.33 -4.01
C LEU H 54 -27.95 -22.22 -4.72
N ALA H 55 -28.53 -21.65 -5.77
CA ALA H 55 -27.91 -20.54 -6.50
C ALA H 55 -29.00 -19.65 -7.07
N GLY H 56 -28.77 -18.33 -7.00
CA GLY H 56 -29.71 -17.38 -7.58
C GLY H 56 -30.32 -16.41 -6.60
N GLN H 57 -29.89 -16.41 -5.34
CA GLN H 57 -30.42 -15.45 -4.37
C GLN H 57 -30.39 -14.03 -4.89
N PRO H 58 -29.33 -13.53 -5.55
CA PRO H 58 -29.39 -12.13 -6.01
C PRO H 58 -30.58 -11.82 -6.89
N PHE H 59 -30.99 -12.76 -7.75
CA PHE H 59 -32.11 -12.51 -8.67
C PHE H 59 -33.45 -12.60 -7.95
N PHE H 60 -33.62 -13.65 -7.14
CA PHE H 60 -34.78 -13.81 -6.27
C PHE H 60 -35.00 -12.57 -5.43
N ASP H 61 -33.93 -12.04 -4.84
CA ASP H 61 -34.01 -10.81 -4.07
C ASP H 61 -34.47 -9.64 -4.92
N ALA H 62 -33.89 -9.49 -6.11
CA ALA H 62 -34.18 -8.30 -6.90
C ALA H 62 -35.62 -8.33 -7.43
N ILE H 63 -36.12 -9.51 -7.77
CA ILE H 63 -37.52 -9.65 -8.16
C ILE H 63 -38.43 -9.12 -7.06
N PHE H 64 -38.22 -9.57 -5.82
CA PHE H 64 -39.12 -9.21 -4.75
C PHE H 64 -38.89 -7.80 -4.25
N THR H 65 -37.65 -7.32 -4.29
CA THR H 65 -37.44 -5.91 -3.99
C THR H 65 -38.26 -5.02 -4.92
N GLN H 66 -38.36 -5.37 -6.22
CA GLN H 66 -39.14 -4.55 -7.14
C GLN H 66 -40.63 -4.56 -6.80
N LEU H 67 -41.10 -5.55 -6.05
CA LEU H 67 -42.50 -5.57 -5.63
C LEU H 67 -42.65 -5.12 -4.17
N ASN H 68 -41.58 -4.57 -3.60
CA ASN H 68 -41.61 -4.06 -2.24
C ASN H 68 -41.85 -5.18 -1.24
N CYS H 69 -41.14 -6.29 -1.43
CA CYS H 69 -41.08 -7.39 -0.49
C CYS H 69 -39.64 -7.59 -0.02
N GLN H 70 -39.47 -8.29 1.08
CA GLN H 70 -38.15 -8.57 1.63
C GLN H 70 -37.96 -10.08 1.80
N VAL H 71 -36.70 -10.51 1.73
CA VAL H 71 -36.34 -11.92 1.83
C VAL H 71 -35.35 -12.05 2.98
N SER H 72 -35.55 -13.03 3.84
CA SER H 72 -34.52 -13.49 4.76
C SER H 72 -34.14 -14.90 4.34
N TRP H 73 -32.87 -15.11 4.09
CA TRP H 73 -32.36 -16.44 3.77
C TRP H 73 -31.95 -17.16 5.04
N PHE H 74 -32.11 -18.49 5.02
CA PHE H 74 -31.61 -19.35 6.08
C PHE H 74 -30.46 -20.22 5.62
N LEU H 75 -30.08 -20.13 4.36
CA LEU H 75 -28.89 -20.83 3.88
C LEU H 75 -28.13 -19.88 2.97
N PRO H 76 -26.80 -19.93 3.00
CA PRO H 76 -26.01 -19.08 2.11
C PRO H 76 -26.06 -19.58 0.67
N GLU H 77 -25.77 -18.65 -0.25
CA GLU H 77 -25.61 -19.02 -1.65
C GLU H 77 -24.56 -20.12 -1.77
N GLY H 78 -24.84 -21.13 -2.60
CA GLY H 78 -23.96 -22.27 -2.77
C GLY H 78 -24.16 -23.42 -1.79
N SER H 79 -25.08 -23.30 -0.82
CA SER H 79 -25.35 -24.39 0.12
C SER H 79 -25.88 -25.64 -0.55
N LYS H 80 -25.53 -26.79 0.01
CA LYS H 80 -26.22 -28.02 -0.35
C LYS H 80 -27.67 -27.97 0.11
N LEU H 81 -28.57 -28.35 -0.78
CA LEU H 81 -29.99 -28.47 -0.45
C LEU H 81 -30.28 -29.92 -0.09
N VAL H 82 -30.68 -30.14 1.17
CA VAL H 82 -31.16 -31.46 1.57
C VAL H 82 -32.67 -31.34 1.78
N PRO H 83 -33.50 -31.88 0.88
CA PRO H 83 -34.95 -31.76 0.95
C PRO H 83 -35.51 -32.58 2.12
N VAL H 84 -36.60 -32.14 2.75
CA VAL H 84 -37.28 -30.89 2.40
C VAL H 84 -36.77 -29.76 3.30
N ALA H 85 -36.05 -28.81 2.72
CA ALA H 85 -35.41 -27.74 3.50
C ALA H 85 -36.21 -26.45 3.42
N ARG H 86 -36.31 -25.75 4.55
CA ARG H 86 -36.89 -24.42 4.60
C ARG H 86 -35.78 -23.42 4.33
N VAL H 87 -35.80 -22.82 3.14
CA VAL H 87 -34.64 -22.07 2.65
C VAL H 87 -34.74 -20.59 2.98
N ALA H 88 -35.92 -20.01 2.94
CA ALA H 88 -36.04 -18.58 3.16
C ALA H 88 -37.46 -18.28 3.62
N GLU H 89 -37.69 -17.01 3.93
CA GLU H 89 -38.99 -16.42 4.24
C GLU H 89 -39.10 -15.10 3.49
N VAL H 90 -40.24 -14.89 2.83
CA VAL H 90 -40.51 -13.70 2.03
C VAL H 90 -41.65 -12.93 2.67
N ARG H 91 -41.52 -11.61 2.73
CA ARG H 91 -42.49 -10.80 3.48
C ARG H 91 -42.94 -9.61 2.64
N GLY H 92 -44.25 -9.31 2.71
CA GLY H 92 -44.80 -8.20 1.99
C GLY H 92 -46.30 -8.34 1.77
N PRO H 93 -46.86 -7.40 1.02
CA PRO H 93 -48.30 -7.47 0.70
C PRO H 93 -48.63 -8.77 -0.03
N ALA H 94 -49.82 -9.30 0.24
CA ALA H 94 -50.14 -10.64 -0.26
C ALA H 94 -50.09 -10.68 -1.77
N HIS H 95 -50.63 -9.66 -2.43
CA HIS H 95 -50.67 -9.70 -3.89
C HIS H 95 -49.27 -9.54 -4.48
N CYS H 96 -48.40 -8.75 -3.84
CA CYS H 96 -47.04 -8.62 -4.34
C CYS H 96 -46.28 -9.94 -4.20
N LEU H 97 -46.42 -10.62 -3.07
CA LEU H 97 -45.84 -11.95 -2.90
C LEU H 97 -46.30 -12.90 -4.00
N LEU H 98 -47.60 -12.94 -4.26
CA LEU H 98 -48.09 -13.95 -5.20
C LEU H 98 -47.80 -13.59 -6.65
N LEU H 99 -47.65 -12.29 -6.96
CA LEU H 99 -47.30 -11.83 -8.30
C LEU H 99 -45.83 -12.11 -8.66
N GLY H 100 -44.95 -12.20 -7.67
CA GLY H 100 -43.55 -12.46 -7.97
C GLY H 100 -43.18 -13.92 -7.79
N GLU H 101 -44.06 -14.66 -7.12
CA GLU H 101 -43.80 -16.05 -6.78
C GLU H 101 -43.23 -16.83 -7.96
N ARG H 102 -43.95 -16.84 -9.09
CA ARG H 102 -43.62 -17.74 -10.18
C ARG H 102 -42.33 -17.34 -10.86
N VAL H 103 -42.19 -16.06 -11.17
CA VAL H 103 -40.97 -15.57 -11.81
C VAL H 103 -39.76 -15.86 -10.93
N ALA H 104 -39.86 -15.51 -9.64
CA ALA H 104 -38.78 -15.79 -8.71
C ALA H 104 -38.46 -17.28 -8.63
N LEU H 105 -39.49 -18.12 -8.51
CA LEU H 105 -39.26 -19.56 -8.44
C LEU H 105 -38.61 -20.09 -9.71
N ASN H 106 -39.09 -19.66 -10.87
CA ASN H 106 -38.54 -20.16 -12.14
C ASN H 106 -37.07 -19.81 -12.26
N THR H 107 -36.70 -18.60 -11.83
CA THR H 107 -35.32 -18.17 -11.87
C THR H 107 -34.45 -19.03 -10.97
N LEU H 108 -34.84 -19.17 -9.71
CA LEU H 108 -34.04 -19.90 -8.75
C LEU H 108 -33.93 -21.37 -9.13
N ALA H 109 -34.98 -21.93 -9.73
CA ALA H 109 -34.97 -23.35 -10.10
C ALA H 109 -33.92 -23.63 -11.17
N ARG H 110 -33.90 -22.82 -12.23
CA ARG H 110 -32.93 -23.02 -13.30
C ARG H 110 -31.52 -22.63 -12.86
N CYS H 111 -31.39 -21.56 -12.07
CA CYS H 111 -30.06 -21.18 -11.62
C CYS H 111 -29.48 -22.25 -10.70
N SER H 112 -30.29 -22.72 -9.75
CA SER H 112 -29.83 -23.81 -8.90
C SER H 112 -29.60 -25.08 -9.73
N GLY H 113 -30.48 -25.34 -10.71
CA GLY H 113 -30.28 -26.51 -11.56
C GLY H 113 -28.93 -26.50 -12.23
N ILE H 114 -28.49 -25.34 -12.71
CA ILE H 114 -27.21 -25.25 -13.40
C ILE H 114 -26.06 -25.38 -12.40
N ALA H 115 -26.16 -24.70 -11.26
CA ALA H 115 -25.16 -24.85 -10.21
C ALA H 115 -25.05 -26.31 -9.73
N SER H 116 -26.16 -27.05 -9.76
CA SER H 116 -26.14 -28.43 -9.31
C SER H 116 -25.41 -29.33 -10.30
N ALA H 117 -25.60 -29.09 -11.60
CA ALA H 117 -24.86 -29.87 -12.58
C ALA H 117 -23.37 -29.52 -12.53
N ALA H 118 -23.04 -28.24 -12.33
CA ALA H 118 -21.63 -27.85 -12.25
C ALA H 118 -20.97 -28.48 -11.02
N ALA H 119 -21.64 -28.41 -9.87
CA ALA H 119 -21.10 -29.07 -8.68
C ALA H 119 -20.89 -30.55 -8.94
N ALA H 120 -21.87 -31.20 -9.58
CA ALA H 120 -21.73 -32.63 -9.87
C ALA H 120 -20.53 -32.88 -10.77
N ALA H 121 -20.31 -32.01 -11.77
CA ALA H 121 -19.17 -32.20 -12.66
C ALA H 121 -17.85 -31.95 -11.95
N VAL H 122 -17.76 -30.87 -11.16
CA VAL H 122 -16.52 -30.56 -10.46
C VAL H 122 -16.17 -31.67 -9.49
N GLU H 123 -17.19 -32.27 -8.87
CA GLU H 123 -17.01 -33.43 -8.03
C GLU H 123 -16.43 -34.60 -8.82
N ALA H 124 -17.06 -34.94 -9.94
CA ALA H 124 -16.58 -36.05 -10.76
C ALA H 124 -15.14 -35.80 -11.25
N ALA H 125 -14.77 -34.55 -11.53
CA ALA H 125 -13.41 -34.30 -11.97
C ALA H 125 -12.43 -34.50 -10.83
N ARG H 126 -12.79 -34.02 -9.65
CA ARG H 126 -11.86 -34.08 -8.53
C ARG H 126 -11.67 -35.51 -8.05
N GLY H 127 -12.74 -36.32 -8.07
CA GLY H 127 -12.65 -37.74 -7.78
C GLY H 127 -11.85 -38.54 -8.78
N ALA H 128 -11.58 -37.99 -9.96
CA ALA H 128 -10.66 -38.60 -10.90
C ALA H 128 -9.25 -38.05 -10.79
N GLY H 129 -8.98 -37.18 -9.80
CA GLY H 129 -7.68 -36.60 -9.57
C GLY H 129 -7.33 -35.38 -10.40
N TRP H 130 -8.30 -34.78 -11.10
CA TRP H 130 -8.04 -33.70 -12.06
C TRP H 130 -8.13 -32.33 -11.40
N THR H 131 -7.14 -31.49 -11.65
CA THR H 131 -7.07 -30.17 -11.04
C THR H 131 -7.41 -29.05 -12.01
N GLY H 132 -7.80 -29.38 -13.24
CA GLY H 132 -8.15 -28.38 -14.22
C GLY H 132 -9.43 -27.64 -13.87
N HIS H 133 -9.89 -26.86 -14.84
CA HIS H 133 -11.13 -26.10 -14.73
C HIS H 133 -12.23 -26.80 -15.51
N VAL H 134 -13.36 -27.03 -14.85
CA VAL H 134 -14.59 -27.46 -15.52
C VAL H 134 -15.33 -26.20 -15.93
N ALA H 135 -15.78 -26.14 -17.18
CA ALA H 135 -16.21 -24.86 -17.71
C ALA H 135 -17.52 -24.98 -18.46
N GLY H 136 -18.23 -23.86 -18.53
CA GLY H 136 -19.43 -23.75 -19.32
C GLY H 136 -19.13 -23.28 -20.73
N THR H 137 -20.20 -23.06 -21.48
CA THR H 137 -20.09 -22.75 -22.90
C THR H 137 -20.99 -21.55 -23.20
N ARG H 138 -21.22 -21.26 -24.49
CA ARG H 138 -22.20 -20.27 -24.85
C ARG H 138 -23.57 -20.86 -25.16
N LYS H 139 -23.81 -22.12 -24.80
CA LYS H 139 -25.09 -22.78 -25.06
C LYS H 139 -26.06 -22.47 -23.92
N THR H 140 -26.47 -21.21 -23.85
CA THR H 140 -27.36 -20.71 -22.81
C THR H 140 -28.72 -20.31 -23.39
N THR H 141 -29.71 -20.20 -22.52
CA THR H 141 -31.00 -19.75 -22.99
C THR H 141 -30.89 -18.29 -23.45
N PRO H 142 -31.37 -17.96 -24.65
CA PRO H 142 -31.35 -16.56 -25.09
C PRO H 142 -32.10 -15.67 -24.11
N GLY H 143 -31.50 -14.51 -23.81
CA GLY H 143 -32.01 -13.59 -22.81
C GLY H 143 -31.57 -13.87 -21.38
N PHE H 144 -31.17 -15.10 -21.06
CA PHE H 144 -31.02 -15.56 -19.68
C PHE H 144 -29.56 -15.84 -19.29
N ARG H 145 -28.60 -15.39 -20.12
CA ARG H 145 -27.20 -15.75 -19.91
C ARG H 145 -26.69 -15.33 -18.55
N LEU H 146 -27.04 -14.12 -18.11
CA LEU H 146 -26.53 -13.62 -16.83
C LEU H 146 -26.84 -14.60 -15.70
N VAL H 147 -28.03 -15.21 -15.71
CA VAL H 147 -28.37 -16.13 -14.63
C VAL H 147 -27.61 -17.44 -14.79
N GLU H 148 -27.49 -17.95 -16.01
CA GLU H 148 -26.89 -19.27 -16.22
C GLU H 148 -25.38 -19.24 -15.98
N LYS H 149 -24.68 -18.20 -16.45
CA LYS H 149 -23.25 -18.09 -16.18
C LYS H 149 -23.00 -17.87 -14.69
N TYR H 150 -23.86 -17.08 -14.04
CA TYR H 150 -23.81 -16.96 -12.60
C TYR H 150 -24.05 -18.30 -11.92
N GLY H 151 -25.01 -19.07 -12.41
CA GLY H 151 -25.21 -20.41 -11.88
C GLY H 151 -23.97 -21.28 -11.97
N LEU H 152 -23.28 -21.27 -13.11
CA LEU H 152 -22.06 -22.05 -13.27
C LEU H 152 -21.04 -21.70 -12.20
N LEU H 153 -20.83 -20.40 -11.96
CA LEU H 153 -19.83 -19.98 -10.98
C LEU H 153 -20.19 -20.46 -9.57
N VAL H 154 -21.47 -20.43 -9.21
CA VAL H 154 -21.85 -20.85 -7.87
C VAL H 154 -21.58 -22.34 -7.71
N GLY H 155 -21.76 -23.11 -8.77
CA GLY H 155 -21.48 -24.53 -8.73
C GLY H 155 -20.02 -24.92 -8.73
N GLY H 156 -19.11 -23.96 -8.85
CA GLY H 156 -17.68 -24.22 -8.86
C GLY H 156 -17.05 -24.29 -10.23
N ALA H 157 -17.83 -24.19 -11.30
CA ALA H 157 -17.29 -24.23 -12.65
C ALA H 157 -16.85 -22.85 -13.08
N ALA H 158 -16.00 -22.80 -14.09
CA ALA H 158 -15.69 -21.53 -14.73
C ALA H 158 -16.76 -21.26 -15.78
N SER H 159 -17.08 -19.99 -15.96
CA SER H 159 -18.11 -19.62 -16.89
C SER H 159 -17.65 -19.62 -18.34
N HIS H 160 -16.32 -19.54 -18.60
CA HIS H 160 -15.74 -19.38 -19.94
C HIS H 160 -16.12 -18.00 -20.44
N ARG H 161 -15.64 -17.59 -21.62
CA ARG H 161 -15.99 -16.30 -22.22
C ARG H 161 -17.50 -16.03 -22.03
N TYR H 162 -17.83 -14.81 -21.61
CA TYR H 162 -19.23 -14.46 -21.39
C TYR H 162 -19.97 -14.24 -22.70
N ASP H 163 -19.31 -13.62 -23.67
CA ASP H 163 -19.94 -13.41 -24.97
C ASP H 163 -18.83 -13.37 -26.04
N LEU H 164 -19.23 -12.98 -27.26
CA LEU H 164 -18.31 -12.86 -28.38
C LEU H 164 -17.27 -11.77 -28.20
N GLY H 165 -17.37 -10.91 -27.18
CA GLY H 165 -16.41 -9.85 -27.01
C GLY H 165 -15.23 -10.14 -26.10
N GLY H 166 -15.24 -11.28 -25.40
CA GLY H 166 -14.33 -11.55 -24.31
C GLY H 166 -13.16 -12.47 -24.58
N LEU H 167 -13.08 -13.06 -25.77
CA LEU H 167 -11.93 -13.85 -26.18
C LEU H 167 -12.23 -14.30 -27.59
N VAL H 168 -11.27 -14.14 -28.50
CA VAL H 168 -11.50 -14.39 -29.91
C VAL H 168 -11.38 -15.88 -30.14
N MET H 169 -12.49 -16.53 -30.43
CA MET H 169 -12.53 -17.98 -30.55
C MET H 169 -12.70 -18.33 -32.02
N VAL H 170 -11.63 -18.83 -32.62
CA VAL H 170 -11.65 -19.30 -34.00
C VAL H 170 -12.26 -20.71 -34.03
N LYS H 171 -13.39 -20.83 -34.71
CA LYS H 171 -14.09 -22.11 -34.83
C LYS H 171 -13.93 -22.68 -36.23
N ASP H 172 -14.31 -23.95 -36.36
CA ASP H 172 -14.33 -24.63 -37.65
C ASP H 172 -14.89 -23.73 -38.75
N ASN H 173 -15.94 -22.96 -38.45
CA ASN H 173 -16.55 -22.15 -39.50
C ASN H 173 -15.64 -20.98 -39.90
N HIS H 174 -14.94 -20.40 -38.93
CA HIS H 174 -13.98 -19.35 -39.28
C HIS H 174 -12.84 -19.91 -40.13
N VAL H 175 -12.39 -21.14 -39.83
CA VAL H 175 -11.31 -21.75 -40.60
C VAL H 175 -11.72 -21.91 -42.06
N VAL H 176 -12.92 -22.45 -42.28
CA VAL H 176 -13.42 -22.63 -43.64
C VAL H 176 -13.55 -21.28 -44.35
N ALA H 177 -14.17 -20.30 -43.68
CA ALA H 177 -14.35 -18.98 -44.27
C ALA H 177 -13.01 -18.31 -44.60
N ALA H 178 -12.02 -18.47 -43.73
CA ALA H 178 -10.77 -17.74 -43.86
C ALA H 178 -9.82 -18.39 -44.85
N GLY H 179 -10.06 -19.64 -45.21
CA GLY H 179 -9.20 -20.36 -46.11
C GLY H 179 -8.26 -21.33 -45.43
N GLY H 180 -8.20 -21.34 -44.11
CA GLY H 180 -7.35 -22.29 -43.43
C GLY H 180 -6.97 -21.81 -42.04
N VAL H 181 -6.40 -22.75 -41.28
CA VAL H 181 -6.17 -22.52 -39.86
C VAL H 181 -5.24 -21.33 -39.65
N GLU H 182 -4.08 -21.36 -40.29
CA GLU H 182 -3.07 -20.34 -40.01
C GLU H 182 -3.46 -18.97 -40.54
N LYS H 183 -4.14 -18.89 -41.70
CA LYS H 183 -4.76 -17.63 -42.08
C LYS H 183 -5.75 -17.16 -41.02
N ALA H 184 -6.58 -18.08 -40.51
CA ALA H 184 -7.59 -17.68 -39.54
C ALA H 184 -6.95 -17.27 -38.22
N VAL H 185 -5.93 -18.02 -37.77
CA VAL H 185 -5.31 -17.65 -36.50
C VAL H 185 -4.56 -16.32 -36.62
N ARG H 186 -3.95 -16.04 -37.78
CA ARG H 186 -3.26 -14.76 -37.96
C ARG H 186 -4.24 -13.60 -37.86
N ALA H 187 -5.36 -13.70 -38.57
CA ALA H 187 -6.37 -12.66 -38.47
C ALA H 187 -6.91 -12.55 -37.04
N ALA H 188 -6.99 -13.66 -36.32
CA ALA H 188 -7.51 -13.61 -34.96
C ALA H 188 -6.58 -12.83 -34.04
N ARG H 189 -5.27 -13.06 -34.15
CA ARG H 189 -4.32 -12.34 -33.29
C ARG H 189 -4.16 -10.88 -33.67
N GLN H 190 -4.34 -10.55 -35.02
CA GLN H 190 -4.43 -9.12 -35.33
C GLN H 190 -5.50 -8.50 -34.56
N ALA H 191 -6.67 -9.15 -34.60
CA ALA H 191 -7.91 -8.57 -34.20
C ALA H 191 -7.97 -8.21 -32.77
N ALA H 192 -7.21 -8.90 -31.93
CA ALA H 192 -6.71 -8.21 -30.75
C ALA H 192 -5.40 -8.59 -30.06
N ASP H 193 -4.22 -8.29 -30.64
CA ASP H 193 -2.97 -8.97 -30.24
C ASP H 193 -2.76 -8.70 -28.80
N PHE H 194 -2.89 -7.45 -28.42
CA PHE H 194 -2.86 -7.10 -27.05
C PHE H 194 -4.28 -6.56 -27.02
N ALA H 195 -4.96 -6.86 -25.93
CA ALA H 195 -4.82 -8.09 -25.31
C ALA H 195 -6.17 -8.69 -24.96
N LEU H 196 -6.48 -9.64 -25.80
CA LEU H 196 -7.46 -10.63 -25.68
C LEU H 196 -6.70 -11.78 -26.10
N LYS H 197 -7.11 -12.91 -25.55
CA LYS H 197 -6.57 -14.20 -25.92
C LYS H 197 -7.24 -14.75 -27.18
N VAL H 198 -6.54 -15.66 -27.75
CA VAL H 198 -7.06 -16.32 -28.93
C VAL H 198 -7.15 -17.81 -28.64
N GLU H 199 -8.36 -18.36 -28.73
CA GLU H 199 -8.56 -19.79 -28.63
C GLU H 199 -8.95 -20.33 -30.00
N VAL H 200 -8.46 -21.54 -30.32
CA VAL H 200 -8.69 -22.13 -31.63
C VAL H 200 -9.29 -23.52 -31.44
N GLU H 201 -10.46 -23.75 -32.01
CA GLU H 201 -11.09 -25.05 -31.91
C GLU H 201 -10.55 -25.97 -33.00
N CYS H 202 -9.99 -27.12 -32.61
CA CYS H 202 -9.27 -27.98 -33.52
C CYS H 202 -9.86 -29.38 -33.54
N SER H 203 -9.92 -29.99 -34.72
CA SER H 203 -10.48 -31.32 -34.83
C SER H 203 -9.44 -32.39 -35.05
N SER H 204 -8.17 -32.02 -35.14
CA SER H 204 -7.11 -32.98 -35.46
C SER H 204 -5.83 -32.52 -34.77
N LEU H 205 -4.87 -33.44 -34.64
CA LEU H 205 -3.60 -33.06 -34.02
C LEU H 205 -2.85 -32.05 -34.87
N GLN H 206 -2.82 -32.27 -36.20
CA GLN H 206 -2.13 -31.33 -37.07
C GLN H 206 -2.74 -29.94 -36.98
N GLU H 207 -4.08 -29.87 -36.91
CA GLU H 207 -4.76 -28.60 -36.76
C GLU H 207 -4.37 -27.92 -35.45
N ALA H 208 -4.17 -28.71 -34.40
CA ALA H 208 -3.76 -28.15 -33.12
C ALA H 208 -2.32 -27.63 -33.18
N VAL H 209 -1.44 -28.35 -33.87
CA VAL H 209 -0.06 -27.92 -34.01
C VAL H 209 0.04 -26.65 -34.85
N GLN H 210 -0.66 -26.62 -35.99
CA GLN H 210 -0.71 -25.43 -36.81
C GLN H 210 -1.19 -24.21 -36.01
N ALA H 211 -2.25 -24.39 -35.20
CA ALA H 211 -2.78 -23.28 -34.42
C ALA H 211 -1.81 -22.82 -33.35
N ALA H 212 -1.15 -23.78 -32.66
CA ALA H 212 -0.19 -23.40 -31.63
C ALA H 212 1.00 -22.69 -32.23
N GLU H 213 1.54 -23.22 -33.34
CA GLU H 213 2.61 -22.54 -34.05
C GLU H 213 2.15 -21.16 -34.52
N ALA H 214 0.88 -21.03 -34.93
CA ALA H 214 0.43 -19.72 -35.36
C ALA H 214 0.23 -18.73 -34.21
N GLY H 215 0.39 -19.15 -32.95
CA GLY H 215 0.30 -18.26 -31.82
C GLY H 215 -0.97 -18.29 -30.99
N ALA H 216 -1.75 -19.36 -31.04
CA ALA H 216 -2.93 -19.44 -30.20
C ALA H 216 -2.55 -19.55 -28.73
N ASP H 217 -3.28 -18.85 -27.87
CA ASP H 217 -3.09 -19.00 -26.43
C ASP H 217 -3.69 -20.31 -25.95
N LEU H 218 -4.81 -20.72 -26.53
CA LEU H 218 -5.59 -21.87 -26.13
C LEU H 218 -5.94 -22.70 -27.36
N VAL H 219 -5.80 -24.01 -27.23
CA VAL H 219 -6.18 -24.93 -28.28
C VAL H 219 -7.25 -25.83 -27.71
N LEU H 220 -8.42 -25.81 -28.34
CA LEU H 220 -9.56 -26.60 -27.87
C LEU H 220 -9.65 -27.81 -28.78
N LEU H 221 -9.45 -29.01 -28.19
CA LEU H 221 -9.60 -30.27 -28.91
C LEU H 221 -11.06 -30.67 -28.88
N ASP H 222 -11.67 -30.72 -30.05
CA ASP H 222 -13.12 -30.76 -30.22
C ASP H 222 -13.52 -32.17 -30.63
N ASN H 223 -14.40 -32.80 -29.84
CA ASN H 223 -14.99 -34.09 -30.19
C ASN H 223 -13.94 -35.16 -30.52
N PHE H 224 -12.87 -35.17 -29.73
CA PHE H 224 -11.94 -36.29 -29.71
C PHE H 224 -12.48 -37.40 -28.82
N LYS H 225 -12.24 -38.65 -29.22
CA LYS H 225 -12.38 -39.75 -28.29
C LYS H 225 -11.25 -39.65 -27.24
N PRO H 226 -11.49 -40.10 -26.00
CA PRO H 226 -10.41 -40.02 -25.00
C PRO H 226 -9.12 -40.68 -25.45
N GLU H 227 -9.20 -41.82 -26.11
CA GLU H 227 -8.00 -42.53 -26.58
C GLU H 227 -7.20 -41.70 -27.58
N GLU H 228 -7.86 -40.84 -28.36
CA GLU H 228 -7.13 -39.90 -29.20
C GLU H 228 -6.82 -38.60 -28.48
N LEU H 229 -7.69 -38.19 -27.54
CA LEU H 229 -7.53 -36.92 -26.84
C LEU H 229 -6.18 -36.84 -26.12
N HIS H 230 -5.94 -37.75 -25.17
CA HIS H 230 -4.77 -37.57 -24.30
C HIS H 230 -3.42 -37.66 -25.00
N PRO H 231 -3.21 -38.57 -25.97
CA PRO H 231 -1.93 -38.54 -26.68
C PRO H 231 -1.75 -37.25 -27.45
N THR H 232 -2.82 -36.68 -27.99
CA THR H 232 -2.72 -35.37 -28.64
C THR H 232 -2.27 -34.30 -27.67
N ALA H 233 -2.96 -34.19 -26.52
CA ALA H 233 -2.64 -33.15 -25.55
C ALA H 233 -1.24 -33.32 -25.00
N THR H 234 -0.80 -34.58 -24.83
CA THR H 234 0.57 -34.85 -24.41
C THR H 234 1.58 -34.30 -25.42
N VAL H 235 1.35 -34.55 -26.71
CA VAL H 235 2.21 -34.02 -27.75
C VAL H 235 2.22 -32.49 -27.70
N LEU H 236 1.04 -31.88 -27.70
CA LEU H 236 0.93 -30.43 -27.67
C LEU H 236 1.72 -29.84 -26.52
N LYS H 237 1.44 -30.31 -25.30
CA LYS H 237 2.14 -29.79 -24.13
C LYS H 237 3.64 -30.05 -24.22
N ALA H 238 4.05 -31.12 -24.90
CA ALA H 238 5.47 -31.39 -25.07
C ALA H 238 6.12 -30.29 -25.90
N GLN H 239 5.53 -29.97 -27.07
CA GLN H 239 6.11 -29.02 -27.99
C GLN H 239 5.76 -27.56 -27.70
N PHE H 240 4.66 -27.30 -27.00
CA PHE H 240 4.16 -25.92 -26.80
C PHE H 240 3.70 -25.78 -25.36
N PRO H 241 4.64 -25.81 -24.41
CA PRO H 241 4.27 -25.98 -22.99
C PRO H 241 3.44 -24.85 -22.41
N SER H 242 3.50 -23.65 -22.98
CA SER H 242 2.74 -22.52 -22.48
C SER H 242 1.41 -22.32 -23.21
N VAL H 243 1.00 -23.27 -24.04
CA VAL H 243 -0.33 -23.26 -24.65
C VAL H 243 -1.26 -24.13 -23.82
N ALA H 244 -2.35 -23.53 -23.33
CA ALA H 244 -3.38 -24.27 -22.60
C ALA H 244 -4.21 -25.13 -23.54
N VAL H 245 -4.59 -26.31 -23.06
CA VAL H 245 -5.37 -27.25 -23.85
C VAL H 245 -6.73 -27.41 -23.19
N GLU H 246 -7.78 -27.28 -24.00
CA GLU H 246 -9.16 -27.49 -23.58
C GLU H 246 -9.72 -28.70 -24.34
N ALA H 247 -10.61 -29.45 -23.68
CA ALA H 247 -11.33 -30.54 -24.31
C ALA H 247 -12.82 -30.26 -24.24
N SER H 248 -13.52 -30.56 -25.34
CA SER H 248 -14.94 -30.26 -25.41
C SER H 248 -15.56 -31.09 -26.51
N GLY H 249 -16.88 -31.32 -26.39
CA GLY H 249 -17.63 -32.12 -27.32
C GLY H 249 -18.10 -33.42 -26.70
N GLY H 250 -19.41 -33.52 -26.41
CA GLY H 250 -20.01 -34.74 -25.92
C GLY H 250 -19.55 -35.18 -24.54
N ILE H 251 -19.05 -34.27 -23.72
CA ILE H 251 -18.60 -34.62 -22.38
C ILE H 251 -19.77 -34.42 -21.40
N THR H 252 -20.08 -35.48 -20.66
CA THR H 252 -21.22 -35.60 -19.76
C THR H 252 -20.70 -35.92 -18.35
N LEU H 253 -21.59 -35.83 -17.35
CA LEU H 253 -21.21 -36.24 -15.98
C LEU H 253 -20.73 -37.70 -15.96
N ASP H 254 -21.34 -38.55 -16.80
CA ASP H 254 -20.99 -39.96 -16.75
C ASP H 254 -19.62 -40.23 -17.37
N ASN H 255 -19.32 -39.63 -18.53
CA ASN H 255 -18.04 -39.88 -19.18
C ASN H 255 -16.95 -38.90 -18.79
N LEU H 256 -17.26 -37.90 -17.97
CA LEU H 256 -16.28 -36.87 -17.61
C LEU H 256 -14.96 -37.42 -17.07
N PRO H 257 -14.92 -38.48 -16.26
CA PRO H 257 -13.62 -38.98 -15.80
C PRO H 257 -12.72 -39.50 -16.91
N GLN H 258 -13.28 -39.97 -18.04
CA GLN H 258 -12.42 -40.43 -19.14
C GLN H 258 -11.71 -39.29 -19.85
N PHE H 259 -12.22 -38.06 -19.76
CA PHE H 259 -11.56 -36.94 -20.42
C PHE H 259 -10.61 -36.19 -19.50
N CYS H 260 -10.59 -36.49 -18.21
CA CYS H 260 -9.60 -35.88 -17.34
C CYS H 260 -8.23 -36.49 -17.64
N GLY H 261 -7.21 -35.65 -17.61
CA GLY H 261 -5.91 -36.08 -18.03
C GLY H 261 -4.93 -35.01 -17.65
N PRO H 262 -3.67 -35.41 -17.38
CA PRO H 262 -2.70 -34.44 -16.87
C PRO H 262 -2.35 -33.35 -17.87
N HIS H 263 -2.70 -33.49 -19.14
CA HIS H 263 -2.38 -32.49 -20.15
C HIS H 263 -3.62 -31.78 -20.69
N ILE H 264 -4.72 -31.84 -19.95
CA ILE H 264 -5.92 -31.05 -20.20
C ILE H 264 -6.03 -29.99 -19.09
N ASP H 265 -6.12 -28.73 -19.49
CA ASP H 265 -6.31 -27.64 -18.52
C ASP H 265 -7.77 -27.27 -18.29
N VAL H 266 -8.60 -27.26 -19.34
CA VAL H 266 -10.00 -26.86 -19.27
C VAL H 266 -10.84 -27.97 -19.89
N ILE H 267 -12.02 -28.21 -19.32
CA ILE H 267 -13.00 -29.13 -19.87
C ILE H 267 -14.33 -28.38 -19.90
N SER H 268 -14.86 -28.16 -21.10
CA SER H 268 -16.10 -27.41 -21.24
C SER H 268 -17.24 -28.33 -21.66
N MET H 269 -18.39 -28.14 -21.00
CA MET H 269 -19.56 -29.03 -21.13
C MET H 269 -20.80 -28.22 -21.46
N GLY H 270 -21.33 -28.41 -22.68
CA GLY H 270 -22.57 -27.75 -23.04
C GLY H 270 -23.74 -28.24 -22.19
N MET H 271 -23.64 -29.48 -21.72
CA MET H 271 -24.71 -30.12 -20.95
C MET H 271 -24.99 -29.40 -19.62
N LEU H 272 -24.02 -28.66 -19.07
CA LEU H 272 -24.23 -27.96 -17.80
C LEU H 272 -25.32 -26.91 -17.91
N THR H 273 -25.62 -26.45 -19.12
CA THR H 273 -26.68 -25.48 -19.30
C THR H 273 -27.81 -25.96 -20.21
N GLN H 274 -27.58 -27.00 -21.01
CA GLN H 274 -28.58 -27.49 -21.94
C GLN H 274 -29.35 -28.70 -21.44
N ALA H 275 -28.76 -29.52 -20.55
CA ALA H 275 -29.43 -30.71 -20.05
C ALA H 275 -29.35 -30.76 -18.53
N ALA H 276 -29.45 -29.61 -17.87
CA ALA H 276 -29.43 -29.57 -16.42
C ALA H 276 -30.85 -29.30 -15.97
N PRO H 277 -31.59 -30.30 -15.49
CA PRO H 277 -32.98 -30.04 -15.09
C PRO H 277 -33.05 -29.09 -13.89
N ALA H 278 -34.14 -28.34 -13.84
CA ALA H 278 -34.34 -27.35 -12.79
C ALA H 278 -34.70 -28.03 -11.47
N LEU H 279 -34.31 -27.42 -10.36
CA LEU H 279 -34.72 -27.93 -9.05
C LEU H 279 -36.18 -27.59 -8.77
N ASP H 280 -36.76 -28.30 -7.80
CA ASP H 280 -38.15 -28.07 -7.38
C ASP H 280 -38.17 -27.20 -6.12
N PHE H 281 -38.79 -26.03 -6.22
CA PHE H 281 -38.95 -25.10 -5.11
C PHE H 281 -40.42 -24.73 -5.02
N SER H 282 -40.94 -24.53 -3.82
CA SER H 282 -42.24 -23.91 -3.69
C SER H 282 -42.16 -22.72 -2.73
N LEU H 283 -43.21 -21.90 -2.76
CA LEU H 283 -43.36 -20.76 -1.88
C LEU H 283 -44.78 -20.82 -1.31
N LYS H 284 -44.88 -21.14 -0.02
CA LYS H 284 -46.20 -21.32 0.62
C LYS H 284 -46.45 -20.22 1.65
N LEU H 285 -47.49 -19.43 1.42
CA LEU H 285 -47.99 -18.53 2.45
C LEU H 285 -48.31 -19.33 3.71
N PHE H 286 -47.88 -18.83 4.86
CA PHE H 286 -48.29 -19.44 6.11
C PHE H 286 -48.95 -18.38 6.99
N ALA H 287 -49.98 -18.81 7.71
CA ALA H 287 -50.87 -17.89 8.42
C ALA H 287 -50.16 -17.24 9.61
N LYS H 288 -50.73 -16.11 10.02
CA LYS H 288 -50.15 -15.24 11.05
C LYS H 288 -50.57 -15.74 12.43
N GLU H 289 -49.70 -16.55 13.04
CA GLU H 289 -49.97 -17.19 14.34
C GLU H 289 -51.35 -17.84 14.40
N MET I 1 -4.73 -4.20 -40.92
CA MET I 1 -3.97 -3.27 -41.77
C MET I 1 -4.89 -2.54 -42.75
N ASP I 2 -6.15 -2.97 -42.83
CA ASP I 2 -7.09 -2.45 -43.80
C ASP I 2 -8.22 -1.71 -43.08
N ALA I 3 -8.30 -0.40 -43.30
CA ALA I 3 -9.36 0.40 -42.69
C ALA I 3 -10.73 0.06 -43.24
N GLU I 4 -10.82 -0.33 -44.51
CA GLU I 4 -12.11 -0.68 -45.10
C GLU I 4 -12.72 -1.93 -44.47
N GLY I 5 -11.90 -2.81 -43.88
CA GLY I 5 -12.42 -4.00 -43.25
C GLY I 5 -13.00 -3.80 -41.86
N LEU I 6 -12.62 -2.70 -41.20
CA LEU I 6 -13.03 -2.47 -39.82
C LEU I 6 -14.55 -2.38 -39.66
N ALA I 7 -15.27 -2.01 -40.72
CA ALA I 7 -16.72 -1.89 -40.60
C ALA I 7 -17.37 -3.19 -40.15
N LEU I 8 -16.78 -4.33 -40.52
CA LEU I 8 -17.33 -5.63 -40.14
C LEU I 8 -17.39 -5.84 -38.63
N LEU I 9 -16.65 -5.03 -37.85
CA LEU I 9 -16.69 -5.12 -36.40
C LEU I 9 -18.00 -4.60 -35.82
N LEU I 10 -18.81 -3.88 -36.59
CA LEU I 10 -19.98 -3.20 -36.07
C LEU I 10 -21.20 -4.07 -36.30
N PRO I 11 -21.79 -4.66 -35.25
CA PRO I 11 -22.98 -5.50 -35.45
C PRO I 11 -24.17 -4.63 -35.86
N PRO I 12 -24.90 -5.04 -36.91
CA PRO I 12 -25.87 -4.12 -37.52
C PRO I 12 -27.08 -3.79 -36.65
N VAL I 13 -27.46 -4.68 -35.73
CA VAL I 13 -28.56 -4.37 -34.82
C VAL I 13 -28.22 -3.14 -33.97
N THR I 14 -27.10 -3.20 -33.25
CA THR I 14 -26.64 -2.07 -32.46
C THR I 14 -26.58 -0.77 -33.25
N LEU I 15 -26.08 -0.84 -34.50
CA LEU I 15 -26.01 0.37 -35.32
C LEU I 15 -27.37 1.03 -35.44
N ALA I 16 -28.39 0.24 -35.76
CA ALA I 16 -29.73 0.79 -35.96
C ALA I 16 -30.25 1.45 -34.70
N ALA I 17 -30.10 0.79 -33.54
CA ALA I 17 -30.68 1.31 -32.31
C ALA I 17 -29.99 2.60 -31.87
N LEU I 18 -28.66 2.58 -31.91
CA LEU I 18 -27.85 3.75 -31.60
C LEU I 18 -28.20 4.92 -32.55
N VAL I 19 -28.25 4.65 -33.85
CA VAL I 19 -28.57 5.67 -34.83
C VAL I 19 -29.96 6.26 -34.60
N ASP I 20 -30.95 5.41 -34.30
CA ASP I 20 -32.30 5.92 -34.03
C ASP I 20 -32.32 6.78 -32.77
N SER I 21 -31.54 6.41 -31.77
CA SER I 21 -31.53 7.23 -30.56
C SER I 21 -30.93 8.60 -30.82
N TRP I 22 -29.98 8.72 -31.75
CA TRP I 22 -29.43 10.01 -32.07
C TRP I 22 -30.41 10.86 -32.89
N LEU I 23 -31.15 10.24 -33.81
CA LEU I 23 -32.13 11.02 -34.57
C LEU I 23 -33.22 11.56 -33.66
N ARG I 24 -33.69 10.75 -32.71
CA ARG I 24 -34.75 11.20 -31.81
C ARG I 24 -34.25 12.29 -30.86
N GLU I 25 -32.98 12.29 -30.48
CA GLU I 25 -32.47 13.37 -29.63
C GLU I 25 -32.55 14.72 -30.35
N ASP I 26 -32.23 14.76 -31.64
CA ASP I 26 -32.23 16.02 -32.38
C ASP I 26 -33.62 16.43 -32.87
N CYS I 27 -34.59 15.51 -32.88
CA CYS I 27 -35.95 15.84 -33.28
C CYS I 27 -36.94 14.95 -32.53
N PRO I 28 -37.34 15.35 -31.31
CA PRO I 28 -38.25 14.49 -30.54
C PRO I 28 -39.69 14.59 -31.05
N GLY I 29 -40.11 15.78 -31.50
CA GLY I 29 -41.49 15.98 -31.93
C GLY I 29 -41.71 16.18 -33.41
N LEU I 30 -42.33 17.29 -33.78
CA LEU I 30 -42.55 17.61 -35.19
C LEU I 30 -41.32 18.29 -35.78
N ASN I 31 -41.04 17.98 -37.04
CA ASN I 31 -39.93 18.59 -37.78
C ASN I 31 -40.48 19.74 -38.63
N TYR I 32 -40.68 20.89 -37.98
CA TYR I 32 -41.34 22.02 -38.66
C TYR I 32 -40.59 22.44 -39.93
N ALA I 33 -39.26 22.42 -39.90
CA ALA I 33 -38.46 22.81 -41.06
C ALA I 33 -38.73 21.93 -42.28
N ALA I 34 -39.28 20.73 -42.09
CA ALA I 34 -39.56 19.90 -43.24
C ALA I 34 -40.49 20.59 -44.23
N LEU I 35 -41.39 21.44 -43.73
CA LEU I 35 -42.28 22.19 -44.61
C LEU I 35 -41.53 23.20 -45.45
N VAL I 36 -40.39 23.70 -44.95
CA VAL I 36 -39.63 24.71 -45.68
C VAL I 36 -38.96 24.11 -46.91
N SER I 37 -38.51 22.87 -46.83
CA SER I 37 -37.78 22.27 -47.94
C SER I 37 -38.65 21.39 -48.82
N GLY I 38 -39.67 20.76 -48.28
CA GLY I 38 -40.44 19.79 -49.03
C GLY I 38 -39.73 18.44 -49.13
N ALA I 39 -40.35 17.54 -49.87
CA ALA I 39 -39.90 16.15 -49.96
C ALA I 39 -39.35 15.77 -51.33
N GLY I 40 -39.12 16.72 -52.23
CA GLY I 40 -38.61 16.40 -53.55
C GLY I 40 -37.22 15.83 -53.53
N PRO I 41 -36.90 14.99 -54.51
CA PRO I 41 -35.57 14.35 -54.57
C PRO I 41 -34.48 15.40 -54.59
N SER I 42 -33.36 15.12 -53.91
CA SER I 42 -32.28 16.09 -53.84
C SER I 42 -30.95 15.36 -53.82
N GLN I 43 -29.87 16.16 -53.84
CA GLN I 43 -28.50 15.67 -53.78
C GLN I 43 -27.67 16.66 -52.98
N ALA I 44 -26.79 16.15 -52.15
CA ALA I 44 -25.92 17.00 -51.37
C ALA I 44 -24.52 16.43 -51.39
N ALA I 45 -23.54 17.32 -51.40
CA ALA I 45 -22.14 16.91 -51.45
C ALA I 45 -21.53 17.08 -50.08
N LEU I 46 -20.78 16.08 -49.66
CA LEU I 46 -20.06 16.14 -48.40
C LEU I 46 -18.68 16.73 -48.66
N TRP I 47 -18.33 17.76 -47.88
CA TRP I 47 -17.10 18.52 -48.09
C TRP I 47 -16.21 18.37 -46.86
N ALA I 48 -14.97 17.95 -47.09
CA ALA I 48 -13.98 17.91 -46.03
C ALA I 48 -13.16 19.20 -46.09
N LYS I 49 -13.15 19.95 -45.00
CA LYS I 49 -12.44 21.22 -44.91
C LYS I 49 -11.33 21.23 -43.87
N SER I 50 -11.09 20.09 -43.22
CA SER I 50 -9.99 19.91 -42.28
C SER I 50 -9.00 18.91 -42.85
N PRO I 51 -7.72 19.02 -42.50
CA PRO I 51 -6.81 17.91 -42.79
C PRO I 51 -6.97 16.82 -41.74
N GLY I 52 -6.80 15.58 -42.17
CA GLY I 52 -6.82 14.48 -41.23
C GLY I 52 -7.16 13.14 -41.83
N VAL I 53 -7.82 12.27 -41.08
CA VAL I 53 -8.18 10.93 -41.53
C VAL I 53 -9.70 10.85 -41.58
N LEU I 54 -10.22 10.33 -42.68
CA LEU I 54 -11.65 10.09 -42.79
C LEU I 54 -12.04 8.83 -42.00
N ALA I 55 -12.93 8.98 -41.04
CA ALA I 55 -13.43 7.81 -40.32
C ALA I 55 -14.89 8.03 -39.93
N GLY I 56 -15.72 6.98 -40.12
CA GLY I 56 -17.11 7.00 -39.69
C GLY I 56 -18.15 6.72 -40.75
N GLN I 57 -17.72 6.28 -41.93
CA GLN I 57 -18.67 5.96 -42.98
C GLN I 57 -19.78 5.01 -42.53
N PRO I 58 -19.52 3.92 -41.78
CA PRO I 58 -20.65 3.05 -41.38
C PRO I 58 -21.71 3.77 -40.54
N PHE I 59 -21.30 4.72 -39.72
CA PHE I 59 -22.29 5.44 -38.92
C PHE I 59 -23.04 6.47 -39.77
N PHE I 60 -22.29 7.19 -40.61
CA PHE I 60 -22.87 8.13 -41.56
C PHE I 60 -23.88 7.43 -42.47
N ASP I 61 -23.47 6.28 -43.03
CA ASP I 61 -24.37 5.51 -43.88
C ASP I 61 -25.63 5.07 -43.13
N ALA I 62 -25.48 4.62 -41.89
CA ALA I 62 -26.62 4.02 -41.19
C ALA I 62 -27.65 5.08 -40.82
N ILE I 63 -27.18 6.28 -40.43
CA ILE I 63 -28.10 7.39 -40.19
C ILE I 63 -28.98 7.65 -41.40
N PHE I 64 -28.37 7.75 -42.58
CA PHE I 64 -29.12 8.07 -43.79
C PHE I 64 -29.91 6.90 -44.32
N THR I 65 -29.51 5.68 -44.00
CA THR I 65 -30.35 4.53 -44.32
C THR I 65 -31.66 4.57 -43.54
N GLN I 66 -31.59 4.91 -42.25
CA GLN I 66 -32.82 5.09 -41.47
C GLN I 66 -33.73 6.16 -42.09
N LEU I 67 -33.17 7.13 -42.81
CA LEU I 67 -33.94 8.22 -43.40
C LEU I 67 -34.17 8.05 -44.90
N ASN I 68 -34.07 6.82 -45.41
CA ASN I 68 -34.32 6.52 -46.82
C ASN I 68 -33.48 7.37 -47.76
N CYS I 69 -32.24 7.65 -47.36
CA CYS I 69 -31.27 8.34 -48.21
C CYS I 69 -30.10 7.41 -48.51
N GLN I 70 -29.37 7.72 -49.58
CA GLN I 70 -28.27 6.90 -50.10
C GLN I 70 -26.97 7.70 -50.13
N VAL I 71 -25.85 7.03 -49.90
CA VAL I 71 -24.55 7.69 -49.84
C VAL I 71 -23.61 7.05 -50.86
N SER I 72 -22.83 7.89 -51.55
CA SER I 72 -21.80 7.42 -52.45
C SER I 72 -20.48 8.07 -52.05
N TRP I 73 -19.51 7.26 -51.67
CA TRP I 73 -18.23 7.76 -51.21
C TRP I 73 -17.25 7.87 -52.39
N PHE I 74 -16.43 8.91 -52.34
CA PHE I 74 -15.37 9.14 -53.31
C PHE I 74 -13.99 8.90 -52.72
N LEU I 75 -13.94 8.58 -51.43
CA LEU I 75 -12.74 8.23 -50.69
C LEU I 75 -13.08 7.03 -49.83
N PRO I 76 -12.18 6.06 -49.70
CA PRO I 76 -12.44 4.94 -48.82
C PRO I 76 -12.21 5.35 -47.37
N GLU I 77 -12.59 4.46 -46.46
CA GLU I 77 -12.37 4.73 -45.05
C GLU I 77 -10.87 4.75 -44.75
N GLY I 78 -10.47 5.70 -43.90
CA GLY I 78 -9.09 5.86 -43.52
C GLY I 78 -8.28 6.68 -44.48
N SER I 79 -8.89 7.15 -45.57
CA SER I 79 -8.24 8.05 -46.50
C SER I 79 -7.67 9.28 -45.81
N LYS I 80 -6.56 9.79 -46.33
CA LYS I 80 -6.01 11.04 -45.87
C LYS I 80 -6.82 12.18 -46.50
N LEU I 81 -7.23 13.14 -45.69
CA LEU I 81 -8.08 14.23 -46.17
C LEU I 81 -7.20 15.44 -46.44
N VAL I 82 -7.21 15.90 -47.69
CA VAL I 82 -6.55 17.15 -48.07
C VAL I 82 -7.63 18.14 -48.46
N PRO I 83 -7.98 19.10 -47.58
CA PRO I 83 -9.10 20.04 -47.78
C PRO I 83 -8.78 21.04 -48.89
N VAL I 84 -9.76 21.50 -49.67
CA VAL I 84 -11.16 21.15 -49.52
C VAL I 84 -11.54 20.02 -50.47
N ALA I 85 -11.79 18.82 -49.94
CA ALA I 85 -12.08 17.66 -50.75
C ALA I 85 -13.58 17.35 -50.76
N ARG I 86 -14.05 16.79 -51.86
CA ARG I 86 -15.45 16.38 -52.00
C ARG I 86 -15.50 14.87 -51.79
N VAL I 87 -15.87 14.45 -50.59
CA VAL I 87 -15.66 13.07 -50.18
C VAL I 87 -16.87 12.18 -50.45
N ALA I 88 -18.08 12.73 -50.54
CA ALA I 88 -19.24 11.88 -50.74
C ALA I 88 -20.38 12.67 -51.36
N GLU I 89 -21.42 11.94 -51.76
CA GLU I 89 -22.66 12.52 -52.23
C GLU I 89 -23.82 11.77 -51.59
N VAL I 90 -24.81 12.50 -51.09
CA VAL I 90 -25.98 11.90 -50.46
C VAL I 90 -27.20 12.25 -51.28
N ARG I 91 -28.06 11.26 -51.53
CA ARG I 91 -29.27 11.43 -52.34
C ARG I 91 -30.47 10.97 -51.53
N GLY I 92 -31.56 11.71 -51.64
CA GLY I 92 -32.78 11.35 -50.96
C GLY I 92 -33.74 12.50 -50.96
N PRO I 93 -34.92 12.30 -50.38
CA PRO I 93 -35.87 13.41 -50.24
C PRO I 93 -35.23 14.58 -49.51
N ALA I 94 -35.56 15.80 -49.96
CA ALA I 94 -34.94 17.01 -49.40
C ALA I 94 -35.04 17.05 -47.88
N HIS I 95 -36.21 16.73 -47.33
CA HIS I 95 -36.34 16.93 -45.88
C HIS I 95 -35.57 15.88 -45.12
N CYS I 96 -35.43 14.67 -45.68
CA CYS I 96 -34.70 13.61 -44.99
C CYS I 96 -33.21 13.89 -44.96
N LEU I 97 -32.65 14.46 -46.04
CA LEU I 97 -31.26 14.90 -46.01
C LEU I 97 -31.01 15.90 -44.89
N LEU I 98 -31.88 16.91 -44.79
CA LEU I 98 -31.65 17.98 -43.82
C LEU I 98 -32.02 17.55 -42.41
N LEU I 99 -32.82 16.50 -42.29
CA LEU I 99 -33.09 15.92 -40.98
C LEU I 99 -31.88 15.18 -40.43
N GLY I 100 -31.07 14.57 -41.30
CA GLY I 100 -29.96 13.76 -40.85
C GLY I 100 -28.65 14.48 -40.92
N GLU I 101 -28.64 15.62 -41.63
CA GLU I 101 -27.41 16.36 -41.87
C GLU I 101 -26.59 16.54 -40.58
N ARG I 102 -27.20 17.14 -39.56
CA ARG I 102 -26.43 17.52 -38.37
C ARG I 102 -25.96 16.30 -37.58
N VAL I 103 -26.83 15.31 -37.37
CA VAL I 103 -26.42 14.12 -36.64
C VAL I 103 -25.27 13.42 -37.36
N ALA I 104 -25.38 13.27 -38.69
CA ALA I 104 -24.33 12.59 -39.42
C ALA I 104 -23.02 13.39 -39.43
N LEU I 105 -23.09 14.71 -39.58
CA LEU I 105 -21.85 15.51 -39.56
C LEU I 105 -21.22 15.50 -38.17
N ASN I 106 -22.04 15.61 -37.12
CA ASN I 106 -21.51 15.52 -35.76
C ASN I 106 -20.81 14.18 -35.54
N THR I 107 -21.39 13.09 -36.04
CA THR I 107 -20.76 11.77 -35.92
C THR I 107 -19.48 11.67 -36.73
N LEU I 108 -19.52 12.03 -38.01
CA LEU I 108 -18.32 11.94 -38.84
C LEU I 108 -17.21 12.82 -38.31
N ALA I 109 -17.57 14.00 -37.79
CA ALA I 109 -16.55 14.95 -37.34
C ALA I 109 -15.80 14.44 -36.11
N ARG I 110 -16.52 13.82 -35.16
CA ARG I 110 -15.81 13.29 -34.00
C ARG I 110 -15.00 12.04 -34.35
N CYS I 111 -15.60 11.11 -35.12
CA CYS I 111 -14.88 9.89 -35.47
C CYS I 111 -13.61 10.21 -36.24
N SER I 112 -13.69 11.09 -37.24
CA SER I 112 -12.52 11.50 -38.01
C SER I 112 -11.53 12.29 -37.15
N GLY I 113 -12.03 13.07 -36.19
CA GLY I 113 -11.13 13.76 -35.28
C GLY I 113 -10.32 12.80 -34.43
N ILE I 114 -10.96 11.75 -33.92
CA ILE I 114 -10.24 10.75 -33.12
C ILE I 114 -9.26 9.99 -34.00
N ALA I 115 -9.67 9.62 -35.22
CA ALA I 115 -8.78 8.90 -36.13
C ALA I 115 -7.58 9.76 -36.52
N SER I 116 -7.82 11.04 -36.82
CA SER I 116 -6.72 11.95 -37.10
C SER I 116 -5.72 11.99 -35.95
N ALA I 117 -6.21 12.18 -34.72
CA ALA I 117 -5.30 12.20 -33.56
C ALA I 117 -4.55 10.89 -33.42
N ALA I 118 -5.22 9.76 -33.64
CA ALA I 118 -4.54 8.48 -33.53
C ALA I 118 -3.46 8.34 -34.57
N ALA I 119 -3.77 8.73 -35.82
CA ALA I 119 -2.78 8.62 -36.90
C ALA I 119 -1.60 9.57 -36.68
N ALA I 120 -1.85 10.74 -36.07
CA ALA I 120 -0.74 11.62 -35.73
C ALA I 120 0.17 10.96 -34.71
N ALA I 121 -0.42 10.29 -33.71
CA ALA I 121 0.39 9.67 -32.66
C ALA I 121 1.21 8.53 -33.21
N VAL I 122 0.61 7.73 -34.10
CA VAL I 122 1.30 6.61 -34.74
C VAL I 122 2.46 7.12 -35.56
N GLU I 123 2.26 8.23 -36.27
CA GLU I 123 3.33 8.81 -37.09
C GLU I 123 4.47 9.31 -36.21
N ALA I 124 4.16 9.97 -35.09
CA ALA I 124 5.19 10.41 -34.16
C ALA I 124 5.94 9.22 -33.57
N ALA I 125 5.21 8.17 -33.15
CA ALA I 125 5.88 7.00 -32.60
C ALA I 125 6.78 6.36 -33.65
N ARG I 126 6.32 6.29 -34.89
CA ARG I 126 7.11 5.67 -35.94
C ARG I 126 8.34 6.52 -36.27
N GLY I 127 8.23 7.84 -36.12
CA GLY I 127 9.38 8.71 -36.29
C GLY I 127 10.39 8.62 -35.16
N ALA I 128 10.01 8.03 -34.03
CA ALA I 128 10.93 7.68 -32.96
C ALA I 128 11.42 6.25 -33.06
N GLY I 129 11.14 5.57 -34.16
CA GLY I 129 11.57 4.20 -34.33
C GLY I 129 10.82 3.19 -33.49
N TRP I 130 9.59 3.52 -33.07
CA TRP I 130 8.78 2.67 -32.21
C TRP I 130 7.64 2.07 -33.02
N THR I 131 7.46 0.76 -32.91
CA THR I 131 6.41 0.06 -33.63
C THR I 131 5.42 -0.69 -32.73
N GLY I 132 5.50 -0.50 -31.40
CA GLY I 132 4.48 -0.98 -30.50
C GLY I 132 3.11 -0.43 -30.84
N HIS I 133 2.14 -0.70 -29.98
CA HIS I 133 0.76 -0.28 -30.18
C HIS I 133 0.50 1.06 -29.48
N VAL I 134 0.13 2.07 -30.26
CA VAL I 134 -0.52 3.24 -29.67
C VAL I 134 -1.97 2.87 -29.39
N ALA I 135 -2.46 3.22 -28.21
CA ALA I 135 -3.71 2.64 -27.72
C ALA I 135 -4.59 3.72 -27.11
N GLY I 136 -5.90 3.50 -27.23
CA GLY I 136 -6.86 4.32 -26.55
C GLY I 136 -7.10 3.87 -25.12
N THR I 137 -8.11 4.47 -24.51
CA THR I 137 -8.45 4.19 -23.12
C THR I 137 -9.96 4.08 -23.04
N ARG I 138 -10.47 3.98 -21.81
CA ARG I 138 -11.89 4.11 -21.53
C ARG I 138 -12.29 5.55 -21.21
N LYS I 139 -11.46 6.54 -21.56
CA LYS I 139 -11.88 7.93 -21.42
C LYS I 139 -12.60 8.38 -22.70
N THR I 140 -13.77 7.78 -22.89
CA THR I 140 -14.66 8.06 -24.01
C THR I 140 -15.90 8.83 -23.54
N THR I 141 -16.56 9.49 -24.50
CA THR I 141 -17.79 10.18 -24.20
C THR I 141 -18.89 9.15 -23.91
N PRO I 142 -19.58 9.26 -22.78
CA PRO I 142 -20.58 8.25 -22.42
C PRO I 142 -21.65 8.11 -23.50
N GLY I 143 -21.97 6.87 -23.85
CA GLY I 143 -22.91 6.56 -24.89
C GLY I 143 -22.36 6.60 -26.30
N PHE I 144 -21.14 7.11 -26.50
CA PHE I 144 -20.53 7.27 -27.82
C PHE I 144 -19.34 6.34 -28.03
N ARG I 145 -19.14 5.36 -27.15
CA ARG I 145 -17.91 4.57 -27.16
C ARG I 145 -17.75 3.77 -28.45
N LEU I 146 -18.83 3.26 -29.02
CA LEU I 146 -18.68 2.48 -30.24
C LEU I 146 -18.06 3.30 -31.36
N VAL I 147 -18.46 4.58 -31.47
CA VAL I 147 -17.91 5.43 -32.52
C VAL I 147 -16.46 5.79 -32.21
N GLU I 148 -16.16 6.04 -30.94
CA GLU I 148 -14.82 6.50 -30.58
C GLU I 148 -13.80 5.38 -30.63
N LYS I 149 -14.17 4.17 -30.19
CA LYS I 149 -13.24 3.06 -30.32
C LYS I 149 -13.03 2.67 -31.78
N TYR I 150 -14.10 2.69 -32.57
CA TYR I 150 -13.94 2.45 -34.00
C TYR I 150 -12.98 3.47 -34.63
N GLY I 151 -13.06 4.75 -34.21
CA GLY I 151 -12.20 5.76 -34.81
C GLY I 151 -10.74 5.56 -34.48
N LEU I 152 -10.46 5.09 -33.26
CA LEU I 152 -9.09 4.73 -32.90
C LEU I 152 -8.54 3.69 -33.85
N LEU I 153 -9.36 2.71 -34.22
CA LEU I 153 -8.88 1.65 -35.09
C LEU I 153 -8.61 2.18 -36.50
N VAL I 154 -9.55 2.94 -37.07
CA VAL I 154 -9.33 3.50 -38.41
C VAL I 154 -8.03 4.29 -38.46
N GLY I 155 -7.69 5.00 -37.39
CA GLY I 155 -6.48 5.81 -37.36
C GLY I 155 -5.19 5.05 -37.14
N GLY I 156 -5.25 3.75 -36.86
CA GLY I 156 -4.07 2.95 -36.62
C GLY I 156 -3.73 2.69 -35.17
N ALA I 157 -4.54 3.17 -34.23
CA ALA I 157 -4.34 2.84 -32.82
C ALA I 157 -5.05 1.54 -32.43
N ALA I 158 -4.55 0.92 -31.38
CA ALA I 158 -5.35 -0.12 -30.75
C ALA I 158 -6.43 0.52 -29.90
N SER I 159 -7.57 -0.15 -29.83
CA SER I 159 -8.66 0.35 -29.02
C SER I 159 -8.47 0.10 -27.53
N HIS I 160 -7.55 -0.79 -27.14
CA HIS I 160 -7.48 -1.29 -25.76
C HIS I 160 -8.80 -2.00 -25.42
N ARG I 161 -8.98 -2.45 -24.18
CA ARG I 161 -10.23 -3.14 -23.85
C ARG I 161 -11.41 -2.21 -24.11
N TYR I 162 -12.54 -2.82 -24.49
CA TYR I 162 -13.72 -2.05 -24.84
C TYR I 162 -14.51 -1.62 -23.59
N ASP I 163 -14.56 -2.44 -22.56
CA ASP I 163 -15.29 -2.10 -21.36
C ASP I 163 -14.73 -2.92 -20.20
N LEU I 164 -15.42 -2.89 -19.07
CA LEU I 164 -15.01 -3.66 -17.91
C LEU I 164 -15.16 -5.18 -18.10
N GLY I 165 -15.52 -5.70 -19.28
CA GLY I 165 -15.65 -7.13 -19.45
C GLY I 165 -14.52 -7.78 -20.24
N GLY I 166 -13.66 -6.97 -20.85
CA GLY I 166 -12.68 -7.49 -21.78
C GLY I 166 -11.40 -8.02 -21.17
N LEU I 167 -10.99 -7.45 -20.05
CA LEU I 167 -9.71 -7.81 -19.44
C LEU I 167 -9.70 -7.21 -18.05
N VAL I 168 -9.30 -7.98 -17.05
CA VAL I 168 -9.38 -7.55 -15.66
C VAL I 168 -8.23 -6.61 -15.39
N MET I 169 -8.55 -5.35 -15.08
CA MET I 169 -7.51 -4.33 -14.92
C MET I 169 -7.47 -3.90 -13.46
N VAL I 170 -6.35 -4.21 -12.80
CA VAL I 170 -6.16 -3.85 -11.40
C VAL I 170 -5.57 -2.45 -11.35
N LYS I 171 -6.29 -1.53 -10.73
CA LYS I 171 -5.87 -0.15 -10.68
C LYS I 171 -5.43 0.23 -9.28
N ASP I 172 -4.88 1.46 -9.17
CA ASP I 172 -4.47 2.01 -7.89
C ASP I 172 -5.54 1.80 -6.82
N ASN I 173 -6.80 2.13 -7.15
CA ASN I 173 -7.88 2.01 -6.19
C ASN I 173 -8.15 0.56 -5.82
N HIS I 174 -8.08 -0.36 -6.79
CA HIS I 174 -8.21 -1.78 -6.47
C HIS I 174 -7.14 -2.21 -5.46
N VAL I 175 -5.88 -1.82 -5.71
CA VAL I 175 -4.79 -2.17 -4.82
C VAL I 175 -5.08 -1.68 -3.40
N VAL I 176 -5.47 -0.40 -3.26
CA VAL I 176 -5.79 0.15 -1.95
C VAL I 176 -6.91 -0.66 -1.29
N ALA I 177 -8.01 -0.86 -2.01
CA ALA I 177 -9.14 -1.62 -1.49
C ALA I 177 -8.75 -3.05 -1.13
N ALA I 178 -7.93 -3.69 -1.95
CA ALA I 178 -7.57 -5.06 -1.66
C ALA I 178 -6.56 -5.17 -0.51
N GLY I 179 -6.04 -4.05 -0.04
CA GLY I 179 -4.99 -4.09 0.97
C GLY I 179 -3.61 -4.45 0.48
N GLY I 180 -3.35 -4.36 -0.82
CA GLY I 180 -2.01 -4.54 -1.34
C GLY I 180 -2.01 -5.24 -2.68
N VAL I 181 -0.89 -5.07 -3.40
CA VAL I 181 -0.86 -5.47 -4.80
C VAL I 181 -0.89 -6.99 -4.93
N GLU I 182 -0.22 -7.71 -4.02
CA GLU I 182 -0.20 -9.17 -4.12
C GLU I 182 -1.59 -9.76 -3.97
N LYS I 183 -2.38 -9.22 -3.03
CA LYS I 183 -3.75 -9.72 -2.85
C LYS I 183 -4.64 -9.32 -4.01
N ALA I 184 -4.43 -8.12 -4.55
CA ALA I 184 -5.22 -7.64 -5.67
C ALA I 184 -5.04 -8.53 -6.90
N VAL I 185 -3.79 -8.80 -7.29
CA VAL I 185 -3.67 -9.54 -8.54
C VAL I 185 -3.95 -11.01 -8.32
N ARG I 186 -3.75 -11.53 -7.11
CA ARG I 186 -4.19 -12.89 -6.82
C ARG I 186 -5.71 -13.01 -6.96
N ALA I 187 -6.44 -12.04 -6.42
CA ALA I 187 -7.90 -12.00 -6.61
C ALA I 187 -8.25 -11.83 -8.09
N ALA I 188 -7.56 -10.91 -8.78
CA ALA I 188 -7.81 -10.68 -10.19
C ALA I 188 -7.59 -11.94 -11.00
N ARG I 189 -6.59 -12.70 -10.64
CA ARG I 189 -6.24 -13.96 -11.28
C ARG I 189 -7.29 -15.02 -11.14
N GLN I 190 -7.94 -14.98 -10.01
CA GLN I 190 -9.04 -15.89 -9.72
C GLN I 190 -10.27 -15.54 -10.55
N ALA I 191 -10.56 -14.26 -10.69
CA ALA I 191 -11.71 -13.86 -11.51
C ALA I 191 -11.43 -14.00 -13.00
N ALA I 192 -10.20 -13.71 -13.43
CA ALA I 192 -9.86 -13.79 -14.85
C ALA I 192 -9.79 -15.23 -15.33
N ASP I 193 -9.24 -16.10 -14.51
CA ASP I 193 -9.28 -17.54 -14.83
C ASP I 193 -8.53 -17.75 -16.16
N PHE I 194 -8.92 -18.69 -17.02
CA PHE I 194 -8.14 -18.92 -18.24
C PHE I 194 -8.53 -17.99 -19.40
N ALA I 195 -9.71 -17.37 -19.36
CA ALA I 195 -10.27 -16.68 -20.52
C ALA I 195 -9.82 -15.24 -20.67
N LEU I 196 -9.41 -14.60 -19.57
CA LEU I 196 -9.15 -13.17 -19.58
C LEU I 196 -7.71 -12.90 -19.18
N LYS I 197 -7.17 -11.80 -19.70
CA LYS I 197 -5.87 -11.31 -19.23
C LYS I 197 -6.04 -10.40 -18.00
N VAL I 198 -4.94 -10.26 -17.27
CA VAL I 198 -4.89 -9.41 -16.08
C VAL I 198 -3.80 -8.38 -16.34
N GLU I 199 -4.19 -7.11 -16.35
CA GLU I 199 -3.25 -5.99 -16.37
C GLU I 199 -3.25 -5.30 -15.01
N VAL I 200 -2.06 -4.92 -14.54
CA VAL I 200 -1.91 -4.22 -13.27
C VAL I 200 -1.28 -2.85 -13.50
N GLU I 201 -1.85 -1.84 -12.86
CA GLU I 201 -1.39 -0.47 -12.98
C GLU I 201 -0.43 -0.20 -11.82
N CYS I 202 0.82 0.17 -12.14
CA CYS I 202 1.88 0.25 -11.13
C CYS I 202 2.59 1.60 -11.20
N SER I 203 2.87 2.16 -10.03
CA SER I 203 3.53 3.47 -9.95
C SER I 203 5.00 3.37 -9.56
N SER I 204 5.52 2.16 -9.38
CA SER I 204 6.92 1.98 -9.01
C SER I 204 7.42 0.67 -9.58
N LEU I 205 8.74 0.57 -9.69
CA LEU I 205 9.39 -0.67 -10.13
C LEU I 205 9.06 -1.83 -9.19
N GLN I 206 9.05 -1.58 -7.87
CA GLN I 206 8.80 -2.67 -6.91
C GLN I 206 7.37 -3.19 -7.05
N GLU I 207 6.41 -2.29 -7.22
CA GLU I 207 5.02 -2.71 -7.43
C GLU I 207 4.90 -3.50 -8.72
N ALA I 208 5.68 -3.14 -9.74
CA ALA I 208 5.58 -3.79 -11.04
C ALA I 208 6.13 -5.20 -10.97
N VAL I 209 7.28 -5.36 -10.30
CA VAL I 209 7.88 -6.68 -10.11
C VAL I 209 6.94 -7.59 -9.35
N GLN I 210 6.33 -7.07 -8.28
CA GLN I 210 5.39 -7.87 -7.53
C GLN I 210 4.17 -8.24 -8.39
N ALA I 211 3.62 -7.28 -9.14
CA ALA I 211 2.51 -7.58 -10.04
C ALA I 211 2.91 -8.67 -11.03
N ALA I 212 4.11 -8.56 -11.60
CA ALA I 212 4.60 -9.58 -12.51
C ALA I 212 4.81 -10.92 -11.79
N GLU I 213 5.44 -10.89 -10.61
CA GLU I 213 5.73 -12.13 -9.90
C GLU I 213 4.44 -12.84 -9.51
N ALA I 214 3.36 -12.10 -9.30
CA ALA I 214 2.07 -12.66 -8.88
C ALA I 214 1.17 -13.06 -10.03
N GLY I 215 1.62 -12.86 -11.29
CA GLY I 215 0.95 -13.42 -12.45
C GLY I 215 0.36 -12.47 -13.48
N ALA I 216 0.67 -11.18 -13.42
CA ALA I 216 0.06 -10.25 -14.36
C ALA I 216 0.52 -10.57 -15.79
N ASP I 217 -0.41 -10.45 -16.74
CA ASP I 217 -0.06 -10.61 -18.14
C ASP I 217 0.52 -9.32 -18.74
N LEU I 218 0.07 -8.18 -18.23
CA LEU I 218 0.51 -6.86 -18.65
C LEU I 218 0.78 -6.02 -17.42
N VAL I 219 1.86 -5.25 -17.47
CA VAL I 219 2.15 -4.28 -16.43
C VAL I 219 2.08 -2.91 -17.06
N LEU I 220 1.26 -2.05 -16.48
CA LEU I 220 1.11 -0.67 -16.91
C LEU I 220 1.87 0.23 -15.94
N LEU I 221 2.94 0.85 -16.42
CA LEU I 221 3.69 1.82 -15.65
C LEU I 221 3.01 3.18 -15.80
N ASP I 222 2.41 3.69 -14.72
CA ASP I 222 1.55 4.85 -14.78
C ASP I 222 2.27 6.09 -14.24
N ASN I 223 2.43 7.11 -15.11
CA ASN I 223 2.93 8.44 -14.74
C ASN I 223 4.40 8.43 -14.30
N PHE I 224 5.20 7.61 -14.96
CA PHE I 224 6.63 7.61 -14.76
C PHE I 224 7.26 8.78 -15.50
N LYS I 225 8.34 9.32 -14.95
CA LYS I 225 9.23 10.12 -15.78
C LYS I 225 9.86 9.21 -16.83
N PRO I 226 9.95 9.64 -18.09
CA PRO I 226 10.71 8.85 -19.08
C PRO I 226 12.06 8.34 -18.57
N GLU I 227 12.75 9.11 -17.71
CA GLU I 227 14.07 8.69 -17.22
C GLU I 227 13.98 7.45 -16.33
N GLU I 228 12.92 7.34 -15.52
CA GLU I 228 12.73 6.15 -14.71
C GLU I 228 11.89 5.08 -15.42
N LEU I 229 11.14 5.48 -16.45
CA LEU I 229 10.25 4.54 -17.13
C LEU I 229 11.06 3.47 -17.86
N HIS I 230 12.06 3.89 -18.62
CA HIS I 230 12.74 2.97 -19.52
C HIS I 230 13.66 1.99 -18.79
N PRO I 231 14.44 2.41 -17.78
CA PRO I 231 15.12 1.40 -16.93
C PRO I 231 14.16 0.44 -16.28
N THR I 232 12.95 0.90 -15.92
CA THR I 232 11.98 0.01 -15.28
C THR I 232 11.51 -1.07 -16.23
N ALA I 233 11.10 -0.68 -17.44
CA ALA I 233 10.69 -1.65 -18.45
C ALA I 233 11.81 -2.64 -18.73
N THR I 234 13.06 -2.14 -18.78
CA THR I 234 14.20 -2.99 -19.12
C THR I 234 14.39 -4.08 -18.09
N VAL I 235 14.18 -3.76 -16.81
CA VAL I 235 14.25 -4.78 -15.77
C VAL I 235 13.11 -5.77 -15.92
N LEU I 236 11.89 -5.28 -16.21
CA LEU I 236 10.75 -6.18 -16.30
C LEU I 236 10.90 -7.13 -17.47
N LYS I 237 11.31 -6.61 -18.63
CA LYS I 237 11.51 -7.48 -19.79
C LYS I 237 12.58 -8.53 -19.52
N ALA I 238 13.67 -8.15 -18.85
CA ALA I 238 14.73 -9.11 -18.56
C ALA I 238 14.26 -10.18 -17.57
N GLN I 239 13.63 -9.78 -16.47
CA GLN I 239 13.23 -10.79 -15.49
C GLN I 239 11.87 -11.44 -15.81
N PHE I 240 11.04 -10.85 -16.67
CA PHE I 240 9.75 -11.44 -17.04
C PHE I 240 9.51 -11.22 -18.52
N PRO I 241 10.20 -11.99 -19.37
CA PRO I 241 10.10 -11.75 -20.82
C PRO I 241 8.71 -11.93 -21.42
N SER I 242 7.82 -12.68 -20.78
CA SER I 242 6.51 -12.88 -21.40
C SER I 242 5.48 -11.82 -20.97
N VAL I 243 5.82 -10.92 -20.06
CA VAL I 243 4.87 -9.91 -19.61
C VAL I 243 4.97 -8.69 -20.50
N ALA I 244 3.83 -8.20 -20.97
CA ALA I 244 3.79 -7.00 -21.78
C ALA I 244 3.87 -5.77 -20.89
N VAL I 245 4.49 -4.71 -21.42
CA VAL I 245 4.71 -3.50 -20.66
C VAL I 245 4.01 -2.35 -21.36
N GLU I 246 3.15 -1.66 -20.61
CA GLU I 246 2.41 -0.50 -21.11
C GLU I 246 2.86 0.75 -20.36
N ALA I 247 2.98 1.84 -21.09
CA ALA I 247 3.24 3.15 -20.53
C ALA I 247 2.01 4.03 -20.70
N SER I 248 1.63 4.75 -19.65
CA SER I 248 0.41 5.55 -19.68
C SER I 248 0.54 6.65 -18.65
N GLY I 249 -0.12 7.77 -18.92
CA GLY I 249 -0.15 8.84 -17.96
C GLY I 249 0.47 10.12 -18.50
N GLY I 250 -0.37 11.04 -18.95
CA GLY I 250 0.12 12.31 -19.41
C GLY I 250 0.80 12.28 -20.76
N ILE I 251 0.65 11.20 -21.53
CA ILE I 251 1.37 11.07 -22.78
C ILE I 251 0.60 11.82 -23.88
N THR I 252 1.27 12.78 -24.51
CA THR I 252 0.68 13.61 -25.55
C THR I 252 1.46 13.42 -26.86
N LEU I 253 0.88 13.90 -27.97
CA LEU I 253 1.61 13.85 -29.24
C LEU I 253 2.97 14.52 -29.10
N ASP I 254 3.03 15.65 -28.41
CA ASP I 254 4.28 16.39 -28.34
C ASP I 254 5.33 15.69 -27.44
N ASN I 255 4.92 14.99 -26.39
CA ASN I 255 5.91 14.30 -25.58
C ASN I 255 6.02 12.81 -25.90
N LEU I 256 5.17 12.30 -26.80
CA LEU I 256 5.13 10.86 -27.09
C LEU I 256 6.49 10.23 -27.39
N PRO I 257 7.39 10.85 -28.16
CA PRO I 257 8.66 10.18 -28.48
C PRO I 257 9.51 9.86 -27.26
N GLN I 258 9.44 10.64 -26.19
CA GLN I 258 10.22 10.33 -25.00
C GLN I 258 9.72 9.05 -24.33
N PHE I 259 8.50 8.62 -24.63
CA PHE I 259 7.96 7.44 -23.97
C PHE I 259 8.15 6.18 -24.81
N CYS I 260 8.59 6.34 -26.05
CA CYS I 260 8.92 5.21 -26.90
C CYS I 260 10.29 4.64 -26.53
N GLY I 261 10.35 3.32 -26.46
CA GLY I 261 11.52 2.63 -26.01
C GLY I 261 11.40 1.15 -26.34
N PRO I 262 12.55 0.49 -26.48
CA PRO I 262 12.54 -0.90 -26.96
C PRO I 262 11.82 -1.85 -26.02
N HIS I 263 11.60 -1.48 -24.75
CA HIS I 263 10.94 -2.40 -23.83
C HIS I 263 9.53 -1.93 -23.45
N ILE I 264 8.98 -0.96 -24.18
CA ILE I 264 7.57 -0.57 -24.10
C ILE I 264 6.84 -1.24 -25.25
N ASP I 265 5.79 -1.99 -24.94
CA ASP I 265 4.97 -2.65 -25.95
C ASP I 265 3.75 -1.83 -26.36
N VAL I 266 3.12 -1.17 -25.40
CA VAL I 266 1.87 -0.44 -25.58
C VAL I 266 2.04 0.95 -24.99
N ILE I 267 1.64 1.98 -25.73
CA ILE I 267 1.56 3.33 -25.20
C ILE I 267 0.14 3.80 -25.36
N SER I 268 -0.55 4.07 -24.25
CA SER I 268 -1.95 4.48 -24.33
C SER I 268 -2.13 5.93 -23.91
N MET I 269 -3.08 6.60 -24.55
CA MET I 269 -3.21 8.05 -24.44
C MET I 269 -4.69 8.42 -24.26
N GLY I 270 -5.02 8.97 -23.07
CA GLY I 270 -6.31 9.57 -22.88
C GLY I 270 -6.62 10.66 -23.89
N MET I 271 -5.61 11.45 -24.26
CA MET I 271 -5.85 12.60 -25.13
C MET I 271 -6.44 12.23 -26.48
N LEU I 272 -6.25 10.98 -26.92
CA LEU I 272 -6.76 10.59 -28.23
C LEU I 272 -8.27 10.65 -28.32
N THR I 273 -8.98 10.49 -27.19
CA THR I 273 -10.43 10.64 -27.19
C THR I 273 -10.93 11.80 -26.35
N GLN I 274 -10.08 12.47 -25.56
CA GLN I 274 -10.50 13.59 -24.74
C GLN I 274 -10.01 14.95 -25.21
N ALA I 275 -8.94 15.02 -25.99
CA ALA I 275 -8.47 16.31 -26.47
C ALA I 275 -8.31 16.28 -27.99
N ALA I 276 -9.17 15.54 -28.68
CA ALA I 276 -9.04 15.44 -30.12
C ALA I 276 -10.13 16.29 -30.77
N PRO I 277 -9.80 17.47 -31.27
CA PRO I 277 -10.83 18.33 -31.87
C PRO I 277 -11.44 17.68 -33.10
N ALA I 278 -12.74 17.87 -33.29
CA ALA I 278 -13.41 17.33 -34.46
C ALA I 278 -12.94 18.02 -35.74
N LEU I 279 -13.18 17.36 -36.86
CA LEU I 279 -12.87 17.92 -38.17
C LEU I 279 -14.05 18.72 -38.68
N ASP I 280 -13.81 19.56 -39.69
CA ASP I 280 -14.84 20.39 -40.27
C ASP I 280 -15.38 19.72 -41.54
N PHE I 281 -16.63 19.29 -41.49
CA PHE I 281 -17.37 18.80 -42.64
C PHE I 281 -18.62 19.64 -42.81
N SER I 282 -19.03 19.84 -44.07
CA SER I 282 -20.29 20.49 -44.38
C SER I 282 -21.03 19.67 -45.43
N LEU I 283 -22.34 19.86 -45.48
CA LEU I 283 -23.20 19.12 -46.39
C LEU I 283 -24.06 20.13 -47.13
N LYS I 284 -23.81 20.31 -48.43
CA LYS I 284 -24.43 21.38 -49.20
C LYS I 284 -25.30 20.78 -50.31
N LEU I 285 -26.62 21.00 -50.20
CA LEU I 285 -27.52 20.74 -51.32
C LEU I 285 -27.07 21.45 -52.58
N PHE I 286 -27.07 20.72 -53.69
CA PHE I 286 -26.96 21.32 -55.01
C PHE I 286 -28.18 20.87 -55.80
N ALA I 287 -29.15 21.77 -55.95
CA ALA I 287 -30.41 21.44 -56.60
C ALA I 287 -30.28 21.40 -58.12
N LYS I 288 -29.25 22.02 -58.69
CA LYS I 288 -29.04 21.99 -60.13
C LYS I 288 -28.20 20.76 -60.47
N GLU I 289 -28.75 19.91 -61.32
CA GLU I 289 -28.08 18.74 -61.88
C GLU I 289 -27.12 18.02 -60.91
N MET J 1 -28.47 34.16 -13.28
CA MET J 1 -27.74 34.64 -12.11
C MET J 1 -26.79 33.56 -11.56
N ASP J 2 -27.34 32.39 -11.22
CA ASP J 2 -26.67 31.44 -10.34
C ASP J 2 -26.56 30.08 -11.01
N ALA J 3 -25.32 29.62 -11.22
CA ALA J 3 -25.08 28.30 -11.78
C ALA J 3 -25.58 27.17 -10.88
N GLU J 4 -25.67 27.41 -9.57
CA GLU J 4 -26.19 26.39 -8.67
C GLU J 4 -27.68 26.14 -8.90
N GLY J 5 -28.39 27.11 -9.46
CA GLY J 5 -29.80 26.88 -9.76
C GLY J 5 -30.05 25.99 -10.97
N LEU J 6 -29.10 25.94 -11.91
CA LEU J 6 -29.34 25.29 -13.20
C LEU J 6 -29.72 23.82 -13.09
N ALA J 7 -29.42 23.16 -11.98
CA ALA J 7 -29.75 21.74 -11.88
C ALA J 7 -31.25 21.50 -11.90
N LEU J 8 -32.02 22.50 -11.48
CA LEU J 8 -33.47 22.44 -11.59
C LEU J 8 -33.95 22.16 -13.02
N LEU J 9 -33.16 22.55 -14.03
CA LEU J 9 -33.52 22.30 -15.43
C LEU J 9 -33.61 20.83 -15.80
N LEU J 10 -32.94 19.96 -15.06
CA LEU J 10 -32.78 18.58 -15.48
C LEU J 10 -33.92 17.75 -14.93
N PRO J 11 -34.83 17.26 -15.76
CA PRO J 11 -35.89 16.36 -15.25
C PRO J 11 -35.29 15.04 -14.77
N PRO J 12 -35.65 14.59 -13.57
CA PRO J 12 -34.96 13.40 -12.99
C PRO J 12 -35.32 12.08 -13.67
N VAL J 13 -36.44 12.01 -14.39
CA VAL J 13 -36.78 10.82 -15.16
C VAL J 13 -35.74 10.59 -16.26
N THR J 14 -35.32 11.66 -16.92
CA THR J 14 -34.32 11.57 -17.99
C THR J 14 -32.93 11.24 -17.44
N LEU J 15 -32.55 11.81 -16.29
CA LEU J 15 -31.23 11.54 -15.76
C LEU J 15 -31.05 10.06 -15.49
N ALA J 16 -32.06 9.43 -14.88
CA ALA J 16 -31.89 8.03 -14.53
C ALA J 16 -31.70 7.17 -15.76
N ALA J 17 -32.41 7.46 -16.85
CA ALA J 17 -32.37 6.62 -18.04
C ALA J 17 -31.08 6.81 -18.82
N LEU J 18 -30.65 8.06 -18.98
CA LEU J 18 -29.34 8.38 -19.52
C LEU J 18 -28.24 7.66 -18.76
N VAL J 19 -28.25 7.82 -17.44
CA VAL J 19 -27.22 7.25 -16.58
C VAL J 19 -27.21 5.73 -16.68
N ASP J 20 -28.39 5.12 -16.68
CA ASP J 20 -28.46 3.67 -16.82
C ASP J 20 -27.83 3.18 -18.11
N SER J 21 -28.08 3.87 -19.23
CA SER J 21 -27.50 3.43 -20.50
C SER J 21 -25.97 3.55 -20.50
N TRP J 22 -25.43 4.61 -19.89
CA TRP J 22 -23.97 4.77 -19.77
C TRP J 22 -23.36 3.68 -18.91
N LEU J 23 -23.93 3.39 -17.74
CA LEU J 23 -23.37 2.32 -16.92
C LEU J 23 -23.39 1.00 -17.67
N ARG J 24 -24.49 0.72 -18.36
CA ARG J 24 -24.62 -0.53 -19.10
C ARG J 24 -23.61 -0.61 -20.23
N GLU J 25 -23.28 0.53 -20.84
CA GLU J 25 -22.23 0.55 -21.87
C GLU J 25 -20.88 0.16 -21.30
N ASP J 26 -20.60 0.54 -20.07
CA ASP J 26 -19.28 0.32 -19.51
C ASP J 26 -19.13 -1.05 -18.87
N CYS J 27 -20.24 -1.72 -18.58
CA CYS J 27 -20.20 -3.07 -18.03
C CYS J 27 -21.48 -3.83 -18.41
N PRO J 28 -21.51 -4.42 -19.60
CA PRO J 28 -22.74 -5.08 -20.05
C PRO J 28 -22.96 -6.46 -19.45
N GLY J 29 -21.93 -7.14 -18.96
CA GLY J 29 -22.13 -8.42 -18.31
C GLY J 29 -21.62 -8.50 -16.88
N LEU J 30 -20.76 -9.49 -16.59
CA LEU J 30 -20.19 -9.63 -15.25
C LEU J 30 -19.07 -8.62 -15.01
N ASN J 31 -19.06 -8.03 -13.82
CA ASN J 31 -18.05 -7.05 -13.42
C ASN J 31 -16.97 -7.79 -12.64
N TYR J 32 -15.99 -8.34 -13.36
CA TYR J 32 -15.01 -9.22 -12.72
C TYR J 32 -14.20 -8.50 -11.66
N ALA J 33 -13.92 -7.20 -11.85
CA ALA J 33 -13.08 -6.47 -10.92
C ALA J 33 -13.72 -6.30 -9.57
N ALA J 34 -15.03 -6.56 -9.44
CA ALA J 34 -15.67 -6.40 -8.15
C ALA J 34 -15.10 -7.37 -7.13
N LEU J 35 -14.61 -8.53 -7.57
CA LEU J 35 -14.01 -9.49 -6.66
C LEU J 35 -12.64 -9.07 -6.19
N VAL J 36 -12.02 -8.12 -6.87
CA VAL J 36 -10.69 -7.69 -6.45
C VAL J 36 -10.82 -6.71 -5.29
N SER J 37 -11.86 -5.86 -5.31
CA SER J 37 -12.02 -4.85 -4.27
C SER J 37 -12.96 -5.27 -3.15
N GLY J 38 -13.87 -6.21 -3.40
CA GLY J 38 -14.88 -6.56 -2.42
C GLY J 38 -15.86 -5.42 -2.25
N ALA J 39 -16.81 -5.63 -1.33
CA ALA J 39 -17.96 -4.74 -1.18
C ALA J 39 -17.92 -3.89 0.09
N GLY J 40 -16.81 -3.88 0.83
CA GLY J 40 -16.75 -3.18 2.08
C GLY J 40 -16.96 -1.69 1.90
N PRO J 41 -17.37 -0.99 2.96
CA PRO J 41 -17.62 0.46 2.84
C PRO J 41 -16.33 1.22 2.62
N SER J 42 -16.38 2.21 1.73
CA SER J 42 -15.15 2.88 1.36
C SER J 42 -15.43 4.34 1.02
N GLN J 43 -14.36 5.05 0.66
CA GLN J 43 -14.41 6.49 0.41
C GLN J 43 -13.39 6.82 -0.66
N ALA J 44 -13.70 7.83 -1.47
CA ALA J 44 -12.77 8.28 -2.49
C ALA J 44 -12.82 9.80 -2.59
N ALA J 45 -11.66 10.40 -2.85
CA ALA J 45 -11.58 11.83 -3.02
C ALA J 45 -11.61 12.17 -4.50
N LEU J 46 -12.34 13.23 -4.83
CA LEU J 46 -12.41 13.76 -6.18
C LEU J 46 -11.48 14.96 -6.28
N TRP J 47 -10.49 14.89 -7.17
CA TRP J 47 -9.50 15.95 -7.32
C TRP J 47 -9.62 16.61 -8.69
N ALA J 48 -9.59 17.93 -8.69
CA ALA J 48 -9.51 18.71 -9.92
C ALA J 48 -8.04 19.07 -10.15
N LYS J 49 -7.49 18.63 -11.27
CA LYS J 49 -6.11 18.92 -11.60
C LYS J 49 -5.98 19.76 -12.86
N SER J 50 -7.06 20.36 -13.34
CA SER J 50 -7.07 21.28 -14.44
C SER J 50 -7.74 22.57 -14.01
N PRO J 51 -7.35 23.70 -14.57
CA PRO J 51 -8.10 24.94 -14.32
C PRO J 51 -9.36 25.00 -15.18
N GLY J 52 -10.31 25.79 -14.73
CA GLY J 52 -11.54 25.98 -15.48
C GLY J 52 -12.74 26.15 -14.56
N VAL J 53 -13.88 25.65 -15.01
CA VAL J 53 -15.13 25.74 -14.27
C VAL J 53 -15.69 24.34 -13.99
N LEU J 54 -16.14 24.13 -12.75
CA LEU J 54 -16.78 22.87 -12.39
C LEU J 54 -18.21 22.84 -12.93
N ALA J 55 -18.54 21.78 -13.68
CA ALA J 55 -19.87 21.62 -14.22
C ALA J 55 -20.17 20.13 -14.38
N GLY J 56 -21.42 19.75 -14.07
CA GLY J 56 -21.88 18.38 -14.20
C GLY J 56 -22.17 17.65 -12.91
N GLN J 57 -22.20 18.36 -11.77
CA GLN J 57 -22.54 17.73 -10.49
C GLN J 57 -23.81 16.88 -10.53
N PRO J 58 -24.93 17.35 -11.11
CA PRO J 58 -26.14 16.50 -11.16
C PRO J 58 -25.96 15.19 -11.91
N PHE J 59 -25.14 15.15 -12.97
CA PHE J 59 -24.94 13.87 -13.64
C PHE J 59 -24.04 12.95 -12.82
N PHE J 60 -23.05 13.54 -12.15
CA PHE J 60 -22.13 12.79 -11.29
C PHE J 60 -22.87 12.17 -10.12
N ASP J 61 -23.68 12.95 -9.40
CA ASP J 61 -24.55 12.42 -8.35
C ASP J 61 -25.43 11.29 -8.86
N ALA J 62 -26.04 11.48 -10.04
CA ALA J 62 -27.01 10.53 -10.54
C ALA J 62 -26.37 9.17 -10.82
N ILE J 63 -25.18 9.19 -11.44
CA ILE J 63 -24.43 7.96 -11.65
C ILE J 63 -24.25 7.20 -10.34
N PHE J 64 -23.68 7.87 -9.34
CA PHE J 64 -23.37 7.15 -8.11
C PHE J 64 -24.63 6.78 -7.35
N THR J 65 -25.65 7.64 -7.36
CA THR J 65 -26.92 7.33 -6.70
C THR J 65 -27.52 6.04 -7.24
N GLN J 66 -27.39 5.80 -8.55
CA GLN J 66 -27.81 4.53 -9.13
C GLN J 66 -27.00 3.34 -8.61
N LEU J 67 -25.84 3.58 -7.99
CA LEU J 67 -25.00 2.51 -7.47
C LEU J 67 -24.95 2.53 -5.94
N ASN J 68 -25.91 3.19 -5.29
CA ASN J 68 -25.98 3.30 -3.83
C ASN J 68 -24.69 3.88 -3.25
N CYS J 69 -24.22 4.95 -3.86
CA CYS J 69 -23.14 5.76 -3.32
C CYS J 69 -23.63 7.18 -3.17
N GLN J 70 -23.03 7.88 -2.21
CA GLN J 70 -23.36 9.26 -1.88
C GLN J 70 -22.17 10.15 -2.20
N VAL J 71 -22.45 11.38 -2.60
CA VAL J 71 -21.43 12.35 -2.98
C VAL J 71 -21.60 13.60 -2.10
N SER J 72 -20.48 14.06 -1.52
CA SER J 72 -20.44 15.32 -0.77
C SER J 72 -19.59 16.31 -1.54
N TRP J 73 -20.20 17.39 -2.01
CA TRP J 73 -19.47 18.39 -2.77
C TRP J 73 -18.85 19.42 -1.83
N PHE J 74 -17.58 19.77 -2.08
CA PHE J 74 -16.91 20.80 -1.31
C PHE J 74 -16.82 22.12 -2.06
N LEU J 75 -17.22 22.16 -3.32
CA LEU J 75 -17.37 23.35 -4.16
C LEU J 75 -18.73 23.34 -4.81
N PRO J 76 -19.33 24.50 -5.04
CA PRO J 76 -20.63 24.54 -5.70
C PRO J 76 -20.49 24.38 -7.21
N GLU J 77 -21.60 23.99 -7.84
CA GLU J 77 -21.64 23.94 -9.29
C GLU J 77 -21.29 25.33 -9.84
N GLY J 78 -20.40 25.36 -10.84
CA GLY J 78 -19.97 26.58 -11.47
C GLY J 78 -18.70 27.21 -10.90
N SER J 79 -18.08 26.61 -9.88
CA SER J 79 -16.91 27.23 -9.26
C SER J 79 -15.73 27.30 -10.22
N LYS J 80 -14.89 28.30 -10.01
CA LYS J 80 -13.58 28.27 -10.65
C LYS J 80 -12.71 27.21 -9.98
N LEU J 81 -12.03 26.43 -10.81
CA LEU J 81 -11.20 25.33 -10.35
C LEU J 81 -9.75 25.81 -10.38
N VAL J 82 -9.16 25.94 -9.21
CA VAL J 82 -7.74 26.27 -9.12
C VAL J 82 -7.04 24.98 -8.67
N PRO J 83 -6.41 24.24 -9.60
CA PRO J 83 -5.72 22.98 -9.28
C PRO J 83 -4.53 23.19 -8.32
N VAL J 84 -4.23 22.22 -7.48
CA VAL J 84 -5.05 21.04 -7.32
C VAL J 84 -6.08 21.29 -6.23
N ALA J 85 -7.31 20.81 -6.41
CA ALA J 85 -8.41 21.11 -5.50
C ALA J 85 -9.20 19.85 -5.18
N ARG J 86 -9.53 19.69 -3.90
CA ARG J 86 -10.36 18.59 -3.40
C ARG J 86 -11.81 19.00 -3.60
N VAL J 87 -12.42 18.49 -4.66
CA VAL J 87 -13.74 18.91 -5.10
C VAL J 87 -14.86 18.17 -4.38
N ALA J 88 -14.68 16.88 -4.08
CA ALA J 88 -15.77 16.14 -3.45
C ALA J 88 -15.23 14.89 -2.77
N GLU J 89 -16.12 14.21 -2.04
CA GLU J 89 -15.90 12.88 -1.49
C GLU J 89 -17.07 11.99 -1.88
N VAL J 90 -16.77 10.74 -2.24
CA VAL J 90 -17.77 9.75 -2.62
C VAL J 90 -17.61 8.53 -1.72
N ARG J 91 -18.73 8.07 -1.14
CA ARG J 91 -18.74 6.95 -0.22
C ARG J 91 -19.73 5.91 -0.69
N GLY J 92 -19.40 4.65 -0.46
CA GLY J 92 -20.29 3.56 -0.75
C GLY J 92 -19.50 2.27 -0.69
N PRO J 93 -20.10 1.17 -1.14
CA PRO J 93 -19.36 -0.09 -1.22
C PRO J 93 -18.23 0.01 -2.22
N ALA J 94 -17.09 -0.61 -1.89
CA ALA J 94 -15.86 -0.45 -2.69
C ALA J 94 -16.09 -0.75 -4.16
N HIS J 95 -16.85 -1.81 -4.48
CA HIS J 95 -16.98 -2.18 -5.88
C HIS J 95 -17.95 -1.25 -6.62
N CYS J 96 -18.92 -0.68 -5.93
CA CYS J 96 -19.80 0.32 -6.56
C CYS J 96 -19.04 1.61 -6.86
N LEU J 97 -18.18 2.07 -5.93
CA LEU J 97 -17.37 3.25 -6.21
C LEU J 97 -16.51 3.04 -7.45
N LEU J 98 -15.86 1.88 -7.56
CA LEU J 98 -14.97 1.67 -8.68
C LEU J 98 -15.71 1.35 -9.97
N LEU J 99 -16.97 0.92 -9.86
CA LEU J 99 -17.77 0.66 -11.05
C LEU J 99 -18.28 1.95 -11.68
N GLY J 100 -18.61 2.95 -10.86
CA GLY J 100 -19.05 4.23 -11.38
C GLY J 100 -17.92 5.18 -11.74
N GLU J 101 -16.72 4.91 -11.22
CA GLU J 101 -15.62 5.88 -11.29
C GLU J 101 -15.43 6.43 -12.72
N ARG J 102 -15.25 5.55 -13.71
CA ARG J 102 -14.85 6.00 -15.04
C ARG J 102 -15.97 6.80 -15.71
N VAL J 103 -17.20 6.27 -15.70
CA VAL J 103 -18.34 6.95 -16.30
C VAL J 103 -18.57 8.32 -15.64
N ALA J 104 -18.48 8.36 -14.30
CA ALA J 104 -18.71 9.61 -13.60
C ALA J 104 -17.64 10.64 -13.93
N LEU J 105 -16.38 10.19 -14.02
CA LEU J 105 -15.28 11.11 -14.34
C LEU J 105 -15.34 11.57 -15.78
N ASN J 106 -15.77 10.70 -16.69
CA ASN J 106 -15.90 11.08 -18.09
C ASN J 106 -16.96 12.15 -18.28
N THR J 107 -18.10 12.01 -17.61
CA THR J 107 -19.17 12.99 -17.72
C THR J 107 -18.75 14.33 -17.12
N LEU J 108 -18.15 14.31 -15.93
CA LEU J 108 -17.70 15.56 -15.31
C LEU J 108 -16.59 16.22 -16.12
N ALA J 109 -15.68 15.43 -16.68
CA ALA J 109 -14.58 15.99 -17.44
C ALA J 109 -15.06 16.73 -18.70
N ARG J 110 -16.04 16.16 -19.42
CA ARG J 110 -16.49 16.82 -20.65
C ARG J 110 -17.40 18.00 -20.34
N CYS J 111 -18.29 17.83 -19.36
CA CYS J 111 -19.18 18.92 -18.95
C CYS J 111 -18.37 20.13 -18.49
N SER J 112 -17.43 19.92 -17.57
CA SER J 112 -16.56 20.98 -17.09
C SER J 112 -15.69 21.56 -18.21
N GLY J 113 -15.16 20.71 -19.09
CA GLY J 113 -14.38 21.21 -20.21
C GLY J 113 -15.18 22.17 -21.06
N ILE J 114 -16.47 21.88 -21.26
CA ILE J 114 -17.32 22.73 -22.07
C ILE J 114 -17.64 24.02 -21.32
N ALA J 115 -18.01 23.90 -20.04
CA ALA J 115 -18.27 25.10 -19.26
C ALA J 115 -17.04 26.01 -19.21
N SER J 116 -15.84 25.42 -19.09
CA SER J 116 -14.61 26.21 -19.06
C SER J 116 -14.42 26.98 -20.36
N ALA J 117 -14.63 26.33 -21.50
CA ALA J 117 -14.56 27.05 -22.76
C ALA J 117 -15.62 28.15 -22.82
N ALA J 118 -16.81 27.86 -22.30
CA ALA J 118 -17.89 28.85 -22.31
C ALA J 118 -17.52 30.06 -21.46
N ALA J 119 -17.01 29.83 -20.25
CA ALA J 119 -16.70 30.93 -19.35
C ALA J 119 -15.59 31.82 -19.91
N ALA J 120 -14.62 31.23 -20.62
CA ALA J 120 -13.53 32.00 -21.19
C ALA J 120 -14.02 32.85 -22.36
N ALA J 121 -14.90 32.29 -23.19
CA ALA J 121 -15.50 33.06 -24.26
C ALA J 121 -16.34 34.21 -23.71
N VAL J 122 -17.09 33.95 -22.65
CA VAL J 122 -17.89 35.01 -22.04
C VAL J 122 -17.00 36.11 -21.48
N GLU J 123 -15.88 35.74 -20.84
CA GLU J 123 -14.99 36.76 -20.29
C GLU J 123 -14.26 37.52 -21.40
N ALA J 124 -13.89 36.83 -22.48
CA ALA J 124 -13.30 37.51 -23.62
C ALA J 124 -14.24 38.57 -24.18
N ALA J 125 -15.52 38.23 -24.34
CA ALA J 125 -16.46 39.20 -24.90
C ALA J 125 -16.76 40.31 -23.89
N ARG J 126 -16.73 40.00 -22.59
CA ARG J 126 -16.98 41.03 -21.59
C ARG J 126 -15.84 42.05 -21.59
N GLY J 127 -14.60 41.57 -21.70
CA GLY J 127 -13.46 42.46 -21.77
C GLY J 127 -13.44 43.34 -22.98
N ALA J 128 -14.15 42.95 -24.04
CA ALA J 128 -14.26 43.76 -25.25
C ALA J 128 -15.43 44.73 -25.19
N GLY J 129 -16.10 44.84 -24.04
CA GLY J 129 -17.24 45.73 -23.89
C GLY J 129 -18.57 45.19 -24.36
N TRP J 130 -18.62 43.98 -24.91
CA TRP J 130 -19.80 43.46 -25.56
C TRP J 130 -20.77 42.82 -24.55
N THR J 131 -22.06 43.15 -24.69
CA THR J 131 -23.11 42.70 -23.78
C THR J 131 -24.05 41.66 -24.39
N GLY J 132 -23.85 41.26 -25.64
CA GLY J 132 -24.67 40.21 -26.19
C GLY J 132 -24.46 38.87 -25.49
N HIS J 133 -24.98 37.84 -26.15
CA HIS J 133 -24.90 36.47 -25.68
C HIS J 133 -23.83 35.71 -26.46
N VAL J 134 -22.95 35.00 -25.74
CA VAL J 134 -22.17 33.92 -26.34
C VAL J 134 -23.03 32.68 -26.35
N ALA J 135 -23.05 31.94 -27.45
CA ALA J 135 -24.00 30.84 -27.55
C ALA J 135 -23.35 29.60 -28.11
N GLY J 136 -23.93 28.45 -27.76
CA GLY J 136 -23.56 27.17 -28.33
C GLY J 136 -24.31 26.88 -29.62
N THR J 137 -24.16 25.65 -30.09
CA THR J 137 -24.71 25.24 -31.37
C THR J 137 -25.31 23.85 -31.17
N ARG J 138 -25.70 23.22 -32.28
CA ARG J 138 -26.12 21.83 -32.25
C ARG J 138 -24.98 20.89 -32.63
N LYS J 139 -23.75 21.41 -32.71
CA LYS J 139 -22.57 20.58 -32.95
C LYS J 139 -22.19 19.88 -31.64
N THR J 140 -23.06 18.96 -31.24
CA THR J 140 -22.95 18.27 -29.97
C THR J 140 -22.71 16.79 -30.24
N THR J 141 -21.99 16.14 -29.33
CA THR J 141 -21.80 14.70 -29.42
C THR J 141 -23.15 13.99 -29.41
N PRO J 142 -23.44 13.13 -30.38
CA PRO J 142 -24.74 12.44 -30.40
C PRO J 142 -24.94 11.60 -29.15
N GLY J 143 -26.16 11.69 -28.60
CA GLY J 143 -26.49 11.04 -27.34
C GLY J 143 -26.11 11.80 -26.09
N PHE J 144 -25.25 12.81 -26.21
CA PHE J 144 -24.71 13.50 -25.06
C PHE J 144 -25.20 14.93 -24.95
N ARG J 145 -26.21 15.31 -25.74
CA ARG J 145 -26.54 16.72 -25.88
C ARG J 145 -26.98 17.35 -24.57
N LEU J 146 -27.64 16.58 -23.70
CA LEU J 146 -28.10 17.15 -22.44
C LEU J 146 -26.93 17.60 -21.59
N VAL J 147 -25.87 16.81 -21.53
CA VAL J 147 -24.72 17.22 -20.72
C VAL J 147 -24.09 18.47 -21.31
N GLU J 148 -23.95 18.52 -22.64
CA GLU J 148 -23.19 19.57 -23.29
C GLU J 148 -23.91 20.92 -23.30
N LYS J 149 -25.22 20.92 -23.63
CA LYS J 149 -26.04 22.11 -23.46
C LYS J 149 -26.05 22.57 -22.02
N TYR J 150 -26.17 21.63 -21.07
CA TYR J 150 -26.07 21.99 -19.66
C TYR J 150 -24.71 22.62 -19.32
N GLY J 151 -23.62 22.03 -19.84
CA GLY J 151 -22.30 22.58 -19.56
C GLY J 151 -22.16 24.02 -20.03
N LEU J 152 -22.71 24.34 -21.21
CA LEU J 152 -22.70 25.71 -21.72
C LEU J 152 -23.37 26.68 -20.75
N LEU J 153 -24.52 26.28 -20.19
CA LEU J 153 -25.23 27.15 -19.26
C LEU J 153 -24.41 27.43 -18.01
N VAL J 154 -23.74 26.41 -17.48
CA VAL J 154 -22.96 26.63 -16.27
C VAL J 154 -21.80 27.57 -16.57
N GLY J 155 -21.28 27.55 -17.79
CA GLY J 155 -20.25 28.49 -18.17
C GLY J 155 -20.69 29.92 -18.44
N GLY J 156 -21.97 30.23 -18.28
CA GLY J 156 -22.45 31.56 -18.61
C GLY J 156 -22.83 31.80 -20.05
N ALA J 157 -22.83 30.78 -20.90
CA ALA J 157 -23.22 30.97 -22.29
C ALA J 157 -24.68 30.55 -22.51
N ALA J 158 -25.27 31.02 -23.60
CA ALA J 158 -26.59 30.54 -23.99
C ALA J 158 -26.47 29.19 -24.64
N SER J 159 -27.47 28.34 -24.38
CA SER J 159 -27.48 27.04 -25.03
C SER J 159 -27.84 27.13 -26.51
N HIS J 160 -28.55 28.20 -26.92
CA HIS J 160 -29.17 28.29 -28.23
C HIS J 160 -30.26 27.22 -28.28
N ARG J 161 -30.91 27.00 -29.41
CA ARG J 161 -32.01 26.04 -29.44
C ARG J 161 -31.49 24.64 -29.15
N TYR J 162 -32.23 23.94 -28.27
CA TYR J 162 -31.83 22.60 -27.87
C TYR J 162 -31.83 21.63 -29.05
N ASP J 163 -32.83 21.70 -29.92
CA ASP J 163 -32.99 20.73 -31.01
C ASP J 163 -33.84 21.36 -32.11
N LEU J 164 -34.26 20.54 -33.08
CA LEU J 164 -35.06 21.02 -34.22
C LEU J 164 -36.45 21.53 -33.83
N GLY J 165 -37.04 21.05 -32.73
CA GLY J 165 -38.32 21.58 -32.30
C GLY J 165 -38.28 22.91 -31.57
N GLY J 166 -37.10 23.53 -31.45
CA GLY J 166 -36.97 24.86 -30.87
C GLY J 166 -37.34 25.88 -31.92
N LEU J 167 -36.62 26.98 -32.01
CA LEU J 167 -36.90 27.90 -33.11
C LEU J 167 -36.69 27.20 -34.44
N VAL J 168 -37.51 27.58 -35.43
CA VAL J 168 -37.34 27.16 -36.82
C VAL J 168 -36.17 27.92 -37.42
N MET J 169 -35.22 27.19 -38.00
CA MET J 169 -33.98 27.77 -38.48
C MET J 169 -33.83 27.47 -39.97
N VAL J 170 -33.81 28.52 -40.78
CA VAL J 170 -33.67 28.40 -42.23
C VAL J 170 -32.20 28.51 -42.60
N LYS J 171 -31.62 27.43 -43.11
CA LYS J 171 -30.21 27.40 -43.46
C LYS J 171 -30.02 27.46 -44.98
N ASP J 172 -28.76 27.62 -45.38
CA ASP J 172 -28.39 27.56 -46.79
C ASP J 172 -29.15 26.49 -47.54
N ASN J 173 -29.15 25.25 -47.01
CA ASN J 173 -29.76 24.14 -47.72
C ASN J 173 -31.26 24.30 -47.83
N HIS J 174 -31.90 24.94 -46.85
CA HIS J 174 -33.33 25.19 -46.95
C HIS J 174 -33.62 26.19 -48.07
N VAL J 175 -32.78 27.20 -48.20
CA VAL J 175 -32.96 28.18 -49.26
C VAL J 175 -32.86 27.51 -50.62
N VAL J 176 -31.81 26.71 -50.81
CA VAL J 176 -31.62 25.99 -52.07
C VAL J 176 -32.82 25.11 -52.38
N ALA J 177 -33.35 24.41 -51.36
CA ALA J 177 -34.47 23.50 -51.61
C ALA J 177 -35.78 24.24 -51.82
N ALA J 178 -35.97 25.39 -51.20
CA ALA J 178 -37.20 26.14 -51.46
C ALA J 178 -37.13 26.83 -52.81
N GLY J 179 -35.94 27.24 -53.22
CA GLY J 179 -35.76 27.96 -54.47
C GLY J 179 -35.66 29.45 -54.31
N GLY J 180 -35.57 29.94 -53.08
CA GLY J 180 -35.40 31.34 -52.82
C GLY J 180 -35.38 31.59 -51.33
N VAL J 181 -34.53 32.52 -50.90
CA VAL J 181 -34.54 33.03 -49.53
C VAL J 181 -35.96 33.31 -49.05
N GLU J 182 -36.75 33.96 -49.89
CA GLU J 182 -37.93 34.62 -49.39
C GLU J 182 -39.14 33.69 -49.36
N LYS J 183 -39.19 32.70 -50.28
CA LYS J 183 -40.25 31.71 -50.11
C LYS J 183 -39.87 30.70 -49.03
N ALA J 184 -38.57 30.54 -48.77
CA ALA J 184 -38.14 29.70 -47.65
C ALA J 184 -38.64 30.27 -46.33
N VAL J 185 -38.43 31.56 -46.09
CA VAL J 185 -38.77 32.11 -44.79
C VAL J 185 -40.27 32.27 -44.63
N ARG J 186 -41.00 32.40 -45.73
CA ARG J 186 -42.44 32.45 -45.65
C ARG J 186 -43.01 31.07 -45.31
N ALA J 187 -42.44 30.01 -45.88
CA ALA J 187 -42.75 28.67 -45.42
C ALA J 187 -42.40 28.51 -43.95
N ALA J 188 -41.25 29.06 -43.53
CA ALA J 188 -40.87 28.95 -42.12
C ALA J 188 -41.78 29.77 -41.22
N ARG J 189 -42.20 30.92 -41.71
CA ARG J 189 -43.06 31.76 -40.93
C ARG J 189 -44.39 31.08 -40.70
N GLN J 190 -44.97 30.32 -41.66
CA GLN J 190 -46.25 29.62 -41.49
C GLN J 190 -46.12 28.44 -40.55
N ALA J 191 -45.01 27.74 -40.68
CA ALA J 191 -44.80 26.51 -39.99
C ALA J 191 -44.84 26.64 -38.51
N ALA J 192 -44.50 27.81 -37.98
CA ALA J 192 -45.13 28.21 -36.74
C ALA J 192 -45.36 29.67 -36.34
N ASP J 193 -46.30 30.38 -36.97
CA ASP J 193 -46.30 31.87 -36.92
C ASP J 193 -46.38 32.26 -35.50
N PHE J 194 -47.31 31.67 -34.79
CA PHE J 194 -47.39 31.87 -33.40
C PHE J 194 -47.13 30.41 -33.04
N ALA J 195 -46.34 30.23 -31.99
CA ALA J 195 -45.27 31.07 -31.74
C ALA J 195 -44.02 30.28 -31.40
N LEU J 196 -43.20 30.25 -32.42
CA LEU J 196 -41.85 29.89 -32.43
C LEU J 196 -41.31 30.98 -33.16
N LYS J 197 -39.97 31.19 -32.89
CA LYS J 197 -39.22 32.18 -33.63
C LYS J 197 -38.65 31.58 -34.92
N VAL J 198 -38.33 32.45 -35.87
CA VAL J 198 -37.69 32.06 -37.12
C VAL J 198 -36.33 32.73 -37.17
N GLU J 199 -35.28 31.94 -37.38
CA GLU J 199 -33.94 32.46 -37.63
C GLU J 199 -33.52 32.06 -39.03
N VAL J 200 -32.92 32.97 -39.77
CA VAL J 200 -32.48 32.69 -41.12
C VAL J 200 -30.98 32.89 -41.22
N GLU J 201 -30.29 31.89 -41.75
CA GLU J 201 -28.85 31.96 -41.93
C GLU J 201 -28.55 32.54 -43.32
N CYS J 202 -27.80 33.64 -43.34
CA CYS J 202 -27.54 34.43 -44.52
C CYS J 202 -26.04 34.54 -44.79
N SER J 203 -25.66 34.54 -46.07
CA SER J 203 -24.25 34.62 -46.44
C SER J 203 -23.87 36.00 -46.98
N SER J 204 -24.86 36.84 -47.30
CA SER J 204 -24.67 38.18 -47.86
C SER J 204 -25.68 39.15 -47.25
N LEU J 205 -25.39 40.45 -47.36
CA LEU J 205 -26.30 41.44 -46.78
C LEU J 205 -27.64 41.45 -47.51
N GLN J 206 -27.63 41.29 -48.84
CA GLN J 206 -28.91 41.26 -49.55
C GLN J 206 -29.79 40.14 -49.02
N GLU J 207 -29.19 38.98 -48.70
CA GLU J 207 -29.95 37.86 -48.18
C GLU J 207 -30.59 38.20 -46.84
N ALA J 208 -29.83 38.84 -45.96
CA ALA J 208 -30.34 39.28 -44.67
C ALA J 208 -31.52 40.22 -44.83
N VAL J 209 -31.44 41.14 -45.80
CA VAL J 209 -32.51 42.11 -46.02
C VAL J 209 -33.79 41.41 -46.45
N GLN J 210 -33.68 40.37 -47.28
CA GLN J 210 -34.87 39.64 -47.71
C GLN J 210 -35.46 38.82 -46.58
N ALA J 211 -34.62 38.16 -45.79
CA ALA J 211 -35.10 37.46 -44.60
C ALA J 211 -35.79 38.42 -43.65
N ALA J 212 -35.15 39.56 -43.36
CA ALA J 212 -35.79 40.55 -42.49
C ALA J 212 -37.11 41.03 -43.08
N GLU J 213 -37.11 41.36 -44.39
CA GLU J 213 -38.32 41.86 -45.05
C GLU J 213 -39.43 40.83 -45.08
N ALA J 214 -39.10 39.55 -45.08
CA ALA J 214 -40.14 38.54 -45.06
C ALA J 214 -40.46 38.06 -43.66
N GLY J 215 -39.85 38.63 -42.63
CA GLY J 215 -40.35 38.47 -41.29
C GLY J 215 -39.52 37.64 -40.33
N ALA J 216 -38.22 37.53 -40.56
CA ALA J 216 -37.40 36.76 -39.65
C ALA J 216 -37.31 37.46 -38.30
N ASP J 217 -37.35 36.66 -37.22
CA ASP J 217 -37.02 37.19 -35.89
C ASP J 217 -35.52 37.40 -35.73
N LEU J 218 -34.71 36.51 -36.28
CA LEU J 218 -33.27 36.58 -36.12
C LEU J 218 -32.63 36.35 -37.46
N VAL J 219 -31.49 37.02 -37.66
CA VAL J 219 -30.70 36.93 -38.87
C VAL J 219 -29.29 36.54 -38.44
N LEU J 220 -28.81 35.41 -38.95
CA LEU J 220 -27.48 34.90 -38.66
C LEU J 220 -26.60 35.23 -39.86
N LEU J 221 -25.59 36.08 -39.63
CA LEU J 221 -24.62 36.42 -40.66
C LEU J 221 -23.51 35.39 -40.54
N ASP J 222 -23.48 34.47 -41.49
CA ASP J 222 -22.69 33.25 -41.37
C ASP J 222 -21.39 33.44 -42.13
N ASN J 223 -20.27 33.27 -41.42
CA ASN J 223 -18.95 33.22 -42.04
C ASN J 223 -18.55 34.53 -42.72
N PHE J 224 -18.94 35.65 -42.11
CA PHE J 224 -18.45 36.96 -42.50
C PHE J 224 -17.07 37.22 -41.91
N LYS J 225 -16.23 37.91 -42.67
CA LYS J 225 -15.07 38.55 -42.08
C LYS J 225 -15.54 39.69 -41.19
N PRO J 226 -14.87 39.93 -40.06
CA PRO J 226 -15.31 41.05 -39.19
C PRO J 226 -15.42 42.37 -39.93
N GLU J 227 -14.60 42.59 -40.97
CA GLU J 227 -14.60 43.87 -41.68
C GLU J 227 -15.94 44.14 -42.36
N GLU J 228 -16.53 43.12 -42.96
CA GLU J 228 -17.82 43.26 -43.61
C GLU J 228 -18.98 42.91 -42.69
N LEU J 229 -18.73 42.18 -41.61
CA LEU J 229 -19.80 41.79 -40.71
C LEU J 229 -20.46 43.01 -40.07
N HIS J 230 -19.66 43.93 -39.55
CA HIS J 230 -20.19 45.04 -38.77
C HIS J 230 -20.90 46.09 -39.62
N PRO J 231 -20.38 46.48 -40.79
CA PRO J 231 -21.19 47.35 -41.67
C PRO J 231 -22.54 46.75 -41.97
N THR J 232 -22.56 45.43 -42.22
CA THR J 232 -23.80 44.73 -42.54
C THR J 232 -24.75 44.69 -41.35
N ALA J 233 -24.22 44.43 -40.15
CA ALA J 233 -25.07 44.47 -38.97
C ALA J 233 -25.67 45.85 -38.76
N THR J 234 -24.91 46.90 -39.12
CA THR J 234 -25.37 48.26 -38.91
C THR J 234 -26.54 48.61 -39.84
N VAL J 235 -26.42 48.26 -41.12
CA VAL J 235 -27.51 48.49 -42.08
C VAL J 235 -28.78 47.81 -41.60
N LEU J 236 -28.67 46.53 -41.22
CA LEU J 236 -29.82 45.75 -40.80
C LEU J 236 -30.51 46.35 -39.58
N LYS J 237 -29.72 46.65 -38.54
CA LYS J 237 -30.30 47.28 -37.36
C LYS J 237 -30.98 48.60 -37.70
N ALA J 238 -30.40 49.38 -38.63
CA ALA J 238 -31.01 50.66 -38.99
C ALA J 238 -32.34 50.45 -39.70
N GLN J 239 -32.41 49.49 -40.64
CA GLN J 239 -33.64 49.27 -41.39
C GLN J 239 -34.65 48.42 -40.62
N PHE J 240 -34.20 47.48 -39.79
CA PHE J 240 -35.07 46.53 -39.10
C PHE J 240 -34.72 46.48 -37.63
N PRO J 241 -35.07 47.53 -36.87
CA PRO J 241 -34.57 47.63 -35.50
C PRO J 241 -35.01 46.51 -34.57
N SER J 242 -36.10 45.82 -34.88
CA SER J 242 -36.60 44.76 -34.00
C SER J 242 -36.04 43.39 -34.35
N VAL J 243 -35.24 43.29 -35.40
CA VAL J 243 -34.64 42.03 -35.82
C VAL J 243 -33.31 41.84 -35.09
N ALA J 244 -33.11 40.68 -34.48
CA ALA J 244 -31.88 40.39 -33.77
C ALA J 244 -30.85 39.85 -34.74
N VAL J 245 -29.59 40.09 -34.44
CA VAL J 245 -28.50 39.71 -35.34
C VAL J 245 -27.56 38.77 -34.61
N GLU J 246 -27.34 37.61 -35.21
CA GLU J 246 -26.37 36.65 -34.72
C GLU J 246 -25.18 36.61 -35.66
N ALA J 247 -24.01 36.36 -35.09
CA ALA J 247 -22.78 36.16 -35.83
C ALA J 247 -22.28 34.75 -35.55
N SER J 248 -21.89 34.04 -36.61
CA SER J 248 -21.46 32.66 -36.41
C SER J 248 -20.54 32.25 -37.56
N GLY J 249 -19.62 31.35 -37.25
CA GLY J 249 -18.79 30.75 -38.28
C GLY J 249 -17.32 31.06 -38.17
N GLY J 250 -16.54 30.13 -37.62
CA GLY J 250 -15.13 30.35 -37.45
C GLY J 250 -14.75 31.21 -36.26
N ILE J 251 -15.70 31.56 -35.40
CA ILE J 251 -15.38 32.41 -34.27
C ILE J 251 -14.79 31.58 -33.13
N THR J 252 -13.63 32.01 -32.62
CA THR J 252 -12.80 31.28 -31.68
C THR J 252 -12.56 32.14 -30.45
N LEU J 253 -11.83 31.61 -29.46
CA LEU J 253 -11.54 32.40 -28.26
C LEU J 253 -10.69 33.62 -28.60
N ASP J 254 -9.75 33.46 -29.53
CA ASP J 254 -8.74 34.50 -29.70
C ASP J 254 -9.18 35.60 -30.64
N ASN J 255 -10.11 35.31 -31.58
CA ASN J 255 -10.65 36.34 -32.46
C ASN J 255 -12.05 36.81 -32.05
N LEU J 256 -12.59 36.28 -30.96
CA LEU J 256 -13.90 36.70 -30.49
C LEU J 256 -14.01 38.21 -30.30
N PRO J 257 -13.02 38.92 -29.75
CA PRO J 257 -13.15 40.38 -29.71
C PRO J 257 -13.38 41.03 -31.07
N GLN J 258 -12.92 40.41 -32.17
CA GLN J 258 -13.08 41.03 -33.49
C GLN J 258 -14.50 40.92 -34.01
N PHE J 259 -15.32 40.02 -33.45
CA PHE J 259 -16.71 39.86 -33.86
C PHE J 259 -17.68 40.57 -32.94
N CYS J 260 -17.23 40.99 -31.76
CA CYS J 260 -18.06 41.83 -30.92
C CYS J 260 -18.25 43.18 -31.58
N GLY J 261 -19.46 43.69 -31.52
CA GLY J 261 -19.82 44.95 -32.11
C GLY J 261 -21.16 45.40 -31.58
N PRO J 262 -21.50 46.64 -31.76
CA PRO J 262 -22.70 47.14 -31.13
C PRO J 262 -24.01 46.65 -31.70
N HIS J 263 -23.96 46.06 -32.87
CA HIS J 263 -25.18 45.63 -33.54
C HIS J 263 -25.22 44.11 -33.73
N ILE J 264 -24.38 43.39 -33.00
CA ILE J 264 -24.43 41.95 -32.91
C ILE J 264 -25.08 41.60 -31.58
N ASP J 265 -26.12 40.78 -31.62
CA ASP J 265 -26.83 40.42 -30.39
C ASP J 265 -26.41 39.08 -29.83
N VAL J 266 -26.01 38.16 -30.70
CA VAL J 266 -25.65 36.79 -30.34
C VAL J 266 -24.39 36.41 -31.11
N ILE J 267 -23.43 35.78 -30.42
CA ILE J 267 -22.29 35.12 -31.07
C ILE J 267 -22.31 33.64 -30.66
N SER J 268 -22.26 32.75 -31.65
CA SER J 268 -22.29 31.32 -31.37
C SER J 268 -21.05 30.65 -31.95
N MET J 269 -20.50 29.73 -31.16
CA MET J 269 -19.20 29.11 -31.44
C MET J 269 -19.33 27.59 -31.39
N GLY J 270 -19.18 26.94 -32.54
CA GLY J 270 -19.10 25.49 -32.56
C GLY J 270 -17.97 24.97 -31.68
N MET J 271 -16.89 25.74 -31.56
CA MET J 271 -15.73 25.26 -30.83
C MET J 271 -16.05 25.05 -29.34
N LEU J 272 -17.09 25.70 -28.80
CA LEU J 272 -17.38 25.49 -27.39
C LEU J 272 -17.77 24.05 -27.10
N THR J 273 -18.19 23.30 -28.11
CA THR J 273 -18.51 21.89 -27.91
C THR J 273 -17.70 20.94 -28.80
N GLN J 274 -17.01 21.43 -29.83
CA GLN J 274 -16.28 20.56 -30.74
C GLN J 274 -14.77 20.64 -30.57
N ALA J 275 -14.27 21.59 -29.79
CA ALA J 275 -12.84 21.75 -29.61
C ALA J 275 -12.50 22.07 -28.17
N ALA J 276 -13.39 21.75 -27.24
CA ALA J 276 -13.17 22.06 -25.84
C ALA J 276 -12.64 20.84 -25.11
N PRO J 277 -11.34 20.76 -24.81
CA PRO J 277 -10.81 19.55 -24.16
C PRO J 277 -11.41 19.34 -22.77
N ALA J 278 -11.55 18.08 -22.40
CA ALA J 278 -12.05 17.75 -21.08
C ALA J 278 -11.05 18.15 -20.01
N LEU J 279 -11.56 18.55 -18.85
CA LEU J 279 -10.66 18.80 -17.72
C LEU J 279 -10.20 17.49 -17.13
N ASP J 280 -9.10 17.55 -16.38
CA ASP J 280 -8.49 16.40 -15.73
C ASP J 280 -9.03 16.28 -14.30
N PHE J 281 -9.68 15.16 -14.00
CA PHE J 281 -10.15 14.83 -12.67
C PHE J 281 -9.65 13.45 -12.31
N SER J 282 -9.45 13.20 -11.03
CA SER J 282 -9.19 11.84 -10.60
C SER J 282 -10.01 11.52 -9.35
N LEU J 283 -10.25 10.24 -9.14
CA LEU J 283 -11.01 9.74 -8.00
C LEU J 283 -10.16 8.71 -7.29
N LYS J 284 -9.79 8.97 -6.04
CA LYS J 284 -8.82 8.15 -5.33
C LYS J 284 -9.40 7.57 -4.04
N LEU J 285 -9.60 6.26 -4.04
CA LEU J 285 -9.96 5.51 -2.83
C LEU J 285 -8.91 5.70 -1.74
N PHE J 286 -9.35 5.93 -0.50
CA PHE J 286 -8.42 5.98 0.62
C PHE J 286 -8.95 5.15 1.76
N ALA J 287 -8.04 4.50 2.47
CA ALA J 287 -8.40 3.60 3.56
C ALA J 287 -8.82 4.38 4.81
N LYS J 288 -9.67 3.76 5.61
CA LYS J 288 -10.12 4.36 6.86
C LYS J 288 -9.51 3.61 8.03
N GLU J 289 -9.85 4.07 9.24
CA GLU J 289 -9.21 3.60 10.46
C GLU J 289 -7.68 3.38 10.30
N MET K 1 -49.97 25.25 -45.87
CA MET K 1 -51.39 25.48 -46.07
C MET K 1 -52.07 24.31 -46.77
N ASP K 2 -51.40 23.15 -46.81
CA ASP K 2 -51.94 21.96 -47.46
C ASP K 2 -51.72 20.75 -46.56
N ALA K 3 -52.81 20.02 -46.26
CA ALA K 3 -52.76 18.98 -45.25
C ALA K 3 -52.05 17.72 -45.74
N GLU K 4 -51.87 17.55 -47.04
CA GLU K 4 -51.12 16.39 -47.51
C GLU K 4 -49.63 16.58 -47.22
N GLY K 5 -49.14 17.83 -47.31
CA GLY K 5 -47.78 18.17 -47.03
C GLY K 5 -47.39 18.12 -45.57
N LEU K 6 -48.37 18.09 -44.67
CA LEU K 6 -48.10 18.01 -43.24
C LEU K 6 -47.44 16.71 -42.80
N ALA K 7 -47.56 15.64 -43.58
CA ALA K 7 -47.03 14.35 -43.15
C ALA K 7 -45.52 14.38 -43.00
N LEU K 8 -44.85 15.31 -43.70
CA LEU K 8 -43.41 15.46 -43.57
C LEU K 8 -42.99 15.96 -42.21
N LEU K 9 -43.92 16.50 -41.41
CA LEU K 9 -43.59 16.92 -40.04
C LEU K 9 -43.22 15.75 -39.15
N LEU K 10 -43.71 14.55 -39.48
CA LEU K 10 -43.52 13.37 -38.65
C LEU K 10 -42.22 12.67 -38.99
N PRO K 11 -41.23 12.68 -38.09
CA PRO K 11 -39.98 11.94 -38.34
C PRO K 11 -40.22 10.43 -38.31
N PRO K 12 -39.77 9.71 -39.35
CA PRO K 12 -40.16 8.29 -39.50
C PRO K 12 -39.59 7.33 -38.45
N VAL K 13 -38.47 7.65 -37.79
CA VAL K 13 -37.98 6.78 -36.72
C VAL K 13 -38.99 6.72 -35.59
N THR K 14 -39.51 7.89 -35.18
CA THR K 14 -40.53 7.96 -34.14
C THR K 14 -41.80 7.18 -34.50
N LEU K 15 -42.23 7.22 -35.77
CA LEU K 15 -43.48 6.57 -36.15
C LEU K 15 -43.41 5.07 -35.93
N ALA K 16 -42.34 4.44 -36.41
CA ALA K 16 -42.25 2.99 -36.23
C ALA K 16 -42.19 2.62 -34.76
N ALA K 17 -41.51 3.42 -33.93
CA ALA K 17 -41.38 3.06 -32.53
C ALA K 17 -42.70 3.16 -31.80
N LEU K 18 -43.44 4.25 -32.05
CA LEU K 18 -44.74 4.46 -31.47
C LEU K 18 -45.72 3.37 -31.94
N VAL K 19 -45.68 3.06 -33.23
CA VAL K 19 -46.59 2.08 -33.82
C VAL K 19 -46.32 0.70 -33.23
N ASP K 20 -45.05 0.38 -33.02
CA ASP K 20 -44.71 -0.92 -32.44
C ASP K 20 -45.22 -1.06 -31.01
N SER K 21 -45.18 0.02 -30.23
CA SER K 21 -45.69 -0.07 -28.86
C SER K 21 -47.20 -0.26 -28.84
N TRP K 22 -47.92 0.43 -29.74
CA TRP K 22 -49.37 0.27 -29.85
C TRP K 22 -49.73 -1.17 -30.20
N LEU K 23 -49.06 -1.74 -31.21
CA LEU K 23 -49.33 -3.13 -31.56
C LEU K 23 -49.00 -4.06 -30.41
N ARG K 24 -47.88 -3.81 -29.74
CA ARG K 24 -47.50 -4.64 -28.60
C ARG K 24 -48.55 -4.56 -27.48
N GLU K 25 -49.14 -3.38 -27.28
CA GLU K 25 -50.18 -3.23 -26.28
C GLU K 25 -51.41 -4.11 -26.59
N ASP K 26 -51.88 -4.08 -27.84
CA ASP K 26 -53.10 -4.79 -28.20
C ASP K 26 -52.90 -6.31 -28.32
N CYS K 27 -51.67 -6.80 -28.47
CA CYS K 27 -51.43 -8.24 -28.56
C CYS K 27 -50.05 -8.57 -27.99
N PRO K 28 -49.97 -8.71 -26.66
CA PRO K 28 -48.66 -8.94 -26.04
C PRO K 28 -48.10 -10.36 -26.19
N GLY K 29 -48.93 -11.35 -26.51
CA GLY K 29 -48.42 -12.72 -26.56
C GLY K 29 -48.81 -13.48 -27.82
N LEU K 30 -49.37 -14.67 -27.67
CA LEU K 30 -49.89 -15.40 -28.81
C LEU K 30 -51.16 -14.76 -29.35
N ASN K 31 -51.29 -14.70 -30.67
CA ASN K 31 -52.44 -14.10 -31.36
C ASN K 31 -53.35 -15.22 -31.85
N TYR K 32 -54.24 -15.70 -30.98
CA TYR K 32 -55.00 -16.91 -31.28
C TYR K 32 -55.94 -16.75 -32.47
N ALA K 33 -56.51 -15.57 -32.67
CA ALA K 33 -57.42 -15.35 -33.79
C ALA K 33 -56.74 -15.52 -35.14
N ALA K 34 -55.42 -15.41 -35.21
CA ALA K 34 -54.72 -15.68 -36.47
C ALA K 34 -55.04 -17.07 -36.99
N LEU K 35 -55.25 -18.05 -36.11
CA LEU K 35 -55.58 -19.38 -36.60
C LEU K 35 -56.98 -19.43 -37.20
N VAL K 36 -57.82 -18.44 -36.91
CA VAL K 36 -59.19 -18.42 -37.43
C VAL K 36 -59.23 -17.89 -38.86
N SER K 37 -58.44 -16.85 -39.15
CA SER K 37 -58.46 -16.25 -40.47
C SER K 37 -57.47 -16.87 -41.45
N GLY K 38 -56.41 -17.47 -40.94
CA GLY K 38 -55.30 -17.88 -41.79
C GLY K 38 -54.52 -16.68 -42.27
N ALA K 39 -53.68 -16.93 -43.28
CA ALA K 39 -52.79 -15.92 -43.82
C ALA K 39 -53.02 -15.64 -45.30
N GLY K 40 -54.12 -16.12 -45.86
CA GLY K 40 -54.39 -15.96 -47.27
C GLY K 40 -54.58 -14.51 -47.66
N PRO K 41 -54.10 -14.14 -48.86
CA PRO K 41 -54.19 -12.73 -49.27
C PRO K 41 -55.61 -12.21 -49.21
N SER K 42 -55.75 -10.97 -48.76
CA SER K 42 -57.06 -10.37 -48.52
C SER K 42 -57.01 -8.88 -48.83
N GLN K 43 -58.20 -8.29 -48.91
CA GLN K 43 -58.38 -6.87 -49.12
C GLN K 43 -59.50 -6.40 -48.23
N ALA K 44 -59.31 -5.25 -47.59
CA ALA K 44 -60.36 -4.65 -46.77
C ALA K 44 -60.59 -3.23 -47.27
N ALA K 45 -61.83 -2.79 -47.13
CA ALA K 45 -62.20 -1.43 -47.48
C ALA K 45 -62.34 -0.61 -46.20
N LEU K 46 -61.91 0.64 -46.26
CA LEU K 46 -62.02 1.57 -45.15
C LEU K 46 -63.25 2.44 -45.38
N TRP K 47 -64.20 2.38 -44.46
CA TRP K 47 -65.47 3.07 -44.59
C TRP K 47 -65.57 4.21 -43.58
N ALA K 48 -65.74 5.42 -44.08
CA ALA K 48 -66.08 6.57 -43.25
C ALA K 48 -67.58 6.62 -43.07
N LYS K 49 -68.05 6.43 -41.84
CA LYS K 49 -69.48 6.49 -41.53
C LYS K 49 -69.84 7.73 -40.72
N SER K 50 -69.04 8.80 -40.80
CA SER K 50 -69.22 9.99 -39.97
C SER K 50 -68.83 11.21 -40.78
N PRO K 51 -69.47 12.35 -40.51
CA PRO K 51 -69.00 13.61 -41.10
C PRO K 51 -67.78 14.14 -40.37
N GLY K 52 -66.93 14.81 -41.11
CA GLY K 52 -65.80 15.45 -40.44
C GLY K 52 -64.68 15.69 -41.43
N VAL K 53 -63.46 15.62 -40.91
CA VAL K 53 -62.24 15.81 -41.70
C VAL K 53 -61.37 14.59 -41.49
N LEU K 54 -60.71 14.16 -42.57
CA LEU K 54 -59.90 12.95 -42.56
C LEU K 54 -58.48 13.31 -42.11
N ALA K 55 -58.02 12.68 -41.03
CA ALA K 55 -56.70 12.98 -40.48
C ALA K 55 -56.06 11.73 -39.90
N GLY K 56 -54.78 11.54 -40.20
CA GLY K 56 -54.02 10.44 -39.63
C GLY K 56 -53.54 9.37 -40.60
N GLN K 57 -53.60 9.62 -41.90
CA GLN K 57 -53.06 8.66 -42.88
C GLN K 57 -51.63 8.18 -42.58
N PRO K 58 -50.69 9.03 -42.15
CA PRO K 58 -49.33 8.50 -41.88
C PRO K 58 -49.28 7.47 -40.76
N PHE K 59 -50.07 7.63 -39.69
CA PHE K 59 -50.06 6.65 -38.62
C PHE K 59 -50.74 5.36 -39.06
N PHE K 60 -51.83 5.50 -39.81
CA PHE K 60 -52.53 4.35 -40.37
C PHE K 60 -51.58 3.53 -41.24
N ASP K 61 -51.01 4.17 -42.27
CA ASP K 61 -49.99 3.54 -43.11
C ASP K 61 -48.90 2.87 -42.29
N ALA K 62 -48.29 3.61 -41.35
CA ALA K 62 -47.17 3.08 -40.58
C ALA K 62 -47.56 1.81 -39.84
N ILE K 63 -48.79 1.75 -39.32
CA ILE K 63 -49.24 0.54 -38.63
C ILE K 63 -49.25 -0.65 -39.58
N PHE K 64 -49.85 -0.47 -40.76
CA PHE K 64 -49.94 -1.59 -41.70
C PHE K 64 -48.63 -1.86 -42.41
N THR K 65 -47.73 -0.88 -42.48
CA THR K 65 -46.40 -1.13 -43.02
C THR K 65 -45.64 -2.12 -42.14
N GLN K 66 -45.64 -1.90 -40.82
CA GLN K 66 -45.01 -2.85 -39.91
C GLN K 66 -45.59 -4.25 -40.00
N LEU K 67 -46.80 -4.39 -40.56
CA LEU K 67 -47.47 -5.69 -40.67
C LEU K 67 -47.42 -6.25 -42.08
N ASN K 68 -46.58 -5.66 -42.96
CA ASN K 68 -46.45 -6.08 -44.35
C ASN K 68 -47.80 -6.05 -45.07
N CYS K 69 -48.48 -4.91 -44.96
CA CYS K 69 -49.70 -4.64 -45.68
C CYS K 69 -49.52 -3.35 -46.47
N GLN K 70 -50.32 -3.17 -47.52
CA GLN K 70 -50.30 -1.93 -48.30
C GLN K 70 -51.63 -1.21 -48.15
N VAL K 71 -51.60 0.12 -48.29
CA VAL K 71 -52.80 0.96 -48.24
C VAL K 71 -52.90 1.78 -49.52
N SER K 72 -54.09 1.80 -50.12
CA SER K 72 -54.41 2.73 -51.19
C SER K 72 -55.47 3.69 -50.70
N TRP K 73 -55.16 4.99 -50.71
CA TRP K 73 -56.10 6.03 -50.28
C TRP K 73 -56.88 6.58 -51.47
N PHE K 74 -58.18 6.77 -51.27
CA PHE K 74 -59.04 7.38 -52.29
C PHE K 74 -59.39 8.82 -52.00
N LEU K 75 -59.02 9.33 -50.83
CA LEU K 75 -59.17 10.73 -50.45
C LEU K 75 -57.84 11.24 -49.91
N PRO K 76 -57.44 12.46 -50.27
CA PRO K 76 -56.23 13.02 -49.68
C PRO K 76 -56.43 13.35 -48.21
N GLU K 77 -55.31 13.46 -47.51
CA GLU K 77 -55.35 13.88 -46.11
C GLU K 77 -55.99 15.26 -46.02
N GLY K 78 -56.94 15.40 -45.12
CA GLY K 78 -57.65 16.64 -44.91
C GLY K 78 -59.00 16.74 -45.57
N SER K 79 -59.41 15.76 -46.36
CA SER K 79 -60.64 15.89 -47.13
C SER K 79 -61.86 15.93 -46.21
N LYS K 80 -62.91 16.55 -46.69
CA LYS K 80 -64.19 16.41 -46.01
C LYS K 80 -64.66 14.98 -46.16
N LEU K 81 -65.33 14.48 -45.14
CA LEU K 81 -65.86 13.11 -45.13
C LEU K 81 -67.38 13.22 -45.16
N VAL K 82 -67.98 12.75 -46.25
CA VAL K 82 -69.43 12.66 -46.36
C VAL K 82 -69.79 11.19 -46.24
N PRO K 83 -70.49 10.76 -45.18
CA PRO K 83 -70.79 9.32 -45.02
C PRO K 83 -71.91 8.83 -45.94
N VAL K 84 -71.89 7.53 -46.32
CA VAL K 84 -70.82 6.60 -45.94
C VAL K 84 -69.81 6.48 -47.09
N ALA K 85 -68.58 6.95 -46.88
CA ALA K 85 -67.60 7.05 -47.96
C ALA K 85 -66.55 5.93 -47.90
N ARG K 86 -66.14 5.46 -49.07
CA ARG K 86 -65.11 4.44 -49.18
C ARG K 86 -63.76 5.15 -49.25
N VAL K 87 -63.03 5.13 -48.14
CA VAL K 87 -61.87 6.00 -47.98
C VAL K 87 -60.61 5.35 -48.51
N ALA K 88 -60.47 4.03 -48.36
CA ALA K 88 -59.23 3.39 -48.73
C ALA K 88 -59.43 1.88 -48.85
N GLU K 89 -58.37 1.21 -49.28
CA GLU K 89 -58.30 -0.22 -49.45
C GLU K 89 -56.99 -0.70 -48.84
N VAL K 90 -57.05 -1.77 -48.05
CA VAL K 90 -55.87 -2.31 -47.37
C VAL K 90 -55.68 -3.74 -47.83
N ARG K 91 -54.45 -4.09 -48.22
CA ARG K 91 -54.15 -5.39 -48.80
C ARG K 91 -53.10 -6.12 -47.97
N GLY K 92 -53.28 -7.41 -47.81
CA GLY K 92 -52.25 -8.21 -47.20
C GLY K 92 -52.76 -9.52 -46.67
N PRO K 93 -51.90 -10.26 -45.98
CA PRO K 93 -52.35 -11.51 -45.34
C PRO K 93 -53.45 -11.22 -44.33
N ALA K 94 -54.48 -12.07 -44.32
CA ALA K 94 -55.71 -11.76 -43.58
C ALA K 94 -55.43 -11.55 -42.10
N HIS K 95 -54.62 -12.42 -41.49
CA HIS K 95 -54.33 -12.22 -40.07
C HIS K 95 -53.62 -10.89 -39.85
N CYS K 96 -52.71 -10.51 -40.75
CA CYS K 96 -52.05 -9.23 -40.63
C CYS K 96 -53.04 -8.08 -40.69
N LEU K 97 -54.00 -8.12 -41.63
CA LEU K 97 -55.01 -7.07 -41.68
C LEU K 97 -55.85 -7.04 -40.39
N LEU K 98 -56.19 -8.22 -39.87
CA LEU K 98 -57.07 -8.25 -38.70
C LEU K 98 -56.33 -7.89 -37.43
N LEU K 99 -55.01 -8.07 -37.38
CA LEU K 99 -54.24 -7.68 -36.20
C LEU K 99 -54.00 -6.17 -36.12
N GLY K 100 -53.88 -5.48 -37.25
CA GLY K 100 -53.72 -4.05 -37.21
C GLY K 100 -54.99 -3.25 -37.23
N GLU K 101 -56.12 -3.92 -37.47
CA GLU K 101 -57.39 -3.24 -37.72
C GLU K 101 -57.76 -2.31 -36.55
N ARG K 102 -57.83 -2.85 -35.33
CA ARG K 102 -58.31 -2.07 -34.20
C ARG K 102 -57.44 -0.84 -33.96
N VAL K 103 -56.11 -1.05 -33.86
CA VAL K 103 -55.21 0.05 -33.56
C VAL K 103 -55.22 1.10 -34.67
N ALA K 104 -55.34 0.65 -35.93
CA ALA K 104 -55.40 1.63 -37.02
C ALA K 104 -56.68 2.44 -36.95
N LEU K 105 -57.82 1.79 -36.74
CA LEU K 105 -59.08 2.53 -36.65
C LEU K 105 -59.11 3.43 -35.40
N ASN K 106 -58.63 2.91 -34.26
CA ASN K 106 -58.55 3.72 -33.05
C ASN K 106 -57.77 5.00 -33.29
N THR K 107 -56.61 4.89 -33.95
CA THR K 107 -55.80 6.06 -34.20
C THR K 107 -56.46 7.02 -35.17
N LEU K 108 -57.08 6.49 -36.23
CA LEU K 108 -57.68 7.36 -37.23
C LEU K 108 -58.95 8.02 -36.71
N ALA K 109 -59.70 7.33 -35.85
CA ALA K 109 -60.91 7.93 -35.29
C ALA K 109 -60.57 9.15 -34.43
N ARG K 110 -59.56 9.00 -33.55
CA ARG K 110 -59.18 10.08 -32.64
C ARG K 110 -58.52 11.23 -33.39
N CYS K 111 -57.59 10.90 -34.29
CA CYS K 111 -56.95 11.93 -35.09
C CYS K 111 -57.97 12.71 -35.87
N SER K 112 -58.92 12.01 -36.49
CA SER K 112 -59.93 12.67 -37.32
C SER K 112 -60.93 13.43 -36.45
N GLY K 113 -61.40 12.82 -35.37
CA GLY K 113 -62.27 13.54 -34.45
C GLY K 113 -61.69 14.88 -34.03
N ILE K 114 -60.38 14.93 -33.80
CA ILE K 114 -59.71 16.18 -33.44
C ILE K 114 -59.67 17.14 -34.63
N ALA K 115 -59.23 16.66 -35.79
CA ALA K 115 -59.17 17.56 -36.95
C ALA K 115 -60.55 18.03 -37.36
N SER K 116 -61.59 17.25 -37.06
CA SER K 116 -62.95 17.70 -37.36
C SER K 116 -63.38 18.79 -36.41
N ALA K 117 -63.02 18.66 -35.12
CA ALA K 117 -63.33 19.72 -34.17
C ALA K 117 -62.56 20.99 -34.48
N ALA K 118 -61.30 20.84 -34.91
CA ALA K 118 -60.51 22.01 -35.29
C ALA K 118 -61.12 22.72 -36.48
N ALA K 119 -61.54 21.97 -37.49
CA ALA K 119 -62.09 22.59 -38.69
C ALA K 119 -63.40 23.30 -38.39
N ALA K 120 -64.24 22.72 -37.52
CA ALA K 120 -65.43 23.42 -37.05
C ALA K 120 -65.07 24.75 -36.41
N ALA K 121 -64.05 24.75 -35.54
CA ALA K 121 -63.66 25.99 -34.88
C ALA K 121 -63.17 27.02 -35.88
N VAL K 122 -62.30 26.61 -36.80
CA VAL K 122 -61.83 27.51 -37.85
C VAL K 122 -62.98 27.96 -38.72
N GLU K 123 -64.01 27.13 -38.89
CA GLU K 123 -65.21 27.57 -39.62
C GLU K 123 -65.97 28.65 -38.85
N ALA K 124 -66.28 28.39 -37.57
CA ALA K 124 -66.97 29.40 -36.78
C ALA K 124 -66.17 30.70 -36.69
N ALA K 125 -64.85 30.61 -36.50
CA ALA K 125 -64.05 31.82 -36.40
C ALA K 125 -64.03 32.57 -37.72
N ARG K 126 -64.00 31.83 -38.83
CA ARG K 126 -64.12 32.42 -40.16
C ARG K 126 -65.45 33.14 -40.31
N GLY K 127 -66.53 32.52 -39.84
CA GLY K 127 -67.87 33.08 -39.91
C GLY K 127 -68.09 34.34 -39.10
N ALA K 128 -67.15 34.67 -38.22
CA ALA K 128 -67.21 35.88 -37.42
C ALA K 128 -66.19 36.91 -37.88
N GLY K 129 -65.57 36.69 -39.03
CA GLY K 129 -64.61 37.63 -39.58
C GLY K 129 -63.25 37.64 -38.91
N TRP K 130 -63.02 36.74 -37.95
CA TRP K 130 -61.75 36.74 -37.20
C TRP K 130 -60.65 36.05 -38.00
N THR K 131 -59.49 36.69 -38.07
CA THR K 131 -58.36 36.19 -38.84
C THR K 131 -57.25 35.57 -37.99
N GLY K 132 -57.39 35.54 -36.66
CA GLY K 132 -56.36 35.00 -35.81
C GLY K 132 -56.22 33.48 -35.91
N HIS K 133 -55.37 32.94 -35.04
CA HIS K 133 -55.07 31.51 -34.96
C HIS K 133 -55.93 30.82 -33.91
N VAL K 134 -56.72 29.84 -34.33
CA VAL K 134 -57.28 28.88 -33.38
C VAL K 134 -56.20 27.87 -33.07
N ALA K 135 -56.02 27.58 -31.78
CA ALA K 135 -54.89 26.78 -31.34
C ALA K 135 -55.32 25.77 -30.29
N GLY K 136 -54.50 24.73 -30.15
CA GLY K 136 -54.71 23.70 -29.16
C GLY K 136 -54.01 24.02 -27.85
N THR K 137 -53.97 23.01 -26.99
CA THR K 137 -53.36 23.15 -25.67
C THR K 137 -52.49 21.92 -25.42
N ARG K 138 -51.91 21.86 -24.23
CA ARG K 138 -51.22 20.68 -23.75
C ARG K 138 -52.17 19.70 -23.04
N LYS K 139 -53.47 19.84 -23.22
CA LYS K 139 -54.45 18.91 -22.66
C LYS K 139 -54.70 17.75 -23.62
N THR K 140 -53.62 17.03 -23.91
CA THR K 140 -53.63 15.87 -24.78
C THR K 140 -53.60 14.59 -23.96
N THR K 141 -53.91 13.45 -24.58
CA THR K 141 -53.80 12.17 -23.88
C THR K 141 -52.33 11.84 -23.69
N PRO K 142 -51.90 11.46 -22.48
CA PRO K 142 -50.48 11.15 -22.26
C PRO K 142 -50.05 9.97 -23.13
N GLY K 143 -48.95 10.15 -23.84
CA GLY K 143 -48.46 9.17 -24.78
C GLY K 143 -48.94 9.36 -26.21
N PHE K 144 -49.93 10.20 -26.44
CA PHE K 144 -50.58 10.31 -27.74
C PHE K 144 -50.40 11.68 -28.37
N ARG K 145 -49.55 12.52 -27.79
CA ARG K 145 -49.54 13.94 -28.18
C ARG K 145 -49.25 14.11 -29.66
N LEU K 146 -48.36 13.27 -30.21
CA LEU K 146 -48.00 13.39 -31.61
C LEU K 146 -49.24 13.30 -32.50
N VAL K 147 -50.10 12.30 -32.24
CA VAL K 147 -51.26 12.13 -33.10
C VAL K 147 -52.19 13.33 -32.97
N GLU K 148 -52.40 13.80 -31.74
CA GLU K 148 -53.40 14.82 -31.46
C GLU K 148 -52.95 16.22 -31.91
N LYS K 149 -51.66 16.54 -31.76
CA LYS K 149 -51.12 17.78 -32.32
C LYS K 149 -51.20 17.78 -33.84
N TYR K 150 -50.83 16.66 -34.46
CA TYR K 150 -50.94 16.52 -35.92
C TYR K 150 -52.40 16.69 -36.37
N GLY K 151 -53.35 16.16 -35.60
CA GLY K 151 -54.74 16.31 -35.94
C GLY K 151 -55.22 17.75 -35.87
N LEU K 152 -54.76 18.49 -34.86
CA LEU K 152 -55.01 19.93 -34.82
C LEU K 152 -54.55 20.61 -36.10
N LEU K 153 -53.32 20.31 -36.57
CA LEU K 153 -52.83 20.99 -37.76
C LEU K 153 -53.66 20.65 -38.99
N VAL K 154 -53.96 19.36 -39.19
CA VAL K 154 -54.73 18.93 -40.36
C VAL K 154 -56.06 19.66 -40.45
N GLY K 155 -56.68 19.93 -39.31
CA GLY K 155 -57.96 20.60 -39.36
C GLY K 155 -57.88 22.10 -39.41
N GLY K 156 -56.70 22.67 -39.68
CA GLY K 156 -56.52 24.09 -39.79
C GLY K 156 -56.22 24.86 -38.52
N ALA K 157 -56.04 24.19 -37.39
CA ALA K 157 -55.71 24.88 -36.15
C ALA K 157 -54.21 24.90 -35.94
N ALA K 158 -53.76 25.86 -35.13
CA ALA K 158 -52.40 25.89 -34.66
C ALA K 158 -52.21 24.89 -33.52
N SER K 159 -51.05 24.25 -33.49
CA SER K 159 -50.79 23.24 -32.46
C SER K 159 -50.45 23.85 -31.11
N HIS K 160 -50.00 25.11 -31.08
CA HIS K 160 -49.38 25.71 -29.90
C HIS K 160 -48.09 24.96 -29.60
N ARG K 161 -47.43 25.29 -28.48
CA ARG K 161 -46.17 24.64 -28.17
C ARG K 161 -46.36 23.14 -28.00
N TYR K 162 -45.36 22.38 -28.47
CA TYR K 162 -45.51 20.94 -28.39
C TYR K 162 -45.34 20.42 -26.96
N ASP K 163 -44.50 21.05 -26.16
CA ASP K 163 -44.17 20.52 -24.84
C ASP K 163 -43.54 21.62 -23.98
N LEU K 164 -43.05 21.24 -22.80
CA LEU K 164 -42.47 22.20 -21.89
C LEU K 164 -41.13 22.75 -22.36
N GLY K 165 -40.70 22.41 -23.59
CA GLY K 165 -39.42 22.87 -24.08
C GLY K 165 -39.55 23.79 -25.28
N GLY K 166 -40.80 24.09 -25.65
CA GLY K 166 -41.07 24.80 -26.89
C GLY K 166 -41.26 26.30 -26.74
N LEU K 167 -41.51 26.77 -25.52
CA LEU K 167 -41.90 28.15 -25.26
C LEU K 167 -41.84 28.15 -23.74
N VAL K 168 -41.46 29.27 -23.13
CA VAL K 168 -41.52 29.40 -21.68
C VAL K 168 -42.83 30.08 -21.31
N MET K 169 -43.64 29.42 -20.50
CA MET K 169 -45.01 29.86 -20.27
C MET K 169 -45.23 30.03 -18.78
N VAL K 170 -45.38 31.29 -18.35
CA VAL K 170 -45.60 31.59 -16.94
C VAL K 170 -47.10 31.44 -16.65
N LYS K 171 -47.41 30.59 -15.69
CA LYS K 171 -48.78 30.29 -15.34
C LYS K 171 -49.09 30.82 -13.94
N ASP K 172 -50.37 30.74 -13.58
CA ASP K 172 -50.80 31.14 -12.25
C ASP K 172 -49.89 30.57 -11.17
N ASN K 173 -49.61 29.26 -11.25
CA ASN K 173 -48.84 28.60 -10.21
C ASN K 173 -47.41 29.10 -10.14
N HIS K 174 -46.80 29.44 -11.28
CA HIS K 174 -45.47 30.04 -11.26
C HIS K 174 -45.49 31.39 -10.55
N VAL K 175 -46.51 32.21 -10.80
CA VAL K 175 -46.56 33.52 -10.16
C VAL K 175 -46.62 33.37 -8.64
N VAL K 176 -47.42 32.42 -8.15
CA VAL K 176 -47.43 32.17 -6.70
C VAL K 176 -46.04 31.78 -6.22
N ALA K 177 -45.43 30.79 -6.89
CA ALA K 177 -44.15 30.26 -6.41
C ALA K 177 -43.06 31.32 -6.41
N ALA K 178 -43.05 32.19 -7.42
CA ALA K 178 -42.05 33.24 -7.54
C ALA K 178 -42.42 34.52 -6.80
N GLY K 179 -43.53 34.56 -6.09
CA GLY K 179 -43.88 35.75 -5.34
C GLY K 179 -44.29 36.97 -6.14
N GLY K 180 -44.71 36.81 -7.39
CA GLY K 180 -45.28 37.93 -8.12
C GLY K 180 -44.99 37.84 -9.61
N VAL K 181 -45.76 38.61 -10.36
CA VAL K 181 -45.65 38.58 -11.82
C VAL K 181 -44.30 39.13 -12.27
N GLU K 182 -43.88 40.26 -11.69
CA GLU K 182 -42.62 40.88 -12.13
C GLU K 182 -41.46 39.91 -12.04
N LYS K 183 -41.35 39.24 -10.89
CA LYS K 183 -40.25 38.30 -10.70
C LYS K 183 -40.38 37.09 -11.62
N ALA K 184 -41.60 36.60 -11.80
CA ALA K 184 -41.82 35.37 -12.58
C ALA K 184 -41.42 35.57 -14.03
N VAL K 185 -41.84 36.67 -14.65
CA VAL K 185 -41.47 36.82 -16.06
C VAL K 185 -40.07 37.39 -16.24
N ARG K 186 -39.49 38.01 -15.21
CA ARG K 186 -38.07 38.32 -15.31
C ARG K 186 -37.24 37.05 -15.30
N ALA K 187 -37.60 36.10 -14.43
CA ALA K 187 -36.91 34.81 -14.41
C ALA K 187 -37.17 34.05 -15.70
N ALA K 188 -38.38 34.16 -16.23
CA ALA K 188 -38.73 33.47 -17.47
C ALA K 188 -37.91 33.99 -18.64
N ARG K 189 -37.88 35.31 -18.82
CA ARG K 189 -37.12 35.88 -19.93
C ARG K 189 -35.61 35.66 -19.79
N GLN K 190 -35.09 35.37 -18.60
CA GLN K 190 -33.70 34.93 -18.47
C GLN K 190 -33.52 33.50 -18.98
N ALA K 191 -34.38 32.60 -18.54
CA ALA K 191 -34.35 31.23 -19.07
C ALA K 191 -34.61 31.20 -20.57
N ALA K 192 -35.56 32.01 -21.06
CA ALA K 192 -35.89 31.94 -22.49
C ALA K 192 -34.77 32.50 -23.37
N ASP K 193 -34.04 33.50 -22.88
CA ASP K 193 -32.94 34.12 -23.63
C ASP K 193 -33.47 34.57 -24.99
N PHE K 194 -32.72 34.39 -26.08
CA PHE K 194 -33.11 34.91 -27.38
C PHE K 194 -33.85 33.89 -28.25
N ALA K 195 -33.85 32.61 -27.90
CA ALA K 195 -34.42 31.61 -28.81
C ALA K 195 -35.89 31.31 -28.53
N LEU K 196 -36.32 31.39 -27.28
CA LEU K 196 -37.67 31.05 -26.88
C LEU K 196 -38.46 32.31 -26.60
N LYS K 197 -39.76 32.26 -26.85
CA LYS K 197 -40.62 33.36 -26.46
C LYS K 197 -41.12 33.16 -25.03
N VAL K 198 -41.66 34.22 -24.44
CA VAL K 198 -42.29 34.11 -23.14
C VAL K 198 -43.75 34.52 -23.25
N GLU K 199 -44.63 33.65 -22.74
CA GLU K 199 -46.07 33.87 -22.67
C GLU K 199 -46.51 33.72 -21.22
N VAL K 200 -47.41 34.60 -20.78
CA VAL K 200 -47.79 34.75 -19.39
C VAL K 200 -49.31 34.65 -19.29
N GLU K 201 -49.80 33.70 -18.49
CA GLU K 201 -51.23 33.56 -18.25
C GLU K 201 -51.70 34.61 -17.24
N CYS K 202 -52.68 35.44 -17.64
CA CYS K 202 -53.09 36.60 -16.85
C CYS K 202 -54.59 36.57 -16.63
N SER K 203 -55.01 36.68 -15.37
CA SER K 203 -56.43 36.61 -15.05
C SER K 203 -57.03 37.96 -14.72
N SER K 204 -56.29 39.06 -14.94
CA SER K 204 -56.78 40.40 -14.66
C SER K 204 -56.02 41.38 -15.55
N LEU K 205 -56.54 42.61 -15.61
CA LEU K 205 -55.87 43.65 -16.39
C LEU K 205 -54.55 44.07 -15.76
N GLN K 206 -54.43 43.99 -14.43
CA GLN K 206 -53.21 44.37 -13.76
C GLN K 206 -52.07 43.40 -14.10
N GLU K 207 -52.33 42.09 -13.98
CA GLU K 207 -51.33 41.09 -14.35
C GLU K 207 -50.87 41.27 -15.78
N ALA K 208 -51.83 41.46 -16.70
CA ALA K 208 -51.48 41.58 -18.11
C ALA K 208 -50.57 42.79 -18.36
N VAL K 209 -50.82 43.92 -17.69
CA VAL K 209 -49.95 45.08 -17.83
C VAL K 209 -48.59 44.80 -17.22
N GLN K 210 -48.56 44.20 -16.02
CA GLN K 210 -47.29 43.83 -15.40
C GLN K 210 -46.49 42.91 -16.31
N ALA K 211 -47.16 41.91 -16.89
CA ALA K 211 -46.45 40.96 -17.75
C ALA K 211 -45.90 41.64 -19.00
N ALA K 212 -46.70 42.52 -19.63
CA ALA K 212 -46.24 43.19 -20.82
C ALA K 212 -45.11 44.17 -20.51
N GLU K 213 -45.14 44.80 -19.33
CA GLU K 213 -44.07 45.74 -18.97
C GLU K 213 -42.75 45.00 -18.81
N ALA K 214 -42.80 43.78 -18.30
CA ALA K 214 -41.61 43.03 -17.97
C ALA K 214 -41.08 42.19 -19.14
N GLY K 215 -41.60 42.38 -20.35
CA GLY K 215 -41.02 41.82 -21.54
C GLY K 215 -41.68 40.58 -22.12
N ALA K 216 -42.95 40.34 -21.82
CA ALA K 216 -43.63 39.16 -22.37
C ALA K 216 -43.90 39.34 -23.86
N ASP K 217 -43.71 38.25 -24.63
CA ASP K 217 -44.10 38.29 -26.04
C ASP K 217 -45.61 38.12 -26.20
N LEU K 218 -46.18 37.15 -25.49
CA LEU K 218 -47.61 36.91 -25.52
C LEU K 218 -48.19 37.10 -24.14
N VAL K 219 -49.40 37.62 -24.09
CA VAL K 219 -50.20 37.65 -22.86
C VAL K 219 -51.45 36.82 -23.10
N LEU K 220 -51.65 35.82 -22.26
CA LEU K 220 -52.82 34.96 -22.34
C LEU K 220 -53.84 35.47 -21.32
N LEU K 221 -54.98 35.94 -21.81
CA LEU K 221 -56.03 36.46 -20.95
C LEU K 221 -56.95 35.28 -20.62
N ASP K 222 -56.89 34.84 -19.36
CA ASP K 222 -57.41 33.55 -18.96
C ASP K 222 -58.74 33.73 -18.23
N ASN K 223 -59.76 33.01 -18.70
CA ASN K 223 -61.10 32.95 -18.08
C ASN K 223 -61.76 34.32 -17.94
N PHE K 224 -61.56 35.17 -18.93
CA PHE K 224 -62.35 36.39 -19.01
C PHE K 224 -63.74 36.08 -19.58
N LYS K 225 -64.74 36.79 -19.07
CA LYS K 225 -65.99 36.92 -19.80
C LYS K 225 -65.74 37.65 -21.11
N PRO K 226 -66.45 37.29 -22.17
CA PRO K 226 -66.24 37.99 -23.46
C PRO K 226 -66.38 39.50 -23.36
N GLU K 227 -67.32 40.01 -22.55
CA GLU K 227 -67.48 41.46 -22.45
C GLU K 227 -66.29 42.11 -21.75
N GLU K 228 -65.63 41.40 -20.83
CA GLU K 228 -64.42 41.97 -20.21
C GLU K 228 -63.18 41.71 -21.05
N LEU K 229 -63.20 40.64 -21.86
CA LEU K 229 -62.00 40.26 -22.61
C LEU K 229 -61.63 41.31 -23.64
N HIS K 230 -62.61 41.80 -24.39
CA HIS K 230 -62.28 42.63 -25.55
C HIS K 230 -61.78 44.03 -25.19
N PRO K 231 -62.38 44.73 -24.20
CA PRO K 231 -61.76 46.00 -23.78
C PRO K 231 -60.35 45.80 -23.25
N THR K 232 -60.14 44.75 -22.45
CA THR K 232 -58.79 44.47 -21.94
C THR K 232 -57.81 44.32 -23.09
N ALA K 233 -58.14 43.46 -24.06
CA ALA K 233 -57.24 43.24 -25.19
C ALA K 233 -56.99 44.53 -25.94
N THR K 234 -58.01 45.37 -26.03
CA THR K 234 -57.88 46.65 -26.74
C THR K 234 -56.90 47.58 -26.02
N VAL K 235 -57.10 47.79 -24.71
CA VAL K 235 -56.21 48.70 -23.98
C VAL K 235 -54.78 48.17 -23.99
N LEU K 236 -54.59 46.85 -23.94
CA LEU K 236 -53.25 46.28 -24.00
C LEU K 236 -52.57 46.58 -25.32
N LYS K 237 -53.28 46.34 -26.42
CA LYS K 237 -52.72 46.65 -27.74
C LYS K 237 -52.37 48.13 -27.86
N ALA K 238 -53.16 49.01 -27.25
CA ALA K 238 -52.86 50.44 -27.32
C ALA K 238 -51.56 50.76 -26.61
N GLN K 239 -51.38 50.23 -25.39
CA GLN K 239 -50.18 50.52 -24.60
C GLN K 239 -48.97 49.68 -25.02
N PHE K 240 -49.19 48.44 -25.47
CA PHE K 240 -48.10 47.53 -25.84
C PHE K 240 -48.41 46.93 -27.21
N PRO K 241 -48.15 47.65 -28.29
CA PRO K 241 -48.62 47.18 -29.61
C PRO K 241 -47.86 45.95 -30.12
N SER K 242 -46.63 45.73 -29.68
CA SER K 242 -45.85 44.61 -30.16
C SER K 242 -46.23 43.28 -29.50
N VAL K 243 -47.12 43.31 -28.51
CA VAL K 243 -47.46 42.13 -27.72
C VAL K 243 -48.67 41.44 -28.34
N ALA K 244 -48.53 40.14 -28.64
CA ALA K 244 -49.66 39.33 -29.07
C ALA K 244 -50.53 38.93 -27.88
N VAL K 245 -51.84 38.94 -28.09
CA VAL K 245 -52.82 38.62 -27.05
C VAL K 245 -53.48 37.30 -27.40
N GLU K 246 -53.52 36.39 -26.44
CA GLU K 246 -54.24 35.13 -26.59
C GLU K 246 -55.34 35.06 -25.54
N ALA K 247 -56.52 34.59 -25.96
CA ALA K 247 -57.63 34.35 -25.06
C ALA K 247 -57.81 32.84 -24.90
N SER K 248 -58.26 32.42 -23.73
CA SER K 248 -58.37 31.00 -23.42
C SER K 248 -59.13 30.84 -22.12
N GLY K 249 -59.82 29.70 -22.01
CA GLY K 249 -60.57 29.39 -20.82
C GLY K 249 -62.05 29.24 -21.12
N GLY K 250 -62.56 28.01 -21.11
CA GLY K 250 -63.96 27.76 -21.31
C GLY K 250 -64.49 28.11 -22.70
N ILE K 251 -63.60 28.28 -23.67
CA ILE K 251 -64.02 28.64 -25.01
C ILE K 251 -64.39 27.35 -25.76
N THR K 252 -65.63 27.28 -26.23
CA THR K 252 -66.23 26.11 -26.87
C THR K 252 -66.63 26.49 -28.30
N LEU K 253 -67.08 25.49 -29.08
CA LEU K 253 -67.48 25.82 -30.45
C LEU K 253 -68.71 26.69 -30.48
N ASP K 254 -69.60 26.57 -29.50
CA ASP K 254 -70.79 27.41 -29.52
C ASP K 254 -70.46 28.86 -29.14
N ASN K 255 -69.61 29.06 -28.12
CA ASN K 255 -69.35 30.43 -27.68
C ASN K 255 -68.15 31.07 -28.38
N LEU K 256 -67.50 30.35 -29.30
CA LEU K 256 -66.27 30.87 -29.90
C LEU K 256 -66.47 32.21 -30.61
N PRO K 257 -67.55 32.47 -31.37
CA PRO K 257 -67.66 33.80 -32.00
C PRO K 257 -67.67 34.97 -31.02
N GLN K 258 -68.16 34.76 -29.79
CA GLN K 258 -68.14 35.84 -28.80
C GLN K 258 -66.72 36.23 -28.41
N PHE K 259 -65.77 35.28 -28.42
CA PHE K 259 -64.41 35.58 -28.04
C PHE K 259 -63.59 36.13 -29.19
N CYS K 260 -64.09 36.05 -30.42
CA CYS K 260 -63.37 36.61 -31.55
C CYS K 260 -63.39 38.13 -31.49
N GLY K 261 -62.28 38.73 -31.86
CA GLY K 261 -62.15 40.15 -31.75
C GLY K 261 -60.89 40.63 -32.42
N PRO K 262 -60.91 41.86 -32.93
CA PRO K 262 -59.77 42.35 -33.72
C PRO K 262 -58.50 42.52 -32.92
N HIS K 263 -58.54 42.42 -31.60
CA HIS K 263 -57.33 42.56 -30.79
C HIS K 263 -56.93 41.25 -30.12
N ILE K 264 -57.53 40.14 -30.52
CA ILE K 264 -57.13 38.80 -30.11
C ILE K 264 -56.38 38.17 -31.27
N ASP K 265 -55.14 37.74 -31.03
CA ASP K 265 -54.36 37.10 -32.09
C ASP K 265 -54.48 35.58 -32.08
N VAL K 266 -54.76 34.99 -30.92
CA VAL K 266 -54.79 33.54 -30.76
C VAL K 266 -55.95 33.21 -29.82
N ILE K 267 -56.67 32.15 -30.13
CA ILE K 267 -57.73 31.64 -29.27
C ILE K 267 -57.46 30.15 -29.10
N SER K 268 -57.36 29.70 -27.86
CA SER K 268 -57.00 28.31 -27.60
C SER K 268 -58.09 27.61 -26.80
N MET K 269 -58.37 26.36 -27.17
CA MET K 269 -59.49 25.59 -26.64
C MET K 269 -59.00 24.21 -26.23
N GLY K 270 -59.00 23.92 -24.93
CA GLY K 270 -58.76 22.54 -24.51
C GLY K 270 -59.74 21.56 -25.08
N MET K 271 -60.94 22.05 -25.42
CA MET K 271 -62.04 21.25 -25.96
C MET K 271 -61.64 20.45 -27.20
N LEU K 272 -60.75 20.98 -28.04
CA LEU K 272 -60.40 20.32 -29.31
C LEU K 272 -59.70 18.97 -29.12
N THR K 273 -59.12 18.74 -27.94
CA THR K 273 -58.43 17.49 -27.63
C THR K 273 -59.05 16.75 -26.46
N GLN K 274 -59.81 17.42 -25.60
CA GLN K 274 -60.45 16.79 -24.46
C GLN K 274 -61.93 16.53 -24.66
N ALA K 275 -62.56 17.11 -25.67
CA ALA K 275 -63.98 16.87 -25.84
C ALA K 275 -64.36 16.69 -27.31
N ALA K 276 -63.41 16.29 -28.15
CA ALA K 276 -63.70 16.02 -29.55
C ALA K 276 -64.02 14.53 -29.71
N PRO K 277 -65.26 14.15 -29.97
CA PRO K 277 -65.58 12.72 -30.10
C PRO K 277 -64.93 12.11 -31.35
N ALA K 278 -64.57 10.84 -31.24
CA ALA K 278 -63.89 10.15 -32.33
C ALA K 278 -64.87 9.87 -33.47
N LEU K 279 -64.40 10.08 -34.71
CA LEU K 279 -65.18 9.70 -35.89
C LEU K 279 -65.40 8.19 -35.94
N ASP K 280 -66.44 7.77 -36.66
CA ASP K 280 -66.78 6.36 -36.83
C ASP K 280 -66.20 5.86 -38.15
N PHE K 281 -65.27 4.93 -38.08
CA PHE K 281 -64.72 4.23 -39.23
C PHE K 281 -64.88 2.73 -39.01
N SER K 282 -64.85 1.97 -40.10
CA SER K 282 -64.77 0.52 -40.00
C SER K 282 -63.88 -0.02 -41.11
N LEU K 283 -63.46 -1.27 -40.96
CA LEU K 283 -62.61 -1.93 -41.95
C LEU K 283 -63.19 -3.31 -42.23
N LYS K 284 -63.67 -3.54 -43.46
CA LYS K 284 -64.38 -4.76 -43.81
C LYS K 284 -63.66 -5.50 -44.94
N LEU K 285 -63.30 -6.75 -44.67
CA LEU K 285 -62.80 -7.64 -45.72
C LEU K 285 -63.85 -7.84 -46.80
N PHE K 286 -63.40 -7.90 -48.05
CA PHE K 286 -64.30 -8.16 -49.16
C PHE K 286 -63.65 -9.12 -50.14
N ALA K 287 -64.49 -9.77 -50.95
CA ALA K 287 -64.02 -10.68 -51.97
C ALA K 287 -63.70 -9.93 -53.26
N LYS K 288 -62.55 -10.23 -53.85
CA LYS K 288 -62.16 -9.61 -55.11
C LYS K 288 -63.02 -10.14 -56.25
N GLU K 289 -63.64 -9.24 -57.00
CA GLU K 289 -64.53 -9.63 -58.11
C GLU K 289 -65.62 -10.60 -57.65
N MET L 1 -67.20 -4.89 -6.13
CA MET L 1 -68.12 -3.87 -5.61
C MET L 1 -67.42 -2.97 -4.60
N ASP L 2 -66.19 -2.56 -4.91
CA ASP L 2 -65.41 -1.68 -4.02
C ASP L 2 -64.28 -1.06 -4.85
N ALA L 3 -64.42 0.22 -5.18
CA ALA L 3 -63.48 0.83 -6.13
C ALA L 3 -62.13 1.15 -5.50
N GLU L 4 -62.02 1.12 -4.17
CA GLU L 4 -60.72 1.41 -3.56
C GLU L 4 -59.71 0.30 -3.79
N GLY L 5 -60.17 -0.95 -3.83
CA GLY L 5 -59.31 -2.09 -4.05
C GLY L 5 -58.96 -2.39 -5.48
N LEU L 6 -59.55 -1.68 -6.44
CA LEU L 6 -59.18 -1.90 -7.83
C LEU L 6 -57.70 -1.58 -8.10
N ALA L 7 -57.09 -0.72 -7.28
CA ALA L 7 -55.69 -0.35 -7.54
C ALA L 7 -54.77 -1.56 -7.48
N LEU L 8 -55.11 -2.57 -6.68
CA LEU L 8 -54.31 -3.79 -6.64
C LEU L 8 -54.13 -4.42 -8.03
N LEU L 9 -55.02 -4.12 -8.98
CA LEU L 9 -54.94 -4.71 -10.32
C LEU L 9 -53.76 -4.19 -11.14
N LEU L 10 -53.19 -3.06 -10.76
CA LEU L 10 -52.16 -2.43 -11.58
C LEU L 10 -50.79 -2.96 -11.20
N PRO L 11 -50.09 -3.67 -12.08
CA PRO L 11 -48.73 -4.17 -11.74
C PRO L 11 -47.76 -3.01 -11.57
N PRO L 12 -47.05 -2.95 -10.43
CA PRO L 12 -46.24 -1.73 -10.15
C PRO L 12 -45.17 -1.43 -11.17
N VAL L 13 -44.64 -2.45 -11.85
CA VAL L 13 -43.56 -2.22 -12.82
C VAL L 13 -44.10 -1.58 -14.09
N THR L 14 -45.30 -1.95 -14.51
CA THR L 14 -45.92 -1.31 -15.67
C THR L 14 -46.28 0.15 -15.39
N LEU L 15 -46.71 0.46 -14.16
CA LEU L 15 -47.05 1.83 -13.78
C LEU L 15 -45.86 2.77 -13.92
N ALA L 16 -44.72 2.38 -13.36
CA ALA L 16 -43.58 3.29 -13.32
C ALA L 16 -43.06 3.57 -14.73
N ALA L 17 -43.04 2.56 -15.59
CA ALA L 17 -42.56 2.78 -16.95
C ALA L 17 -43.49 3.72 -17.71
N LEU L 18 -44.79 3.43 -17.68
CA LEU L 18 -45.80 4.27 -18.31
C LEU L 18 -45.67 5.74 -17.87
N VAL L 19 -45.62 5.96 -16.56
CA VAL L 19 -45.52 7.31 -16.04
C VAL L 19 -44.24 7.99 -16.52
N ASP L 20 -43.11 7.26 -16.49
CA ASP L 20 -41.85 7.83 -16.98
C ASP L 20 -42.00 8.31 -18.42
N SER L 21 -42.59 7.49 -19.28
CA SER L 21 -42.77 7.89 -20.67
C SER L 21 -43.73 9.08 -20.82
N TRP L 22 -44.73 9.20 -19.96
CA TRP L 22 -45.59 10.38 -20.04
C TRP L 22 -44.82 11.65 -19.66
N LEU L 23 -44.00 11.56 -18.61
CA LEU L 23 -43.22 12.72 -18.21
C LEU L 23 -42.16 13.08 -19.25
N ARG L 24 -41.58 12.07 -19.92
CA ARG L 24 -40.61 12.37 -20.95
C ARG L 24 -41.25 13.04 -22.14
N GLU L 25 -42.47 12.63 -22.51
CA GLU L 25 -43.14 13.21 -23.66
C GLU L 25 -43.46 14.69 -23.43
N ASP L 26 -43.90 15.05 -22.23
CA ASP L 26 -44.20 16.44 -21.94
C ASP L 26 -42.94 17.28 -21.71
N CYS L 27 -41.83 16.68 -21.28
CA CYS L 27 -40.58 17.43 -21.13
C CYS L 27 -39.38 16.64 -21.62
N PRO L 28 -39.09 16.71 -22.93
CA PRO L 28 -38.01 15.87 -23.48
C PRO L 28 -36.61 16.39 -23.20
N GLY L 29 -36.42 17.64 -22.78
CA GLY L 29 -35.08 18.19 -22.66
C GLY L 29 -34.83 18.97 -21.40
N LEU L 30 -34.45 20.24 -21.55
CA LEU L 30 -34.40 21.16 -20.42
C LEU L 30 -35.79 21.66 -20.03
N ASN L 31 -36.04 21.76 -18.73
CA ASN L 31 -37.29 22.30 -18.18
C ASN L 31 -37.06 23.75 -17.72
N TYR L 32 -37.14 24.68 -18.66
CA TYR L 32 -36.80 26.07 -18.37
C TYR L 32 -37.71 26.69 -17.31
N ALA L 33 -38.94 26.20 -17.21
CA ALA L 33 -39.87 26.81 -16.27
C ALA L 33 -39.46 26.54 -14.82
N ALA L 34 -38.63 25.53 -14.56
CA ALA L 34 -38.19 25.27 -13.20
C ALA L 34 -37.48 26.48 -12.61
N LEU L 35 -36.80 27.27 -13.45
CA LEU L 35 -36.08 28.43 -12.94
C LEU L 35 -37.04 29.55 -12.53
N VAL L 36 -38.20 29.65 -13.17
CA VAL L 36 -39.19 30.65 -12.80
C VAL L 36 -39.76 30.37 -11.41
N SER L 37 -39.94 29.09 -11.07
CA SER L 37 -40.62 28.77 -9.82
C SER L 37 -39.65 28.50 -8.67
N GLY L 38 -38.44 28.02 -8.96
CA GLY L 38 -37.56 27.54 -7.92
C GLY L 38 -37.99 26.18 -7.37
N ALA L 39 -37.40 25.82 -6.23
CA ALA L 39 -37.53 24.47 -5.69
C ALA L 39 -38.00 24.45 -4.24
N GLY L 40 -38.46 25.57 -3.71
CA GLY L 40 -38.92 25.62 -2.34
C GLY L 40 -40.11 24.71 -2.08
N PRO L 41 -40.13 24.10 -0.89
CA PRO L 41 -41.30 23.30 -0.47
C PRO L 41 -42.59 24.07 -0.68
N SER L 42 -43.64 23.36 -1.07
CA SER L 42 -44.92 24.01 -1.31
C SER L 42 -46.02 22.96 -1.33
N GLN L 43 -47.23 23.42 -1.60
CA GLN L 43 -48.42 22.59 -1.55
C GLN L 43 -49.40 23.11 -2.58
N ALA L 44 -50.08 22.19 -3.24
CA ALA L 44 -51.12 22.54 -4.20
C ALA L 44 -52.42 21.91 -3.72
N ALA L 45 -53.53 22.45 -4.17
CA ALA L 45 -54.83 21.82 -3.96
C ALA L 45 -55.30 21.27 -5.29
N LEU L 46 -55.93 20.09 -5.26
CA LEU L 46 -56.65 19.58 -6.42
C LEU L 46 -58.11 19.99 -6.33
N TRP L 47 -58.65 20.54 -7.41
CA TRP L 47 -60.03 20.99 -7.44
C TRP L 47 -60.78 20.25 -8.52
N ALA L 48 -61.85 19.56 -8.13
CA ALA L 48 -62.82 19.01 -9.07
C ALA L 48 -63.83 20.11 -9.41
N LYS L 49 -63.94 20.45 -10.71
CA LYS L 49 -64.89 21.44 -11.20
C LYS L 49 -65.96 20.84 -12.11
N SER L 50 -66.10 19.51 -12.10
CA SER L 50 -67.02 18.81 -12.95
C SER L 50 -67.71 17.77 -12.08
N PRO L 51 -68.99 17.54 -12.28
CA PRO L 51 -69.62 16.38 -11.66
C PRO L 51 -69.15 15.10 -12.33
N GLY L 52 -69.16 14.02 -11.57
CA GLY L 52 -68.80 12.74 -12.11
C GLY L 52 -68.22 11.87 -11.01
N VAL L 53 -67.45 10.87 -11.44
CA VAL L 53 -66.82 9.90 -10.54
C VAL L 53 -65.32 10.10 -10.59
N LEU L 54 -64.68 10.05 -9.42
CA LEU L 54 -63.24 10.24 -9.31
C LEU L 54 -62.53 8.91 -9.55
N ALA L 55 -61.67 8.86 -10.58
CA ALA L 55 -60.91 7.65 -10.91
C ALA L 55 -59.52 8.02 -11.41
N GLY L 56 -58.51 7.31 -10.93
CA GLY L 56 -57.16 7.53 -11.42
C GLY L 56 -56.17 7.88 -10.33
N GLN L 57 -56.54 7.76 -9.06
CA GLN L 57 -55.60 8.05 -7.99
C GLN L 57 -54.29 7.29 -8.11
N PRO L 58 -54.25 5.98 -8.39
CA PRO L 58 -52.93 5.33 -8.52
C PRO L 58 -52.06 5.94 -9.60
N PHE L 59 -52.63 6.35 -10.74
CA PHE L 59 -51.81 6.96 -11.76
C PHE L 59 -51.31 8.32 -11.31
N PHE L 60 -52.23 9.16 -10.82
CA PHE L 60 -51.89 10.47 -10.25
C PHE L 60 -50.81 10.34 -9.18
N ASP L 61 -50.99 9.42 -8.22
CA ASP L 61 -50.00 9.20 -7.18
C ASP L 61 -48.65 8.81 -7.76
N ALA L 62 -48.65 7.86 -8.70
CA ALA L 62 -47.40 7.39 -9.28
C ALA L 62 -46.64 8.52 -9.94
N ILE L 63 -47.34 9.40 -10.67
CA ILE L 63 -46.66 10.51 -11.34
C ILE L 63 -45.91 11.36 -10.34
N PHE L 64 -46.55 11.67 -9.21
CA PHE L 64 -45.91 12.56 -8.26
C PHE L 64 -44.88 11.84 -7.39
N THR L 65 -45.01 10.52 -7.22
CA THR L 65 -43.95 9.77 -6.55
C THR L 65 -42.64 9.82 -7.33
N GLN L 66 -42.70 9.66 -8.67
CA GLN L 66 -41.50 9.85 -9.49
C GLN L 66 -40.88 11.24 -9.33
N LEU L 67 -41.66 12.22 -8.87
CA LEU L 67 -41.16 13.58 -8.73
C LEU L 67 -41.01 13.97 -7.26
N ASN L 68 -40.88 12.99 -6.38
CA ASN L 68 -40.63 13.23 -4.95
C ASN L 68 -41.63 14.19 -4.34
N CYS L 69 -42.88 14.06 -4.75
CA CYS L 69 -44.00 14.78 -4.16
C CYS L 69 -44.91 13.77 -3.49
N GLN L 70 -45.68 14.24 -2.51
CA GLN L 70 -46.63 13.41 -1.79
C GLN L 70 -48.05 13.92 -2.03
N VAL L 71 -49.02 13.02 -1.92
CA VAL L 71 -50.42 13.32 -2.18
C VAL L 71 -51.26 12.84 -1.00
N SER L 72 -52.15 13.69 -0.50
CA SER L 72 -53.16 13.31 0.47
C SER L 72 -54.53 13.47 -0.19
N TRP L 73 -55.31 12.41 -0.19
CA TRP L 73 -56.65 12.46 -0.79
C TRP L 73 -57.71 12.72 0.28
N PHE L 74 -58.73 13.48 -0.10
CA PHE L 74 -59.85 13.79 0.77
C PHE L 74 -61.11 13.04 0.39
N LEU L 75 -61.06 12.24 -0.67
CA LEU L 75 -62.18 11.49 -1.19
C LEU L 75 -61.56 10.18 -1.65
N PRO L 76 -62.15 9.03 -1.30
CA PRO L 76 -61.66 7.75 -1.82
C PRO L 76 -61.85 7.66 -3.33
N GLU L 77 -61.12 6.71 -3.91
CA GLU L 77 -61.27 6.38 -5.32
C GLU L 77 -62.71 5.94 -5.60
N GLY L 78 -63.31 6.55 -6.60
CA GLY L 78 -64.67 6.21 -6.98
C GLY L 78 -65.73 7.15 -6.44
N SER L 79 -65.35 8.09 -5.57
CA SER L 79 -66.29 9.04 -4.99
C SER L 79 -67.03 9.83 -6.05
N LYS L 80 -68.25 10.24 -5.71
CA LYS L 80 -68.97 11.20 -6.54
C LYS L 80 -68.35 12.58 -6.35
N LEU L 81 -68.12 13.26 -7.46
CA LEU L 81 -67.58 14.61 -7.41
C LEU L 81 -68.74 15.58 -7.46
N VAL L 82 -68.86 16.40 -6.42
CA VAL L 82 -69.85 17.46 -6.41
C VAL L 82 -69.06 18.76 -6.46
N PRO L 83 -68.93 19.41 -7.63
CA PRO L 83 -68.10 20.61 -7.81
C PRO L 83 -68.66 21.77 -7.01
N VAL L 84 -67.84 22.70 -6.55
CA VAL L 84 -66.40 22.69 -6.70
C VAL L 84 -65.75 22.11 -5.44
N ALA L 85 -65.25 20.87 -5.52
CA ALA L 85 -64.75 20.16 -4.35
C ALA L 85 -63.22 20.16 -4.29
N ARG L 86 -62.69 20.25 -3.07
CA ARG L 86 -61.26 20.13 -2.79
C ARG L 86 -60.97 18.65 -2.57
N VAL L 87 -60.37 17.99 -3.56
CA VAL L 87 -60.29 16.53 -3.49
C VAL L 87 -58.92 16.02 -3.03
N ALA L 88 -57.87 16.84 -3.08
CA ALA L 88 -56.58 16.37 -2.60
C ALA L 88 -55.66 17.55 -2.34
N GLU L 89 -54.54 17.25 -1.68
CA GLU L 89 -53.41 18.15 -1.51
C GLU L 89 -52.15 17.45 -2.01
N VAL L 90 -51.31 18.17 -2.76
CA VAL L 90 -50.03 17.66 -3.25
C VAL L 90 -48.92 18.53 -2.68
N ARG L 91 -47.86 17.89 -2.16
CA ARG L 91 -46.77 18.58 -1.46
C ARG L 91 -45.44 18.16 -2.07
N GLY L 92 -44.54 19.13 -2.22
CA GLY L 92 -43.22 18.88 -2.76
C GLY L 92 -42.55 20.14 -3.27
N PRO L 93 -41.33 20.00 -3.82
CA PRO L 93 -40.64 21.17 -4.38
C PRO L 93 -41.47 21.81 -5.48
N ALA L 94 -41.43 23.14 -5.55
CA ALA L 94 -42.31 23.87 -6.46
C ALA L 94 -42.15 23.38 -7.91
N HIS L 95 -40.91 23.29 -8.38
CA HIS L 95 -40.73 22.95 -9.79
C HIS L 95 -41.21 21.53 -10.07
N CYS L 96 -41.13 20.63 -9.07
CA CYS L 96 -41.58 19.25 -9.26
C CYS L 96 -43.10 19.16 -9.25
N LEU L 97 -43.77 19.96 -8.44
CA LEU L 97 -45.22 20.05 -8.51
C LEU L 97 -45.65 20.53 -9.90
N LEU L 98 -44.99 21.55 -10.43
CA LEU L 98 -45.44 22.13 -11.68
C LEU L 98 -45.01 21.32 -12.89
N LEU L 99 -44.02 20.44 -12.75
CA LEU L 99 -43.62 19.52 -13.81
C LEU L 99 -44.63 18.39 -13.98
N GLY L 100 -45.23 17.94 -12.88
CA GLY L 100 -46.16 16.83 -12.89
C GLY L 100 -47.59 17.27 -13.16
N GLU L 101 -47.84 18.57 -13.02
CA GLU L 101 -49.22 19.06 -12.95
C GLU L 101 -50.02 18.70 -14.21
N ARG L 102 -49.50 19.04 -15.39
CA ARG L 102 -50.27 18.82 -16.60
C ARG L 102 -50.46 17.32 -16.88
N VAL L 103 -49.43 16.50 -16.65
CA VAL L 103 -49.57 15.07 -16.95
C VAL L 103 -50.51 14.41 -15.94
N ALA L 104 -50.48 14.87 -14.69
CA ALA L 104 -51.35 14.30 -13.67
C ALA L 104 -52.80 14.71 -13.89
N LEU L 105 -53.04 15.97 -14.26
CA LEU L 105 -54.41 16.40 -14.54
C LEU L 105 -54.93 15.73 -15.81
N ASN L 106 -54.06 15.61 -16.83
CA ASN L 106 -54.50 15.00 -18.08
C ASN L 106 -54.97 13.55 -17.85
N THR L 107 -54.22 12.78 -17.06
CA THR L 107 -54.57 11.40 -16.78
C THR L 107 -55.83 11.30 -15.92
N LEU L 108 -55.92 12.14 -14.88
CA LEU L 108 -57.06 12.10 -13.99
C LEU L 108 -58.32 12.54 -14.71
N ALA L 109 -58.20 13.56 -15.56
CA ALA L 109 -59.36 14.07 -16.29
C ALA L 109 -59.97 12.99 -17.16
N ARG L 110 -59.12 12.22 -17.85
CA ARG L 110 -59.61 11.21 -18.78
C ARG L 110 -60.05 9.95 -18.05
N CYS L 111 -59.32 9.56 -17.01
CA CYS L 111 -59.72 8.39 -16.24
C CYS L 111 -61.03 8.64 -15.52
N SER L 112 -61.23 9.86 -15.00
CA SER L 112 -62.50 10.20 -14.35
C SER L 112 -63.62 10.40 -15.36
N GLY L 113 -63.32 11.01 -16.51
CA GLY L 113 -64.35 11.16 -17.53
C GLY L 113 -64.91 9.83 -17.99
N ILE L 114 -64.04 8.82 -18.10
CA ILE L 114 -64.47 7.49 -18.51
C ILE L 114 -65.25 6.81 -17.39
N ALA L 115 -64.73 6.88 -16.16
CA ALA L 115 -65.47 6.33 -15.04
C ALA L 115 -66.83 7.00 -14.91
N SER L 116 -66.94 8.28 -15.26
CA SER L 116 -68.21 8.99 -15.12
C SER L 116 -69.21 8.52 -16.17
N ALA L 117 -68.74 8.34 -17.41
CA ALA L 117 -69.58 7.73 -18.44
C ALA L 117 -69.99 6.31 -18.04
N ALA L 118 -69.05 5.52 -17.51
CA ALA L 118 -69.36 4.16 -17.11
C ALA L 118 -70.40 4.13 -16.00
N ALA L 119 -70.28 5.04 -15.03
CA ALA L 119 -71.23 5.04 -13.92
C ALA L 119 -72.61 5.47 -14.38
N ALA L 120 -72.68 6.46 -15.28
CA ALA L 120 -73.97 6.89 -15.79
C ALA L 120 -74.65 5.76 -16.56
N ALA L 121 -73.88 5.05 -17.39
CA ALA L 121 -74.44 3.93 -18.13
C ALA L 121 -74.94 2.86 -17.17
N VAL L 122 -74.14 2.53 -16.16
CA VAL L 122 -74.57 1.50 -15.22
C VAL L 122 -75.81 1.95 -14.47
N GLU L 123 -75.93 3.25 -14.17
CA GLU L 123 -77.11 3.74 -13.47
C GLU L 123 -78.35 3.68 -14.36
N ALA L 124 -78.22 4.09 -15.63
CA ALA L 124 -79.30 3.90 -16.59
C ALA L 124 -79.80 2.47 -16.59
N ALA L 125 -78.89 1.50 -16.50
CA ALA L 125 -79.30 0.12 -16.74
C ALA L 125 -80.03 -0.48 -15.54
N ARG L 126 -79.58 -0.18 -14.31
CA ARG L 126 -80.33 -0.66 -13.15
C ARG L 126 -81.66 0.08 -13.03
N GLY L 127 -81.71 1.34 -13.44
CA GLY L 127 -82.97 2.06 -13.47
C GLY L 127 -84.00 1.45 -14.41
N ALA L 128 -83.56 0.62 -15.35
CA ALA L 128 -84.47 -0.14 -16.19
C ALA L 128 -84.61 -1.58 -15.70
N GLY L 129 -84.12 -1.87 -14.50
CA GLY L 129 -84.24 -3.18 -13.89
C GLY L 129 -83.19 -4.19 -14.28
N TRP L 130 -82.18 -3.80 -15.05
CA TRP L 130 -81.25 -4.76 -15.64
C TRP L 130 -80.20 -5.24 -14.62
N THR L 131 -79.86 -6.53 -14.69
CA THR L 131 -78.88 -7.12 -13.80
C THR L 131 -77.56 -7.49 -14.48
N GLY L 132 -77.48 -7.40 -15.82
CA GLY L 132 -76.29 -7.82 -16.51
C GLY L 132 -75.16 -6.82 -16.36
N HIS L 133 -74.11 -7.07 -17.14
CA HIS L 133 -72.90 -6.26 -17.12
C HIS L 133 -72.88 -5.24 -18.25
N VAL L 134 -72.75 -3.96 -17.90
CA VAL L 134 -72.31 -2.92 -18.83
C VAL L 134 -70.79 -3.04 -19.00
N ALA L 135 -70.33 -3.05 -20.25
CA ALA L 135 -68.93 -3.36 -20.53
C ALA L 135 -68.34 -2.38 -21.53
N GLY L 136 -67.00 -2.32 -21.53
CA GLY L 136 -66.25 -1.57 -22.50
C GLY L 136 -65.73 -2.45 -23.63
N THR L 137 -64.86 -1.85 -24.45
CA THR L 137 -64.41 -2.46 -25.70
C THR L 137 -62.91 -2.27 -25.83
N ARG L 138 -62.38 -2.61 -27.01
CA ARG L 138 -61.00 -2.31 -27.37
C ARG L 138 -60.89 -1.03 -28.18
N LYS L 139 -61.91 -0.17 -28.13
CA LYS L 139 -61.85 1.15 -28.76
C LYS L 139 -61.24 2.12 -27.77
N THR L 140 -59.96 1.90 -27.50
CA THR L 140 -59.22 2.67 -26.52
C THR L 140 -58.17 3.50 -27.24
N THR L 141 -57.71 4.58 -26.58
CA THR L 141 -56.62 5.35 -27.14
C THR L 141 -55.35 4.51 -27.12
N PRO L 142 -54.70 4.30 -28.26
CA PRO L 142 -53.45 3.52 -28.28
C PRO L 142 -52.43 4.01 -27.27
N GLY L 143 -51.88 3.06 -26.49
CA GLY L 143 -50.92 3.37 -25.46
C GLY L 143 -51.51 3.82 -24.15
N PHE L 144 -52.81 4.02 -24.07
CA PHE L 144 -53.48 4.50 -22.86
C PHE L 144 -54.45 3.47 -22.31
N ARG L 145 -54.41 2.24 -22.82
CA ARG L 145 -55.43 1.24 -22.51
C ARG L 145 -55.56 1.02 -21.01
N LEU L 146 -54.42 0.94 -20.31
CA LEU L 146 -54.47 0.58 -18.88
C LEU L 146 -55.20 1.64 -18.07
N VAL L 147 -55.06 2.91 -18.44
CA VAL L 147 -55.81 3.93 -17.73
C VAL L 147 -57.30 3.81 -18.02
N GLU L 148 -57.66 3.59 -19.30
CA GLU L 148 -59.05 3.64 -19.74
C GLU L 148 -59.83 2.41 -19.30
N LYS L 149 -59.18 1.23 -19.30
CA LYS L 149 -59.86 0.03 -18.80
C LYS L 149 -60.02 0.10 -17.29
N TYR L 150 -59.03 0.62 -16.58
CA TYR L 150 -59.16 0.82 -15.15
C TYR L 150 -60.30 1.80 -14.84
N GLY L 151 -60.41 2.87 -15.63
CA GLY L 151 -61.52 3.81 -15.45
C GLY L 151 -62.88 3.16 -15.60
N LEU L 152 -63.04 2.29 -16.60
CA LEU L 152 -64.27 1.52 -16.72
C LEU L 152 -64.60 0.79 -15.42
N LEU L 153 -63.59 0.14 -14.82
CA LEU L 153 -63.85 -0.60 -13.58
C LEU L 153 -64.27 0.35 -12.45
N VAL L 154 -63.58 1.47 -12.30
CA VAL L 154 -63.90 2.37 -11.20
C VAL L 154 -65.35 2.81 -11.26
N GLY L 155 -65.86 3.08 -12.47
CA GLY L 155 -67.25 3.45 -12.65
C GLY L 155 -68.25 2.31 -12.67
N GLY L 156 -67.85 1.10 -12.32
CA GLY L 156 -68.80 0.02 -12.18
C GLY L 156 -69.05 -0.83 -13.41
N ALA L 157 -68.44 -0.49 -14.55
CA ALA L 157 -68.57 -1.29 -15.77
C ALA L 157 -67.55 -2.43 -15.80
N ALA L 158 -67.83 -3.45 -16.59
CA ALA L 158 -66.83 -4.50 -16.81
C ALA L 158 -65.88 -4.04 -17.90
N SER L 159 -64.61 -4.43 -17.77
CA SER L 159 -63.63 -3.98 -18.75
C SER L 159 -63.76 -4.69 -20.10
N HIS L 160 -64.41 -5.87 -20.14
CA HIS L 160 -64.34 -6.81 -21.26
C HIS L 160 -62.90 -7.31 -21.38
N ARG L 161 -62.58 -8.01 -22.47
CA ARG L 161 -61.23 -8.55 -22.62
C ARG L 161 -60.20 -7.43 -22.77
N TYR L 162 -59.05 -7.61 -22.14
CA TYR L 162 -58.09 -6.52 -22.06
C TYR L 162 -57.38 -6.28 -23.40
N ASP L 163 -57.12 -7.34 -24.15
CA ASP L 163 -56.43 -7.23 -25.43
C ASP L 163 -56.71 -8.49 -26.24
N LEU L 164 -55.90 -8.73 -27.28
CA LEU L 164 -56.16 -9.81 -28.23
C LEU L 164 -55.94 -11.17 -27.65
N GLY L 165 -55.73 -11.40 -26.35
CA GLY L 165 -56.20 -12.67 -25.87
C GLY L 165 -55.91 -13.24 -24.51
N GLY L 166 -56.78 -13.02 -23.54
CA GLY L 166 -58.13 -12.54 -23.76
C GLY L 166 -58.98 -13.62 -24.42
N LEU L 167 -60.29 -13.50 -24.36
CA LEU L 167 -61.09 -14.48 -25.07
C LEU L 167 -60.93 -14.28 -26.56
N VAL L 168 -60.93 -15.39 -27.28
CA VAL L 168 -60.91 -15.42 -28.74
C VAL L 168 -62.24 -14.92 -29.24
N MET L 169 -62.23 -13.81 -29.95
CA MET L 169 -63.46 -13.25 -30.48
C MET L 169 -63.38 -13.32 -32.00
N VAL L 170 -64.37 -13.97 -32.63
CA VAL L 170 -64.45 -14.02 -34.08
C VAL L 170 -65.42 -12.93 -34.54
N LYS L 171 -65.01 -12.14 -35.51
CA LYS L 171 -65.78 -11.00 -35.97
C LYS L 171 -66.24 -11.24 -37.40
N ASP L 172 -67.00 -10.28 -37.93
CA ASP L 172 -67.41 -10.36 -39.33
C ASP L 172 -66.22 -10.73 -40.21
N ASN L 173 -65.06 -10.09 -39.98
CA ASN L 173 -63.92 -10.24 -40.87
C ASN L 173 -63.29 -11.63 -40.79
N HIS L 174 -63.28 -12.23 -39.60
CA HIS L 174 -62.80 -13.61 -39.48
C HIS L 174 -63.71 -14.56 -40.25
N VAL L 175 -65.03 -14.36 -40.14
CA VAL L 175 -65.99 -15.23 -40.83
C VAL L 175 -65.82 -15.11 -42.33
N VAL L 176 -65.64 -13.88 -42.82
CA VAL L 176 -65.40 -13.69 -44.25
C VAL L 176 -64.13 -14.40 -44.69
N ALA L 177 -63.10 -14.39 -43.84
CA ALA L 177 -61.80 -14.94 -44.21
C ALA L 177 -61.75 -16.45 -44.04
N ALA L 178 -62.44 -16.96 -43.02
CA ALA L 178 -62.55 -18.41 -42.88
C ALA L 178 -63.49 -19.00 -43.94
N GLY L 179 -64.41 -18.18 -44.46
CA GLY L 179 -65.38 -18.65 -45.43
C GLY L 179 -66.58 -19.29 -44.77
N GLY L 180 -67.13 -18.64 -43.76
CA GLY L 180 -68.27 -19.18 -43.07
C GLY L 180 -68.16 -19.22 -41.56
N VAL L 181 -69.28 -18.94 -40.88
CA VAL L 181 -69.34 -18.95 -39.42
C VAL L 181 -68.85 -20.28 -38.86
N GLU L 182 -69.49 -21.38 -39.25
CA GLU L 182 -69.16 -22.68 -38.67
C GLU L 182 -67.66 -22.98 -38.76
N LYS L 183 -67.04 -22.72 -39.92
CA LYS L 183 -65.58 -22.88 -40.03
C LYS L 183 -64.86 -21.98 -39.03
N ALA L 184 -65.19 -20.68 -39.04
CA ALA L 184 -64.54 -19.73 -38.16
C ALA L 184 -64.62 -20.19 -36.71
N VAL L 185 -65.83 -20.49 -36.23
CA VAL L 185 -66.03 -20.83 -34.82
C VAL L 185 -65.27 -22.10 -34.44
N ARG L 186 -65.23 -23.07 -35.35
CA ARG L 186 -64.57 -24.34 -35.02
C ARG L 186 -63.06 -24.15 -34.93
N ALA L 187 -62.49 -23.31 -35.80
CA ALA L 187 -61.09 -22.93 -35.64
C ALA L 187 -60.89 -22.20 -34.31
N ALA L 188 -61.78 -21.24 -34.01
CA ALA L 188 -61.71 -20.51 -32.75
C ALA L 188 -61.62 -21.46 -31.55
N ARG L 189 -62.46 -22.49 -31.52
CA ARG L 189 -62.52 -23.50 -30.45
C ARG L 189 -61.25 -24.26 -30.33
N GLN L 190 -60.69 -24.64 -31.44
CA GLN L 190 -59.41 -25.34 -31.38
C GLN L 190 -58.31 -24.42 -30.85
N ALA L 191 -58.31 -23.15 -31.26
CA ALA L 191 -57.31 -22.22 -30.75
C ALA L 191 -57.48 -21.98 -29.25
N ALA L 192 -58.70 -21.80 -28.81
CA ALA L 192 -58.99 -21.64 -27.41
C ALA L 192 -58.83 -22.84 -26.53
N ASP L 193 -59.25 -23.97 -27.03
CA ASP L 193 -59.34 -25.17 -26.23
C ASP L 193 -59.98 -24.99 -24.85
N PHE L 194 -59.31 -25.42 -23.82
CA PHE L 194 -59.85 -25.30 -22.50
C PHE L 194 -59.57 -24.03 -21.68
N ALA L 195 -58.62 -23.21 -22.04
CA ALA L 195 -58.30 -22.07 -21.19
C ALA L 195 -59.06 -20.80 -21.55
N LEU L 196 -59.44 -20.63 -22.81
CA LEU L 196 -60.06 -19.41 -23.31
C LEU L 196 -61.51 -19.64 -23.70
N LYS L 197 -62.29 -18.56 -23.62
CA LYS L 197 -63.63 -18.51 -24.13
C LYS L 197 -63.63 -18.08 -25.59
N VAL L 198 -64.71 -18.42 -26.29
CA VAL L 198 -64.92 -18.02 -27.68
C VAL L 198 -66.18 -17.19 -27.74
N GLU L 199 -66.11 -16.02 -28.35
CA GLU L 199 -67.24 -15.14 -28.56
C GLU L 199 -67.36 -14.80 -30.04
N VAL L 200 -68.59 -14.79 -30.55
CA VAL L 200 -68.83 -14.65 -31.99
C VAL L 200 -69.73 -13.45 -32.23
N GLU L 201 -69.30 -12.55 -33.11
CA GLU L 201 -70.09 -11.39 -33.51
C GLU L 201 -71.04 -11.78 -34.63
N CYS L 202 -72.35 -11.63 -34.41
CA CYS L 202 -73.37 -12.05 -35.36
C CYS L 202 -74.21 -10.86 -35.83
N SER L 203 -74.48 -10.86 -37.12
CA SER L 203 -75.28 -9.80 -37.71
C SER L 203 -76.76 -10.11 -37.75
N SER L 204 -77.17 -11.38 -37.71
CA SER L 204 -78.59 -11.70 -37.71
C SER L 204 -78.85 -13.00 -36.98
N LEU L 205 -80.13 -13.41 -36.92
CA LEU L 205 -80.52 -14.51 -36.05
C LEU L 205 -79.86 -15.81 -36.48
N GLN L 206 -79.71 -16.00 -37.79
CA GLN L 206 -79.19 -17.25 -38.33
C GLN L 206 -77.77 -17.52 -37.82
N GLU L 207 -76.89 -16.52 -37.98
CA GLU L 207 -75.48 -16.64 -37.56
C GLU L 207 -75.36 -16.97 -36.08
N ALA L 208 -76.15 -16.29 -35.25
CA ALA L 208 -76.15 -16.54 -33.80
C ALA L 208 -76.46 -18.00 -33.49
N VAL L 209 -77.40 -18.59 -34.24
CA VAL L 209 -77.70 -20.01 -34.03
C VAL L 209 -76.55 -20.87 -34.54
N GLN L 210 -76.02 -20.55 -35.72
CA GLN L 210 -74.82 -21.24 -36.19
C GLN L 210 -73.70 -21.13 -35.16
N ALA L 211 -73.42 -19.91 -34.70
CA ALA L 211 -72.37 -19.70 -33.71
C ALA L 211 -72.59 -20.56 -32.47
N ALA L 212 -73.81 -20.56 -31.94
CA ALA L 212 -74.07 -21.29 -30.71
C ALA L 212 -73.93 -22.79 -30.92
N GLU L 213 -74.48 -23.30 -32.03
CA GLU L 213 -74.33 -24.71 -32.36
C GLU L 213 -72.87 -25.14 -32.35
N ALA L 214 -72.01 -24.35 -33.00
CA ALA L 214 -70.60 -24.68 -33.17
C ALA L 214 -69.78 -24.58 -31.88
N GLY L 215 -70.37 -24.09 -30.79
CA GLY L 215 -69.70 -24.10 -29.48
C GLY L 215 -69.30 -22.76 -28.85
N ALA L 216 -69.83 -21.65 -29.33
CA ALA L 216 -69.49 -20.34 -28.77
C ALA L 216 -69.96 -20.22 -27.32
N ASP L 217 -69.09 -19.71 -26.45
CA ASP L 217 -69.49 -19.37 -25.09
C ASP L 217 -70.35 -18.10 -25.05
N LEU L 218 -70.18 -17.24 -26.04
CA LEU L 218 -70.84 -15.95 -26.09
C LEU L 218 -71.15 -15.61 -27.54
N VAL L 219 -72.33 -15.04 -27.74
CA VAL L 219 -72.75 -14.55 -29.04
C VAL L 219 -72.97 -13.05 -28.89
N LEU L 220 -72.37 -12.27 -29.76
CA LEU L 220 -72.50 -10.83 -29.74
C LEU L 220 -73.45 -10.46 -30.87
N LEU L 221 -74.62 -9.94 -30.52
CA LEU L 221 -75.60 -9.49 -31.51
C LEU L 221 -75.25 -8.06 -31.88
N ASP L 222 -74.67 -7.88 -33.06
CA ASP L 222 -74.05 -6.62 -33.42
C ASP L 222 -74.98 -5.79 -34.29
N ASN L 223 -75.21 -4.53 -33.88
CA ASN L 223 -75.92 -3.54 -34.70
C ASN L 223 -77.41 -3.91 -34.87
N PHE L 224 -78.01 -4.57 -33.90
CA PHE L 224 -79.45 -4.79 -33.96
C PHE L 224 -80.16 -3.54 -33.47
N LYS L 225 -81.29 -3.23 -34.12
CA LYS L 225 -82.26 -2.35 -33.49
C LYS L 225 -82.88 -3.11 -32.31
N PRO L 226 -83.34 -2.38 -31.28
CA PRO L 226 -83.91 -3.07 -30.11
C PRO L 226 -85.12 -3.93 -30.43
N GLU L 227 -85.93 -3.57 -31.44
CA GLU L 227 -87.06 -4.43 -31.82
C GLU L 227 -86.58 -5.80 -32.28
N GLU L 228 -85.58 -5.84 -33.14
CA GLU L 228 -84.96 -7.09 -33.55
C GLU L 228 -84.36 -7.84 -32.36
N LEU L 229 -83.81 -7.10 -31.39
CA LEU L 229 -82.76 -7.65 -30.52
C LEU L 229 -83.35 -8.60 -29.48
N HIS L 230 -84.33 -8.14 -28.73
CA HIS L 230 -84.87 -8.92 -27.61
C HIS L 230 -85.64 -10.17 -28.06
N PRO L 231 -86.32 -10.18 -29.24
CA PRO L 231 -86.78 -11.46 -29.79
C PRO L 231 -85.64 -12.43 -29.99
N THR L 232 -84.75 -12.02 -30.90
CA THR L 232 -83.50 -12.71 -31.22
C THR L 232 -82.83 -13.33 -30.00
N ALA L 233 -82.72 -12.57 -28.91
CA ALA L 233 -82.04 -13.06 -27.72
C ALA L 233 -82.88 -14.09 -26.99
N THR L 234 -84.19 -13.83 -26.84
CA THR L 234 -85.03 -14.76 -26.10
C THR L 234 -85.21 -16.07 -26.85
N VAL L 235 -85.19 -16.02 -28.19
CA VAL L 235 -85.04 -17.23 -28.98
C VAL L 235 -83.79 -17.99 -28.57
N LEU L 236 -82.65 -17.30 -28.62
CA LEU L 236 -81.35 -17.95 -28.43
C LEU L 236 -81.25 -18.60 -27.06
N LYS L 237 -81.68 -17.88 -26.02
CA LYS L 237 -81.63 -18.46 -24.67
C LYS L 237 -82.59 -19.62 -24.52
N ALA L 238 -83.68 -19.62 -25.30
CA ALA L 238 -84.57 -20.77 -25.36
C ALA L 238 -83.84 -21.99 -25.88
N GLN L 239 -83.31 -21.91 -27.10
CA GLN L 239 -82.57 -23.03 -27.69
C GLN L 239 -81.27 -23.32 -26.94
N PHE L 240 -80.53 -22.28 -26.56
CA PHE L 240 -79.20 -22.43 -25.96
C PHE L 240 -79.23 -21.75 -24.60
N PRO L 241 -79.75 -22.43 -23.58
CA PRO L 241 -79.80 -21.82 -22.25
C PRO L 241 -78.42 -21.52 -21.70
N SER L 242 -77.39 -22.20 -22.18
CA SER L 242 -76.07 -22.20 -21.57
C SER L 242 -75.14 -21.14 -22.15
N VAL L 243 -75.58 -20.37 -23.15
CA VAL L 243 -74.72 -19.49 -23.93
C VAL L 243 -75.06 -18.04 -23.58
N ALA L 244 -74.04 -17.25 -23.26
CA ALA L 244 -74.27 -15.85 -22.89
C ALA L 244 -74.49 -14.97 -24.12
N VAL L 245 -75.30 -13.93 -23.96
CA VAL L 245 -75.71 -13.08 -25.07
C VAL L 245 -75.27 -11.65 -24.78
N GLU L 246 -74.63 -11.01 -25.76
CA GLU L 246 -74.12 -9.66 -25.60
C GLU L 246 -74.66 -8.79 -26.73
N ALA L 247 -75.02 -7.56 -26.39
CA ALA L 247 -75.55 -6.61 -27.36
C ALA L 247 -74.54 -5.49 -27.58
N SER L 248 -74.24 -5.20 -28.85
CA SER L 248 -73.31 -4.12 -29.13
C SER L 248 -73.58 -3.53 -30.51
N GLY L 249 -73.21 -2.26 -30.68
CA GLY L 249 -73.57 -1.50 -31.85
C GLY L 249 -74.38 -0.27 -31.48
N GLY L 250 -73.72 0.89 -31.47
CA GLY L 250 -74.38 2.17 -31.31
C GLY L 250 -75.14 2.41 -30.03
N ILE L 251 -74.91 1.62 -29.00
CA ILE L 251 -75.62 1.83 -27.74
C ILE L 251 -74.97 2.99 -26.99
N THR L 252 -75.79 3.95 -26.59
CA THR L 252 -75.37 5.22 -25.98
C THR L 252 -76.08 5.39 -24.64
N LEU L 253 -75.78 6.49 -23.95
CA LEU L 253 -76.47 6.80 -22.71
C LEU L 253 -77.96 7.02 -22.94
N ASP L 254 -78.32 7.69 -24.05
CA ASP L 254 -79.71 8.01 -24.33
C ASP L 254 -80.54 6.75 -24.61
N ASN L 255 -80.08 5.89 -25.50
CA ASN L 255 -80.86 4.73 -25.92
C ASN L 255 -80.59 3.47 -25.10
N LEU L 256 -79.76 3.54 -24.06
CA LEU L 256 -79.38 2.33 -23.34
C LEU L 256 -80.54 1.58 -22.70
N PRO L 257 -81.55 2.24 -22.11
CA PRO L 257 -82.69 1.47 -21.61
C PRO L 257 -83.32 0.55 -22.65
N GLN L 258 -83.40 1.01 -23.91
CA GLN L 258 -84.07 0.22 -24.93
C GLN L 258 -83.32 -1.06 -25.31
N PHE L 259 -82.04 -1.20 -24.93
CA PHE L 259 -81.34 -2.45 -25.15
C PHE L 259 -81.30 -3.33 -23.92
N CYS L 260 -81.62 -2.79 -22.74
CA CYS L 260 -81.69 -3.60 -21.55
C CYS L 260 -82.87 -4.55 -21.64
N GLY L 261 -82.62 -5.85 -21.44
CA GLY L 261 -83.61 -6.87 -21.60
C GLY L 261 -83.20 -8.10 -20.80
N PRO L 262 -84.15 -8.97 -20.48
CA PRO L 262 -83.86 -10.03 -19.51
C PRO L 262 -83.05 -11.20 -20.07
N HIS L 263 -82.87 -11.28 -21.39
CA HIS L 263 -82.02 -12.32 -21.96
C HIS L 263 -80.74 -11.75 -22.56
N ILE L 264 -80.44 -10.47 -22.29
CA ILE L 264 -79.15 -9.85 -22.55
C ILE L 264 -78.30 -9.93 -21.28
N ASP L 265 -77.09 -10.48 -21.39
CA ASP L 265 -76.18 -10.57 -20.26
C ASP L 265 -75.15 -9.44 -20.20
N VAL L 266 -74.71 -8.93 -21.35
CA VAL L 266 -73.62 -7.95 -21.45
C VAL L 266 -74.00 -6.91 -22.49
N ILE L 267 -73.73 -5.64 -22.22
CA ILE L 267 -73.93 -4.57 -23.18
C ILE L 267 -72.65 -3.76 -23.29
N SER L 268 -72.06 -3.74 -24.48
CA SER L 268 -70.80 -3.04 -24.72
C SER L 268 -71.08 -1.74 -25.43
N MET L 269 -70.38 -0.69 -25.02
CA MET L 269 -70.55 0.64 -25.58
C MET L 269 -69.18 1.21 -25.89
N GLY L 270 -68.87 1.41 -27.17
CA GLY L 270 -67.64 2.08 -27.53
C GLY L 270 -67.62 3.53 -27.09
N MET L 271 -68.79 4.12 -26.89
CA MET L 271 -68.85 5.51 -26.44
C MET L 271 -68.22 5.72 -25.07
N LEU L 272 -68.24 4.68 -24.21
CA LEU L 272 -67.66 4.83 -22.88
C LEU L 272 -66.18 5.27 -22.93
N THR L 273 -65.48 4.94 -24.01
CA THR L 273 -64.08 5.35 -24.16
C THR L 273 -63.82 6.25 -25.36
N GLN L 274 -64.73 6.35 -26.33
CA GLN L 274 -64.51 7.14 -27.54
C GLN L 274 -65.23 8.47 -27.54
N ALA L 275 -66.21 8.66 -26.65
CA ALA L 275 -66.98 9.89 -26.57
C ALA L 275 -67.34 10.17 -25.12
N ALA L 276 -66.33 10.08 -24.24
CA ALA L 276 -66.50 10.33 -22.81
C ALA L 276 -65.67 11.56 -22.44
N PRO L 277 -66.25 12.76 -22.47
CA PRO L 277 -65.44 13.97 -22.28
C PRO L 277 -64.73 13.97 -20.93
N ALA L 278 -63.50 14.47 -20.93
CA ALA L 278 -62.69 14.47 -19.73
C ALA L 278 -63.32 15.38 -18.67
N LEU L 279 -63.21 15.00 -17.40
CA LEU L 279 -63.63 15.90 -16.34
C LEU L 279 -62.67 17.09 -16.25
N ASP L 280 -63.11 18.12 -15.51
CA ASP L 280 -62.34 19.35 -15.36
C ASP L 280 -61.80 19.45 -13.94
N PHE L 281 -60.47 19.33 -13.82
CA PHE L 281 -59.73 19.40 -12.58
C PHE L 281 -58.74 20.56 -12.69
N SER L 282 -58.31 21.08 -11.54
CA SER L 282 -57.19 22.00 -11.58
C SER L 282 -56.34 21.84 -10.32
N LEU L 283 -55.10 22.30 -10.42
CA LEU L 283 -54.11 22.19 -9.36
C LEU L 283 -53.55 23.57 -9.07
N LYS L 284 -53.80 24.11 -7.88
CA LYS L 284 -53.40 25.47 -7.56
C LYS L 284 -52.48 25.47 -6.34
N LEU L 285 -51.33 26.12 -6.49
CA LEU L 285 -50.43 26.36 -5.36
C LEU L 285 -51.03 27.38 -4.43
N PHE L 286 -50.87 27.17 -3.14
CA PHE L 286 -51.33 28.12 -2.15
C PHE L 286 -50.27 28.28 -1.08
N ALA L 287 -50.07 29.53 -0.63
CA ALA L 287 -49.07 29.81 0.38
C ALA L 287 -49.48 29.19 1.71
N LYS L 288 -48.50 28.62 2.40
CA LYS L 288 -48.79 27.98 3.67
C LYS L 288 -48.97 29.03 4.76
N GLU L 289 -49.84 28.71 5.72
CA GLU L 289 -50.10 29.59 6.86
C GLU L 289 -48.82 29.98 7.59
#